data_7SG4
#
_entry.id   7SG4
#
_cell.length_a   1.00
_cell.length_b   1.00
_cell.length_c   1.00
_cell.angle_alpha   90.00
_cell.angle_beta   90.00
_cell.angle_gamma   90.00
#
_symmetry.space_group_name_H-M   'P 1'
#
loop_
_entity.id
_entity.type
_entity.pdbx_description
1 polymer 'Spike glycoprotein'
2 polymer 'DH1047 Heavy chain'
3 polymer 'DH1047 light chain'
4 non-polymer 2-acetamido-2-deoxy-beta-D-glucopyranose
#
loop_
_entity_poly.entity_id
_entity_poly.type
_entity_poly.pdbx_seq_one_letter_code
_entity_poly.pdbx_strand_id
1 'polypeptide(L)'
;MFIFLLFLTLTSGSDLDRCTTFDDVQAPNYTQHTSSMRGVYYPDEIFRSDTLYLTQDLFLPFYSNVTGFHTINHTFGNPV
IPFKDGIYFAATEKSNVVRGWVFGSTMNNKSQSVIIINNSTNVVIRACNFELCDNPFFAVSKPMGTQTHTMIFDNAFNCT
FEYISDAFSLDVSEKSGNFKHLREFVFKNKDGFLYVYKGYQPIDVVRDLPSGFNTLKPIFKLPLGINITNFRAILTAFSP
AQDIWGTSAAAYFVGYLKPTTFMLKYDENGTITDAVDCSQNPLAELKCSVKSFEIDKGIYQTSNFRVVPSGDVVRFPNIT
NLCPFGEVFNATKFPSVYAWERKKISNCVADYSVLYNSTFFSTFKCYGVSATKLNDLCFSNVYADSFVVKGDDVRQIAPG
QTGVIADYNYKLPDDFMGCVLAWNTRNIDATSTGNYNYKYRYLRHGKLRPFERDISNVPFSPDGKPCTPPALNCYWPLND
YGFYTTTGIGYQPYRVVVLSFELLNAPATVCGPKLSTDLIKNQCVNFNFNGLTGTGVLTPSSKRFQPFQQFGRDVSDFTD
SVRDPKTSEILDISPCSFGGVSVITPGTNASSEVAVLYQDVNCTDVSTAIHADQLTPAWRIYSTGNNVFQTQAGCLIGAE
HVDTSYECDIPIGAGICASYHTVSLLRSTSQKSIVAYTMSLGADSSIAYSNNTIAIPTNFSISITTEVMPVSMAKTSVDC
NMYICGDSTECANLLLQYGSFCTQLNRALSGIAAEQDRNTREVFAQVKQMYKTPTLKYFGGFNFSQILPDPLKPTKRSFI
EDLLFNKVTLADAGFMKQYGECLGDINARDLICAQKFNGLTVLPPLLTDDMIAAYTAALVSGTATAGWTFGAGAALQIPF
AMQMAYRFNGIGVTQNVLYENQKQIANQFNKAISQIQESLTTTSTALGKLQDVVNQNAQALNTLVKQLSSNFGAISSVLN
DILSRLDPPEAEVQIDRLITGRLQSLQTYVTQQLIRAAEIRASANLAATKMSECVLGQSKRVDFCGKGYHLMSFPQAAPH
GVVFLHVTYVPSQERNFTTAPAICHEGKAYFPREGVFVFNGTSWFITQRNFFSPQIITTDNTFVSGNCDVVIGIINNTVY
DPLQPELDSFKEELDKYFKNHTSPDVDLGDISGINASVVNIQKEIDRLNEVAKNLNESLIDLQELGKYEQGSGYIPEAPR
DGQAYVRKDGEWVLLSTFLGRSLEVLFQGPGHHHHHHHHSAWSHPQFEKGGGSGGGGSGGSAWSHPQFEK
;
A,B,C
2 'polypeptide(L)'
;QVQLVQSGAEVKKPGASVQVSCQASANTFTNHYIHWVRQAPGQGLEWMGIIYPTGGNTIYAQGFQGRVTMTRDTSLNTIY
LELSSLRSEDTAVYYCARDVRVDDSWSGYDLLSGGTYFDYWGQGTLVTVSSASTKGPSVFPLAPSSKSTSGGTAALGCLV
KDYFPEPVTVSWNSGALTSGVHTFPAVLQSSGLYSLSSVVTVPSSSLGTQTYICNVNHKPSNTKVDKKVEPK
;
H
3 'polypeptide(L)'
;DIVMTQSPDSLAVSLGERATINCRSSQSVLYSSNNENYLAWYQQKPGQPPKLLIYWASTRESGIPDRFSGSGSGTDFTLT
ISRLQAEDVAVYYCQQYYSLPRTFGQGTKVEIKRTVAAPSVFIFPPSDEQLKSGTASVVCLLNNFYPREAKVQWKVDNAL
QSGNSQESVTEQDSKDSTYSLSSTLTLSKADYEKHKVYACEVTHQGLSSPVTKSFNRGEC
;
L
#
# COMPACT_ATOMS: atom_id res chain seq x y z
N SER A 35 -11.96 -40.31 17.62
CA SER A 35 -12.92 -39.18 17.69
C SER A 35 -12.69 -38.16 16.57
N SER A 36 -13.30 -38.36 15.40
CA SER A 36 -13.06 -37.49 14.23
C SER A 36 -14.25 -37.40 13.26
N MET A 37 -14.25 -36.36 12.43
CA MET A 37 -15.29 -36.00 11.46
C MET A 37 -16.69 -35.75 12.04
N ARG A 38 -16.84 -35.78 13.37
CA ARG A 38 -17.96 -35.18 14.09
C ARG A 38 -17.83 -33.65 14.11
N GLY A 39 -18.90 -32.96 14.49
CA GLY A 39 -18.81 -31.59 14.98
C GLY A 39 -18.68 -30.47 13.94
N VAL A 40 -18.91 -30.73 12.66
CA VAL A 40 -19.10 -29.65 11.68
C VAL A 40 -20.52 -29.09 11.77
N TYR A 41 -20.67 -27.77 11.72
CA TYR A 41 -21.96 -27.10 11.72
C TYR A 41 -22.03 -26.09 10.57
N TYR A 42 -23.22 -25.82 10.04
CA TYR A 42 -23.41 -24.73 9.09
C TYR A 42 -22.97 -23.41 9.75
N PRO A 43 -21.97 -22.68 9.23
CA PRO A 43 -21.37 -21.60 10.01
C PRO A 43 -22.33 -20.45 10.34
N ASP A 44 -23.34 -20.18 9.51
CA ASP A 44 -24.35 -19.14 9.69
C ASP A 44 -25.59 -19.40 8.80
N GLU A 45 -26.44 -18.40 8.59
CA GLU A 45 -27.70 -18.52 7.85
C GLU A 45 -27.63 -18.13 6.35
N ILE A 46 -26.47 -17.79 5.78
CA ILE A 46 -26.38 -17.19 4.43
C ILE A 46 -26.21 -18.22 3.30
N PHE A 47 -26.55 -19.48 3.53
CA PHE A 47 -25.96 -20.57 2.74
C PHE A 47 -26.60 -20.89 1.39
N ARG A 48 -25.80 -21.58 0.58
CA ARG A 48 -25.80 -21.55 -0.89
C ARG A 48 -25.26 -22.81 -1.55
N SER A 49 -25.65 -22.98 -2.81
CA SER A 49 -25.60 -24.21 -3.58
C SER A 49 -24.20 -24.57 -4.07
N ASP A 50 -23.91 -25.87 -4.09
CA ASP A 50 -22.96 -26.54 -4.98
C ASP A 50 -21.62 -25.82 -5.17
N THR A 51 -20.83 -25.73 -4.11
CA THR A 51 -19.55 -25.02 -4.12
C THR A 51 -18.61 -25.52 -3.02
N LEU A 52 -17.32 -25.25 -3.16
CA LEU A 52 -16.33 -25.43 -2.11
C LEU A 52 -16.09 -24.08 -1.46
N TYR A 53 -16.48 -23.93 -0.20
CA TYR A 53 -16.32 -22.70 0.56
C TYR A 53 -15.28 -22.89 1.65
N LEU A 54 -14.28 -22.03 1.71
CA LEU A 54 -13.18 -22.13 2.66
C LEU A 54 -13.27 -21.01 3.67
N THR A 55 -13.32 -21.35 4.96
CA THR A 55 -13.73 -20.43 6.02
C THR A 55 -13.01 -20.68 7.34
N GLN A 56 -12.91 -19.66 8.18
CA GLN A 56 -12.21 -19.69 9.46
C GLN A 56 -13.21 -19.61 10.62
N ASP A 57 -13.17 -20.54 11.57
CA ASP A 57 -14.04 -20.49 12.75
C ASP A 57 -13.50 -21.38 13.89
N LEU A 58 -14.09 -21.27 15.07
CA LEU A 58 -13.90 -22.20 16.18
C LEU A 58 -14.52 -23.59 15.88
N PHE A 59 -14.00 -24.33 14.90
CA PHE A 59 -14.42 -25.71 14.64
C PHE A 59 -13.74 -26.71 15.59
N LEU A 60 -14.30 -27.92 15.74
CA LEU A 60 -13.59 -29.04 16.38
C LEU A 60 -12.56 -29.60 15.39
N PRO A 61 -11.25 -29.46 15.61
CA PRO A 61 -10.26 -29.98 14.66
C PRO A 61 -10.35 -31.50 14.54
N PHE A 62 -10.18 -32.02 13.32
CA PHE A 62 -10.29 -33.45 13.05
C PHE A 62 -9.22 -34.24 13.82
N TYR A 63 -9.58 -35.44 14.28
CA TYR A 63 -8.72 -36.35 15.04
C TYR A 63 -8.13 -35.80 16.35
N SER A 64 -8.67 -34.72 16.91
CA SER A 64 -8.40 -34.35 18.31
C SER A 64 -9.04 -35.35 19.28
N ASN A 65 -8.41 -35.59 20.43
CA ASN A 65 -8.88 -36.53 21.44
C ASN A 65 -10.00 -35.90 22.30
N VAL A 66 -11.22 -36.42 22.14
CA VAL A 66 -12.39 -36.09 22.96
C VAL A 66 -12.30 -36.80 24.31
N THR A 67 -12.66 -36.14 25.40
CA THR A 67 -12.79 -36.82 26.71
C THR A 67 -14.10 -37.59 26.78
N GLY A 68 -14.02 -38.92 26.75
CA GLY A 68 -15.16 -39.79 26.99
C GLY A 68 -15.37 -40.04 28.49
N PHE A 69 -16.38 -39.41 29.07
CA PHE A 69 -16.86 -39.69 30.42
C PHE A 69 -17.70 -40.98 30.44
N HIS A 70 -17.02 -42.12 30.30
CA HIS A 70 -17.61 -43.43 30.57
C HIS A 70 -18.02 -43.48 32.05
N THR A 71 -19.32 -43.57 32.31
CA THR A 71 -19.91 -43.27 33.62
C THR A 71 -20.80 -44.42 34.05
N ILE A 72 -20.54 -45.00 35.23
CA ILE A 72 -21.18 -46.23 35.71
C ILE A 72 -21.17 -46.37 37.23
N ASN A 73 -22.31 -46.04 37.85
CA ASN A 73 -22.75 -46.31 39.22
C ASN A 73 -21.84 -45.84 40.37
N HIS A 74 -20.65 -46.43 40.50
CA HIS A 74 -19.59 -46.00 41.43
C HIS A 74 -18.59 -45.07 40.75
N THR A 75 -18.32 -45.30 39.45
CA THR A 75 -17.64 -44.33 38.56
C THR A 75 -18.68 -43.28 38.15
N PHE A 76 -19.03 -42.36 39.05
CA PHE A 76 -20.26 -41.57 38.94
C PHE A 76 -20.14 -40.18 39.57
N GLY A 77 -20.93 -39.23 39.04
CA GLY A 77 -20.94 -37.82 39.41
C GLY A 77 -21.29 -36.91 38.23
N ASN A 78 -21.55 -35.63 38.47
CA ASN A 78 -21.72 -34.60 37.43
C ASN A 78 -20.64 -33.50 37.60
N PRO A 79 -19.35 -33.84 37.37
CA PRO A 79 -18.25 -32.91 37.61
C PRO A 79 -18.33 -31.64 36.76
N VAL A 80 -17.98 -30.51 37.35
CA VAL A 80 -17.84 -29.23 36.64
C VAL A 80 -16.61 -29.26 35.74
N ILE A 81 -16.76 -28.76 34.52
CA ILE A 81 -15.77 -28.82 33.44
C ILE A 81 -15.55 -27.39 32.91
N PRO A 82 -14.30 -26.95 32.64
CA PRO A 82 -14.06 -25.65 32.04
C PRO A 82 -14.60 -25.60 30.60
N PHE A 83 -15.15 -24.47 30.18
CA PHE A 83 -15.82 -24.31 28.89
C PHE A 83 -14.87 -23.83 27.77
N LYS A 84 -13.81 -23.12 28.13
CA LYS A 84 -12.78 -22.60 27.20
C LYS A 84 -13.42 -21.77 26.07
N ASP A 85 -13.02 -21.98 24.82
CA ASP A 85 -13.58 -21.27 23.66
C ASP A 85 -14.95 -21.81 23.20
N GLY A 86 -15.45 -22.88 23.82
CA GLY A 86 -16.65 -23.60 23.38
C GLY A 86 -16.37 -25.08 23.22
N ILE A 87 -17.44 -25.87 23.20
CA ILE A 87 -17.36 -27.32 23.22
C ILE A 87 -18.23 -27.97 22.16
N TYR A 88 -17.70 -29.01 21.55
CA TYR A 88 -18.49 -30.09 21.02
C TYR A 88 -18.92 -30.96 22.19
N PHE A 89 -20.18 -31.34 22.27
CA PHE A 89 -20.74 -32.16 23.34
C PHE A 89 -21.61 -33.25 22.74
N ALA A 90 -21.52 -34.48 23.22
CA ALA A 90 -22.41 -35.54 22.78
C ALA A 90 -22.71 -36.56 23.88
N ALA A 91 -23.81 -37.28 23.80
CA ALA A 91 -24.16 -38.31 24.78
C ALA A 91 -24.96 -39.46 24.16
N THR A 92 -24.71 -40.69 24.61
CA THR A 92 -25.50 -41.86 24.20
C THR A 92 -26.80 -41.89 25.00
N GLU A 93 -27.95 -41.97 24.31
CA GLU A 93 -29.20 -41.40 24.82
C GLU A 93 -30.49 -41.95 24.17
N LYS A 94 -31.63 -41.57 24.75
CA LYS A 94 -32.99 -41.54 24.15
C LYS A 94 -33.98 -40.81 25.06
N SER A 95 -34.05 -41.19 26.32
CA SER A 95 -35.01 -40.70 27.32
C SER A 95 -34.66 -39.32 27.91
N ASN A 96 -33.75 -38.58 27.27
CA ASN A 96 -33.18 -37.33 27.77
C ASN A 96 -32.48 -37.54 29.12
N VAL A 97 -31.73 -38.65 29.30
CA VAL A 97 -30.99 -38.97 30.53
C VAL A 97 -30.08 -37.81 30.94
N VAL A 98 -29.40 -37.20 29.97
CA VAL A 98 -28.76 -35.90 30.16
C VAL A 98 -29.88 -34.84 30.10
N ARG A 99 -30.53 -34.66 31.25
CA ARG A 99 -31.69 -33.78 31.41
C ARG A 99 -31.39 -32.30 31.22
N GLY A 100 -30.14 -31.88 31.03
CA GLY A 100 -29.81 -30.49 30.77
C GLY A 100 -28.34 -30.13 30.93
N TRP A 101 -28.09 -28.83 30.98
CA TRP A 101 -26.77 -28.22 31.17
C TRP A 101 -26.90 -26.97 32.03
N VAL A 102 -25.85 -26.62 32.77
CA VAL A 102 -25.70 -25.31 33.40
C VAL A 102 -24.39 -24.70 32.93
N PHE A 103 -24.42 -23.44 32.50
CA PHE A 103 -23.25 -22.70 32.02
C PHE A 103 -23.09 -21.39 32.80
N GLY A 104 -21.87 -20.93 33.00
CA GLY A 104 -21.61 -19.60 33.55
C GLY A 104 -20.17 -19.41 33.96
N SER A 105 -19.93 -18.42 34.80
CA SER A 105 -18.64 -18.25 35.48
C SER A 105 -18.50 -19.22 36.66
N THR A 106 -19.54 -19.29 37.51
CA THR A 106 -19.57 -20.06 38.77
C THR A 106 -20.72 -21.09 38.85
N MET A 107 -21.87 -20.81 38.23
CA MET A 107 -23.10 -21.62 38.25
C MET A 107 -23.72 -21.85 39.66
N ASN A 108 -23.29 -21.12 40.68
CA ASN A 108 -23.72 -21.34 42.07
C ASN A 108 -23.85 -20.07 42.91
N ASN A 109 -23.02 -19.05 42.70
CA ASN A 109 -22.95 -17.89 43.59
C ASN A 109 -22.79 -16.56 42.82
N LYS A 110 -23.37 -15.50 43.38
CA LYS A 110 -23.39 -14.11 42.89
C LYS A 110 -23.96 -13.94 41.48
N SER A 111 -23.12 -14.00 40.45
CA SER A 111 -23.42 -13.64 39.06
C SER A 111 -24.40 -14.58 38.35
N GLN A 112 -25.06 -14.07 37.31
CA GLN A 112 -26.01 -14.84 36.49
C GLN A 112 -25.37 -16.06 35.81
N SER A 113 -26.20 -17.03 35.47
CA SER A 113 -25.82 -18.29 34.82
C SER A 113 -26.93 -18.72 33.87
N VAL A 114 -26.59 -19.38 32.76
CA VAL A 114 -27.58 -19.91 31.82
C VAL A 114 -27.85 -21.35 32.19
N ILE A 115 -29.11 -21.73 32.33
CA ILE A 115 -29.50 -23.12 32.57
C ILE A 115 -30.45 -23.57 31.48
N ILE A 116 -30.25 -24.78 30.99
CA ILE A 116 -30.99 -25.37 29.88
C ILE A 116 -31.47 -26.74 30.33
N ILE A 117 -32.78 -26.97 30.38
CA ILE A 117 -33.35 -28.20 30.95
C ILE A 117 -34.36 -28.84 30.00
N ASN A 118 -34.26 -30.14 29.80
CA ASN A 118 -35.30 -30.95 29.18
C ASN A 118 -36.38 -31.29 30.21
N ASN A 119 -37.46 -30.51 30.22
CA ASN A 119 -38.77 -31.03 30.62
C ASN A 119 -39.12 -32.22 29.72
N SER A 120 -40.03 -33.11 30.13
CA SER A 120 -40.32 -34.33 29.37
C SER A 120 -40.82 -34.07 27.93
N THR A 121 -41.48 -32.94 27.65
CA THR A 121 -41.82 -32.51 26.28
C THR A 121 -40.72 -31.67 25.62
N ASN A 122 -40.15 -30.74 26.37
CA ASN A 122 -39.56 -29.53 25.81
C ASN A 122 -38.32 -29.00 26.55
N VAL A 123 -37.62 -28.08 25.92
CA VAL A 123 -36.52 -27.31 26.51
C VAL A 123 -37.06 -26.10 27.28
N VAL A 124 -36.42 -25.88 28.42
CA VAL A 124 -36.55 -24.72 29.30
C VAL A 124 -35.25 -23.95 29.25
N ILE A 125 -35.28 -22.62 29.15
CA ILE A 125 -34.08 -21.79 29.34
C ILE A 125 -34.34 -20.71 30.37
N ARG A 126 -33.39 -20.47 31.27
CA ARG A 126 -33.38 -19.38 32.27
C ARG A 126 -31.99 -18.74 32.37
N ALA A 127 -31.94 -17.48 32.79
CA ALA A 127 -30.69 -16.74 33.05
C ALA A 127 -30.37 -16.51 34.55
N CYS A 128 -31.11 -17.15 35.47
CA CYS A 128 -31.08 -16.83 36.90
C CYS A 128 -29.78 -17.32 37.61
N ASN A 129 -29.41 -16.72 38.73
CA ASN A 129 -28.20 -17.03 39.50
C ASN A 129 -28.42 -18.15 40.55
N PHE A 130 -28.73 -19.36 40.10
CA PHE A 130 -29.00 -20.54 40.93
C PHE A 130 -27.89 -20.93 41.91
N GLU A 131 -28.27 -21.68 42.95
CA GLU A 131 -27.45 -22.04 44.10
C GLU A 131 -26.59 -23.31 43.87
N LEU A 132 -27.23 -24.42 43.47
CA LEU A 132 -26.61 -25.66 42.97
C LEU A 132 -25.40 -26.19 43.79
N CYS A 133 -25.52 -26.23 45.12
CA CYS A 133 -24.43 -26.67 46.02
C CYS A 133 -24.04 -28.16 45.88
N ASP A 134 -24.91 -29.01 45.33
CA ASP A 134 -24.77 -30.47 45.28
C ASP A 134 -25.04 -31.02 43.86
N ASN A 135 -25.36 -32.32 43.76
CA ASN A 135 -26.08 -32.87 42.61
C ASN A 135 -27.38 -32.04 42.40
N PRO A 136 -27.55 -31.37 41.24
CA PRO A 136 -28.51 -30.27 41.11
C PRO A 136 -29.96 -30.76 41.09
N PHE A 137 -30.69 -30.52 42.18
CA PHE A 137 -32.06 -31.02 42.40
C PHE A 137 -33.06 -29.96 42.86
N PHE A 138 -32.76 -28.67 42.59
CA PHE A 138 -33.69 -27.53 42.73
C PHE A 138 -34.75 -27.51 41.62
N ALA A 139 -35.21 -28.69 41.20
CA ALA A 139 -36.03 -28.96 40.02
C ALA A 139 -37.53 -28.63 40.22
N VAL A 140 -37.84 -27.61 41.03
CA VAL A 140 -39.17 -27.03 41.18
C VAL A 140 -39.63 -26.37 39.88
N SER A 141 -40.92 -26.43 39.56
CA SER A 141 -41.46 -26.07 38.25
C SER A 141 -42.86 -25.45 38.32
N LYS A 142 -43.20 -24.63 37.32
CA LYS A 142 -44.50 -23.94 37.15
C LYS A 142 -45.70 -24.90 37.02
N PRO A 143 -46.95 -24.44 37.24
CA PRO A 143 -48.09 -25.33 37.47
C PRO A 143 -48.62 -26.07 36.23
N MET A 144 -48.55 -25.45 35.05
CA MET A 144 -49.13 -25.98 33.82
C MET A 144 -48.25 -27.08 33.21
N GLY A 145 -48.51 -28.35 33.54
CA GLY A 145 -47.66 -29.47 33.12
C GLY A 145 -46.27 -29.41 33.74
N THR A 146 -46.20 -29.45 35.08
CA THR A 146 -44.96 -29.34 35.88
C THR A 146 -43.91 -30.39 35.47
N GLN A 147 -42.64 -29.98 35.33
CA GLN A 147 -41.50 -30.74 34.76
C GLN A 147 -41.72 -31.30 33.33
N THR A 148 -42.86 -31.02 32.70
CA THR A 148 -43.35 -31.77 31.53
C THR A 148 -43.55 -30.84 30.32
N HIS A 149 -44.08 -29.65 30.57
CA HIS A 149 -44.33 -28.57 29.61
C HIS A 149 -43.81 -27.25 30.17
N THR A 150 -44.34 -26.73 31.28
CA THR A 150 -43.95 -25.39 31.77
C THR A 150 -42.73 -25.45 32.69
N MET A 151 -42.02 -24.33 32.77
CA MET A 151 -40.59 -24.24 33.11
C MET A 151 -40.20 -24.79 34.48
N ILE A 152 -38.91 -25.11 34.66
CA ILE A 152 -38.29 -25.86 35.76
C ILE A 152 -37.01 -25.17 36.24
N PHE A 153 -36.63 -25.36 37.51
CA PHE A 153 -35.69 -24.52 38.27
C PHE A 153 -36.18 -23.06 38.33
N ASP A 154 -37.21 -22.83 39.15
CA ASP A 154 -37.76 -21.49 39.47
C ASP A 154 -37.06 -20.78 40.66
N ASN A 155 -36.03 -21.39 41.25
CA ASN A 155 -35.63 -21.13 42.65
C ASN A 155 -34.78 -19.86 42.91
N ALA A 156 -34.31 -19.16 41.88
CA ALA A 156 -33.29 -18.11 41.98
C ALA A 156 -33.82 -16.67 41.75
N PHE A 157 -32.90 -15.70 41.66
CA PHE A 157 -33.19 -14.30 42.04
C PHE A 157 -33.02 -13.21 40.97
N ASN A 158 -32.65 -13.56 39.73
CA ASN A 158 -32.32 -12.61 38.65
C ASN A 158 -32.71 -13.19 37.27
N CYS A 159 -33.98 -13.50 37.06
CA CYS A 159 -34.43 -14.19 35.84
C CYS A 159 -34.69 -13.23 34.67
N THR A 160 -33.63 -12.55 34.22
CA THR A 160 -33.69 -11.52 33.15
C THR A 160 -34.07 -12.08 31.77
N PHE A 161 -33.98 -13.40 31.56
CA PHE A 161 -34.49 -14.11 30.40
C PHE A 161 -35.13 -15.45 30.81
N GLU A 162 -36.23 -15.80 30.17
CA GLU A 162 -36.89 -17.11 30.28
C GLU A 162 -37.45 -17.50 28.91
N TYR A 163 -37.37 -18.78 28.53
CA TYR A 163 -37.93 -19.26 27.27
C TYR A 163 -38.51 -20.67 27.37
N ILE A 164 -39.65 -20.87 26.71
CA ILE A 164 -40.35 -22.14 26.55
C ILE A 164 -40.18 -22.62 25.11
N SER A 165 -39.63 -23.81 24.88
CA SER A 165 -39.74 -24.45 23.55
C SER A 165 -41.00 -25.30 23.43
N ASP A 166 -41.31 -25.70 22.20
CA ASP A 166 -42.15 -26.88 21.91
C ASP A 166 -41.33 -28.19 22.07
N ALA A 167 -41.72 -29.28 21.41
CA ALA A 167 -41.34 -30.70 21.55
C ALA A 167 -39.84 -31.13 21.58
N PHE A 168 -38.88 -30.26 21.89
CA PHE A 168 -37.43 -30.49 21.88
C PHE A 168 -36.87 -31.43 22.97
N SER A 169 -37.72 -32.22 23.63
CA SER A 169 -37.32 -33.43 24.35
C SER A 169 -37.99 -34.68 23.78
N LEU A 170 -39.13 -34.53 23.08
CA LEU A 170 -39.78 -35.61 22.35
C LEU A 170 -39.00 -36.01 21.10
N ASP A 171 -38.30 -35.07 20.43
CA ASP A 171 -37.44 -35.39 19.28
C ASP A 171 -36.28 -36.33 19.64
N VAL A 172 -35.73 -36.21 20.85
CA VAL A 172 -34.80 -37.22 21.40
C VAL A 172 -35.54 -38.53 21.68
N SER A 173 -36.69 -38.46 22.36
CA SER A 173 -37.45 -39.64 22.80
C SER A 173 -38.13 -40.41 21.65
N GLU A 174 -38.16 -39.86 20.44
CA GLU A 174 -38.75 -40.46 19.24
C GLU A 174 -38.06 -41.77 18.82
N LYS A 175 -36.73 -41.83 18.91
CA LYS A 175 -35.93 -42.95 18.39
C LYS A 175 -35.90 -44.16 19.34
N SER A 176 -35.59 -45.35 18.83
CA SER A 176 -35.81 -46.64 19.51
C SER A 176 -34.72 -47.03 20.52
N GLY A 177 -35.01 -46.98 21.82
CA GLY A 177 -34.16 -47.48 22.91
C GLY A 177 -33.01 -46.55 23.33
N ASN A 178 -32.76 -46.42 24.63
CA ASN A 178 -31.68 -45.57 25.16
C ASN A 178 -30.29 -46.11 24.82
N PHE A 179 -29.32 -45.19 24.71
CA PHE A 179 -27.93 -45.47 24.34
C PHE A 179 -27.72 -45.96 22.90
N LYS A 180 -28.78 -46.37 22.20
CA LYS A 180 -28.77 -46.72 20.77
C LYS A 180 -28.78 -45.51 19.84
N HIS A 181 -28.66 -44.29 20.38
CA HIS A 181 -28.59 -43.03 19.64
C HIS A 181 -27.61 -42.07 20.31
N LEU A 182 -27.02 -41.17 19.53
CA LEU A 182 -26.13 -40.11 19.99
C LEU A 182 -26.83 -38.76 19.81
N ARG A 183 -27.08 -38.05 20.91
CA ARG A 183 -27.36 -36.61 20.87
C ARG A 183 -26.03 -35.92 20.65
N GLU A 184 -25.96 -35.01 19.70
CA GLU A 184 -24.71 -34.37 19.29
C GLU A 184 -24.90 -32.86 19.18
N PHE A 185 -24.04 -32.06 19.81
CA PHE A 185 -24.19 -30.61 19.92
C PHE A 185 -22.88 -29.87 19.73
N VAL A 186 -22.98 -28.61 19.32
CA VAL A 186 -21.92 -27.62 19.49
C VAL A 186 -22.49 -26.46 20.29
N PHE A 187 -21.78 -26.07 21.33
CA PHE A 187 -22.02 -24.85 22.09
C PHE A 187 -20.81 -23.92 21.89
N LYS A 188 -21.03 -22.72 21.35
CA LYS A 188 -19.98 -21.68 21.27
C LYS A 188 -20.53 -20.35 21.76
N ASN A 189 -19.73 -19.56 22.48
CA ASN A 189 -20.11 -18.27 23.01
C ASN A 189 -19.23 -17.16 22.45
N LYS A 190 -19.84 -16.19 21.76
CA LYS A 190 -19.15 -15.02 21.18
C LYS A 190 -20.11 -13.84 21.01
N ASP A 191 -19.60 -12.62 21.08
CA ASP A 191 -20.39 -11.37 20.89
C ASP A 191 -21.64 -11.27 21.79
N GLY A 192 -21.60 -11.87 22.98
CA GLY A 192 -22.73 -11.90 23.90
C GLY A 192 -23.82 -12.93 23.53
N PHE A 193 -23.62 -13.75 22.49
CA PHE A 193 -24.54 -14.82 22.13
C PHE A 193 -24.00 -16.19 22.49
N LEU A 194 -24.85 -17.05 23.06
CA LEU A 194 -24.60 -18.49 23.09
C LEU A 194 -25.29 -19.13 21.88
N TYR A 195 -24.50 -19.67 20.96
CA TYR A 195 -25.00 -20.36 19.79
C TYR A 195 -25.11 -21.84 20.12
N VAL A 196 -26.26 -22.43 19.84
CA VAL A 196 -26.49 -23.86 20.03
C VAL A 196 -26.80 -24.51 18.70
N TYR A 197 -26.05 -25.53 18.34
CA TYR A 197 -26.28 -26.36 17.16
C TYR A 197 -26.47 -27.80 17.60
N LYS A 198 -27.29 -28.59 16.89
CA LYS A 198 -27.43 -30.01 17.21
C LYS A 198 -27.66 -30.92 16.02
N GLY A 199 -27.45 -32.21 16.23
CA GLY A 199 -27.87 -33.32 15.38
C GLY A 199 -28.16 -34.54 16.24
N TYR A 200 -28.88 -35.52 15.71
CA TYR A 200 -29.27 -36.71 16.46
C TYR A 200 -29.24 -37.94 15.55
N GLN A 201 -28.48 -38.98 15.93
CA GLN A 201 -28.10 -40.08 15.03
C GLN A 201 -28.12 -41.44 15.74
N PRO A 202 -28.28 -42.57 15.03
CA PRO A 202 -28.19 -43.90 15.62
C PRO A 202 -26.77 -44.27 16.09
N ILE A 203 -26.69 -45.25 17.00
CA ILE A 203 -25.48 -45.81 17.62
C ILE A 203 -25.61 -47.34 17.76
N ASP A 204 -24.51 -48.06 17.58
CA ASP A 204 -24.44 -49.51 17.82
C ASP A 204 -23.73 -49.87 19.15
N VAL A 205 -22.69 -49.14 19.56
CA VAL A 205 -21.96 -49.40 20.82
C VAL A 205 -22.32 -48.33 21.86
N VAL A 206 -22.88 -48.77 22.99
CA VAL A 206 -23.46 -47.88 24.03
C VAL A 206 -22.44 -46.97 24.74
N ARG A 207 -21.13 -47.31 24.67
CA ARG A 207 -20.00 -46.51 25.15
C ARG A 207 -18.88 -46.40 24.11
N ASP A 208 -19.20 -45.77 22.98
CA ASP A 208 -18.25 -45.34 21.96
C ASP A 208 -18.74 -44.07 21.24
N LEU A 209 -17.86 -43.40 20.49
CA LEU A 209 -18.15 -42.22 19.69
C LEU A 209 -17.72 -42.45 18.22
N PRO A 210 -18.58 -42.97 17.34
CA PRO A 210 -18.22 -43.42 16.00
C PRO A 210 -17.79 -42.29 15.05
N SER A 211 -16.90 -42.61 14.11
CA SER A 211 -16.26 -41.70 13.14
C SER A 211 -17.16 -41.18 12.01
N GLY A 212 -18.43 -41.59 11.95
CA GLY A 212 -19.34 -41.21 10.86
C GLY A 212 -19.54 -39.69 10.76
N PHE A 213 -19.27 -39.13 9.59
CA PHE A 213 -19.49 -37.71 9.30
C PHE A 213 -20.98 -37.36 9.39
N ASN A 214 -21.32 -36.32 10.14
CA ASN A 214 -22.63 -35.66 10.05
C ASN A 214 -22.54 -34.18 10.45
N THR A 215 -23.48 -33.37 9.97
CA THR A 215 -23.46 -31.91 10.16
C THR A 215 -24.56 -31.46 11.10
N LEU A 216 -24.23 -30.63 12.09
CA LEU A 216 -25.19 -30.07 13.04
C LEU A 216 -25.93 -28.86 12.45
N LYS A 217 -27.24 -28.80 12.66
CA LYS A 217 -28.11 -27.66 12.32
C LYS A 217 -28.07 -26.61 13.44
N PRO A 218 -28.19 -25.31 13.17
CA PRO A 218 -28.36 -24.32 14.22
C PRO A 218 -29.75 -24.45 14.86
N ILE A 219 -29.85 -24.15 16.16
CA ILE A 219 -31.08 -24.25 16.96
C ILE A 219 -31.38 -22.93 17.66
N PHE A 220 -30.38 -22.31 18.28
CA PHE A 220 -30.54 -21.04 19.00
C PHE A 220 -29.33 -20.12 18.81
N LYS A 221 -29.57 -18.82 18.94
CA LYS A 221 -28.55 -17.76 19.09
C LYS A 221 -28.95 -16.88 20.27
N LEU A 222 -28.83 -17.45 21.46
CA LEU A 222 -29.39 -16.90 22.70
C LEU A 222 -28.64 -15.61 23.10
N PRO A 223 -29.31 -14.47 23.33
CA PRO A 223 -28.68 -13.15 23.49
C PRO A 223 -28.13 -12.84 24.89
N LEU A 224 -28.00 -13.83 25.76
CA LEU A 224 -28.02 -13.63 27.21
C LEU A 224 -26.79 -12.88 27.77
N GLY A 225 -25.70 -12.76 27.03
CA GLY A 225 -24.55 -11.92 27.40
C GLY A 225 -23.71 -12.44 28.57
N ILE A 226 -24.02 -13.63 29.10
CA ILE A 226 -23.34 -14.22 30.26
C ILE A 226 -21.89 -14.56 29.92
N ASN A 227 -20.98 -14.21 30.82
CA ASN A 227 -19.60 -14.67 30.80
C ASN A 227 -19.50 -16.15 31.17
N ILE A 228 -19.63 -17.06 30.20
CA ILE A 228 -19.44 -18.49 30.44
C ILE A 228 -17.94 -18.82 30.42
N THR A 229 -17.46 -19.51 31.45
CA THR A 229 -16.10 -20.07 31.54
C THR A 229 -16.07 -21.48 32.12
N ASN A 230 -17.15 -21.95 32.74
CA ASN A 230 -17.33 -23.28 33.27
C ASN A 230 -18.74 -23.77 32.97
N PHE A 231 -18.96 -25.08 33.07
CA PHE A 231 -20.29 -25.68 32.90
C PHE A 231 -20.39 -27.05 33.57
N ARG A 232 -21.60 -27.60 33.67
CA ARG A 232 -21.80 -29.04 33.95
C ARG A 232 -23.04 -29.59 33.26
N ALA A 233 -23.02 -30.88 32.93
CA ALA A 233 -24.21 -31.61 32.53
C ALA A 233 -25.14 -31.84 33.73
N ILE A 234 -26.43 -31.97 33.50
CA ILE A 234 -27.44 -32.25 34.52
C ILE A 234 -27.99 -33.66 34.33
N LEU A 235 -27.84 -34.54 35.32
CA LEU A 235 -28.66 -35.74 35.47
C LEU A 235 -29.81 -35.58 36.49
N THR A 236 -29.83 -34.50 37.29
CA THR A 236 -30.90 -34.17 38.27
C THR A 236 -31.38 -35.37 39.12
N ALA A 237 -30.42 -36.03 39.79
CA ALA A 237 -30.64 -37.22 40.62
C ALA A 237 -31.25 -38.46 39.92
N PHE A 238 -31.31 -38.49 38.58
CA PHE A 238 -31.86 -39.60 37.80
C PHE A 238 -30.96 -40.85 37.85
N SER A 239 -31.56 -42.04 37.73
CA SER A 239 -30.89 -43.33 37.55
C SER A 239 -31.79 -44.25 36.70
N PRO A 240 -31.85 -44.05 35.37
CA PRO A 240 -32.93 -44.50 34.48
C PRO A 240 -33.50 -45.91 34.67
N ALA A 241 -34.81 -46.02 34.43
CA ALA A 241 -35.55 -47.30 34.30
C ALA A 241 -35.12 -48.14 33.08
N GLN A 242 -34.37 -47.54 32.14
CA GLN A 242 -33.59 -48.24 31.11
C GLN A 242 -32.44 -49.01 31.76
N ASP A 243 -32.75 -50.18 32.31
CA ASP A 243 -31.86 -50.97 33.15
C ASP A 243 -30.81 -51.73 32.33
N ILE A 244 -29.77 -51.02 31.91
CA ILE A 244 -28.57 -51.61 31.30
C ILE A 244 -27.56 -52.03 32.40
N TRP A 245 -27.48 -51.27 33.50
CA TRP A 245 -26.54 -51.51 34.61
C TRP A 245 -27.13 -51.23 36.01
N GLY A 246 -28.45 -51.12 36.18
CA GLY A 246 -29.09 -50.33 37.26
C GLY A 246 -29.09 -48.82 36.96
N THR A 247 -28.16 -48.41 36.11
CA THR A 247 -28.18 -47.18 35.30
C THR A 247 -28.13 -45.88 36.11
N SER A 248 -27.33 -45.85 37.18
CA SER A 248 -26.71 -44.59 37.62
C SER A 248 -25.51 -44.28 36.70
N ALA A 249 -25.78 -44.25 35.39
CA ALA A 249 -24.78 -44.53 34.36
C ALA A 249 -25.18 -44.03 32.97
N ALA A 250 -24.19 -43.69 32.15
CA ALA A 250 -24.32 -43.33 30.73
C ALA A 250 -22.93 -43.33 30.07
N ALA A 251 -22.82 -42.71 28.89
CA ALA A 251 -21.57 -42.13 28.42
C ALA A 251 -21.84 -40.78 27.74
N TYR A 252 -20.99 -39.81 28.01
CA TYR A 252 -21.01 -38.50 27.34
C TYR A 252 -19.60 -38.00 27.07
N PHE A 253 -19.49 -37.06 26.16
CA PHE A 253 -18.28 -36.75 25.44
C PHE A 253 -18.10 -35.25 25.33
N VAL A 254 -16.91 -34.74 25.62
CA VAL A 254 -16.58 -33.31 25.53
C VAL A 254 -15.32 -33.12 24.70
N GLY A 255 -15.32 -32.20 23.74
CA GLY A 255 -14.14 -31.85 22.95
C GLY A 255 -14.07 -30.35 22.67
N TYR A 256 -12.90 -29.74 22.87
CA TYR A 256 -12.75 -28.29 22.77
C TYR A 256 -12.62 -27.82 21.33
N LEU A 257 -13.39 -26.79 20.99
CA LEU A 257 -13.31 -26.11 19.70
C LEU A 257 -12.02 -25.31 19.60
N LYS A 258 -11.48 -25.11 18.39
CA LYS A 258 -10.27 -24.32 18.15
C LYS A 258 -10.38 -23.51 16.87
N PRO A 259 -9.78 -22.30 16.80
CA PRO A 259 -9.79 -21.50 15.59
C PRO A 259 -9.01 -22.22 14.50
N THR A 260 -9.71 -22.69 13.48
CA THR A 260 -9.14 -23.49 12.40
C THR A 260 -9.81 -23.17 11.08
N THR A 261 -9.10 -23.42 9.98
CA THR A 261 -9.63 -23.18 8.64
C THR A 261 -10.22 -24.48 8.12
N PHE A 262 -11.50 -24.48 7.82
CA PHE A 262 -12.17 -25.61 7.20
C PHE A 262 -12.53 -25.23 5.78
N MET A 263 -12.37 -26.17 4.87
CA MET A 263 -13.07 -26.13 3.59
C MET A 263 -14.32 -27.01 3.70
N LEU A 264 -15.46 -26.46 3.35
CA LEU A 264 -16.78 -27.09 3.44
C LEU A 264 -17.32 -27.29 2.02
N LYS A 265 -17.84 -28.47 1.70
CA LYS A 265 -18.40 -28.78 0.39
C LYS A 265 -19.91 -28.79 0.43
N TYR A 266 -20.53 -27.86 -0.27
CA TYR A 266 -21.98 -27.77 -0.45
C TYR A 266 -22.45 -28.56 -1.65
N ASP A 267 -23.64 -29.17 -1.57
CA ASP A 267 -24.34 -29.75 -2.72
C ASP A 267 -25.44 -28.83 -3.29
N GLU A 268 -26.13 -29.29 -4.32
CA GLU A 268 -27.18 -28.55 -5.01
C GLU A 268 -28.42 -28.24 -4.16
N ASN A 269 -28.53 -28.83 -2.97
CA ASN A 269 -29.59 -28.55 -2.00
C ASN A 269 -29.09 -27.65 -0.85
N GLY A 270 -27.90 -27.09 -0.97
CA GLY A 270 -27.32 -26.24 0.08
C GLY A 270 -26.93 -27.03 1.32
N THR A 271 -26.64 -28.33 1.19
CA THR A 271 -26.25 -29.21 2.29
C THR A 271 -24.73 -29.28 2.35
N ILE A 272 -24.12 -29.18 3.53
CA ILE A 272 -22.73 -29.60 3.68
C ILE A 272 -22.70 -31.12 3.51
N THR A 273 -21.85 -31.61 2.62
CA THR A 273 -21.70 -33.05 2.32
C THR A 273 -20.32 -33.57 2.64
N ASP A 274 -19.31 -32.72 2.74
CA ASP A 274 -17.95 -33.11 3.12
C ASP A 274 -17.15 -31.91 3.60
N ALA A 275 -16.04 -32.14 4.29
CA ALA A 275 -15.20 -31.05 4.79
C ALA A 275 -13.73 -31.46 4.97
N VAL A 276 -12.82 -30.49 4.94
CA VAL A 276 -11.38 -30.68 5.17
C VAL A 276 -10.86 -29.70 6.20
N ASP A 277 -10.29 -30.20 7.29
CA ASP A 277 -9.52 -29.40 8.24
C ASP A 277 -8.14 -29.11 7.63
N CYS A 278 -7.92 -27.90 7.14
CA CYS A 278 -6.71 -27.56 6.41
C CYS A 278 -5.43 -27.63 7.27
N SER A 279 -5.52 -27.78 8.59
CA SER A 279 -4.35 -27.86 9.47
C SER A 279 -3.79 -29.28 9.59
N GLN A 280 -4.58 -30.30 9.26
CA GLN A 280 -4.37 -31.65 9.75
C GLN A 280 -3.03 -32.28 9.34
N ASN A 281 -2.70 -32.25 8.06
CA ASN A 281 -1.54 -32.92 7.47
C ASN A 281 -1.21 -32.26 6.11
N PRO A 282 -0.07 -32.54 5.46
CA PRO A 282 0.32 -31.76 4.29
C PRO A 282 -0.62 -31.97 3.10
N LEU A 283 -1.26 -33.13 2.96
CA LEU A 283 -2.26 -33.36 1.93
C LEU A 283 -3.52 -32.53 2.16
N ALA A 284 -4.02 -32.42 3.39
CA ALA A 284 -5.15 -31.57 3.69
C ALA A 284 -4.82 -30.10 3.38
N GLU A 285 -3.64 -29.64 3.73
CA GLU A 285 -3.19 -28.29 3.37
C GLU A 285 -3.10 -28.09 1.85
N LEU A 286 -2.57 -29.07 1.13
CA LEU A 286 -2.46 -29.02 -0.32
C LEU A 286 -3.84 -28.83 -0.96
N LYS A 287 -4.79 -29.71 -0.64
CA LYS A 287 -6.07 -29.71 -1.35
C LYS A 287 -7.00 -28.58 -0.92
N CYS A 288 -6.81 -28.02 0.28
CA CYS A 288 -7.34 -26.69 0.59
C CYS A 288 -6.73 -25.59 -0.28
N SER A 289 -5.41 -25.56 -0.45
CA SER A 289 -4.74 -24.50 -1.23
C SER A 289 -5.16 -24.52 -2.70
N VAL A 290 -5.40 -25.72 -3.24
CA VAL A 290 -5.82 -25.96 -4.62
C VAL A 290 -7.34 -25.83 -4.82
N LYS A 291 -8.13 -25.66 -3.74
CA LYS A 291 -9.60 -25.60 -3.78
C LYS A 291 -10.20 -26.81 -4.52
N SER A 292 -9.84 -28.02 -4.12
CA SER A 292 -10.34 -29.25 -4.72
C SER A 292 -10.34 -30.40 -3.72
N PHE A 293 -11.18 -31.40 -3.92
CA PHE A 293 -11.13 -32.66 -3.17
C PHE A 293 -10.28 -33.74 -3.86
N GLU A 294 -9.86 -33.55 -5.11
CA GLU A 294 -8.97 -34.45 -5.84
C GLU A 294 -7.81 -33.69 -6.50
N ILE A 295 -6.62 -34.28 -6.48
CA ILE A 295 -5.38 -33.68 -6.93
C ILE A 295 -4.67 -34.64 -7.90
N ASP A 296 -4.14 -34.11 -8.98
CA ASP A 296 -3.38 -34.88 -9.97
C ASP A 296 -1.91 -35.02 -9.60
N LYS A 297 -1.23 -36.05 -10.13
CA LYS A 297 0.20 -36.26 -9.90
C LYS A 297 1.00 -35.01 -10.24
N GLY A 298 1.83 -34.54 -9.31
CA GLY A 298 2.60 -33.32 -9.49
C GLY A 298 3.29 -32.84 -8.22
N ILE A 299 4.04 -31.76 -8.35
CA ILE A 299 4.60 -30.99 -7.23
C ILE A 299 3.90 -29.63 -7.14
N TYR A 300 3.49 -29.23 -5.94
CA TYR A 300 2.71 -28.01 -5.71
C TYR A 300 3.32 -27.19 -4.58
N GLN A 301 3.41 -25.87 -4.73
CA GLN A 301 3.88 -24.96 -3.70
C GLN A 301 2.69 -24.53 -2.82
N THR A 302 2.79 -24.62 -1.49
CA THR A 302 1.63 -24.41 -0.60
C THR A 302 1.82 -23.34 0.48
N SER A 303 3.02 -23.15 1.01
CA SER A 303 3.26 -22.31 2.19
C SER A 303 4.74 -21.94 2.31
N ASN A 304 5.11 -21.07 3.26
CA ASN A 304 6.51 -20.81 3.60
C ASN A 304 6.87 -21.35 4.99
N PHE A 305 7.94 -22.11 5.05
CA PHE A 305 8.65 -22.49 6.27
C PHE A 305 9.42 -21.28 6.79
N ARG A 306 9.39 -21.03 8.10
CA ARG A 306 10.10 -19.89 8.70
C ARG A 306 10.46 -20.20 10.15
N VAL A 307 11.72 -20.54 10.42
CA VAL A 307 12.17 -21.01 11.74
C VAL A 307 11.99 -19.94 12.80
N VAL A 308 11.28 -20.26 13.88
CA VAL A 308 11.06 -19.36 15.03
C VAL A 308 12.30 -19.25 15.93
N PRO A 309 12.55 -18.10 16.60
CA PRO A 309 13.68 -17.93 17.49
C PRO A 309 13.58 -18.76 18.77
N SER A 310 14.70 -19.35 19.21
CA SER A 310 14.81 -20.13 20.44
C SER A 310 14.95 -19.28 21.71
N GLY A 311 15.50 -18.07 21.59
CA GLY A 311 15.87 -17.24 22.74
C GLY A 311 16.04 -15.77 22.40
N ASP A 312 16.57 -14.98 23.35
CA ASP A 312 16.74 -13.54 23.23
C ASP A 312 18.10 -13.08 23.80
N VAL A 313 18.84 -12.24 23.08
CA VAL A 313 20.18 -11.77 23.47
C VAL A 313 20.21 -10.25 23.54
N VAL A 314 20.36 -9.65 24.72
CA VAL A 314 20.46 -8.20 24.91
C VAL A 314 21.83 -7.85 25.43
N ARG A 315 22.54 -6.94 24.78
CA ARG A 315 23.91 -6.58 25.16
C ARG A 315 24.08 -5.07 25.21
N PHE A 316 24.71 -4.57 26.27
CA PHE A 316 24.99 -3.15 26.49
C PHE A 316 26.42 -2.94 27.00
N PRO A 317 26.97 -1.73 26.89
CA PRO A 317 28.38 -1.48 27.16
C PRO A 317 28.74 -1.64 28.64
N ASN A 318 30.03 -1.52 28.95
CA ASN A 318 30.48 -1.24 30.31
C ASN A 318 29.66 -0.09 30.93
N ILE A 319 29.25 -0.25 32.20
CA ILE A 319 28.45 0.77 32.89
C ILE A 319 29.25 2.07 33.05
N THR A 320 28.59 3.21 32.83
CA THR A 320 29.25 4.52 32.71
C THR A 320 28.23 5.67 32.88
N ASN A 321 28.72 6.92 32.97
CA ASN A 321 27.92 8.15 32.92
C ASN A 321 26.83 8.24 34.00
N LEU A 322 27.15 7.90 35.25
CA LEU A 322 26.17 7.92 36.33
C LEU A 322 25.66 9.35 36.61
N CYS A 323 24.35 9.52 36.79
CA CYS A 323 23.73 10.83 37.01
C CYS A 323 24.23 11.52 38.31
N PRO A 324 24.34 12.87 38.34
CA PRO A 324 25.02 13.62 39.40
C PRO A 324 24.17 13.84 40.67
N PHE A 325 23.27 12.91 40.98
CA PHE A 325 22.32 13.02 42.09
C PHE A 325 22.97 13.25 43.46
N GLY A 326 24.22 12.81 43.66
CA GLY A 326 24.96 13.01 44.92
C GLY A 326 24.99 14.46 45.41
N GLU A 327 24.99 15.44 44.51
CA GLU A 327 24.92 16.86 44.87
C GLU A 327 23.55 17.26 45.45
N VAL A 328 22.47 16.86 44.77
CA VAL A 328 21.08 17.19 45.16
C VAL A 328 20.65 16.42 46.41
N PHE A 329 20.96 15.11 46.44
CA PHE A 329 20.52 14.17 47.45
C PHE A 329 21.47 14.05 48.65
N ASN A 330 22.79 14.17 48.48
CA ASN A 330 23.76 13.78 49.53
C ASN A 330 24.76 14.90 49.89
N ALA A 331 24.29 16.14 49.91
CA ALA A 331 24.95 17.24 50.62
C ALA A 331 24.94 17.00 52.15
N THR A 332 26.03 17.29 52.85
CA THR A 332 26.16 17.02 54.32
C THR A 332 25.20 17.87 55.15
N LYS A 333 25.06 19.15 54.81
CA LYS A 333 24.00 20.07 55.27
C LYS A 333 23.21 20.52 54.05
N PHE A 334 21.91 20.27 54.05
CA PHE A 334 21.04 20.62 52.91
C PHE A 334 20.79 22.13 52.80
N PRO A 335 20.24 22.62 51.68
CA PRO A 335 19.78 23.99 51.55
C PRO A 335 18.61 24.28 52.51
N SER A 336 18.50 25.51 53.00
CA SER A 336 17.26 26.04 53.55
C SER A 336 16.18 26.15 52.46
N VAL A 337 14.93 26.44 52.83
CA VAL A 337 13.83 26.72 51.88
C VAL A 337 14.19 27.81 50.86
N TYR A 338 14.98 28.80 51.28
CA TYR A 338 15.38 29.93 50.46
C TYR A 338 16.71 29.72 49.73
N ALA A 339 17.61 28.87 50.26
CA ALA A 339 18.86 28.54 49.58
C ALA A 339 18.66 27.56 48.41
N TRP A 340 17.66 26.66 48.52
CA TRP A 340 17.05 25.84 47.46
C TRP A 340 17.95 25.52 46.25
N GLU A 341 18.90 24.61 46.43
CA GLU A 341 19.81 24.19 45.34
C GLU A 341 19.03 23.43 44.26
N ARG A 342 19.16 23.85 42.98
CA ARG A 342 18.33 23.33 41.86
C ARG A 342 19.08 23.28 40.52
N LYS A 343 18.73 22.29 39.68
CA LYS A 343 19.47 21.91 38.45
C LYS A 343 18.52 21.23 37.46
N LYS A 344 18.93 21.08 36.21
CA LYS A 344 18.44 20.02 35.31
C LYS A 344 19.58 19.22 34.68
N ILE A 345 19.36 17.92 34.54
CA ILE A 345 20.38 16.89 34.29
C ILE A 345 20.01 16.00 33.09
N SER A 346 21.03 15.52 32.39
CA SER A 346 20.92 14.88 31.07
C SER A 346 22.16 14.02 30.77
N ASN A 347 22.08 13.19 29.72
CA ASN A 347 23.17 12.35 29.21
C ASN A 347 23.78 11.41 30.27
N CYS A 348 22.94 10.75 31.08
CA CYS A 348 23.40 9.98 32.24
C CYS A 348 22.50 8.78 32.61
N VAL A 349 23.05 7.84 33.38
CA VAL A 349 22.33 6.66 33.90
C VAL A 349 21.92 6.90 35.36
N ALA A 350 20.63 6.75 35.64
CA ALA A 350 20.01 7.09 36.91
C ALA A 350 20.07 5.94 37.91
N ASP A 351 20.67 6.19 39.08
CA ASP A 351 20.73 5.26 40.21
C ASP A 351 19.39 5.11 40.97
N TYR A 352 18.27 5.59 40.42
CA TYR A 352 17.02 5.73 41.16
C TYR A 352 16.52 4.41 41.75
N SER A 353 16.82 3.28 41.11
CA SER A 353 16.56 1.95 41.67
C SER A 353 17.15 1.79 43.08
N VAL A 354 18.40 2.23 43.30
CA VAL A 354 19.03 2.22 44.63
C VAL A 354 18.31 3.16 45.59
N LEU A 355 17.98 4.37 45.15
CA LEU A 355 17.32 5.38 45.99
C LEU A 355 15.95 4.89 46.45
N TYR A 356 15.16 4.33 45.54
CA TYR A 356 13.90 3.65 45.79
C TYR A 356 14.06 2.43 46.73
N ASN A 357 15.13 1.64 46.56
CA ASN A 357 15.46 0.49 47.40
C ASN A 357 16.01 0.91 48.79
N SER A 358 16.39 2.18 48.99
CA SER A 358 17.02 2.67 50.21
C SER A 358 16.06 2.64 51.41
N THR A 359 16.55 2.19 52.57
CA THR A 359 15.82 2.17 53.85
C THR A 359 15.64 3.55 54.50
N PHE A 360 16.45 4.54 54.09
CA PHE A 360 16.58 5.86 54.72
C PHE A 360 15.27 6.66 54.76
N PHE A 361 14.77 7.11 53.60
CA PHE A 361 13.78 8.19 53.47
C PHE A 361 12.55 8.03 54.37
N SER A 362 12.16 9.07 55.11
CA SER A 362 10.98 9.06 55.98
C SER A 362 9.70 8.97 55.16
N THR A 363 9.66 9.63 54.00
CA THR A 363 8.62 9.42 53.00
C THR A 363 9.16 9.70 51.60
N PHE A 364 8.61 9.04 50.59
CA PHE A 364 8.65 9.54 49.22
C PHE A 364 7.39 9.17 48.46
N LYS A 365 6.98 10.08 47.56
CA LYS A 365 5.77 10.03 46.74
C LYS A 365 6.12 10.37 45.29
N CYS A 366 5.51 9.69 44.32
CA CYS A 366 5.43 10.16 42.94
C CYS A 366 4.02 10.63 42.58
N TYR A 367 3.93 11.85 42.04
CA TYR A 367 2.74 12.36 41.35
C TYR A 367 2.63 11.81 39.93
N GLY A 368 3.76 11.69 39.23
CA GLY A 368 3.87 11.10 37.89
C GLY A 368 3.73 9.57 37.89
N VAL A 369 4.30 8.92 36.86
CA VAL A 369 4.38 7.44 36.79
C VAL A 369 5.08 6.84 38.01
N SER A 370 4.75 5.59 38.31
CA SER A 370 5.15 4.97 39.57
C SER A 370 6.67 4.90 39.75
N ALA A 371 7.11 5.23 40.96
CA ALA A 371 8.50 5.15 41.40
C ALA A 371 9.13 3.78 41.04
N THR A 372 8.35 2.71 41.14
CA THR A 372 8.76 1.33 40.84
C THR A 372 9.27 1.17 39.40
N LYS A 373 8.76 1.98 38.45
CA LYS A 373 9.21 2.00 37.05
C LYS A 373 10.24 3.10 36.75
N LEU A 374 10.23 4.22 37.47
CA LEU A 374 11.31 5.23 37.35
C LEU A 374 12.70 4.66 37.65
N ASN A 375 12.76 3.53 38.36
CA ASN A 375 13.96 2.72 38.53
C ASN A 375 14.63 2.28 37.22
N ASP A 376 13.90 2.21 36.11
CA ASP A 376 14.36 1.64 34.85
C ASP A 376 13.90 2.42 33.59
N LEU A 377 12.85 3.24 33.69
CA LEU A 377 12.33 4.09 32.61
C LEU A 377 13.35 5.13 32.11
N CYS A 378 13.05 5.69 30.93
CA CYS A 378 13.89 6.64 30.21
C CYS A 378 13.15 7.94 29.88
N PHE A 379 13.89 9.06 29.86
CA PHE A 379 13.36 10.42 29.70
C PHE A 379 14.36 11.31 28.97
N SER A 380 13.87 12.41 28.39
CA SER A 380 14.73 13.39 27.71
C SER A 380 15.70 14.08 28.68
N ASN A 381 15.24 14.48 29.87
CA ASN A 381 16.05 15.05 30.97
C ASN A 381 15.31 14.92 32.31
N VAL A 382 15.95 15.32 33.41
CA VAL A 382 15.30 15.54 34.72
C VAL A 382 15.53 16.98 35.17
N TYR A 383 14.60 17.60 35.87
CA TYR A 383 14.83 18.77 36.72
C TYR A 383 14.81 18.33 38.19
N ALA A 384 15.74 18.79 39.03
CA ALA A 384 15.87 18.33 40.41
C ALA A 384 16.34 19.44 41.36
N ASP A 385 15.90 19.39 42.61
CA ASP A 385 16.19 20.41 43.62
C ASP A 385 16.05 19.87 45.06
N SER A 386 16.65 20.55 46.04
CA SER A 386 16.54 20.14 47.45
C SER A 386 16.58 21.29 48.45
N PHE A 387 15.95 21.07 49.61
CA PHE A 387 15.70 22.05 50.66
C PHE A 387 15.31 21.34 51.98
N VAL A 388 14.63 22.02 52.91
CA VAL A 388 14.27 21.49 54.23
C VAL A 388 12.89 21.96 54.67
N VAL A 389 12.22 21.19 55.53
CA VAL A 389 10.96 21.58 56.20
C VAL A 389 10.97 21.19 57.67
N LYS A 390 10.30 21.98 58.53
CA LYS A 390 9.75 21.44 59.79
C LYS A 390 8.80 20.30 59.46
N GLY A 391 8.80 19.23 60.25
CA GLY A 391 8.19 17.96 59.85
C GLY A 391 6.74 18.08 59.39
N ASP A 392 5.95 18.92 60.07
CA ASP A 392 4.57 19.22 59.73
C ASP A 392 4.35 19.66 58.27
N ASP A 393 5.22 20.50 57.70
CA ASP A 393 4.94 21.15 56.40
C ASP A 393 5.21 20.28 55.18
N VAL A 394 5.81 19.11 55.36
CA VAL A 394 5.94 18.09 54.31
C VAL A 394 4.58 17.77 53.64
N ARG A 395 3.46 17.97 54.35
CA ARG A 395 2.07 17.88 53.85
C ARG A 395 1.81 18.68 52.58
N GLN A 396 2.46 19.83 52.39
CA GLN A 396 2.10 20.76 51.31
C GLN A 396 3.09 20.79 50.13
N ILE A 397 4.23 20.13 50.25
CA ILE A 397 5.37 20.37 49.33
C ILE A 397 5.27 19.68 47.97
N ALA A 398 4.34 18.74 47.80
CA ALA A 398 4.39 17.80 46.68
C ALA A 398 3.98 18.40 45.31
N PRO A 399 4.47 17.83 44.19
CA PRO A 399 3.74 17.96 42.92
C PRO A 399 2.31 17.40 43.08
N GLY A 400 1.35 18.07 42.46
CA GLY A 400 -0.09 17.84 42.65
C GLY A 400 -0.70 18.52 43.88
N GLN A 401 0.08 19.23 44.70
CA GLN A 401 -0.34 19.82 45.98
C GLN A 401 0.08 21.30 46.05
N THR A 402 -0.80 22.21 46.47
CA THR A 402 -0.55 23.67 46.46
C THR A 402 -1.26 24.39 47.61
N GLY A 403 -0.68 25.50 48.05
CA GLY A 403 -1.13 26.29 49.20
C GLY A 403 -0.01 27.22 49.69
N VAL A 404 -0.37 28.14 50.57
CA VAL A 404 0.50 29.27 50.97
C VAL A 404 1.82 28.90 51.66
N ILE A 405 2.05 27.63 52.03
CA ILE A 405 3.37 27.16 52.46
C ILE A 405 4.28 27.05 51.24
N ALA A 406 4.01 26.09 50.35
CA ALA A 406 4.92 25.71 49.27
C ALA A 406 4.91 26.73 48.11
N ASP A 407 3.76 27.37 47.88
CA ASP A 407 3.58 28.41 46.87
C ASP A 407 4.50 29.61 47.10
N TYR A 408 5.08 29.78 48.29
CA TYR A 408 6.00 30.88 48.58
C TYR A 408 7.26 30.37 49.27
N ASN A 409 7.83 29.28 48.71
CA ASN A 409 9.27 29.06 48.80
C ASN A 409 9.88 28.06 47.80
N TYR A 410 9.11 27.25 47.06
CA TYR A 410 9.70 26.26 46.11
C TYR A 410 8.75 25.61 45.07
N LYS A 411 7.41 25.69 45.21
CA LYS A 411 6.46 24.83 44.44
C LYS A 411 6.68 24.82 42.91
N LEU A 412 7.11 23.68 42.38
CA LEU A 412 7.29 23.35 40.95
C LEU A 412 5.97 23.30 40.15
N PRO A 413 5.99 23.36 38.81
CA PRO A 413 4.83 23.02 37.98
C PRO A 413 4.55 21.52 38.02
N ASP A 414 3.28 21.14 38.07
CA ASP A 414 2.82 19.74 38.16
C ASP A 414 2.83 19.00 36.80
N ASP A 415 3.59 19.51 35.83
CA ASP A 415 3.52 19.10 34.43
C ASP A 415 4.61 18.08 34.03
N PHE A 416 5.73 18.04 34.77
CA PHE A 416 6.72 16.95 34.70
C PHE A 416 6.17 15.66 35.33
N MET A 417 6.86 14.53 35.09
CA MET A 417 6.80 13.37 35.97
C MET A 417 7.51 13.68 37.30
N GLY A 418 6.83 14.44 38.17
CA GLY A 418 7.36 14.87 39.45
C GLY A 418 7.26 13.81 40.55
N CYS A 419 8.31 13.73 41.35
CA CYS A 419 8.40 12.90 42.55
C CYS A 419 9.13 13.66 43.66
N VAL A 420 8.86 13.30 44.91
CA VAL A 420 9.31 14.01 46.12
C VAL A 420 9.74 13.02 47.18
N LEU A 421 10.82 13.33 47.87
CA LEU A 421 11.44 12.49 48.89
C LEU A 421 11.81 13.32 50.11
N ALA A 422 11.79 12.71 51.28
CA ALA A 422 12.07 13.35 52.56
C ALA A 422 12.96 12.45 53.41
N TRP A 423 13.92 13.03 54.14
CA TRP A 423 14.75 12.33 55.11
C TRP A 423 15.20 13.22 56.27
N ASN A 424 15.75 12.62 57.32
CA ASN A 424 15.95 13.23 58.62
C ASN A 424 16.85 14.48 58.59
N THR A 425 16.29 15.68 58.76
CA THR A 425 17.05 16.85 59.28
C THR A 425 17.18 16.82 60.79
N ARG A 426 16.23 16.17 61.49
CA ARG A 426 16.12 16.11 62.96
C ARG A 426 17.40 15.69 63.70
N ASN A 427 18.27 14.91 63.07
CA ASN A 427 19.51 14.37 63.63
C ASN A 427 20.79 15.10 63.20
N ILE A 428 20.74 16.01 62.22
CA ILE A 428 21.90 16.41 61.41
C ILE A 428 22.05 17.94 61.34
N ASP A 429 21.12 18.62 60.66
CA ASP A 429 21.19 20.05 60.33
C ASP A 429 20.09 20.87 61.04
N ALA A 430 19.36 20.22 61.94
CA ALA A 430 18.57 20.84 63.00
C ALA A 430 19.42 21.52 64.10
N THR A 431 18.77 22.19 65.05
CA THR A 431 19.31 22.65 66.35
C THR A 431 18.17 22.70 67.38
N SER A 432 18.44 22.54 68.68
CA SER A 432 17.42 22.31 69.72
C SER A 432 16.45 23.48 69.93
N THR A 433 16.91 24.70 69.67
CA THR A 433 16.09 25.94 69.67
C THR A 433 15.09 26.02 68.51
N GLY A 434 15.16 25.08 67.56
CA GLY A 434 14.78 25.35 66.17
C GLY A 434 15.93 26.11 65.52
N ASN A 435 16.55 25.53 64.49
CA ASN A 435 17.66 26.16 63.78
C ASN A 435 17.16 27.43 63.08
N TYR A 436 17.57 28.57 63.62
CA TYR A 436 17.23 29.91 63.13
C TYR A 436 17.87 30.28 61.78
N ASN A 437 18.84 29.50 61.28
CA ASN A 437 19.29 29.61 59.89
C ASN A 437 18.35 28.87 58.92
N TYR A 438 17.93 27.65 59.28
CA TYR A 438 16.82 26.95 58.60
C TYR A 438 15.48 27.59 58.99
N LYS A 439 15.20 28.76 58.42
CA LYS A 439 13.92 29.47 58.56
C LYS A 439 12.76 28.78 57.84
N TYR A 440 11.57 29.16 58.29
CA TYR A 440 10.25 28.92 57.74
C TYR A 440 10.05 29.53 56.34
N ARG A 441 8.99 29.13 55.63
CA ARG A 441 8.64 29.65 54.29
C ARG A 441 8.35 31.16 54.27
N TYR A 442 8.74 31.83 53.20
CA TYR A 442 8.67 33.28 53.08
C TYR A 442 7.50 33.73 52.20
N LEU A 443 6.31 33.86 52.80
CA LEU A 443 5.07 34.31 52.14
C LEU A 443 5.26 35.52 51.21
N ARG A 444 4.63 35.45 50.03
CA ARG A 444 4.56 36.49 48.99
C ARG A 444 3.40 36.16 48.05
N HIS A 445 2.18 36.40 48.53
CA HIS A 445 0.93 35.92 47.94
C HIS A 445 0.82 36.12 46.42
N GLY A 446 1.30 37.25 45.90
CA GLY A 446 1.25 37.60 44.48
C GLY A 446 2.15 36.81 43.52
N LYS A 447 3.10 35.97 43.98
CA LYS A 447 3.89 35.09 43.07
C LYS A 447 3.11 33.83 42.67
N LEU A 448 2.25 33.98 41.67
CA LEU A 448 1.38 32.91 41.16
C LEU A 448 2.13 31.88 40.27
N ARG A 449 3.27 32.23 39.67
CA ARG A 449 3.95 31.33 38.71
C ARG A 449 4.64 30.13 39.38
N PRO A 450 4.44 28.90 38.89
CA PRO A 450 5.22 27.72 39.25
C PRO A 450 6.74 27.91 39.14
N PHE A 451 7.51 27.11 39.90
CA PHE A 451 8.94 27.27 40.23
C PHE A 451 9.29 28.60 40.90
N GLU A 452 8.81 29.75 40.44
CA GLU A 452 9.13 31.06 41.01
C GLU A 452 8.66 31.17 42.46
N ARG A 453 7.41 30.74 42.71
CA ARG A 453 6.76 30.45 44.01
C ARG A 453 7.55 30.94 45.22
N ASP A 454 7.58 32.28 45.32
CA ASP A 454 8.65 33.09 45.91
C ASP A 454 9.65 32.41 46.85
N ILE A 455 10.86 32.21 46.33
CA ILE A 455 11.98 31.64 47.08
C ILE A 455 12.53 32.63 48.14
N SER A 456 12.33 33.94 47.94
CA SER A 456 13.23 35.00 48.43
C SER A 456 13.06 35.39 49.90
N ASN A 457 14.19 35.73 50.53
CA ASN A 457 14.35 36.19 51.91
C ASN A 457 13.95 37.66 52.11
N VAL A 458 12.69 38.01 51.85
CA VAL A 458 12.22 39.42 51.79
C VAL A 458 10.85 39.60 52.47
N PRO A 459 10.60 40.70 53.22
CA PRO A 459 9.25 41.15 53.57
C PRO A 459 8.46 41.49 52.31
N PHE A 460 7.56 40.58 51.93
CA PHE A 460 6.92 40.61 50.61
C PHE A 460 5.52 39.99 50.62
N SER A 461 4.94 39.71 51.80
CA SER A 461 3.75 38.86 51.95
C SER A 461 2.50 39.20 51.11
N PRO A 462 2.11 40.47 50.89
CA PRO A 462 0.92 40.86 50.13
C PRO A 462 0.86 40.45 48.65
N ASP A 463 -0.27 40.73 48.02
CA ASP A 463 -0.48 40.58 46.57
C ASP A 463 0.26 41.68 45.75
N GLY A 464 0.33 42.93 46.22
CA GLY A 464 0.97 44.01 45.44
C GLY A 464 1.42 45.28 46.18
N LYS A 465 1.41 45.32 47.52
CA LYS A 465 1.87 46.48 48.32
C LYS A 465 3.41 46.73 48.17
N PRO A 466 3.94 47.92 48.54
CA PRO A 466 5.28 48.37 48.17
C PRO A 466 6.46 47.45 48.52
N CYS A 467 6.41 46.77 49.67
CA CYS A 467 7.33 45.67 50.04
C CYS A 467 8.84 45.98 49.92
N THR A 468 9.23 47.10 50.50
CA THR A 468 10.59 47.38 50.97
C THR A 468 10.98 46.44 52.13
N PRO A 469 12.22 46.52 52.64
CA PRO A 469 12.53 46.19 54.04
C PRO A 469 11.50 46.72 55.08
N PRO A 470 11.49 46.18 56.32
CA PRO A 470 10.44 46.34 57.36
C PRO A 470 9.43 47.44 57.70
N ALA A 471 9.25 48.47 56.87
CA ALA A 471 8.27 49.53 57.07
C ALA A 471 6.81 49.01 57.02
N LEU A 472 5.87 49.79 57.56
CA LEU A 472 4.51 49.36 57.87
C LEU A 472 3.64 48.91 56.68
N ASN A 473 4.12 49.12 55.45
CA ASN A 473 3.51 48.66 54.20
C ASN A 473 3.53 47.14 53.99
N CYS A 474 4.48 46.40 54.58
CA CYS A 474 4.73 44.99 54.19
C CYS A 474 5.45 44.14 55.26
N TYR A 475 5.38 42.81 55.10
CA TYR A 475 5.45 41.83 56.20
C TYR A 475 6.16 40.52 55.79
N TRP A 476 6.76 39.82 56.75
CA TRP A 476 7.60 38.62 56.54
C TRP A 476 7.37 37.55 57.64
N PRO A 477 6.84 36.36 57.33
CA PRO A 477 6.93 35.23 58.26
C PRO A 477 8.38 34.71 58.34
N LEU A 478 8.91 34.53 59.55
CA LEU A 478 10.34 34.32 59.80
C LEU A 478 10.60 33.34 60.96
N ASN A 479 9.74 32.34 61.11
CA ASN A 479 9.85 31.29 62.14
C ASN A 479 11.04 30.35 61.88
N ASP A 480 11.38 29.48 62.84
CA ASP A 480 12.49 28.51 62.70
C ASP A 480 11.94 27.10 62.40
N TYR A 481 12.46 26.45 61.36
CA TYR A 481 12.01 25.10 60.92
C TYR A 481 12.79 23.95 61.57
N GLY A 482 14.11 24.09 61.75
CA GLY A 482 14.99 22.94 62.01
C GLY A 482 15.10 22.53 63.48
N PHE A 483 14.06 21.97 64.08
CA PHE A 483 14.10 21.47 65.47
C PHE A 483 14.82 20.11 65.62
N TYR A 484 15.48 19.87 66.76
CA TYR A 484 16.19 18.60 67.01
C TYR A 484 15.26 17.41 67.34
N THR A 485 15.80 16.19 67.23
CA THR A 485 15.08 14.91 67.32
C THR A 485 14.34 14.64 68.63
N THR A 486 14.62 15.38 69.71
CA THR A 486 13.90 15.24 70.99
C THR A 486 12.58 16.01 71.05
N THR A 487 12.33 16.92 70.10
CA THR A 487 10.99 17.51 69.92
C THR A 487 9.95 16.47 69.49
N GLY A 488 8.68 16.78 69.75
CA GLY A 488 7.54 15.95 69.34
C GLY A 488 7.54 15.66 67.84
N ILE A 489 7.00 14.50 67.45
CA ILE A 489 7.14 13.95 66.10
C ILE A 489 6.52 14.84 65.00
N GLY A 490 5.66 15.81 65.33
CA GLY A 490 5.26 16.88 64.41
C GLY A 490 6.43 17.80 63.99
N TYR A 491 7.13 18.37 64.98
CA TYR A 491 8.26 19.28 64.73
C TYR A 491 9.36 18.62 63.88
N GLN A 492 9.68 17.34 64.16
CA GLN A 492 10.90 16.67 63.70
C GLN A 492 11.14 16.87 62.18
N PRO A 493 12.11 17.73 61.80
CA PRO A 493 12.26 18.26 60.45
C PRO A 493 12.86 17.27 59.46
N TYR A 494 12.49 17.45 58.19
CA TYR A 494 13.03 16.68 57.08
C TYR A 494 13.80 17.56 56.11
N ARG A 495 14.99 17.13 55.73
CA ARG A 495 15.58 17.45 54.44
C ARG A 495 14.69 16.87 53.35
N VAL A 496 14.55 17.54 52.24
CA VAL A 496 13.65 17.09 51.17
C VAL A 496 14.28 17.33 49.81
N VAL A 497 13.98 16.41 48.89
CA VAL A 497 14.40 16.44 47.49
C VAL A 497 13.15 16.36 46.64
N VAL A 498 13.09 17.14 45.56
CA VAL A 498 12.11 16.96 44.49
C VAL A 498 12.87 16.76 43.20
N LEU A 499 12.38 15.85 42.36
CA LEU A 499 12.89 15.67 41.01
C LEU A 499 11.74 15.42 40.06
N SER A 500 12.00 15.61 38.77
CA SER A 500 10.95 15.85 37.79
C SER A 500 11.43 15.45 36.40
N PHE A 501 11.07 14.25 36.00
CA PHE A 501 11.50 13.66 34.73
C PHE A 501 10.67 14.22 33.56
N GLU A 502 11.31 14.41 32.41
CA GLU A 502 10.71 15.07 31.23
C GLU A 502 10.56 14.13 30.03
N LEU A 503 9.33 13.95 29.55
CA LEU A 503 9.00 13.01 28.47
C LEU A 503 8.73 13.75 27.15
N LEU A 504 9.46 13.37 26.11
CA LEU A 504 9.44 13.95 24.75
C LEU A 504 9.69 12.85 23.72
N ASN A 505 9.34 13.09 22.45
CA ASN A 505 9.77 12.26 21.32
C ASN A 505 11.27 12.42 20.99
N ALA A 506 11.91 13.49 21.48
CA ALA A 506 13.34 13.74 21.38
C ALA A 506 14.18 12.69 22.16
N PRO A 507 15.48 12.53 21.87
CA PRO A 507 16.32 11.48 22.45
C PRO A 507 16.27 11.42 23.98
N ALA A 508 16.01 10.23 24.52
CA ALA A 508 15.89 10.01 25.96
C ALA A 508 17.27 9.96 26.64
N THR A 509 17.83 11.13 26.97
CA THR A 509 19.21 11.23 27.47
C THR A 509 19.42 10.74 28.89
N VAL A 510 18.35 10.44 29.64
CA VAL A 510 18.46 9.75 30.93
C VAL A 510 17.66 8.45 30.92
N CYS A 511 18.19 7.43 31.60
CA CYS A 511 17.58 6.11 31.76
C CYS A 511 18.04 5.49 33.08
N GLY A 512 17.27 4.58 33.66
CA GLY A 512 17.84 3.63 34.63
C GLY A 512 18.87 2.68 33.99
N PRO A 513 19.69 1.96 34.78
CA PRO A 513 20.61 0.96 34.26
C PRO A 513 19.86 -0.15 33.50
N LYS A 514 20.56 -0.80 32.55
CA LYS A 514 19.99 -1.85 31.67
C LYS A 514 20.78 -3.15 31.77
N LEU A 515 20.09 -4.28 31.70
CA LEU A 515 20.65 -5.63 31.82
C LEU A 515 21.35 -6.08 30.53
N SER A 516 22.48 -6.76 30.66
CA SER A 516 23.08 -7.55 29.57
C SER A 516 22.93 -9.05 29.85
N THR A 517 22.40 -9.80 28.88
CA THR A 517 22.25 -11.26 28.95
C THR A 517 23.57 -11.97 28.62
N ASP A 518 23.58 -13.29 28.81
CA ASP A 518 24.54 -14.14 28.14
C ASP A 518 24.40 -14.03 26.61
N LEU A 519 25.48 -14.32 25.89
CA LEU A 519 25.48 -14.45 24.44
C LEU A 519 25.05 -15.87 24.03
N ILE A 520 24.38 -16.03 22.88
CA ILE A 520 23.90 -17.33 22.38
C ILE A 520 24.31 -17.51 20.90
N LYS A 521 25.52 -18.01 20.64
CA LYS A 521 25.99 -18.32 19.28
C LYS A 521 25.21 -19.48 18.65
N ASN A 522 25.16 -19.54 17.32
CA ASN A 522 24.70 -20.69 16.53
C ASN A 522 23.23 -21.12 16.74
N GLN A 523 22.35 -20.24 17.20
CA GLN A 523 20.91 -20.46 17.22
C GLN A 523 20.17 -19.27 16.62
N CYS A 524 19.01 -19.51 16.01
CA CYS A 524 18.10 -18.42 15.65
C CYS A 524 17.57 -17.79 16.93
N VAL A 525 17.79 -16.49 17.14
CA VAL A 525 17.40 -15.76 18.35
C VAL A 525 16.86 -14.39 17.99
N ASN A 526 16.08 -13.79 18.88
CA ASN A 526 15.97 -12.34 18.91
C ASN A 526 17.23 -11.74 19.53
N PHE A 527 17.60 -10.53 19.14
CA PHE A 527 18.77 -9.87 19.70
C PHE A 527 18.61 -8.35 19.73
N ASN A 528 19.40 -7.70 20.59
CA ASN A 528 19.59 -6.26 20.64
C ASN A 528 21.02 -5.90 21.06
N PHE A 529 21.71 -5.16 20.20
CA PHE A 529 22.92 -4.40 20.52
C PHE A 529 22.52 -3.10 21.28
N ASN A 530 23.24 -2.00 21.11
CA ASN A 530 22.78 -0.66 21.48
C ASN A 530 21.60 -0.18 20.60
N GLY A 531 20.45 -0.82 20.71
CA GLY A 531 19.22 -0.45 19.98
C GLY A 531 19.11 -1.00 18.55
N LEU A 532 20.19 -1.53 17.99
CA LEU A 532 20.12 -2.35 16.77
C LEU A 532 19.50 -3.71 17.14
N THR A 533 18.18 -3.80 16.96
CA THR A 533 17.37 -4.99 17.20
C THR A 533 17.17 -5.81 15.95
N GLY A 534 17.08 -7.13 16.09
CA GLY A 534 16.67 -8.01 15.00
C GLY A 534 16.37 -9.45 15.44
N THR A 535 16.13 -10.29 14.45
CA THR A 535 16.03 -11.75 14.60
C THR A 535 17.04 -12.39 13.66
N GLY A 536 17.89 -13.29 14.15
CA GLY A 536 18.95 -13.88 13.33
C GLY A 536 19.75 -14.94 14.06
N VAL A 537 20.72 -15.52 13.37
CA VAL A 537 21.70 -16.46 13.93
C VAL A 537 23.01 -15.71 14.08
N LEU A 538 23.47 -15.55 15.32
CA LEU A 538 24.73 -14.91 15.64
C LEU A 538 25.84 -15.95 15.56
N THR A 539 26.97 -15.58 14.97
CA THR A 539 28.11 -16.48 14.74
C THR A 539 29.42 -15.77 15.03
N PRO A 540 30.47 -16.48 15.46
CA PRO A 540 31.82 -15.91 15.51
C PRO A 540 32.30 -15.62 14.09
N SER A 541 33.16 -14.62 13.90
CA SER A 541 33.56 -14.18 12.55
C SER A 541 35.03 -13.81 12.42
N SER A 542 35.53 -13.92 11.19
CA SER A 542 36.87 -13.48 10.77
C SER A 542 36.88 -12.07 10.19
N LYS A 543 35.76 -11.35 10.27
CA LYS A 543 35.51 -10.08 9.57
C LYS A 543 36.24 -8.91 10.23
N ARG A 544 37.52 -8.76 9.93
CA ARG A 544 38.40 -7.68 10.41
C ARG A 544 37.80 -6.30 10.11
N PHE A 545 37.61 -5.46 11.12
CA PHE A 545 37.25 -4.06 10.92
C PHE A 545 37.83 -3.11 11.97
N GLN A 546 37.92 -1.83 11.61
CA GLN A 546 38.71 -0.82 12.31
C GLN A 546 38.25 -0.55 13.75
N PRO A 547 39.11 -0.07 14.65
CA PRO A 547 38.78 0.20 16.05
C PRO A 547 37.59 1.14 16.26
N PHE A 548 37.39 2.11 15.38
CA PHE A 548 36.27 3.05 15.48
C PHE A 548 34.95 2.50 14.91
N GLN A 549 34.90 1.30 14.35
CA GLN A 549 33.69 0.80 13.69
C GLN A 549 32.87 -0.10 14.61
N GLN A 550 31.56 0.09 14.66
CA GLN A 550 30.65 -0.67 15.52
C GLN A 550 30.00 -1.86 14.81
N PHE A 551 29.56 -1.70 13.57
CA PHE A 551 28.91 -2.78 12.83
C PHE A 551 29.08 -2.66 11.33
N GLY A 552 29.10 -3.80 10.63
CA GLY A 552 29.23 -3.83 9.18
C GLY A 552 27.88 -3.89 8.49
N ARG A 553 27.68 -3.04 7.48
CA ARG A 553 26.72 -3.30 6.40
C ARG A 553 27.30 -4.32 5.42
N ASP A 554 26.48 -4.76 4.48
CA ASP A 554 26.94 -5.51 3.30
C ASP A 554 26.58 -4.76 2.00
N VAL A 555 26.81 -5.38 0.84
CA VAL A 555 26.55 -4.77 -0.47
C VAL A 555 25.07 -4.42 -0.71
N SER A 556 24.14 -5.10 -0.05
CA SER A 556 22.71 -4.74 -0.07
C SER A 556 22.37 -3.56 0.84
N ASP A 557 23.32 -3.17 1.70
CA ASP A 557 23.22 -2.26 2.85
C ASP A 557 22.30 -2.72 3.99
N PHE A 558 21.89 -3.99 4.02
CA PHE A 558 21.49 -4.63 5.26
C PHE A 558 22.72 -4.89 6.16
N THR A 559 22.49 -4.88 7.47
CA THR A 559 23.53 -5.10 8.48
C THR A 559 23.90 -6.58 8.58
N ASP A 560 25.19 -6.91 8.71
CA ASP A 560 25.61 -8.32 8.73
C ASP A 560 26.62 -8.69 9.82
N SER A 561 27.15 -7.74 10.57
CA SER A 561 28.13 -8.05 11.60
C SER A 561 28.17 -6.94 12.62
N VAL A 562 28.43 -7.25 13.89
CA VAL A 562 28.39 -6.27 14.98
C VAL A 562 29.51 -6.55 15.97
N ARG A 563 30.08 -5.50 16.55
CA ARG A 563 30.95 -5.63 17.70
C ARG A 563 30.10 -5.85 18.94
N ASP A 564 30.38 -6.88 19.72
CA ASP A 564 29.73 -7.04 21.02
C ASP A 564 30.17 -5.91 21.96
N PRO A 565 29.27 -5.12 22.54
CA PRO A 565 29.61 -3.90 23.24
C PRO A 565 30.35 -4.12 24.56
N LYS A 566 30.34 -5.35 25.08
CA LYS A 566 30.88 -5.70 26.38
C LYS A 566 32.17 -6.50 26.27
N THR A 567 32.18 -7.51 25.41
CA THR A 567 33.32 -8.39 25.15
C THR A 567 34.25 -7.86 24.06
N SER A 568 33.77 -6.99 23.16
CA SER A 568 34.43 -6.62 21.89
C SER A 568 34.70 -7.80 20.94
N GLU A 569 33.89 -8.85 21.04
CA GLU A 569 33.82 -9.93 20.05
C GLU A 569 33.27 -9.39 18.73
N ILE A 570 33.76 -9.89 17.58
CA ILE A 570 33.23 -9.48 16.26
C ILE A 570 32.28 -10.55 15.73
N LEU A 571 30.99 -10.38 15.96
CA LEU A 571 29.96 -11.32 15.53
C LEU A 571 29.53 -11.07 14.09
N ASP A 572 29.15 -12.13 13.40
CA ASP A 572 28.51 -12.13 12.09
C ASP A 572 27.08 -12.64 12.24
N ILE A 573 26.14 -11.94 11.63
CA ILE A 573 24.70 -12.15 11.70
C ILE A 573 24.20 -12.68 10.37
N SER A 574 23.39 -13.73 10.38
CA SER A 574 22.69 -14.26 9.20
C SER A 574 21.23 -14.56 9.54
N PRO A 575 20.29 -14.51 8.59
CA PRO A 575 18.87 -14.69 8.88
C PRO A 575 18.53 -16.13 9.28
N CYS A 576 17.53 -16.29 10.13
CA CYS A 576 16.97 -17.60 10.49
C CYS A 576 16.38 -18.27 9.24
N SER A 577 16.55 -19.58 9.09
CA SER A 577 16.18 -20.27 7.85
C SER A 577 14.71 -20.13 7.49
N PHE A 578 14.44 -19.91 6.20
CA PHE A 578 13.11 -19.80 5.63
C PHE A 578 13.10 -20.29 4.19
N GLY A 579 11.95 -20.67 3.67
CA GLY A 579 11.82 -21.08 2.27
C GLY A 579 10.44 -21.62 1.93
N GLY A 580 10.15 -21.77 0.64
CA GLY A 580 8.90 -22.38 0.19
C GLY A 580 8.78 -23.85 0.61
N VAL A 581 7.58 -24.28 0.94
CA VAL A 581 7.22 -25.68 1.21
C VAL A 581 6.43 -26.18 0.03
N SER A 582 6.83 -27.32 -0.51
CA SER A 582 6.18 -27.93 -1.67
C SER A 582 5.79 -29.37 -1.39
N VAL A 583 4.62 -29.78 -1.84
CA VAL A 583 4.12 -31.15 -1.65
C VAL A 583 4.25 -31.90 -2.95
N ILE A 584 4.86 -33.09 -2.91
CA ILE A 584 5.02 -34.01 -4.02
C ILE A 584 3.97 -35.10 -3.82
N THR A 585 3.16 -35.37 -4.83
CA THR A 585 2.06 -36.32 -4.73
C THR A 585 1.90 -37.15 -6.01
N PRO A 586 1.56 -38.45 -5.92
CA PRO A 586 0.85 -39.14 -6.99
C PRO A 586 -0.53 -38.52 -7.17
N GLY A 587 -1.36 -39.01 -8.07
CA GLY A 587 -2.78 -38.62 -8.05
C GLY A 587 -3.44 -39.09 -6.76
N THR A 588 -4.27 -38.28 -6.10
CA THR A 588 -5.09 -38.76 -4.96
C THR A 588 -6.05 -39.87 -5.40
N ASN A 589 -6.38 -39.91 -6.68
CA ASN A 589 -7.01 -41.04 -7.37
C ASN A 589 -6.30 -42.38 -7.09
N ALA A 590 -4.97 -42.37 -7.10
CA ALA A 590 -4.12 -43.54 -6.92
C ALA A 590 -3.70 -43.75 -5.47
N SER A 591 -3.26 -42.72 -4.75
CA SER A 591 -2.84 -42.84 -3.35
C SER A 591 -2.91 -41.53 -2.59
N SER A 592 -3.14 -41.59 -1.27
CA SER A 592 -3.13 -40.44 -0.35
C SER A 592 -1.79 -40.28 0.39
N GLU A 593 -0.75 -41.04 0.04
CA GLU A 593 0.61 -40.78 0.49
C GLU A 593 1.17 -39.52 -0.18
N VAL A 594 1.95 -38.73 0.56
CA VAL A 594 2.66 -37.55 0.03
C VAL A 594 4.05 -37.44 0.63
N ALA A 595 4.94 -36.77 -0.08
CA ALA A 595 6.27 -36.39 0.38
C ALA A 595 6.42 -34.88 0.27
N VAL A 596 7.27 -34.26 1.06
CA VAL A 596 7.33 -32.80 1.20
C VAL A 596 8.74 -32.31 1.02
N LEU A 597 8.91 -31.27 0.23
CA LEU A 597 10.19 -30.61 -0.03
C LEU A 597 10.20 -29.26 0.65
N TYR A 598 11.13 -29.07 1.58
CA TYR A 598 11.46 -27.76 2.12
C TYR A 598 12.53 -27.15 1.25
N GLN A 599 12.19 -26.12 0.48
CA GLN A 599 13.11 -25.58 -0.50
C GLN A 599 14.30 -24.88 0.16
N ASP A 600 15.45 -25.00 -0.48
CA ASP A 600 16.71 -24.31 -0.20
C ASP A 600 17.41 -24.57 1.15
N VAL A 601 16.70 -24.99 2.18
CA VAL A 601 17.26 -25.23 3.53
C VAL A 601 18.10 -26.49 3.66
N ASN A 602 18.96 -26.51 4.67
CA ASN A 602 19.74 -27.67 5.10
C ASN A 602 18.87 -28.54 6.02
N CYS A 603 18.79 -29.86 5.80
CA CYS A 603 17.98 -30.74 6.64
C CYS A 603 18.32 -30.68 8.14
N THR A 604 19.51 -30.23 8.51
CA THR A 604 19.90 -30.00 9.91
C THR A 604 18.94 -29.03 10.61
N ASP A 605 18.47 -27.99 9.93
CA ASP A 605 17.53 -27.02 10.50
C ASP A 605 16.09 -27.54 10.55
N VAL A 606 15.78 -28.56 9.75
CA VAL A 606 14.43 -29.10 9.62
C VAL A 606 14.14 -30.08 10.76
N SER A 607 12.89 -30.52 10.84
CA SER A 607 12.17 -30.94 12.06
C SER A 607 12.85 -31.93 12.99
N THR A 608 12.41 -31.93 14.25
CA THR A 608 12.59 -33.00 15.24
C THR A 608 11.77 -34.24 14.84
N ALA A 609 12.19 -34.90 13.76
CA ALA A 609 11.44 -35.89 12.99
C ALA A 609 11.47 -37.33 13.55
N ILE A 610 10.61 -38.19 13.00
CA ILE A 610 10.54 -39.64 13.26
C ILE A 610 10.69 -40.37 11.91
N HIS A 611 11.84 -41.00 11.66
CA HIS A 611 12.34 -41.30 10.30
C HIS A 611 11.69 -42.50 9.57
N ALA A 612 10.38 -42.67 9.69
CA ALA A 612 9.60 -43.56 8.83
C ALA A 612 9.49 -43.00 7.40
N ASP A 613 9.69 -43.82 6.38
CA ASP A 613 9.18 -43.52 5.03
C ASP A 613 7.64 -43.47 5.04
N GLN A 614 7.02 -42.89 4.00
CA GLN A 614 5.56 -42.80 3.78
C GLN A 614 4.77 -41.91 4.77
N LEU A 615 4.92 -42.06 6.09
CA LEU A 615 4.04 -41.42 7.09
C LEU A 615 4.62 -40.13 7.70
N THR A 616 4.03 -38.98 7.39
CA THR A 616 4.26 -37.69 8.07
C THR A 616 3.47 -37.60 9.39
N PRO A 617 4.08 -37.56 10.60
CA PRO A 617 3.39 -37.32 11.88
C PRO A 617 2.95 -35.85 12.04
N ALA A 618 2.18 -35.37 11.07
CA ALA A 618 2.15 -33.98 10.67
C ALA A 618 1.37 -33.02 11.57
N TRP A 619 0.31 -33.51 12.20
CA TRP A 619 -0.63 -32.69 12.99
C TRP A 619 0.10 -31.95 14.11
N ARG A 620 0.99 -32.68 14.80
CA ARG A 620 1.94 -32.16 15.80
C ARG A 620 3.24 -31.66 15.16
N ILE A 621 3.91 -32.49 14.36
CA ILE A 621 5.29 -32.23 13.91
C ILE A 621 5.30 -31.41 12.61
N TYR A 622 5.42 -30.09 12.68
CA TYR A 622 5.79 -29.22 11.54
C TYR A 622 4.94 -29.43 10.24
N SER A 623 3.65 -29.79 10.33
CA SER A 623 2.81 -30.27 9.20
C SER A 623 3.43 -31.42 8.37
N THR A 624 4.43 -32.14 8.89
CA THR A 624 5.31 -33.06 8.14
C THR A 624 5.89 -34.15 9.08
N GLY A 625 7.22 -34.28 9.23
CA GLY A 625 7.85 -34.88 10.42
C GLY A 625 8.58 -36.22 10.31
N ASN A 626 9.04 -36.68 9.14
CA ASN A 626 9.53 -38.07 8.96
C ASN A 626 10.79 -38.24 8.08
N ASN A 627 11.01 -39.42 7.44
CA ASN A 627 12.28 -39.83 6.79
C ASN A 627 12.90 -38.79 5.84
N VAL A 628 14.22 -38.59 5.91
CA VAL A 628 14.89 -37.39 5.40
C VAL A 628 15.91 -37.72 4.31
N PHE A 629 16.01 -36.86 3.31
CA PHE A 629 16.99 -36.90 2.23
C PHE A 629 17.37 -35.47 1.82
N GLN A 630 18.61 -35.22 1.40
CA GLN A 630 19.06 -33.88 1.00
C GLN A 630 19.29 -33.80 -0.51
N THR A 631 18.85 -32.71 -1.14
CA THR A 631 19.12 -32.39 -2.55
C THR A 631 19.54 -30.93 -2.69
N GLN A 632 20.08 -30.50 -3.83
CA GLN A 632 20.38 -29.07 -4.03
C GLN A 632 19.12 -28.19 -4.07
N ALA A 633 17.95 -28.75 -4.38
CA ALA A 633 16.70 -28.00 -4.29
C ALA A 633 16.27 -27.72 -2.84
N GLY A 634 16.83 -28.41 -1.85
CA GLY A 634 16.47 -28.33 -0.45
C GLY A 634 16.29 -29.70 0.19
N CYS A 635 15.61 -29.74 1.33
CA CYS A 635 15.47 -30.94 2.14
C CYS A 635 14.19 -31.68 1.77
N LEU A 636 14.29 -32.94 1.35
CA LEU A 636 13.17 -33.74 0.86
C LEU A 636 12.78 -34.78 1.90
N ILE A 637 11.51 -34.86 2.25
CA ILE A 637 11.01 -35.67 3.36
C ILE A 637 9.90 -36.61 2.90
N GLY A 638 10.00 -37.88 3.27
CA GLY A 638 8.98 -38.91 3.03
C GLY A 638 9.17 -39.74 1.76
N ALA A 639 9.97 -39.29 0.80
CA ALA A 639 10.38 -40.08 -0.35
C ALA A 639 11.62 -40.93 -0.06
N GLU A 640 11.80 -42.05 -0.75
CA GLU A 640 12.97 -42.92 -0.61
C GLU A 640 13.95 -42.75 -1.76
N HIS A 641 15.24 -42.54 -1.49
CA HIS A 641 16.23 -42.47 -2.54
C HIS A 641 16.43 -43.85 -3.20
N VAL A 642 16.40 -43.91 -4.52
CA VAL A 642 16.55 -45.13 -5.32
C VAL A 642 17.68 -44.96 -6.33
N ASP A 643 18.63 -45.89 -6.34
CA ASP A 643 19.80 -45.82 -7.22
C ASP A 643 19.50 -46.08 -8.70
N THR A 644 18.54 -46.94 -9.04
CA THR A 644 18.16 -47.16 -10.45
C THR A 644 17.51 -45.92 -11.02
N SER A 645 18.06 -45.36 -12.11
CA SER A 645 17.44 -44.25 -12.83
C SER A 645 16.22 -44.70 -13.66
N TYR A 646 15.38 -43.73 -14.00
CA TYR A 646 14.17 -43.85 -14.81
C TYR A 646 13.97 -42.53 -15.57
N GLU A 647 13.04 -42.45 -16.52
CA GLU A 647 12.65 -41.13 -17.04
C GLU A 647 12.06 -40.25 -15.93
N CYS A 648 12.18 -38.93 -16.07
CA CYS A 648 11.73 -38.01 -15.02
C CYS A 648 10.20 -37.90 -14.98
N ASP A 649 9.57 -38.40 -13.92
CA ASP A 649 8.11 -38.35 -13.78
C ASP A 649 7.65 -37.01 -13.17
N ILE A 650 7.96 -36.75 -11.89
CA ILE A 650 7.73 -35.47 -11.22
C ILE A 650 9.09 -34.78 -11.04
N PRO A 651 9.33 -33.58 -11.56
CA PRO A 651 10.63 -32.93 -11.49
C PRO A 651 10.88 -32.29 -10.14
N ILE A 652 12.14 -32.27 -9.66
CA ILE A 652 12.53 -31.58 -8.41
C ILE A 652 13.63 -30.55 -8.65
N GLY A 653 14.74 -30.92 -9.27
CA GLY A 653 15.85 -30.01 -9.56
C GLY A 653 17.22 -30.68 -9.50
N ALA A 654 18.24 -30.09 -10.10
CA ALA A 654 19.61 -30.62 -10.10
C ALA A 654 19.68 -32.09 -10.54
N GLY A 655 18.86 -32.49 -11.52
CA GLY A 655 18.76 -33.85 -12.04
C GLY A 655 17.94 -34.82 -11.18
N ILE A 656 17.50 -34.44 -9.98
CA ILE A 656 16.61 -35.26 -9.15
C ILE A 656 15.18 -35.18 -9.66
N CYS A 657 14.50 -36.31 -9.72
CA CYS A 657 13.06 -36.44 -9.97
C CYS A 657 12.44 -37.42 -8.99
N ALA A 658 11.12 -37.42 -8.85
CA ALA A 658 10.38 -38.34 -8.01
C ALA A 658 9.23 -39.00 -8.77
N SER A 659 8.79 -40.17 -8.33
CA SER A 659 7.69 -40.94 -8.94
C SER A 659 7.05 -41.87 -7.93
N TYR A 660 5.86 -42.40 -8.24
CA TYR A 660 5.23 -43.43 -7.42
C TYR A 660 5.50 -44.81 -8.03
N HIS A 661 6.25 -45.65 -7.33
CA HIS A 661 6.91 -46.83 -7.90
C HIS A 661 6.87 -47.99 -6.92
N THR A 662 6.77 -49.23 -7.42
CA THR A 662 7.09 -50.41 -6.61
C THR A 662 8.55 -50.38 -6.21
N VAL A 663 8.87 -50.66 -4.94
CA VAL A 663 10.24 -50.60 -4.43
C VAL A 663 10.64 -51.77 -3.53
N SER A 664 9.71 -52.35 -2.77
CA SER A 664 10.00 -53.49 -1.89
C SER A 664 8.77 -54.38 -1.72
N LEU A 665 8.83 -55.56 -2.32
CA LEU A 665 7.74 -56.54 -2.43
C LEU A 665 7.27 -57.08 -1.06
N LEU A 666 8.07 -56.87 -0.01
CA LEU A 666 7.76 -57.24 1.37
C LEU A 666 6.64 -56.40 2.00
N ARG A 667 6.34 -55.23 1.42
CA ARG A 667 5.39 -54.25 1.97
C ARG A 667 3.93 -54.44 1.53
N SER A 668 3.56 -55.60 0.98
CA SER A 668 2.26 -55.82 0.32
C SER A 668 1.98 -54.73 -0.74
N THR A 669 0.76 -54.24 -0.95
CA THR A 669 0.46 -53.20 -1.98
C THR A 669 1.23 -51.90 -1.74
N SER A 670 1.50 -51.54 -0.48
CA SER A 670 2.44 -50.46 -0.10
C SER A 670 3.91 -50.72 -0.48
N GLN A 671 4.20 -51.80 -1.21
CA GLN A 671 5.38 -51.88 -2.06
C GLN A 671 5.46 -50.69 -3.01
N LYS A 672 4.33 -50.09 -3.41
CA LYS A 672 4.30 -48.79 -4.07
C LYS A 672 4.46 -47.66 -3.06
N SER A 673 5.57 -46.95 -3.14
CA SER A 673 5.88 -45.76 -2.35
C SER A 673 6.46 -44.66 -3.25
N ILE A 674 6.54 -43.42 -2.75
CA ILE A 674 7.19 -42.36 -3.50
C ILE A 674 8.72 -42.54 -3.45
N VAL A 675 9.36 -42.58 -4.60
CA VAL A 675 10.81 -42.73 -4.74
C VAL A 675 11.42 -41.51 -5.42
N ALA A 676 12.68 -41.21 -5.12
CA ALA A 676 13.43 -40.12 -5.73
C ALA A 676 14.76 -40.62 -6.30
N TYR A 677 15.17 -40.14 -7.46
CA TYR A 677 16.25 -40.72 -8.27
C TYR A 677 16.87 -39.67 -9.20
N THR A 678 18.06 -39.93 -9.72
CA THR A 678 18.66 -39.12 -10.79
C THR A 678 18.05 -39.52 -12.13
N MET A 679 17.49 -38.59 -12.90
CA MET A 679 16.78 -38.91 -14.14
C MET A 679 17.69 -39.49 -15.23
N SER A 680 17.16 -40.43 -16.01
CA SER A 680 17.79 -40.93 -17.24
C SER A 680 17.56 -39.95 -18.39
N LEU A 681 18.59 -39.66 -19.19
CA LEU A 681 18.51 -38.70 -20.29
C LEU A 681 17.90 -39.31 -21.56
N GLY A 682 17.91 -40.63 -21.71
CA GLY A 682 17.43 -41.36 -22.87
C GLY A 682 18.04 -42.75 -22.97
N ALA A 683 17.46 -43.63 -23.78
CA ALA A 683 17.96 -44.99 -23.98
C ALA A 683 19.39 -44.99 -24.54
N ASP A 684 20.29 -45.72 -23.90
CA ASP A 684 21.69 -45.82 -24.32
C ASP A 684 21.81 -46.55 -25.65
N SER A 685 22.72 -46.14 -26.53
CA SER A 685 22.86 -46.71 -27.86
C SER A 685 24.27 -46.57 -28.42
N SER A 686 24.59 -47.39 -29.40
CA SER A 686 25.93 -47.48 -29.98
C SER A 686 25.83 -47.63 -31.49
N ILE A 687 25.99 -46.53 -32.21
CA ILE A 687 26.10 -46.54 -33.66
C ILE A 687 27.45 -47.18 -34.00
N ALA A 688 27.43 -48.30 -34.71
CA ALA A 688 28.63 -49.03 -35.08
C ALA A 688 29.33 -48.35 -36.25
N TYR A 689 30.05 -47.24 -36.01
CA TYR A 689 30.72 -46.50 -37.07
C TYR A 689 31.62 -47.42 -37.88
N SER A 690 31.52 -47.33 -39.20
CA SER A 690 32.35 -48.13 -40.09
C SER A 690 32.93 -47.27 -41.18
N ASN A 691 34.20 -47.52 -41.44
CA ASN A 691 35.00 -46.95 -42.50
C ASN A 691 34.47 -47.27 -43.92
N ASN A 692 33.68 -48.33 -44.10
CA ASN A 692 33.23 -48.80 -45.42
C ASN A 692 31.85 -49.50 -45.43
N THR A 693 31.03 -49.35 -44.40
CA THR A 693 29.68 -49.95 -44.33
C THR A 693 28.64 -48.86 -44.28
N ILE A 694 27.51 -49.05 -44.97
CA ILE A 694 26.36 -48.16 -44.93
C ILE A 694 25.10 -48.95 -44.60
N ALA A 695 24.19 -48.39 -43.81
CA ALA A 695 22.89 -49.00 -43.56
C ALA A 695 21.81 -48.36 -44.42
N ILE A 696 21.02 -49.16 -45.14
CA ILE A 696 19.98 -48.67 -46.06
C ILE A 696 18.63 -49.35 -45.70
N PRO A 697 17.52 -48.61 -45.61
CA PRO A 697 16.24 -49.19 -45.25
C PRO A 697 15.71 -50.15 -46.30
N THR A 698 15.14 -51.29 -45.90
CA THR A 698 14.41 -52.20 -46.78
C THR A 698 12.90 -52.03 -46.70
N ASN A 699 12.38 -51.36 -45.68
CA ASN A 699 10.95 -51.16 -45.50
C ASN A 699 10.64 -49.82 -44.84
N PHE A 700 9.40 -49.38 -44.96
CA PHE A 700 8.94 -48.08 -44.51
C PHE A 700 7.58 -48.18 -43.82
N SER A 701 7.25 -47.17 -43.04
CA SER A 701 6.00 -47.08 -42.30
C SER A 701 5.42 -45.70 -42.45
N ILE A 702 4.17 -45.59 -42.85
CA ILE A 702 3.43 -44.32 -42.84
C ILE A 702 3.00 -44.02 -41.40
N SER A 703 2.87 -42.75 -41.04
CA SER A 703 2.47 -42.33 -39.69
C SER A 703 1.57 -41.11 -39.74
N ILE A 704 0.72 -40.93 -38.73
CA ILE A 704 -0.09 -39.75 -38.52
C ILE A 704 0.25 -39.18 -37.16
N THR A 705 0.73 -37.94 -37.07
CA THR A 705 1.02 -37.31 -35.77
C THR A 705 0.18 -36.06 -35.56
N THR A 706 -0.58 -36.02 -34.47
CA THR A 706 -1.31 -34.84 -34.02
C THR A 706 -0.35 -33.72 -33.64
N GLU A 707 -0.68 -32.47 -33.98
CA GLU A 707 -0.09 -31.28 -33.39
C GLU A 707 -1.19 -30.29 -33.02
N VAL A 708 -1.18 -29.75 -31.80
CA VAL A 708 -2.25 -28.92 -31.23
C VAL A 708 -1.75 -27.51 -31.03
N MET A 709 -2.48 -26.49 -31.49
CA MET A 709 -2.06 -25.09 -31.30
C MET A 709 -3.18 -24.17 -30.83
N PRO A 710 -2.97 -23.31 -29.84
CA PRO A 710 -3.90 -22.24 -29.52
C PRO A 710 -3.82 -21.12 -30.56
N VAL A 711 -4.95 -20.46 -30.81
CA VAL A 711 -5.08 -19.39 -31.81
C VAL A 711 -5.75 -18.14 -31.25
N SER A 712 -6.65 -18.24 -30.27
CA SER A 712 -7.32 -17.06 -29.71
C SER A 712 -7.76 -17.22 -28.26
N MET A 713 -7.90 -16.10 -27.55
CA MET A 713 -8.46 -16.01 -26.19
C MET A 713 -9.95 -15.70 -26.20
N ALA A 714 -10.60 -15.78 -25.04
CA ALA A 714 -11.93 -15.20 -24.84
C ALA A 714 -11.90 -13.66 -24.96
N LYS A 715 -12.63 -13.09 -25.91
CA LYS A 715 -12.78 -11.63 -26.07
C LYS A 715 -13.49 -11.05 -24.85
N THR A 716 -12.89 -10.09 -24.15
CA THR A 716 -13.39 -9.62 -22.83
C THR A 716 -13.57 -8.11 -22.81
N SER A 717 -14.51 -7.59 -22.03
CA SER A 717 -14.58 -6.15 -21.74
C SER A 717 -15.10 -5.91 -20.33
N VAL A 718 -14.77 -4.76 -19.73
CA VAL A 718 -15.13 -4.45 -18.34
C VAL A 718 -15.71 -3.05 -18.22
N ASP A 719 -16.93 -2.93 -17.67
CA ASP A 719 -17.54 -1.65 -17.32
C ASP A 719 -16.91 -1.11 -16.03
N CYS A 720 -15.74 -0.50 -16.14
CA CYS A 720 -14.92 -0.06 -15.01
C CYS A 720 -15.68 0.82 -14.02
N ASN A 721 -16.57 1.69 -14.49
CA ASN A 721 -17.36 2.53 -13.59
C ASN A 721 -18.34 1.69 -12.76
N MET A 722 -18.90 0.61 -13.30
CA MET A 722 -19.67 -0.32 -12.47
C MET A 722 -18.77 -1.19 -11.58
N TYR A 723 -17.64 -1.67 -12.09
CA TYR A 723 -16.72 -2.50 -11.31
C TYR A 723 -16.21 -1.76 -10.07
N ILE A 724 -15.75 -0.52 -10.24
CA ILE A 724 -15.26 0.31 -9.14
C ILE A 724 -16.41 0.69 -8.19
N CYS A 725 -17.51 1.25 -8.71
CA CYS A 725 -18.50 1.95 -7.89
C CYS A 725 -19.82 1.23 -7.62
N GLY A 726 -20.22 0.20 -8.34
CA GLY A 726 -21.46 -0.53 -8.03
C GLY A 726 -22.73 0.34 -7.99
N ASP A 727 -22.82 1.37 -8.82
CA ASP A 727 -23.90 2.38 -8.82
C ASP A 727 -24.01 3.24 -7.54
N SER A 728 -22.96 3.33 -6.73
CA SER A 728 -22.79 4.46 -5.81
C SER A 728 -22.50 5.74 -6.59
N THR A 729 -23.43 6.69 -6.56
CA THR A 729 -23.30 7.98 -7.25
C THR A 729 -22.11 8.79 -6.75
N GLU A 730 -21.85 8.73 -5.44
CA GLU A 730 -20.73 9.47 -4.86
C GLU A 730 -19.37 8.92 -5.28
N CYS A 731 -19.22 7.60 -5.35
CA CYS A 731 -18.04 7.01 -5.96
C CYS A 731 -17.90 7.43 -7.42
N ALA A 732 -19.00 7.45 -8.17
CA ALA A 732 -18.98 7.89 -9.56
C ALA A 732 -18.50 9.35 -9.69
N ASN A 733 -18.84 10.24 -8.74
CA ASN A 733 -18.26 11.58 -8.69
C ASN A 733 -16.74 11.54 -8.49
N LEU A 734 -16.28 10.84 -7.45
CA LEU A 734 -14.87 10.87 -7.05
C LEU A 734 -13.95 10.24 -8.09
N LEU A 735 -14.44 9.27 -8.88
CA LEU A 735 -13.68 8.61 -9.94
C LEU A 735 -13.19 9.60 -11.01
N LEU A 736 -13.96 10.64 -11.30
CA LEU A 736 -13.66 11.58 -12.39
C LEU A 736 -12.34 12.32 -12.19
N GLN A 737 -11.93 12.50 -10.94
CA GLN A 737 -10.69 13.19 -10.55
C GLN A 737 -9.43 12.50 -11.09
N TYR A 738 -9.51 11.20 -11.40
CA TYR A 738 -8.39 10.42 -11.93
C TYR A 738 -8.22 10.60 -13.46
N GLY A 739 -9.18 11.21 -14.16
CA GLY A 739 -9.06 11.50 -15.59
C GLY A 739 -9.34 10.31 -16.51
N SER A 740 -8.46 10.07 -17.48
CA SER A 740 -8.71 9.22 -18.64
C SER A 740 -8.84 7.71 -18.39
N PHE A 741 -8.52 7.20 -17.18
CA PHE A 741 -8.31 5.76 -16.97
C PHE A 741 -9.46 4.88 -17.45
N CYS A 742 -10.72 5.19 -17.15
CA CYS A 742 -11.83 4.33 -17.56
C CYS A 742 -11.99 4.24 -19.10
N THR A 743 -11.63 5.27 -19.84
CA THR A 743 -11.59 5.19 -21.32
C THR A 743 -10.34 4.47 -21.79
N GLN A 744 -9.18 4.80 -21.21
CA GLN A 744 -7.89 4.18 -21.54
C GLN A 744 -7.93 2.65 -21.43
N LEU A 745 -8.45 2.10 -20.33
CA LEU A 745 -8.53 0.64 -20.15
C LEU A 745 -9.46 0.00 -21.19
N ASN A 746 -10.59 0.62 -21.50
CA ASN A 746 -11.49 0.12 -22.55
C ASN A 746 -10.89 0.20 -23.95
N ARG A 747 -10.07 1.22 -24.24
CA ARG A 747 -9.31 1.31 -25.50
C ARG A 747 -8.34 0.13 -25.61
N ALA A 748 -7.60 -0.14 -24.55
CA ALA A 748 -6.64 -1.25 -24.51
C ALA A 748 -7.32 -2.61 -24.70
N LEU A 749 -8.40 -2.90 -23.98
CA LEU A 749 -9.13 -4.16 -24.15
C LEU A 749 -9.82 -4.27 -25.51
N SER A 750 -10.26 -3.17 -26.11
CA SER A 750 -10.83 -3.21 -27.46
C SER A 750 -9.79 -3.62 -28.50
N GLY A 751 -8.53 -3.20 -28.35
CA GLY A 751 -7.44 -3.67 -29.20
C GLY A 751 -7.22 -5.17 -29.10
N ILE A 752 -7.12 -5.70 -27.88
CA ILE A 752 -6.97 -7.15 -27.62
C ILE A 752 -8.16 -7.93 -28.17
N ALA A 753 -9.37 -7.45 -27.96
CA ALA A 753 -10.58 -8.15 -28.39
C ALA A 753 -10.69 -8.22 -29.92
N ALA A 754 -10.43 -7.14 -30.63
CA ALA A 754 -10.45 -7.14 -32.10
C ALA A 754 -9.43 -8.11 -32.69
N GLU A 755 -8.26 -8.20 -32.08
CA GLU A 755 -7.19 -9.05 -32.57
C GLU A 755 -7.52 -10.54 -32.54
N GLN A 756 -8.41 -11.02 -31.68
CA GLN A 756 -8.78 -12.43 -31.65
C GLN A 756 -9.49 -12.86 -32.95
N ASP A 757 -10.23 -11.96 -33.58
CA ASP A 757 -10.81 -12.21 -34.88
C ASP A 757 -9.77 -12.13 -35.98
N ARG A 758 -8.76 -11.25 -35.89
CA ARG A 758 -7.63 -11.25 -36.83
C ARG A 758 -6.89 -12.58 -36.78
N ASN A 759 -6.53 -13.07 -35.60
CA ASN A 759 -5.87 -14.37 -35.46
C ASN A 759 -6.69 -15.49 -36.09
N THR A 760 -7.96 -15.61 -35.71
CA THR A 760 -8.80 -16.69 -36.19
C THR A 760 -9.00 -16.61 -37.70
N ARG A 761 -9.10 -15.41 -38.26
CA ARG A 761 -9.23 -15.21 -39.70
C ARG A 761 -7.97 -15.56 -40.45
N GLU A 762 -6.79 -15.17 -39.99
CA GLU A 762 -5.54 -15.45 -40.70
C GLU A 762 -5.14 -16.93 -40.72
N VAL A 763 -5.51 -17.70 -39.69
CA VAL A 763 -5.24 -19.13 -39.69
C VAL A 763 -6.16 -19.88 -40.63
N PHE A 764 -7.47 -19.62 -40.63
CA PHE A 764 -8.42 -20.41 -41.39
C PHE A 764 -8.77 -19.87 -42.78
N ALA A 765 -8.84 -18.55 -42.98
CA ALA A 765 -9.30 -17.96 -44.24
C ALA A 765 -8.26 -17.96 -45.38
N GLN A 766 -7.31 -18.90 -45.36
CA GLN A 766 -6.29 -19.00 -46.41
C GLN A 766 -6.85 -19.58 -47.72
N VAL A 767 -7.97 -20.31 -47.67
CA VAL A 767 -8.61 -20.86 -48.86
C VAL A 767 -9.26 -19.77 -49.74
N LYS A 768 -9.08 -19.84 -51.05
CA LYS A 768 -9.62 -18.87 -52.01
C LYS A 768 -11.14 -19.01 -52.18
N GLN A 769 -11.62 -20.24 -52.31
CA GLN A 769 -12.99 -20.62 -52.64
C GLN A 769 -13.47 -21.68 -51.66
N MET A 770 -14.76 -21.76 -51.37
CA MET A 770 -15.30 -22.83 -50.53
C MET A 770 -15.62 -24.06 -51.38
N TYR A 771 -14.64 -24.95 -51.55
CA TYR A 771 -14.86 -26.18 -52.33
C TYR A 771 -15.90 -27.08 -51.65
N LYS A 772 -16.91 -27.52 -52.40
CA LYS A 772 -17.92 -28.47 -51.93
C LYS A 772 -17.26 -29.79 -51.55
N THR A 773 -17.59 -30.33 -50.37
CA THR A 773 -17.13 -31.67 -49.95
C THR A 773 -17.75 -32.75 -50.85
N PRO A 774 -16.97 -33.65 -51.48
CA PRO A 774 -17.51 -34.54 -52.49
C PRO A 774 -18.34 -35.68 -51.90
N THR A 775 -19.17 -36.33 -52.73
CA THR A 775 -20.05 -37.43 -52.32
C THR A 775 -19.26 -38.67 -51.91
N LEU A 776 -18.28 -39.07 -52.70
CA LEU A 776 -17.38 -40.20 -52.43
C LEU A 776 -16.34 -39.82 -51.38
N LYS A 777 -16.31 -40.48 -50.23
CA LYS A 777 -15.39 -40.19 -49.11
C LYS A 777 -14.12 -41.06 -49.11
N TYR A 778 -13.78 -41.66 -50.24
CA TYR A 778 -12.84 -42.77 -50.33
C TYR A 778 -12.09 -42.74 -51.68
N PHE A 779 -10.81 -42.34 -51.69
CA PHE A 779 -10.05 -42.13 -52.91
C PHE A 779 -8.91 -43.14 -53.03
N GLY A 780 -8.88 -43.95 -54.08
CA GLY A 780 -7.78 -44.88 -54.35
C GLY A 780 -7.43 -45.85 -53.20
N GLY A 781 -8.38 -46.17 -52.34
CA GLY A 781 -8.21 -46.99 -51.12
C GLY A 781 -8.00 -46.19 -49.82
N PHE A 782 -7.67 -44.91 -49.89
CA PHE A 782 -7.51 -44.04 -48.73
C PHE A 782 -8.86 -43.53 -48.25
N ASN A 783 -9.16 -43.66 -46.96
CA ASN A 783 -10.48 -43.40 -46.41
C ASN A 783 -10.53 -42.07 -45.65
N PHE A 784 -11.15 -41.05 -46.26
CA PHE A 784 -11.28 -39.70 -45.69
C PHE A 784 -12.52 -39.51 -44.82
N SER A 785 -13.43 -40.48 -44.74
CA SER A 785 -14.75 -40.29 -44.14
C SER A 785 -14.75 -39.88 -42.66
N GLN A 786 -13.65 -40.07 -41.93
CA GLN A 786 -13.53 -39.64 -40.54
C GLN A 786 -13.02 -38.21 -40.36
N ILE A 787 -12.39 -37.61 -41.37
CA ILE A 787 -11.78 -36.26 -41.30
C ILE A 787 -12.56 -35.19 -42.07
N LEU A 788 -13.41 -35.56 -43.03
CA LEU A 788 -14.40 -34.65 -43.61
C LEU A 788 -15.71 -34.67 -42.79
N PRO A 789 -16.62 -33.69 -42.96
CA PRO A 789 -17.98 -33.77 -42.44
C PRO A 789 -18.79 -34.89 -43.07
N ASP A 790 -19.89 -35.25 -42.42
CA ASP A 790 -20.92 -36.14 -42.95
C ASP A 790 -22.27 -35.39 -43.02
N PRO A 791 -22.90 -35.24 -44.20
CA PRO A 791 -24.18 -34.52 -44.30
C PRO A 791 -25.37 -35.28 -43.71
N LEU A 792 -25.26 -36.61 -43.56
CA LEU A 792 -26.39 -37.46 -43.17
C LEU A 792 -26.66 -37.48 -41.66
N LYS A 793 -25.79 -36.87 -40.86
CA LYS A 793 -25.77 -36.99 -39.40
C LYS A 793 -25.21 -35.70 -38.75
N PRO A 794 -26.03 -34.65 -38.58
CA PRO A 794 -25.60 -33.42 -37.91
C PRO A 794 -25.16 -33.69 -36.46
N THR A 795 -24.36 -32.82 -35.82
CA THR A 795 -23.90 -31.50 -36.33
C THR A 795 -22.83 -31.58 -37.42
N LYS A 796 -22.63 -30.47 -38.12
CA LYS A 796 -21.86 -30.36 -39.37
C LYS A 796 -20.36 -30.14 -39.14
N ARG A 797 -19.71 -31.15 -38.57
CA ARG A 797 -18.26 -31.19 -38.31
C ARG A 797 -17.73 -32.57 -38.68
N SER A 798 -16.42 -32.72 -38.89
CA SER A 798 -15.85 -34.05 -39.05
C SER A 798 -15.99 -34.86 -37.77
N PHE A 799 -15.90 -36.18 -37.87
CA PHE A 799 -15.99 -37.01 -36.68
C PHE A 799 -14.88 -36.67 -35.67
N ILE A 800 -13.66 -36.44 -36.14
CA ILE A 800 -12.56 -36.04 -35.27
C ILE A 800 -12.78 -34.65 -34.66
N GLU A 801 -13.37 -33.69 -35.35
CA GLU A 801 -13.73 -32.41 -34.72
C GLU A 801 -14.76 -32.59 -33.61
N ASP A 802 -15.70 -33.54 -33.70
CA ASP A 802 -16.61 -33.80 -32.59
C ASP A 802 -15.90 -34.33 -31.35
N LEU A 803 -14.87 -35.17 -31.48
CA LEU A 803 -14.07 -35.54 -30.33
C LEU A 803 -13.37 -34.32 -29.74
N LEU A 804 -12.79 -33.47 -30.58
CA LEU A 804 -12.02 -32.30 -30.14
C LEU A 804 -12.91 -31.26 -29.44
N PHE A 805 -14.08 -30.92 -30.00
CA PHE A 805 -15.02 -30.00 -29.37
C PHE A 805 -15.62 -30.55 -28.07
N ASN A 806 -15.70 -31.87 -27.92
CA ASN A 806 -16.08 -32.48 -26.64
C ASN A 806 -14.97 -32.34 -25.59
N LYS A 807 -13.75 -32.84 -25.86
CA LYS A 807 -12.67 -32.99 -24.87
C LYS A 807 -11.97 -31.68 -24.42
N VAL A 808 -12.67 -30.54 -24.29
CA VAL A 808 -12.13 -29.31 -23.67
C VAL A 808 -13.13 -28.65 -22.71
N THR A 809 -12.64 -28.15 -21.57
CA THR A 809 -13.37 -27.35 -20.60
C THR A 809 -13.21 -25.87 -20.92
N LEU A 810 -14.32 -25.16 -21.10
CA LEU A 810 -14.39 -23.69 -21.02
C LEU A 810 -14.31 -23.25 -19.53
N ALA A 811 -14.59 -21.97 -19.23
CA ALA A 811 -14.24 -21.35 -17.94
C ALA A 811 -14.66 -22.18 -16.72
N ASP A 812 -15.90 -22.67 -16.73
CA ASP A 812 -16.24 -23.92 -16.04
C ASP A 812 -17.24 -24.78 -16.84
N ALA A 813 -17.84 -24.25 -17.92
CA ALA A 813 -18.54 -25.05 -18.92
C ALA A 813 -17.57 -25.98 -19.70
N GLY A 814 -18.05 -26.84 -20.59
CA GLY A 814 -17.20 -27.85 -21.24
C GLY A 814 -16.64 -28.89 -20.25
N PHE A 815 -15.72 -29.73 -20.69
CA PHE A 815 -15.10 -30.77 -19.86
C PHE A 815 -13.78 -31.29 -20.42
N MET A 816 -12.88 -31.74 -19.54
CA MET A 816 -11.68 -32.51 -19.88
C MET A 816 -11.08 -33.09 -18.58
N LYS A 817 -10.69 -34.37 -18.58
CA LYS A 817 -9.97 -35.04 -17.47
C LYS A 817 -8.97 -36.07 -18.00
N GLN A 818 -7.83 -36.18 -17.32
CA GLN A 818 -6.65 -36.94 -17.75
C GLN A 818 -6.74 -38.46 -17.45
N TYR A 819 -7.52 -38.86 -16.43
CA TYR A 819 -7.84 -40.26 -16.11
C TYR A 819 -8.80 -40.93 -17.12
N GLY A 820 -9.59 -40.13 -17.86
CA GLY A 820 -10.65 -40.60 -18.76
C GLY A 820 -12.00 -40.91 -18.08
N GLU A 821 -12.38 -40.17 -17.04
CA GLU A 821 -13.57 -40.42 -16.20
C GLU A 821 -14.62 -39.27 -16.24
N CYS A 822 -14.69 -38.48 -17.32
CA CYS A 822 -15.58 -37.30 -17.42
C CYS A 822 -16.21 -37.10 -18.82
N LEU A 823 -17.46 -36.62 -18.87
CA LEU A 823 -18.24 -36.28 -20.08
C LEU A 823 -19.34 -35.23 -19.75
N GLY A 824 -19.58 -34.27 -20.65
CA GLY A 824 -20.65 -33.25 -20.52
C GLY A 824 -20.25 -32.00 -19.72
N ASP A 825 -20.80 -30.83 -20.09
CA ASP A 825 -20.37 -29.54 -19.54
C ASP A 825 -20.52 -29.43 -18.02
N ILE A 826 -19.45 -29.03 -17.34
CA ILE A 826 -19.38 -28.91 -15.88
C ILE A 826 -20.14 -27.67 -15.35
N ASN A 827 -20.51 -26.71 -16.20
CA ASN A 827 -21.23 -25.47 -15.85
C ASN A 827 -21.96 -24.88 -17.08
N ALA A 828 -22.83 -23.88 -16.87
CA ALA A 828 -23.67 -23.29 -17.93
C ALA A 828 -22.84 -22.60 -19.04
N ARG A 829 -23.01 -23.04 -20.29
CA ARG A 829 -22.16 -22.66 -21.44
C ARG A 829 -22.35 -21.24 -21.95
N ASP A 830 -23.60 -20.79 -22.13
CA ASP A 830 -23.87 -19.41 -22.59
C ASP A 830 -23.56 -18.33 -21.53
N LEU A 831 -23.32 -18.76 -20.28
CA LEU A 831 -22.84 -17.92 -19.18
C LEU A 831 -21.36 -18.17 -18.80
N ILE A 832 -20.66 -19.05 -19.53
CA ILE A 832 -19.26 -19.54 -19.34
C ILE A 832 -18.98 -20.25 -18.01
N CYS A 833 -19.39 -19.62 -16.90
CA CYS A 833 -19.66 -20.18 -15.58
C CYS A 833 -20.32 -19.12 -14.68
N ALA A 834 -19.87 -17.86 -14.74
CA ALA A 834 -20.37 -16.73 -13.95
C ALA A 834 -19.98 -15.39 -14.61
N GLN A 835 -19.38 -14.46 -13.84
CA GLN A 835 -18.72 -13.21 -14.25
C GLN A 835 -19.56 -12.11 -14.92
N LYS A 836 -20.53 -12.43 -15.79
CA LYS A 836 -21.37 -11.50 -16.58
C LYS A 836 -22.25 -10.50 -15.78
N PHE A 837 -22.04 -10.38 -14.47
CA PHE A 837 -22.90 -9.67 -13.51
C PHE A 837 -22.15 -8.69 -12.60
N ASN A 838 -20.82 -8.61 -12.74
CA ASN A 838 -19.92 -7.86 -11.84
C ASN A 838 -19.31 -6.63 -12.51
N GLY A 839 -19.91 -6.15 -13.61
CA GLY A 839 -19.28 -5.21 -14.55
C GLY A 839 -18.42 -5.89 -15.62
N LEU A 840 -17.92 -7.10 -15.36
CA LEU A 840 -17.21 -7.95 -16.32
C LEU A 840 -18.16 -8.48 -17.39
N THR A 841 -17.66 -8.65 -18.62
CA THR A 841 -18.41 -9.21 -19.77
C THR A 841 -17.48 -10.00 -20.67
N VAL A 842 -18.01 -10.98 -21.39
CA VAL A 842 -17.29 -11.73 -22.43
C VAL A 842 -18.11 -11.72 -23.71
N LEU A 843 -17.45 -11.53 -24.85
CA LEU A 843 -18.10 -11.23 -26.13
C LEU A 843 -17.90 -12.35 -27.15
N PRO A 844 -18.84 -12.57 -28.08
CA PRO A 844 -18.72 -13.62 -29.08
C PRO A 844 -17.61 -13.36 -30.11
N PRO A 845 -17.03 -14.39 -30.73
CA PRO A 845 -16.11 -14.27 -31.86
C PRO A 845 -16.85 -13.84 -33.13
N LEU A 846 -16.16 -13.33 -34.14
CA LEU A 846 -16.81 -12.94 -35.40
C LEU A 846 -17.22 -14.14 -36.25
N LEU A 847 -16.41 -15.19 -36.28
CA LEU A 847 -16.71 -16.44 -36.98
C LEU A 847 -17.19 -17.48 -35.97
N THR A 848 -18.39 -18.04 -36.16
CA THR A 848 -18.91 -19.09 -35.28
C THR A 848 -18.19 -20.41 -35.51
N ASP A 849 -18.27 -21.36 -34.58
CA ASP A 849 -17.56 -22.64 -34.71
C ASP A 849 -17.99 -23.43 -35.95
N ASP A 850 -19.23 -23.27 -36.39
CA ASP A 850 -19.72 -23.80 -37.66
C ASP A 850 -18.99 -23.17 -38.88
N MET A 851 -18.73 -21.87 -38.86
CA MET A 851 -17.94 -21.25 -39.93
C MET A 851 -16.50 -21.77 -39.94
N ILE A 852 -15.89 -22.01 -38.76
CA ILE A 852 -14.56 -22.59 -38.72
C ILE A 852 -14.55 -24.01 -39.29
N ALA A 853 -15.52 -24.85 -38.90
CA ALA A 853 -15.66 -26.18 -39.46
C ALA A 853 -15.96 -26.15 -40.97
N ALA A 854 -16.52 -25.08 -41.52
CA ALA A 854 -16.65 -24.94 -42.97
C ALA A 854 -15.32 -24.63 -43.64
N TYR A 855 -14.44 -23.84 -43.05
CA TYR A 855 -13.10 -23.65 -43.60
C TYR A 855 -12.27 -24.92 -43.56
N THR A 856 -12.25 -25.69 -42.47
CA THR A 856 -11.50 -26.96 -42.46
C THR A 856 -12.09 -27.97 -43.44
N ALA A 857 -13.40 -28.10 -43.58
CA ALA A 857 -14.00 -28.94 -44.61
C ALA A 857 -13.63 -28.49 -46.04
N ALA A 858 -13.50 -27.18 -46.30
CA ALA A 858 -13.01 -26.69 -47.58
C ALA A 858 -11.54 -27.06 -47.81
N LEU A 859 -10.66 -26.85 -46.84
CA LEU A 859 -9.23 -27.16 -46.96
C LEU A 859 -8.95 -28.65 -47.14
N VAL A 860 -9.63 -29.53 -46.40
CA VAL A 860 -9.43 -30.98 -46.55
C VAL A 860 -9.97 -31.47 -47.89
N SER A 861 -11.15 -31.03 -48.33
CA SER A 861 -11.70 -31.47 -49.62
C SER A 861 -10.94 -30.91 -50.82
N GLY A 862 -10.39 -29.70 -50.72
CA GLY A 862 -9.44 -29.20 -51.72
C GLY A 862 -8.16 -30.04 -51.74
N THR A 863 -7.57 -30.32 -50.58
CA THR A 863 -6.37 -31.16 -50.48
C THR A 863 -6.58 -32.55 -51.07
N ALA A 864 -7.70 -33.18 -50.81
CA ALA A 864 -7.99 -34.52 -51.30
C ALA A 864 -8.21 -34.59 -52.81
N THR A 865 -8.67 -33.51 -53.45
CA THR A 865 -9.01 -33.52 -54.88
C THR A 865 -8.04 -32.74 -55.77
N ALA A 866 -7.16 -31.89 -55.21
CA ALA A 866 -6.33 -30.97 -55.98
C ALA A 866 -4.92 -30.68 -55.43
N GLY A 867 -4.50 -31.28 -54.32
CA GLY A 867 -3.12 -31.20 -53.83
C GLY A 867 -2.59 -29.79 -53.58
N TRP A 868 -1.32 -29.54 -53.89
CA TRP A 868 -0.69 -28.21 -53.68
C TRP A 868 -1.27 -27.12 -54.59
N THR A 869 -1.97 -27.48 -55.66
CA THR A 869 -2.27 -26.55 -56.77
C THR A 869 -3.10 -25.35 -56.32
N PHE A 870 -4.09 -25.55 -55.45
CA PHE A 870 -4.95 -24.48 -54.95
C PHE A 870 -4.21 -23.48 -54.04
N GLY A 871 -3.01 -23.84 -53.56
CA GLY A 871 -2.09 -22.96 -52.85
C GLY A 871 -1.15 -22.15 -53.74
N ALA A 872 -1.39 -22.10 -55.05
CA ALA A 872 -0.64 -21.29 -56.00
C ALA A 872 -1.56 -20.71 -57.09
N GLY A 873 -2.02 -21.54 -58.02
CA GLY A 873 -3.02 -21.19 -59.03
C GLY A 873 -4.46 -21.36 -58.55
N ALA A 874 -5.38 -21.68 -59.46
CA ALA A 874 -6.67 -22.27 -59.08
C ALA A 874 -6.49 -23.75 -58.68
N ALA A 875 -7.48 -24.36 -58.04
CA ALA A 875 -7.46 -25.80 -57.80
C ALA A 875 -7.54 -26.57 -59.13
N LEU A 876 -6.63 -27.53 -59.34
CA LEU A 876 -6.62 -28.42 -60.49
C LEU A 876 -6.92 -29.86 -60.04
N GLN A 877 -7.93 -30.53 -60.60
CA GLN A 877 -8.17 -31.92 -60.20
C GLN A 877 -7.00 -32.82 -60.63
N ILE A 878 -6.65 -33.76 -59.76
CA ILE A 878 -5.64 -34.80 -59.99
C ILE A 878 -6.02 -36.04 -59.17
N PRO A 879 -5.89 -37.27 -59.69
CA PRO A 879 -6.28 -38.46 -58.94
C PRO A 879 -5.43 -38.60 -57.68
N PHE A 880 -6.03 -38.97 -56.55
CA PHE A 880 -5.30 -38.94 -55.28
C PHE A 880 -4.07 -39.84 -55.27
N ALA A 881 -4.13 -41.00 -55.91
CA ALA A 881 -2.98 -41.88 -56.05
C ALA A 881 -1.80 -41.20 -56.74
N MET A 882 -2.04 -40.42 -57.78
CA MET A 882 -0.98 -39.69 -58.48
C MET A 882 -0.43 -38.54 -57.63
N GLN A 883 -1.31 -37.81 -56.94
CA GLN A 883 -0.87 -36.78 -56.00
C GLN A 883 0.03 -37.39 -54.91
N MET A 884 -0.27 -38.59 -54.42
CA MET A 884 0.61 -39.27 -53.48
C MET A 884 1.92 -39.71 -54.12
N ALA A 885 1.91 -40.22 -55.35
CA ALA A 885 3.16 -40.55 -56.03
C ALA A 885 4.08 -39.33 -56.19
N TYR A 886 3.56 -38.16 -56.54
CA TYR A 886 4.39 -36.95 -56.62
C TYR A 886 4.81 -36.41 -55.26
N ARG A 887 4.06 -36.65 -54.18
CA ARG A 887 4.56 -36.36 -52.82
C ARG A 887 5.61 -37.36 -52.34
N PHE A 888 5.54 -38.63 -52.73
CA PHE A 888 6.65 -39.58 -52.54
C PHE A 888 7.88 -39.12 -53.32
N ASN A 889 7.71 -38.71 -54.56
CA ASN A 889 8.82 -38.21 -55.37
C ASN A 889 9.47 -36.98 -54.72
N GLY A 890 8.68 -36.13 -54.05
CA GLY A 890 9.18 -34.96 -53.36
C GLY A 890 10.13 -35.26 -52.20
N ILE A 891 9.97 -36.40 -51.52
CA ILE A 891 10.88 -36.83 -50.43
C ILE A 891 12.02 -37.72 -50.95
N GLY A 892 12.22 -37.83 -52.25
CA GLY A 892 13.29 -38.65 -52.80
C GLY A 892 13.06 -40.17 -52.66
N VAL A 893 11.81 -40.61 -52.75
CA VAL A 893 11.44 -42.01 -52.96
C VAL A 893 10.82 -42.12 -54.35
N THR A 894 11.36 -42.96 -55.21
CA THR A 894 10.97 -43.00 -56.63
C THR A 894 9.51 -43.44 -56.83
N GLN A 895 8.80 -42.88 -57.80
CA GLN A 895 7.34 -43.04 -57.96
C GLN A 895 6.84 -44.48 -57.94
N ASN A 896 7.57 -45.40 -58.59
CA ASN A 896 7.15 -46.78 -58.72
C ASN A 896 6.97 -47.46 -57.36
N VAL A 897 7.71 -47.03 -56.33
CA VAL A 897 7.57 -47.57 -54.97
C VAL A 897 6.14 -47.41 -54.48
N LEU A 898 5.46 -46.30 -54.79
CA LEU A 898 4.07 -46.14 -54.39
C LEU A 898 3.16 -47.06 -55.17
N TYR A 899 3.19 -47.03 -56.50
CA TYR A 899 2.23 -47.80 -57.28
C TYR A 899 2.38 -49.30 -57.04
N GLU A 900 3.59 -49.80 -56.86
CA GLU A 900 3.82 -51.21 -56.53
C GLU A 900 3.34 -51.58 -55.12
N ASN A 901 3.12 -50.61 -54.22
CA ASN A 901 2.80 -50.85 -52.81
C ASN A 901 1.50 -50.15 -52.36
N GLN A 902 0.65 -49.70 -53.29
CA GLN A 902 -0.48 -48.84 -52.97
C GLN A 902 -1.44 -49.47 -51.96
N LYS A 903 -1.62 -50.79 -52.00
CA LYS A 903 -2.41 -51.54 -51.03
C LYS A 903 -1.89 -51.39 -49.61
N GLN A 904 -0.59 -51.60 -49.39
CA GLN A 904 0.00 -51.43 -48.06
C GLN A 904 -0.12 -49.99 -47.58
N ILE A 905 0.17 -49.03 -48.45
CA ILE A 905 0.16 -47.61 -48.08
C ILE A 905 -1.26 -47.19 -47.65
N ALA A 906 -2.29 -47.57 -48.40
CA ALA A 906 -3.65 -47.30 -48.00
C ALA A 906 -4.02 -48.00 -46.68
N ASN A 907 -3.65 -49.27 -46.49
CA ASN A 907 -3.95 -49.98 -45.25
C ASN A 907 -3.25 -49.33 -44.05
N GLN A 908 -2.00 -48.89 -44.17
CA GLN A 908 -1.31 -48.19 -43.09
C GLN A 908 -1.94 -46.83 -42.79
N PHE A 909 -2.35 -46.08 -43.81
CA PHE A 909 -3.04 -44.81 -43.62
C PHE A 909 -4.38 -44.98 -42.89
N ASN A 910 -5.25 -45.87 -43.37
CA ASN A 910 -6.58 -46.09 -42.78
C ASN A 910 -6.47 -46.56 -41.32
N LYS A 911 -5.51 -47.44 -41.01
CA LYS A 911 -5.22 -47.86 -39.63
C LYS A 911 -4.78 -46.70 -38.76
N ALA A 912 -3.84 -45.88 -39.21
CA ALA A 912 -3.36 -44.75 -38.43
C ALA A 912 -4.43 -43.71 -38.13
N ILE A 913 -5.33 -43.40 -39.07
CA ILE A 913 -6.50 -42.54 -38.80
C ILE A 913 -7.35 -43.10 -37.66
N SER A 914 -7.56 -44.42 -37.62
CA SER A 914 -8.36 -45.04 -36.55
C SER A 914 -7.66 -44.94 -35.19
N GLN A 915 -6.33 -44.99 -35.15
CA GLN A 915 -5.59 -44.82 -33.90
C GLN A 915 -5.63 -43.40 -33.35
N ILE A 916 -5.84 -42.38 -34.19
CA ILE A 916 -6.11 -41.02 -33.71
C ILE A 916 -7.45 -40.98 -32.95
N GLN A 917 -8.51 -41.60 -33.47
CA GLN A 917 -9.78 -41.67 -32.76
C GLN A 917 -9.65 -42.39 -31.43
N GLU A 918 -8.98 -43.55 -31.39
CA GLU A 918 -8.74 -44.27 -30.14
C GLU A 918 -7.99 -43.40 -29.13
N SER A 919 -6.96 -42.67 -29.55
CA SER A 919 -6.20 -41.80 -28.66
C SER A 919 -7.07 -40.67 -28.10
N LEU A 920 -7.74 -39.90 -28.95
CA LEU A 920 -8.60 -38.78 -28.53
C LEU A 920 -9.80 -39.25 -27.69
N THR A 921 -10.28 -40.46 -27.92
CA THR A 921 -11.34 -41.08 -27.10
C THR A 921 -10.81 -41.48 -25.71
N THR A 922 -9.55 -41.94 -25.62
CA THR A 922 -8.97 -42.49 -24.38
C THR A 922 -8.69 -41.41 -23.34
N THR A 923 -7.98 -40.34 -23.71
CA THR A 923 -7.59 -39.28 -22.75
C THR A 923 -7.40 -37.93 -23.42
N SER A 924 -7.66 -36.85 -22.68
CA SER A 924 -7.50 -35.47 -23.16
C SER A 924 -6.10 -34.89 -22.93
N THR A 925 -5.12 -35.64 -22.44
CA THR A 925 -3.77 -35.11 -22.12
C THR A 925 -3.04 -34.47 -23.31
N ALA A 926 -3.36 -34.87 -24.55
CA ALA A 926 -2.87 -34.22 -25.75
C ALA A 926 -3.37 -32.77 -25.91
N LEU A 927 -4.59 -32.47 -25.44
CA LEU A 927 -5.25 -31.17 -25.56
C LEU A 927 -4.91 -30.19 -24.44
N GLY A 928 -3.91 -30.49 -23.61
CA GLY A 928 -3.44 -29.63 -22.52
C GLY A 928 -3.22 -28.18 -22.93
N LYS A 929 -2.64 -27.92 -24.10
CA LYS A 929 -2.43 -26.55 -24.60
C LYS A 929 -3.72 -25.74 -24.75
N LEU A 930 -4.75 -26.32 -25.37
CA LEU A 930 -6.03 -25.64 -25.53
C LEU A 930 -6.72 -25.45 -24.17
N GLN A 931 -6.64 -26.44 -23.30
CA GLN A 931 -7.22 -26.34 -21.97
C GLN A 931 -6.55 -25.23 -21.14
N ASP A 932 -5.24 -25.05 -21.27
CA ASP A 932 -4.53 -24.05 -20.50
C ASP A 932 -4.93 -22.62 -20.86
N VAL A 933 -5.18 -22.32 -22.15
CA VAL A 933 -5.69 -21.01 -22.59
C VAL A 933 -6.94 -20.62 -21.83
N VAL A 934 -7.84 -21.57 -21.60
CA VAL A 934 -9.03 -21.32 -20.79
C VAL A 934 -8.66 -21.12 -19.33
N ASN A 935 -7.90 -22.02 -18.73
CA ASN A 935 -7.61 -21.97 -17.29
C ASN A 935 -6.93 -20.67 -16.89
N GLN A 936 -5.99 -20.14 -17.69
CA GLN A 936 -5.38 -18.86 -17.38
C GLN A 936 -6.39 -17.72 -17.38
N ASN A 937 -7.30 -17.65 -18.36
CA ASN A 937 -8.33 -16.63 -18.41
C ASN A 937 -9.34 -16.74 -17.25
N ALA A 938 -9.73 -17.95 -16.86
CA ALA A 938 -10.55 -18.16 -15.67
C ALA A 938 -9.87 -17.63 -14.40
N GLN A 939 -8.60 -17.97 -14.16
CA GLN A 939 -7.84 -17.43 -13.03
C GLN A 939 -7.69 -15.92 -13.07
N ALA A 940 -7.53 -15.33 -14.26
CA ALA A 940 -7.42 -13.89 -14.40
C ALA A 940 -8.71 -13.17 -13.98
N LEU A 941 -9.88 -13.60 -14.45
CA LEU A 941 -11.15 -13.00 -14.01
C LEU A 941 -11.46 -13.29 -12.55
N ASN A 942 -11.29 -14.51 -12.06
CA ASN A 942 -11.60 -14.79 -10.66
C ASN A 942 -10.71 -14.03 -9.69
N THR A 943 -9.44 -13.78 -10.01
CA THR A 943 -8.62 -12.91 -9.16
C THR A 943 -9.13 -11.48 -9.20
N LEU A 944 -9.48 -10.96 -10.38
CA LEU A 944 -10.03 -9.62 -10.50
C LEU A 944 -11.34 -9.45 -9.72
N VAL A 945 -12.18 -10.48 -9.67
CA VAL A 945 -13.40 -10.44 -8.86
C VAL A 945 -13.08 -10.51 -7.37
N LYS A 946 -12.20 -11.40 -6.92
CA LYS A 946 -11.86 -11.50 -5.49
C LYS A 946 -11.32 -10.19 -4.95
N GLN A 947 -10.53 -9.46 -5.73
CA GLN A 947 -10.04 -8.15 -5.31
C GLN A 947 -11.15 -7.10 -5.11
N LEU A 948 -12.40 -7.30 -5.52
CA LEU A 948 -13.50 -6.43 -5.09
C LEU A 948 -13.77 -6.53 -3.59
N SER A 949 -13.66 -7.73 -3.01
CA SER A 949 -13.93 -7.96 -1.59
C SER A 949 -12.85 -7.40 -0.66
N SER A 950 -11.64 -7.14 -1.19
CA SER A 950 -10.48 -6.71 -0.41
C SER A 950 -10.65 -5.34 0.22
N ASN A 951 -10.14 -5.20 1.44
CA ASN A 951 -10.37 -4.06 2.31
C ASN A 951 -9.56 -2.80 1.93
N PHE A 952 -8.35 -2.96 1.41
CA PHE A 952 -7.46 -1.87 0.97
C PHE A 952 -7.17 -0.76 2.00
N GLY A 953 -7.32 -1.02 3.30
CA GLY A 953 -7.12 -0.02 4.34
C GLY A 953 -8.28 0.97 4.49
N ALA A 954 -9.45 0.66 3.94
CA ALA A 954 -10.71 1.32 4.30
C ALA A 954 -11.34 0.68 5.55
N ILE A 955 -12.38 1.28 6.13
CA ILE A 955 -13.14 0.64 7.22
C ILE A 955 -13.92 -0.61 6.75
N SER A 956 -14.31 -0.67 5.48
CA SER A 956 -15.06 -1.77 4.87
C SER A 956 -14.85 -1.78 3.36
N SER A 957 -14.96 -2.94 2.71
CA SER A 957 -14.99 -3.05 1.25
C SER A 957 -16.39 -2.85 0.64
N VAL A 958 -17.39 -2.46 1.43
CA VAL A 958 -18.76 -2.19 0.96
C VAL A 958 -19.07 -0.69 1.01
N LEU A 959 -19.42 -0.08 -0.12
CA LEU A 959 -19.66 1.37 -0.20
C LEU A 959 -20.89 1.83 0.61
N ASN A 960 -21.94 1.01 0.69
CA ASN A 960 -23.09 1.32 1.54
C ASN A 960 -22.74 1.38 3.04
N ASP A 961 -21.75 0.63 3.53
CA ASP A 961 -21.28 0.79 4.91
C ASP A 961 -20.66 2.17 5.10
N ILE A 962 -19.72 2.52 4.24
CA ILE A 962 -18.98 3.77 4.34
C ILE A 962 -19.93 4.97 4.27
N LEU A 963 -20.89 4.94 3.34
CA LEU A 963 -21.86 6.01 3.17
C LEU A 963 -22.96 6.07 4.25
N SER A 964 -23.10 5.04 5.10
CA SER A 964 -24.06 5.06 6.22
C SER A 964 -23.39 5.30 7.58
N ARG A 965 -22.16 4.83 7.78
CA ARG A 965 -21.44 4.92 9.06
C ARG A 965 -20.74 6.25 9.32
N LEU A 966 -20.61 7.12 8.32
CA LEU A 966 -19.71 8.28 8.36
C LEU A 966 -20.29 9.54 7.72
N ASP A 967 -19.73 10.71 8.04
CA ASP A 967 -20.06 11.96 7.35
C ASP A 967 -19.27 12.08 6.04
N PRO A 968 -19.75 12.85 5.05
CA PRO A 968 -19.12 12.92 3.74
C PRO A 968 -17.61 13.23 3.77
N PRO A 969 -17.10 14.14 4.61
CA PRO A 969 -15.67 14.43 4.66
C PRO A 969 -14.79 13.28 5.15
N GLU A 970 -15.32 12.27 5.84
CA GLU A 970 -14.59 11.01 6.09
C GLU A 970 -14.86 9.99 4.99
N ALA A 971 -16.11 9.90 4.54
CA ALA A 971 -16.50 8.95 3.50
C ALA A 971 -15.66 9.14 2.23
N GLU A 972 -15.35 10.39 1.85
CA GLU A 972 -14.45 10.66 0.73
C GLU A 972 -13.08 10.00 0.88
N VAL A 973 -12.47 10.01 2.06
CA VAL A 973 -11.15 9.38 2.25
C VAL A 973 -11.26 7.86 2.20
N GLN A 974 -12.30 7.29 2.82
CA GLN A 974 -12.52 5.85 2.74
C GLN A 974 -12.77 5.38 1.30
N ILE A 975 -13.64 6.08 0.57
CA ILE A 975 -13.93 5.76 -0.82
C ILE A 975 -12.67 5.95 -1.68
N ASP A 976 -11.86 6.98 -1.46
CA ASP A 976 -10.64 7.19 -2.22
C ASP A 976 -9.64 6.03 -2.06
N ARG A 977 -9.53 5.45 -0.86
CA ARG A 977 -8.74 4.24 -0.64
C ARG A 977 -9.28 3.06 -1.44
N LEU A 978 -10.59 2.82 -1.44
CA LEU A 978 -11.17 1.78 -2.29
C LEU A 978 -10.97 2.05 -3.77
N ILE A 979 -11.24 3.26 -4.26
CA ILE A 979 -11.07 3.59 -5.68
C ILE A 979 -9.63 3.36 -6.10
N THR A 980 -8.66 3.84 -5.31
CA THR A 980 -7.26 3.64 -5.64
C THR A 980 -6.88 2.16 -5.67
N GLY A 981 -7.35 1.36 -4.72
CA GLY A 981 -7.10 -0.09 -4.70
C GLY A 981 -7.72 -0.81 -5.90
N ARG A 982 -9.00 -0.55 -6.18
CA ARG A 982 -9.71 -1.17 -7.31
C ARG A 982 -9.12 -0.75 -8.65
N LEU A 983 -8.77 0.52 -8.83
CA LEU A 983 -8.19 1.00 -10.08
C LEU A 983 -6.80 0.41 -10.34
N GLN A 984 -5.96 0.28 -9.32
CA GLN A 984 -4.70 -0.46 -9.43
C GLN A 984 -4.93 -1.94 -9.76
N SER A 985 -6.00 -2.55 -9.24
CA SER A 985 -6.34 -3.93 -9.61
C SER A 985 -6.73 -4.08 -11.08
N LEU A 986 -7.43 -3.12 -11.68
CA LEU A 986 -7.74 -3.16 -13.12
C LEU A 986 -6.51 -2.98 -13.99
N GLN A 987 -5.64 -2.00 -13.68
CA GLN A 987 -4.40 -1.81 -14.43
C GLN A 987 -3.54 -3.07 -14.45
N THR A 988 -3.52 -3.81 -13.34
CA THR A 988 -2.83 -5.10 -13.27
C THR A 988 -3.42 -6.10 -14.25
N TYR A 989 -4.73 -6.34 -14.21
CA TYR A 989 -5.38 -7.29 -15.10
C TYR A 989 -5.21 -6.94 -16.57
N VAL A 990 -5.44 -5.69 -16.98
CA VAL A 990 -5.27 -5.32 -18.39
C VAL A 990 -3.81 -5.46 -18.84
N THR A 991 -2.85 -5.19 -17.96
CA THR A 991 -1.43 -5.41 -18.29
C THR A 991 -1.10 -6.89 -18.46
N GLN A 992 -1.66 -7.77 -17.62
CA GLN A 992 -1.51 -9.22 -17.82
C GLN A 992 -2.12 -9.64 -19.15
N GLN A 993 -3.31 -9.15 -19.50
CA GLN A 993 -3.93 -9.50 -20.77
C GLN A 993 -3.15 -9.00 -21.97
N LEU A 994 -2.53 -7.81 -21.94
CA LEU A 994 -1.65 -7.37 -23.03
C LEU A 994 -0.51 -8.37 -23.24
N ILE A 995 0.13 -8.82 -22.17
CA ILE A 995 1.24 -9.78 -22.26
C ILE A 995 0.72 -11.13 -22.79
N ARG A 996 -0.37 -11.65 -22.25
CA ARG A 996 -0.95 -12.92 -22.69
C ARG A 996 -1.42 -12.87 -24.13
N ALA A 997 -2.02 -11.78 -24.57
CA ALA A 997 -2.44 -11.60 -25.94
C ALA A 997 -1.26 -11.62 -26.90
N ALA A 998 -0.15 -10.96 -26.56
CA ALA A 998 1.07 -11.02 -27.38
C ALA A 998 1.66 -12.42 -27.44
N GLU A 999 1.66 -13.15 -26.33
CA GLU A 999 2.07 -14.54 -26.28
C GLU A 999 1.19 -15.45 -27.15
N ILE A 1000 -0.13 -15.23 -27.20
CA ILE A 1000 -1.02 -15.98 -28.09
C ILE A 1000 -0.82 -15.60 -29.55
N ARG A 1001 -0.56 -14.32 -29.87
CA ARG A 1001 -0.32 -13.90 -31.26
C ARG A 1001 0.86 -14.64 -31.87
N ALA A 1002 1.94 -14.87 -31.14
CA ALA A 1002 3.07 -15.64 -31.64
C ALA A 1002 2.66 -17.06 -32.07
N SER A 1003 1.74 -17.68 -31.34
CA SER A 1003 1.18 -18.98 -31.72
C SER A 1003 0.19 -18.90 -32.87
N ALA A 1004 -0.59 -17.83 -33.00
CA ALA A 1004 -1.45 -17.65 -34.17
C ALA A 1004 -0.63 -17.44 -35.45
N ASN A 1005 0.47 -16.68 -35.43
CA ASN A 1005 1.35 -16.53 -36.58
C ASN A 1005 2.07 -17.83 -36.95
N LEU A 1006 2.55 -18.59 -35.96
CA LEU A 1006 3.13 -19.89 -36.21
C LEU A 1006 2.10 -20.85 -36.81
N ALA A 1007 0.88 -20.93 -36.27
CA ALA A 1007 -0.17 -21.75 -36.85
C ALA A 1007 -0.53 -21.32 -38.27
N ALA A 1008 -0.65 -20.03 -38.54
CA ALA A 1008 -0.90 -19.51 -39.89
C ALA A 1008 0.22 -19.89 -40.86
N THR A 1009 1.46 -19.99 -40.39
CA THR A 1009 2.59 -20.44 -41.21
C THR A 1009 2.49 -21.93 -41.49
N LYS A 1010 2.21 -22.76 -40.49
CA LYS A 1010 2.02 -24.20 -40.71
C LYS A 1010 0.88 -24.48 -41.67
N MET A 1011 -0.19 -23.71 -41.63
CA MET A 1011 -1.27 -23.83 -42.60
C MET A 1011 -0.75 -23.60 -44.02
N SER A 1012 0.01 -22.54 -44.27
CA SER A 1012 0.52 -22.27 -45.62
C SER A 1012 1.56 -23.28 -46.07
N GLU A 1013 2.48 -23.69 -45.20
CA GLU A 1013 3.60 -24.54 -45.62
C GLU A 1013 3.28 -26.03 -45.57
N CYS A 1014 2.62 -26.52 -44.53
CA CYS A 1014 2.34 -27.95 -44.37
C CYS A 1014 1.10 -28.39 -45.15
N VAL A 1015 0.01 -27.62 -45.12
CA VAL A 1015 -1.28 -28.05 -45.69
C VAL A 1015 -1.37 -27.73 -47.17
N LEU A 1016 -1.09 -26.49 -47.55
CA LEU A 1016 -1.11 -26.02 -48.95
C LEU A 1016 0.10 -26.49 -49.78
N GLY A 1017 1.07 -27.19 -49.20
CA GLY A 1017 2.32 -27.58 -49.88
C GLY A 1017 2.94 -28.86 -49.33
N GLN A 1018 4.28 -28.94 -49.36
CA GLN A 1018 5.05 -30.04 -48.79
C GLN A 1018 6.39 -29.53 -48.27
N SER A 1019 6.44 -29.00 -47.05
CA SER A 1019 7.66 -28.39 -46.53
C SER A 1019 8.78 -29.41 -46.38
N LYS A 1020 9.98 -29.06 -46.84
CA LYS A 1020 11.23 -29.81 -46.62
C LYS A 1020 11.99 -29.40 -45.34
N ARG A 1021 11.42 -28.50 -44.54
CA ARG A 1021 12.03 -28.06 -43.28
C ARG A 1021 11.94 -29.19 -42.26
N VAL A 1022 13.08 -29.78 -41.89
CA VAL A 1022 13.15 -30.95 -41.01
C VAL A 1022 12.42 -30.70 -39.69
N ASP A 1023 11.44 -31.54 -39.38
CA ASP A 1023 10.59 -31.46 -38.18
C ASP A 1023 9.76 -30.17 -38.03
N PHE A 1024 9.53 -29.39 -39.08
CA PHE A 1024 8.51 -28.33 -39.03
C PHE A 1024 7.10 -28.91 -39.12
N CYS A 1025 6.83 -29.77 -40.09
CA CYS A 1025 5.56 -30.50 -40.21
C CYS A 1025 5.78 -31.96 -39.82
N GLY A 1026 5.04 -32.45 -38.82
CA GLY A 1026 5.19 -33.81 -38.32
C GLY A 1026 6.60 -34.17 -37.84
N LYS A 1027 6.93 -35.47 -37.85
CA LYS A 1027 8.27 -36.03 -37.67
C LYS A 1027 8.51 -37.15 -38.66
N GLY A 1028 9.75 -37.34 -39.11
CA GLY A 1028 10.05 -38.12 -40.31
C GLY A 1028 9.96 -37.28 -41.58
N TYR A 1029 9.96 -37.92 -42.74
CA TYR A 1029 9.81 -37.22 -44.01
C TYR A 1029 8.34 -36.81 -44.22
N HIS A 1030 8.07 -35.56 -44.57
CA HIS A 1030 6.71 -35.03 -44.62
C HIS A 1030 6.00 -35.34 -45.93
N LEU A 1031 4.78 -35.89 -45.89
CA LEU A 1031 4.00 -36.18 -47.09
C LEU A 1031 2.90 -35.15 -47.33
N MET A 1032 2.00 -34.93 -46.38
CA MET A 1032 0.92 -33.93 -46.43
C MET A 1032 0.34 -33.71 -45.04
N SER A 1033 -0.54 -32.74 -44.84
CA SER A 1033 -1.16 -32.51 -43.53
C SER A 1033 -2.60 -32.05 -43.65
N PHE A 1034 -3.46 -32.42 -42.70
CA PHE A 1034 -4.87 -32.00 -42.68
C PHE A 1034 -5.17 -31.16 -41.43
N PRO A 1035 -5.78 -29.99 -41.54
CA PRO A 1035 -6.19 -29.22 -40.39
C PRO A 1035 -7.54 -29.70 -39.86
N GLN A 1036 -7.80 -29.50 -38.58
CA GLN A 1036 -9.07 -29.76 -37.90
C GLN A 1036 -9.35 -28.64 -36.91
N ALA A 1037 -10.61 -28.22 -36.78
CA ALA A 1037 -10.98 -27.17 -35.85
C ALA A 1037 -10.91 -27.65 -34.41
N ALA A 1038 -10.74 -26.74 -33.45
CA ALA A 1038 -10.88 -27.04 -32.03
C ALA A 1038 -11.25 -25.76 -31.27
N PRO A 1039 -11.88 -25.83 -30.09
CA PRO A 1039 -12.21 -24.65 -29.31
C PRO A 1039 -10.93 -23.85 -29.00
N HIS A 1040 -10.92 -22.54 -29.31
CA HIS A 1040 -9.77 -21.65 -29.12
C HIS A 1040 -8.49 -22.03 -29.88
N GLY A 1041 -8.53 -22.92 -30.88
CA GLY A 1041 -7.32 -23.38 -31.53
C GLY A 1041 -7.51 -24.12 -32.84
N VAL A 1042 -6.46 -24.84 -33.24
CA VAL A 1042 -6.42 -25.68 -34.45
C VAL A 1042 -5.61 -26.94 -34.15
N VAL A 1043 -5.89 -28.02 -34.84
CA VAL A 1043 -5.17 -29.28 -34.71
C VAL A 1043 -4.76 -29.76 -36.09
N PHE A 1044 -3.51 -30.17 -36.27
CA PHE A 1044 -2.99 -30.69 -37.53
C PHE A 1044 -2.78 -32.19 -37.42
N LEU A 1045 -3.22 -32.96 -38.41
CA LEU A 1045 -2.88 -34.35 -38.58
C LEU A 1045 -1.80 -34.46 -39.66
N HIS A 1046 -0.53 -34.42 -39.29
CA HIS A 1046 0.57 -34.54 -40.26
C HIS A 1046 0.75 -35.98 -40.71
N VAL A 1047 0.73 -36.25 -42.01
CA VAL A 1047 1.07 -37.55 -42.59
C VAL A 1047 2.56 -37.58 -42.88
N THR A 1048 3.30 -38.56 -42.40
CA THR A 1048 4.74 -38.67 -42.65
C THR A 1048 5.16 -40.08 -43.01
N TYR A 1049 6.28 -40.21 -43.69
CA TYR A 1049 6.91 -41.46 -44.09
C TYR A 1049 8.14 -41.68 -43.23
N VAL A 1050 8.23 -42.83 -42.55
CA VAL A 1050 9.36 -43.19 -41.70
C VAL A 1050 10.00 -44.49 -42.20
N PRO A 1051 11.25 -44.51 -42.68
CA PRO A 1051 11.93 -45.75 -42.98
C PRO A 1051 12.19 -46.54 -41.70
N SER A 1052 11.93 -47.85 -41.66
CA SER A 1052 11.74 -48.56 -40.38
C SER A 1052 12.37 -49.93 -40.23
N GLN A 1053 12.92 -50.54 -41.29
CA GLN A 1053 13.75 -51.75 -41.20
C GLN A 1053 14.97 -51.54 -42.08
N GLU A 1054 16.17 -51.95 -41.68
CA GLU A 1054 17.39 -51.66 -42.47
C GLU A 1054 18.34 -52.85 -42.59
N ARG A 1055 18.89 -53.01 -43.79
CA ARG A 1055 20.07 -53.84 -44.06
C ARG A 1055 21.32 -53.04 -43.79
N ASN A 1056 22.45 -53.72 -43.74
CA ASN A 1056 23.75 -53.21 -43.38
C ASN A 1056 24.76 -53.72 -44.42
N PHE A 1057 25.18 -52.87 -45.35
CA PHE A 1057 25.87 -53.23 -46.59
C PHE A 1057 27.29 -52.70 -46.68
N THR A 1058 28.19 -53.45 -47.30
CA THR A 1058 29.50 -52.93 -47.72
C THR A 1058 29.32 -51.94 -48.87
N THR A 1059 30.10 -50.86 -48.90
CA THR A 1059 29.94 -49.78 -49.88
C THR A 1059 31.28 -49.22 -50.37
N ALA A 1060 31.27 -48.47 -51.48
CA ALA A 1060 32.44 -47.85 -52.09
C ALA A 1060 32.08 -46.47 -52.64
N PRO A 1061 32.96 -45.46 -52.56
CA PRO A 1061 32.63 -44.09 -52.94
C PRO A 1061 32.41 -43.93 -54.45
N ALA A 1062 33.12 -44.71 -55.24
CA ALA A 1062 33.15 -44.69 -56.69
C ALA A 1062 33.66 -46.05 -57.17
N ILE A 1063 33.49 -46.38 -58.45
CA ILE A 1063 34.07 -47.61 -59.02
C ILE A 1063 34.95 -47.29 -60.22
N CYS A 1064 36.05 -48.02 -60.38
CA CYS A 1064 36.96 -47.87 -61.50
C CYS A 1064 36.80 -49.06 -62.44
N HIS A 1065 36.30 -48.77 -63.62
CA HIS A 1065 36.21 -49.71 -64.73
C HIS A 1065 37.51 -49.63 -65.53
N GLU A 1066 37.47 -49.32 -66.82
CA GLU A 1066 38.66 -49.08 -67.63
C GLU A 1066 39.20 -47.66 -67.45
N GLY A 1067 40.33 -47.53 -66.74
CA GLY A 1067 41.11 -46.30 -66.58
C GLY A 1067 40.49 -45.18 -65.73
N LYS A 1068 39.16 -45.09 -65.61
CA LYS A 1068 38.45 -43.92 -65.07
C LYS A 1068 37.46 -44.24 -63.97
N ALA A 1069 37.33 -43.31 -63.01
CA ALA A 1069 36.31 -43.40 -61.99
C ALA A 1069 34.92 -43.10 -62.56
N TYR A 1070 33.96 -43.95 -62.23
CA TYR A 1070 32.54 -43.73 -62.40
C TYR A 1070 31.90 -43.50 -61.03
N PHE A 1071 31.00 -42.53 -60.94
CA PHE A 1071 30.28 -42.16 -59.73
C PHE A 1071 28.77 -42.31 -59.96
N PRO A 1072 27.95 -42.57 -58.93
CA PRO A 1072 26.51 -42.63 -59.08
C PRO A 1072 25.93 -41.26 -59.43
N ARG A 1073 24.98 -41.17 -60.38
CA ARG A 1073 24.25 -39.91 -60.60
C ARG A 1073 23.43 -39.54 -59.36
N GLU A 1074 22.77 -40.53 -58.78
CA GLU A 1074 22.02 -40.43 -57.52
C GLU A 1074 21.93 -41.80 -56.86
N GLY A 1075 21.80 -41.83 -55.53
CA GLY A 1075 21.94 -43.08 -54.77
C GLY A 1075 23.39 -43.47 -54.51
N VAL A 1076 23.61 -44.71 -54.05
CA VAL A 1076 24.87 -45.21 -53.48
C VAL A 1076 25.27 -46.51 -54.14
N PHE A 1077 26.56 -46.77 -54.37
CA PHE A 1077 27.04 -48.11 -54.73
C PHE A 1077 27.11 -49.01 -53.49
N VAL A 1078 26.51 -50.20 -53.55
CA VAL A 1078 26.50 -51.16 -52.44
C VAL A 1078 26.70 -52.57 -52.94
N PHE A 1079 27.18 -53.43 -52.07
CA PHE A 1079 27.55 -54.80 -52.40
C PHE A 1079 26.54 -55.77 -51.81
N ASN A 1080 25.94 -56.59 -52.65
CA ASN A 1080 24.87 -57.54 -52.34
C ASN A 1080 25.42 -58.88 -51.82
N GLY A 1081 26.65 -58.92 -51.32
CA GLY A 1081 27.41 -60.14 -51.05
C GLY A 1081 27.92 -60.84 -52.31
N THR A 1082 27.12 -60.89 -53.37
CA THR A 1082 27.49 -61.45 -54.67
C THR A 1082 28.12 -60.44 -55.63
N SER A 1083 27.62 -59.21 -55.65
CA SER A 1083 27.73 -58.28 -56.77
C SER A 1083 27.63 -56.84 -56.32
N TRP A 1084 28.15 -55.90 -57.09
CA TRP A 1084 27.95 -54.48 -56.86
C TRP A 1084 26.70 -53.98 -57.59
N PHE A 1085 25.88 -53.18 -56.91
CA PHE A 1085 24.65 -52.59 -57.41
C PHE A 1085 24.57 -51.13 -56.98
N ILE A 1086 23.73 -50.34 -57.63
CA ILE A 1086 23.42 -48.96 -57.24
C ILE A 1086 21.98 -48.91 -56.70
N THR A 1087 21.72 -48.12 -55.65
CA THR A 1087 20.38 -47.99 -55.07
C THR A 1087 20.09 -46.59 -54.57
N GLN A 1088 18.84 -46.14 -54.67
CA GLN A 1088 18.35 -44.98 -53.91
C GLN A 1088 18.51 -45.25 -52.41
N ARG A 1089 18.86 -44.24 -51.60
CA ARG A 1089 19.19 -44.44 -50.18
C ARG A 1089 18.05 -44.27 -49.18
N ASN A 1090 16.85 -43.96 -49.64
CA ASN A 1090 15.64 -44.00 -48.81
C ASN A 1090 14.94 -45.37 -48.80
N PHE A 1091 15.24 -46.28 -49.72
CA PHE A 1091 14.57 -47.57 -49.86
C PHE A 1091 15.36 -48.51 -50.78
N PHE A 1092 15.89 -49.60 -50.26
CA PHE A 1092 16.79 -50.51 -50.98
C PHE A 1092 16.14 -51.04 -52.27
N SER A 1093 16.74 -50.74 -53.41
CA SER A 1093 16.21 -50.98 -54.76
C SER A 1093 17.33 -51.33 -55.72
N PRO A 1094 18.07 -52.43 -55.50
CA PRO A 1094 19.33 -52.71 -56.17
C PRO A 1094 19.15 -52.77 -57.68
N GLN A 1095 19.91 -51.95 -58.40
CA GLN A 1095 19.90 -51.87 -59.87
C GLN A 1095 21.29 -52.08 -60.45
N ILE A 1096 21.31 -52.57 -61.68
CA ILE A 1096 22.55 -52.75 -62.46
C ILE A 1096 23.28 -51.42 -62.59
N ILE A 1097 24.60 -51.44 -62.44
CA ILE A 1097 25.43 -50.27 -62.64
C ILE A 1097 25.70 -50.09 -64.14
N THR A 1098 25.39 -48.93 -64.69
CA THR A 1098 25.40 -48.70 -66.14
C THR A 1098 25.91 -47.32 -66.52
N THR A 1099 26.20 -47.12 -67.80
CA THR A 1099 26.41 -45.80 -68.40
C THR A 1099 25.24 -44.82 -68.22
N ASP A 1100 24.04 -45.28 -67.86
CA ASP A 1100 22.87 -44.42 -67.72
C ASP A 1100 22.79 -43.81 -66.32
N ASN A 1101 22.95 -44.62 -65.28
CA ASN A 1101 22.81 -44.23 -63.88
C ASN A 1101 24.13 -43.82 -63.20
N THR A 1102 25.20 -43.68 -63.96
CA THR A 1102 26.51 -43.19 -63.49
C THR A 1102 27.08 -42.12 -64.41
N PHE A 1103 28.04 -41.36 -63.93
CA PHE A 1103 28.81 -40.40 -64.73
C PHE A 1103 30.31 -40.52 -64.45
N VAL A 1104 31.13 -40.13 -65.40
CA VAL A 1104 32.60 -40.26 -65.35
C VAL A 1104 33.27 -39.02 -64.79
N SER A 1105 34.38 -39.18 -64.06
CA SER A 1105 35.36 -38.11 -63.88
C SER A 1105 36.79 -38.63 -63.66
N GLY A 1106 37.79 -37.86 -64.05
CA GLY A 1106 39.19 -38.10 -63.69
C GLY A 1106 39.74 -39.44 -64.16
N ASN A 1107 40.57 -40.05 -63.32
CA ASN A 1107 41.21 -41.34 -63.56
C ASN A 1107 41.16 -42.22 -62.29
N CYS A 1108 41.45 -43.51 -62.45
CA CYS A 1108 41.33 -44.53 -61.41
C CYS A 1108 42.16 -44.28 -60.14
N ASP A 1109 43.18 -43.42 -60.15
CA ASP A 1109 44.09 -43.22 -59.01
C ASP A 1109 43.64 -42.14 -58.01
N VAL A 1110 42.75 -41.23 -58.40
CA VAL A 1110 42.52 -39.99 -57.63
C VAL A 1110 41.77 -40.22 -56.31
N VAL A 1111 40.63 -40.92 -56.38
CA VAL A 1111 39.71 -41.15 -55.26
C VAL A 1111 40.33 -42.08 -54.22
N ILE A 1112 40.10 -41.80 -52.92
CA ILE A 1112 40.48 -42.72 -51.84
C ILE A 1112 39.57 -43.95 -51.83
N GLY A 1113 40.13 -45.17 -51.84
CA GLY A 1113 39.36 -46.39 -51.64
C GLY A 1113 38.34 -46.74 -52.75
N ILE A 1114 38.57 -46.27 -53.98
CA ILE A 1114 37.81 -46.69 -55.16
C ILE A 1114 38.01 -48.18 -55.45
N ILE A 1115 36.92 -48.93 -55.61
CA ILE A 1115 36.94 -50.37 -55.93
C ILE A 1115 36.94 -50.60 -57.43
N ASN A 1116 37.31 -51.79 -57.89
CA ASN A 1116 37.60 -52.07 -59.30
C ASN A 1116 36.57 -53.04 -59.89
N ASN A 1117 35.58 -52.54 -60.61
CA ASN A 1117 34.42 -53.32 -61.09
C ASN A 1117 33.87 -52.80 -62.44
N THR A 1118 33.13 -53.64 -63.16
CA THR A 1118 32.59 -53.36 -64.49
C THR A 1118 31.37 -52.44 -64.47
N VAL A 1119 31.32 -51.44 -65.36
CA VAL A 1119 30.09 -50.69 -65.65
C VAL A 1119 29.48 -51.22 -66.94
N TYR A 1120 28.21 -51.63 -66.91
CA TYR A 1120 27.54 -52.17 -68.09
C TYR A 1120 27.15 -51.10 -69.12
N ASP A 1121 27.12 -51.45 -70.40
CA ASP A 1121 26.73 -50.57 -71.51
C ASP A 1121 25.52 -51.14 -72.28
N PRO A 1122 24.34 -50.51 -72.22
CA PRO A 1122 23.15 -50.95 -72.94
C PRO A 1122 23.26 -50.92 -74.47
N LEU A 1123 24.21 -50.19 -75.04
CA LEU A 1123 24.41 -50.12 -76.49
C LEU A 1123 25.14 -51.35 -77.04
N GLN A 1124 26.09 -51.91 -76.29
CA GLN A 1124 27.03 -52.88 -76.85
C GLN A 1124 26.35 -54.15 -77.43
N PRO A 1125 25.35 -54.78 -76.80
CA PRO A 1125 24.67 -55.93 -77.39
C PRO A 1125 23.88 -55.58 -78.66
N GLU A 1126 23.48 -54.32 -78.83
CA GLU A 1126 22.76 -53.88 -80.03
C GLU A 1126 23.73 -53.63 -81.18
N LEU A 1127 24.94 -53.13 -80.88
CA LEU A 1127 26.04 -53.11 -81.86
C LEU A 1127 26.44 -54.53 -82.27
N ASP A 1128 26.44 -55.46 -81.31
CA ASP A 1128 26.65 -56.90 -81.54
C ASP A 1128 25.48 -57.61 -82.24
N SER A 1129 24.36 -56.91 -82.53
CA SER A 1129 23.19 -57.43 -83.25
C SER A 1129 23.27 -57.16 -84.76
N SER B 35 47.13 21.32 -4.85
CA SER B 35 46.47 20.95 -3.56
C SER B 35 45.25 20.06 -3.77
N SER B 36 45.41 18.74 -3.79
CA SER B 36 44.33 17.83 -4.16
C SER B 36 44.38 16.47 -3.47
N MET B 37 43.23 15.81 -3.42
CA MET B 37 43.02 14.47 -2.85
C MET B 37 43.38 14.31 -1.37
N ARG B 38 43.71 15.41 -0.68
CA ARG B 38 43.83 15.44 0.78
C ARG B 38 42.44 15.36 1.42
N GLY B 39 42.39 14.97 2.69
CA GLY B 39 41.18 15.14 3.49
C GLY B 39 39.96 14.29 3.09
N VAL B 40 40.14 13.15 2.42
CA VAL B 40 39.08 12.12 2.42
C VAL B 40 39.08 11.42 3.78
N TYR B 41 37.92 11.15 4.35
CA TYR B 41 37.80 10.65 5.71
C TYR B 41 36.66 9.63 5.81
N TYR B 42 36.74 8.69 6.75
CA TYR B 42 35.69 7.69 6.92
C TYR B 42 34.38 8.38 7.32
N PRO B 43 33.30 8.30 6.52
CA PRO B 43 32.11 9.09 6.78
C PRO B 43 31.42 8.80 8.12
N ASP B 44 31.50 7.57 8.65
CA ASP B 44 30.89 7.17 9.92
C ASP B 44 31.52 5.90 10.51
N GLU B 45 30.91 5.33 11.55
CA GLU B 45 31.39 4.14 12.25
C GLU B 45 30.80 2.82 11.76
N ILE B 46 30.06 2.76 10.65
CA ILE B 46 29.32 1.54 10.25
C ILE B 46 29.89 0.88 9.00
N PHE B 47 31.22 0.88 8.89
CA PHE B 47 31.89 0.51 7.64
C PHE B 47 32.25 -0.97 7.44
N ARG B 48 32.56 -1.27 6.18
CA ARG B 48 32.40 -2.58 5.58
C ARG B 48 33.24 -2.82 4.32
N SER B 49 33.46 -4.09 4.03
CA SER B 49 34.51 -4.61 3.15
C SER B 49 34.15 -4.59 1.66
N ASP B 50 35.17 -4.49 0.81
CA ASP B 50 35.15 -4.89 -0.59
C ASP B 50 34.01 -4.30 -1.44
N THR B 51 33.92 -2.97 -1.55
CA THR B 51 32.77 -2.32 -2.20
C THR B 51 33.03 -0.88 -2.62
N LEU B 52 32.17 -0.35 -3.49
CA LEU B 52 32.11 1.06 -3.83
C LEU B 52 30.88 1.68 -3.18
N TYR B 53 31.08 2.67 -2.31
CA TYR B 53 30.01 3.35 -1.60
C TYR B 53 29.87 4.79 -2.10
N LEU B 54 28.66 5.21 -2.47
CA LEU B 54 28.39 6.54 -3.02
C LEU B 54 27.60 7.36 -1.99
N THR B 55 28.06 8.56 -1.65
CA THR B 55 27.57 9.31 -0.49
C THR B 55 27.69 10.82 -0.64
N GLN B 56 26.89 11.58 0.10
CA GLN B 56 26.85 13.05 0.11
C GLN B 56 27.33 13.58 1.47
N ASP B 57 28.40 14.38 1.50
CA ASP B 57 28.90 14.98 2.75
C ASP B 57 29.82 16.18 2.48
N LEU B 58 30.16 16.91 3.54
CA LEU B 58 31.14 18.00 3.55
C LEU B 58 32.57 17.48 3.36
N PHE B 59 32.88 16.96 2.19
CA PHE B 59 34.26 16.62 1.81
C PHE B 59 35.04 17.85 1.35
N LEU B 60 36.38 17.78 1.29
CA LEU B 60 37.18 18.78 0.58
C LEU B 60 37.12 18.50 -0.93
N PRO B 61 36.45 19.32 -1.76
CA PRO B 61 36.36 19.05 -3.19
C PRO B 61 37.75 19.04 -3.84
N PHE B 62 37.99 18.06 -4.70
CA PHE B 62 39.31 17.81 -5.28
C PHE B 62 39.81 19.02 -6.09
N TYR B 63 41.11 19.26 -6.03
CA TYR B 63 41.83 20.36 -6.70
C TYR B 63 41.35 21.78 -6.35
N SER B 64 40.59 21.97 -5.28
CA SER B 64 40.34 23.32 -4.74
C SER B 64 41.62 23.92 -4.14
N ASN B 65 41.74 25.25 -4.13
CA ASN B 65 42.90 25.94 -3.56
C ASN B 65 42.79 25.95 -2.01
N VAL B 66 43.93 25.88 -1.31
CA VAL B 66 44.00 26.02 0.16
C VAL B 66 44.96 27.14 0.54
N THR B 67 44.60 27.96 1.51
CA THR B 67 45.40 29.12 1.90
C THR B 67 46.63 28.69 2.67
N GLY B 68 47.83 28.94 2.16
CA GLY B 68 49.09 28.67 2.85
C GLY B 68 49.51 29.85 3.73
N PHE B 69 49.35 29.73 5.04
CA PHE B 69 49.78 30.74 6.02
C PHE B 69 51.28 30.60 6.30
N HIS B 70 52.12 31.20 5.46
CA HIS B 70 53.57 31.02 5.50
C HIS B 70 54.27 31.83 6.61
N THR B 71 54.06 31.42 7.87
CA THR B 71 54.86 31.89 9.02
C THR B 71 56.36 31.67 8.77
N ILE B 72 57.20 32.68 8.96
CA ILE B 72 58.67 32.58 8.99
C ILE B 72 59.26 33.89 9.49
N ASN B 73 60.17 33.83 10.48
CA ASN B 73 60.95 34.95 11.02
C ASN B 73 60.14 36.23 11.32
N HIS B 74 60.00 37.14 10.35
CA HIS B 74 59.22 38.39 10.46
C HIS B 74 57.71 38.26 10.17
N THR B 75 57.27 37.15 9.57
CA THR B 75 55.88 36.89 9.13
C THR B 75 55.20 35.86 10.02
N PHE B 76 53.94 36.07 10.44
CA PHE B 76 53.24 35.21 11.39
C PHE B 76 51.84 34.79 10.91
N GLY B 77 51.49 33.51 11.05
CA GLY B 77 50.17 32.95 10.75
C GLY B 77 49.12 33.20 11.85
N ASN B 78 49.12 34.38 12.46
CA ASN B 78 48.29 34.69 13.64
C ASN B 78 46.76 34.85 13.47
N PRO B 79 46.18 35.22 12.31
CA PRO B 79 44.87 35.85 12.29
C PRO B 79 43.71 34.89 12.55
N VAL B 80 42.59 35.45 13.04
CA VAL B 80 41.29 34.75 13.07
C VAL B 80 40.79 34.53 11.64
N ILE B 81 40.14 33.38 11.42
CA ILE B 81 39.67 32.90 10.12
C ILE B 81 38.19 32.52 10.25
N PRO B 82 37.32 32.87 9.29
CA PRO B 82 35.93 32.42 9.30
C PRO B 82 35.87 30.92 9.03
N PHE B 83 35.11 30.16 9.82
CA PHE B 83 35.08 28.70 9.77
C PHE B 83 34.12 28.13 8.71
N LYS B 84 33.12 28.91 8.27
CA LYS B 84 32.12 28.51 7.27
C LYS B 84 31.46 27.16 7.62
N ASP B 85 31.27 26.26 6.65
CA ASP B 85 30.64 24.95 6.88
C ASP B 85 31.53 23.94 7.63
N GLY B 86 32.84 24.17 7.67
CA GLY B 86 33.82 23.24 8.21
C GLY B 86 35.12 23.32 7.42
N ILE B 87 36.22 22.86 8.02
CA ILE B 87 37.56 23.05 7.46
C ILE B 87 38.35 21.77 7.39
N TYR B 88 39.09 21.61 6.30
CA TYR B 88 40.31 20.85 6.28
C TYR B 88 41.41 21.74 6.86
N PHE B 89 42.32 21.18 7.64
CA PHE B 89 43.44 21.89 8.23
C PHE B 89 44.69 21.00 8.25
N ALA B 90 45.87 21.52 7.98
CA ALA B 90 47.09 20.74 8.12
C ALA B 90 48.32 21.58 8.47
N ALA B 91 49.28 20.97 9.17
CA ALA B 91 50.52 21.62 9.58
C ALA B 91 51.73 20.74 9.24
N THR B 92 52.78 21.31 8.65
CA THR B 92 54.06 20.62 8.45
C THR B 92 54.91 20.77 9.70
N GLU B 93 55.04 19.71 10.48
CA GLU B 93 55.44 19.82 11.88
C GLU B 93 56.23 18.63 12.39
N LYS B 94 56.89 18.88 13.52
CA LYS B 94 57.41 17.88 14.48
C LYS B 94 57.63 18.55 15.85
N SER B 95 57.97 19.84 15.84
CA SER B 95 58.15 20.69 17.01
C SER B 95 56.86 20.97 17.80
N ASN B 96 55.72 20.98 17.12
CA ASN B 96 54.42 21.43 17.63
C ASN B 96 54.49 22.86 18.21
N VAL B 97 55.07 23.79 17.45
CA VAL B 97 54.77 25.22 17.61
C VAL B 97 53.30 25.48 17.21
N VAL B 98 52.76 24.72 16.27
CA VAL B 98 51.32 24.66 16.02
C VAL B 98 50.65 23.85 17.14
N ARG B 99 50.20 24.52 18.21
CA ARG B 99 49.78 23.89 19.47
C ARG B 99 48.31 23.49 19.59
N GLY B 100 47.43 23.94 18.70
CA GLY B 100 46.00 23.69 18.85
C GLY B 100 45.14 24.75 18.18
N TRP B 101 43.86 24.83 18.55
CA TRP B 101 42.86 25.64 17.87
C TRP B 101 41.88 26.26 18.87
N VAL B 102 41.34 27.42 18.56
CA VAL B 102 40.38 28.14 19.38
C VAL B 102 39.21 28.57 18.52
N PHE B 103 37.98 28.46 19.02
CA PHE B 103 36.76 28.60 18.21
C PHE B 103 35.69 29.43 18.91
N GLY B 104 34.75 29.98 18.13
CA GLY B 104 33.50 30.56 18.64
C GLY B 104 32.88 31.54 17.64
N SER B 105 32.19 32.56 18.14
CA SER B 105 31.75 33.71 17.34
C SER B 105 32.17 35.09 17.89
N THR B 106 32.79 35.15 19.07
CA THR B 106 33.30 36.40 19.68
C THR B 106 34.59 36.24 20.49
N MET B 107 34.94 35.02 20.91
CA MET B 107 36.16 34.62 21.65
C MET B 107 36.38 35.23 23.05
N ASN B 108 35.78 36.37 23.38
CA ASN B 108 35.78 36.98 24.71
C ASN B 108 34.74 36.27 25.61
N ASN B 109 33.82 37.01 26.25
CA ASN B 109 32.49 36.51 26.61
C ASN B 109 31.56 36.75 25.40
N LYS B 110 30.33 37.26 25.60
CA LYS B 110 29.35 37.71 24.59
C LYS B 110 28.66 36.61 23.78
N SER B 111 29.40 35.57 23.41
CA SER B 111 28.90 34.29 22.88
C SER B 111 29.90 33.19 23.27
N GLN B 112 29.46 31.93 23.41
CA GLN B 112 30.32 30.92 24.03
C GLN B 112 31.51 30.50 23.14
N SER B 113 32.58 29.97 23.73
CA SER B 113 33.81 29.60 23.03
C SER B 113 34.22 28.15 23.34
N VAL B 114 34.96 27.53 22.41
CA VAL B 114 35.55 26.20 22.57
C VAL B 114 37.04 26.29 22.29
N ILE B 115 37.86 25.52 23.00
CA ILE B 115 39.30 25.50 22.79
C ILE B 115 39.83 24.07 22.82
N ILE B 116 40.86 23.80 22.02
CA ILE B 116 41.57 22.54 21.96
C ILE B 116 43.07 22.82 22.01
N ILE B 117 43.79 22.19 22.92
CA ILE B 117 45.25 22.39 23.05
C ILE B 117 45.97 21.06 23.20
N ASN B 118 46.99 20.83 22.38
CA ASN B 118 48.02 19.83 22.62
C ASN B 118 49.05 20.47 23.56
N ASN B 119 48.80 20.40 24.87
CA ASN B 119 49.78 20.88 25.85
C ASN B 119 50.97 19.91 25.93
N SER B 120 52.04 20.29 26.63
CA SER B 120 53.29 19.51 26.73
C SER B 120 53.14 18.07 27.23
N THR B 121 52.01 17.73 27.87
CA THR B 121 51.66 16.39 28.35
C THR B 121 50.52 15.77 27.55
N ASN B 122 49.39 16.47 27.42
CA ASN B 122 48.12 15.88 27.01
C ASN B 122 47.19 16.88 26.30
N VAL B 123 46.15 16.36 25.64
CA VAL B 123 45.10 17.17 25.04
C VAL B 123 44.16 17.71 26.11
N VAL B 124 43.83 18.99 25.96
CA VAL B 124 42.78 19.70 26.70
C VAL B 124 41.64 20.03 25.76
N ILE B 125 40.40 19.90 26.20
CA ILE B 125 39.23 20.44 25.52
C ILE B 125 38.35 21.14 26.56
N ARG B 126 37.84 22.34 26.26
CA ARG B 126 36.98 23.12 27.17
C ARG B 126 35.93 23.92 26.41
N ALA B 127 34.79 24.19 27.06
CA ALA B 127 33.70 25.03 26.54
C ALA B 127 33.54 26.34 27.35
N CYS B 128 34.62 27.11 27.44
CA CYS B 128 34.73 28.28 28.31
C CYS B 128 34.39 29.61 27.61
N ASN B 129 34.72 30.70 28.30
CA ASN B 129 34.86 32.06 27.78
C ASN B 129 35.98 32.74 28.59
N PHE B 130 36.64 33.73 28.02
CA PHE B 130 37.80 34.39 28.64
C PHE B 130 37.80 35.90 28.37
N GLU B 131 38.47 36.70 29.19
CA GLU B 131 38.83 38.08 28.82
C GLU B 131 39.98 38.14 27.78
N LEU B 132 40.76 37.07 27.64
CA LEU B 132 42.13 37.08 27.11
C LEU B 132 42.29 36.72 25.62
N CYS B 133 41.22 36.83 24.83
CA CYS B 133 41.30 36.73 23.37
C CYS B 133 42.03 37.92 22.69
N ASP B 134 42.65 38.84 23.43
CA ASP B 134 43.43 39.96 22.88
C ASP B 134 44.60 39.48 22.03
N ASN B 135 45.39 38.59 22.60
CA ASN B 135 46.56 37.94 21.99
C ASN B 135 46.78 36.63 22.78
N PRO B 136 45.94 35.59 22.58
CA PRO B 136 45.78 34.44 23.49
C PRO B 136 46.98 33.46 23.61
N PHE B 137 48.21 33.91 23.38
CA PHE B 137 49.45 33.24 23.81
C PHE B 137 49.78 33.48 25.31
N PHE B 138 49.07 34.41 25.99
CA PHE B 138 49.24 34.66 27.42
C PHE B 138 49.03 33.36 28.24
N ALA B 139 50.11 32.77 28.77
CA ALA B 139 50.15 31.39 29.24
C ALA B 139 49.53 31.16 30.65
N VAL B 140 48.48 31.90 30.99
CA VAL B 140 47.95 31.98 32.37
C VAL B 140 47.26 30.68 32.79
N SER B 141 47.64 30.14 33.96
CA SER B 141 47.18 28.85 34.47
C SER B 141 47.35 28.72 35.99
N LYS B 142 46.61 27.82 36.63
CA LYS B 142 46.58 27.53 38.08
C LYS B 142 47.67 26.52 38.51
N PRO B 143 47.90 26.30 39.84
CA PRO B 143 49.01 25.49 40.34
C PRO B 143 48.95 23.96 40.09
N MET B 144 47.76 23.37 40.12
CA MET B 144 47.55 21.90 40.17
C MET B 144 47.94 21.18 38.86
N GLY B 145 49.18 20.71 38.74
CA GLY B 145 49.68 19.95 37.57
C GLY B 145 49.55 20.73 36.26
N THR B 146 50.34 21.79 36.08
CA THR B 146 50.22 22.70 34.92
C THR B 146 50.64 22.03 33.61
N GLN B 147 49.90 22.29 32.53
CA GLN B 147 49.93 21.53 31.28
C GLN B 147 49.82 20.01 31.55
N THR B 148 48.80 19.63 32.31
CA THR B 148 48.43 18.23 32.61
C THR B 148 47.01 18.16 33.14
N HIS B 149 46.66 19.04 34.08
CA HIS B 149 45.34 19.18 34.71
C HIS B 149 44.89 20.64 34.74
N THR B 150 45.80 21.54 35.12
CA THR B 150 45.64 23.00 34.95
C THR B 150 46.33 23.45 33.66
N MET B 151 45.74 24.41 32.97
CA MET B 151 45.95 24.67 31.53
C MET B 151 45.89 26.16 31.19
N ILE B 152 46.38 26.55 30.00
CA ILE B 152 46.23 27.92 29.50
C ILE B 152 44.76 28.36 29.54
N PHE B 153 44.51 29.55 30.10
CA PHE B 153 43.18 30.06 30.46
C PHE B 153 42.41 29.18 31.44
N ASP B 154 43.05 28.81 32.56
CA ASP B 154 42.31 28.55 33.81
C ASP B 154 41.64 29.81 34.37
N ASN B 155 42.15 31.00 34.02
CA ASN B 155 41.38 32.25 34.05
C ASN B 155 40.21 32.13 33.05
N ALA B 156 39.00 31.84 33.54
CA ALA B 156 37.83 31.62 32.70
C ALA B 156 36.52 31.88 33.43
N PHE B 157 35.47 32.14 32.66
CA PHE B 157 34.10 32.30 33.15
C PHE B 157 33.39 30.94 33.34
N ASN B 158 32.40 30.63 32.49
CA ASN B 158 31.35 29.62 32.74
C ASN B 158 31.83 28.15 32.64
N CYS B 159 32.53 27.80 31.55
CA CYS B 159 33.10 26.46 31.30
C CYS B 159 32.12 25.29 31.47
N THR B 160 31.10 25.20 30.59
CA THR B 160 30.02 24.18 30.69
C THR B 160 30.43 22.75 30.30
N PHE B 161 31.65 22.55 29.79
CA PHE B 161 32.25 21.24 29.51
C PHE B 161 33.77 21.30 29.64
N GLU B 162 34.39 20.18 30.02
CA GLU B 162 35.82 19.94 29.91
C GLU B 162 36.10 18.46 29.63
N TYR B 163 37.17 18.18 28.88
CA TYR B 163 37.78 16.86 28.77
C TYR B 163 39.30 17.00 28.76
N ILE B 164 40.01 16.03 29.35
CA ILE B 164 41.47 16.00 29.39
C ILE B 164 41.93 14.57 29.07
N SER B 165 42.89 14.42 28.15
CA SER B 165 43.34 13.10 27.72
C SER B 165 44.51 12.55 28.53
N ASP B 166 44.89 11.32 28.21
CA ASP B 166 46.22 10.75 28.48
C ASP B 166 47.32 11.43 27.65
N ALA B 167 48.53 10.87 27.61
CA ALA B 167 49.74 11.39 26.94
C ALA B 167 49.71 11.47 25.39
N PHE B 168 48.53 11.71 24.81
CA PHE B 168 48.25 11.87 23.37
C PHE B 168 49.19 12.87 22.69
N SER B 169 49.54 13.97 23.38
CA SER B 169 50.37 15.05 22.83
C SER B 169 51.75 14.62 22.32
N LEU B 170 52.25 13.47 22.78
CA LEU B 170 53.58 12.96 22.43
C LEU B 170 53.61 12.27 21.05
N ASP B 171 52.47 12.00 20.40
CA ASP B 171 52.38 11.13 19.23
C ASP B 171 52.98 11.68 17.91
N VAL B 172 53.34 12.96 17.86
CA VAL B 172 54.09 13.56 16.73
C VAL B 172 55.59 13.23 16.78
N SER B 173 56.07 12.59 17.87
CA SER B 173 57.47 12.15 18.04
C SER B 173 57.86 10.93 17.16
N GLU B 174 57.55 11.00 15.87
CA GLU B 174 57.57 9.90 14.89
C GLU B 174 58.52 10.16 13.70
N LYS B 175 59.40 11.16 13.84
CA LYS B 175 60.58 11.43 12.98
C LYS B 175 61.60 12.28 13.75
N SER B 176 62.84 12.35 13.28
CA SER B 176 63.94 13.04 13.96
C SER B 176 63.85 14.58 13.86
N GLY B 177 63.75 15.14 12.65
CA GLY B 177 63.77 16.59 12.40
C GLY B 177 62.40 17.28 12.32
N ASN B 178 62.38 18.62 12.31
CA ASN B 178 61.16 19.42 12.24
C ASN B 178 60.52 19.44 10.84
N PHE B 179 59.30 19.98 10.73
CA PHE B 179 58.40 19.95 9.55
C PHE B 179 57.97 18.55 9.06
N LYS B 180 58.76 17.51 9.37
CA LYS B 180 58.87 16.26 8.63
C LYS B 180 57.70 15.30 8.73
N HIS B 181 56.63 15.66 9.43
CA HIS B 181 55.32 15.07 9.22
C HIS B 181 54.25 16.14 8.97
N LEU B 182 53.43 15.92 7.96
CA LEU B 182 52.15 16.58 7.81
C LEU B 182 51.18 16.00 8.83
N ARG B 183 50.81 16.82 9.82
CA ARG B 183 49.66 16.54 10.68
C ARG B 183 48.43 17.02 9.91
N GLU B 184 47.52 16.12 9.56
CA GLU B 184 46.42 16.39 8.64
C GLU B 184 45.08 16.16 9.33
N PHE B 185 44.17 17.14 9.30
CA PHE B 185 42.94 17.14 10.10
C PHE B 185 41.72 17.57 9.29
N VAL B 186 40.53 17.19 9.77
CA VAL B 186 39.27 17.80 9.35
C VAL B 186 38.44 18.10 10.59
N PHE B 187 37.85 19.29 10.64
CA PHE B 187 36.92 19.71 11.69
C PHE B 187 35.57 20.04 11.06
N LYS B 188 34.47 19.44 11.53
CA LYS B 188 33.13 19.89 11.16
C LYS B 188 32.19 19.91 12.35
N ASN B 189 31.37 20.95 12.46
CA ASN B 189 30.38 21.12 13.53
C ASN B 189 28.98 20.88 12.95
N LYS B 190 28.30 19.82 13.38
CA LYS B 190 26.98 19.43 12.87
C LYS B 190 26.16 18.75 13.97
N ASP B 191 24.86 18.98 14.01
CA ASP B 191 23.95 18.43 15.03
C ASP B 191 24.40 18.70 16.48
N GLY B 192 25.12 19.81 16.70
CA GLY B 192 25.71 20.14 17.99
C GLY B 192 26.98 19.33 18.34
N PHE B 193 27.48 18.49 17.43
CA PHE B 193 28.73 17.79 17.59
C PHE B 193 29.84 18.40 16.74
N LEU B 194 30.96 18.77 17.36
CA LEU B 194 32.19 19.00 16.64
C LEU B 194 32.90 17.65 16.44
N TYR B 195 32.82 17.12 15.23
CA TYR B 195 33.61 15.95 14.82
C TYR B 195 35.04 16.39 14.50
N VAL B 196 36.01 15.60 14.92
CA VAL B 196 37.42 15.82 14.60
C VAL B 196 37.97 14.54 14.00
N TYR B 197 38.67 14.64 12.88
CA TYR B 197 39.31 13.53 12.20
C TYR B 197 40.78 13.84 12.02
N LYS B 198 41.67 12.84 12.01
CA LYS B 198 43.08 13.07 11.66
C LYS B 198 43.75 11.95 10.86
N GLY B 199 44.82 12.32 10.19
CA GLY B 199 45.76 11.49 9.45
C GLY B 199 47.16 12.10 9.56
N TYR B 200 48.19 11.36 9.18
CA TYR B 200 49.56 11.71 9.57
C TYR B 200 50.59 11.12 8.61
N GLN B 201 51.35 11.95 7.89
CA GLN B 201 52.20 11.53 6.77
C GLN B 201 53.58 12.17 6.76
N PRO B 202 54.64 11.49 6.30
CA PRO B 202 55.98 12.07 6.17
C PRO B 202 56.02 13.24 5.15
N ILE B 203 56.92 14.19 5.36
CA ILE B 203 57.06 15.43 4.58
C ILE B 203 58.52 15.65 4.13
N ASP B 204 58.70 16.11 2.89
CA ASP B 204 60.01 16.50 2.33
C ASP B 204 60.06 17.95 1.76
N VAL B 205 58.93 18.68 1.73
CA VAL B 205 58.78 20.04 1.19
C VAL B 205 57.97 20.89 2.16
N VAL B 206 58.35 22.16 2.36
CA VAL B 206 57.78 23.00 3.44
C VAL B 206 56.95 24.20 2.99
N ARG B 207 57.13 24.73 1.77
CA ARG B 207 56.30 25.84 1.23
C ARG B 207 55.02 25.37 0.52
N ASP B 208 54.78 24.07 0.40
CA ASP B 208 53.68 23.52 -0.41
C ASP B 208 53.07 22.25 0.22
N LEU B 209 51.83 21.91 -0.15
CA LEU B 209 51.10 20.73 0.31
C LEU B 209 51.11 19.63 -0.77
N PRO B 210 51.79 18.50 -0.56
CA PRO B 210 51.90 17.45 -1.57
C PRO B 210 50.59 16.73 -1.90
N SER B 211 50.40 16.40 -3.17
CA SER B 211 49.14 15.90 -3.74
C SER B 211 48.81 14.43 -3.48
N GLY B 212 49.64 13.70 -2.72
CA GLY B 212 49.36 12.30 -2.37
C GLY B 212 48.03 12.13 -1.61
N PHE B 213 47.27 11.09 -1.95
CA PHE B 213 46.01 10.73 -1.30
C PHE B 213 46.26 9.95 0.00
N ASN B 214 45.58 10.31 1.09
CA ASN B 214 45.52 9.49 2.29
C ASN B 214 44.23 9.70 3.09
N THR B 215 43.77 8.68 3.81
CA THR B 215 42.48 8.72 4.52
C THR B 215 42.63 9.18 5.96
N LEU B 216 41.67 9.95 6.48
CA LEU B 216 41.60 10.40 7.87
C LEU B 216 40.62 9.54 8.70
N LYS B 217 41.04 9.13 9.90
CA LYS B 217 40.22 8.41 10.87
C LYS B 217 39.51 9.40 11.82
N PRO B 218 38.30 9.12 12.32
CA PRO B 218 37.67 9.93 13.35
C PRO B 218 38.45 9.82 14.67
N ILE B 219 38.55 10.91 15.40
CA ILE B 219 39.29 11.04 16.66
C ILE B 219 38.36 11.50 17.79
N PHE B 220 37.47 12.46 17.54
CA PHE B 220 36.46 12.90 18.52
C PHE B 220 35.10 13.16 17.88
N LYS B 221 34.04 13.12 18.68
CA LYS B 221 32.71 13.66 18.35
C LYS B 221 32.17 14.41 19.57
N LEU B 222 32.60 15.66 19.70
CA LEU B 222 32.43 16.47 20.90
C LEU B 222 31.01 17.09 20.92
N PRO B 223 30.10 16.71 21.84
CA PRO B 223 28.68 17.13 21.83
C PRO B 223 28.43 18.57 22.34
N LEU B 224 29.38 19.48 22.13
CA LEU B 224 29.47 20.75 22.86
C LEU B 224 28.44 21.81 22.40
N GLY B 225 27.91 21.71 21.19
CA GLY B 225 26.78 22.53 20.71
C GLY B 225 27.07 24.01 20.43
N ILE B 226 28.29 24.48 20.63
CA ILE B 226 28.65 25.91 20.54
C ILE B 226 28.57 26.44 19.10
N ASN B 227 28.13 27.68 18.95
CA ASN B 227 28.00 28.37 17.68
C ASN B 227 29.37 28.83 17.12
N ILE B 228 30.07 27.95 16.43
CA ILE B 228 31.33 28.28 15.78
C ILE B 228 31.05 28.95 14.44
N THR B 229 31.55 30.17 14.26
CA THR B 229 31.63 30.88 12.97
C THR B 229 33.06 31.30 12.64
N ASN B 230 33.95 31.34 13.62
CA ASN B 230 35.32 31.78 13.50
C ASN B 230 36.23 30.86 14.31
N PHE B 231 37.51 30.82 13.93
CA PHE B 231 38.53 30.11 14.67
C PHE B 231 39.89 30.79 14.52
N ARG B 232 40.88 30.41 15.34
CA ARG B 232 42.30 30.66 15.06
C ARG B 232 43.18 29.49 15.47
N ALA B 233 44.27 29.27 14.76
CA ALA B 233 45.36 28.42 15.23
C ALA B 233 46.00 29.05 16.47
N ILE B 234 46.47 28.22 17.40
CA ILE B 234 47.27 28.68 18.55
C ILE B 234 48.69 29.00 18.06
N LEU B 235 48.83 30.18 17.47
CA LEU B 235 50.08 30.92 17.30
C LEU B 235 49.99 32.23 18.10
N THR B 236 49.26 33.24 17.61
CA THR B 236 49.03 34.53 18.32
C THR B 236 50.31 35.12 18.96
N ALA B 237 51.35 35.30 18.15
CA ALA B 237 52.67 35.79 18.57
C ALA B 237 53.44 34.86 19.55
N PHE B 238 53.11 33.55 19.55
CA PHE B 238 54.04 32.46 19.89
C PHE B 238 55.19 32.46 18.86
N SER B 239 56.12 33.41 19.05
CA SER B 239 56.91 33.99 17.97
C SER B 239 57.88 33.00 17.31
N PRO B 240 58.18 33.14 16.00
CA PRO B 240 59.31 32.47 15.35
C PRO B 240 60.67 32.70 16.03
N ALA B 241 60.80 33.70 16.90
CA ALA B 241 61.94 33.88 17.81
C ALA B 241 62.16 32.68 18.76
N GLN B 242 61.12 31.88 19.00
CA GLN B 242 61.19 30.50 19.49
C GLN B 242 61.74 29.62 18.35
N ASP B 243 63.01 29.82 18.02
CA ASP B 243 63.52 29.54 16.69
C ASP B 243 64.15 28.14 16.58
N ILE B 244 63.70 27.38 15.59
CA ILE B 244 64.18 26.03 15.28
C ILE B 244 65.11 26.09 14.04
N TRP B 245 64.56 26.26 12.84
CA TRP B 245 65.28 26.34 11.55
C TRP B 245 64.98 27.65 10.79
N GLY B 246 64.74 28.75 11.50
CA GLY B 246 64.02 29.91 10.96
C GLY B 246 62.52 29.63 11.02
N THR B 247 61.96 29.54 12.24
CA THR B 247 60.71 28.81 12.55
C THR B 247 59.59 29.05 11.55
N SER B 248 59.35 28.00 10.74
CA SER B 248 58.36 28.00 9.65
C SER B 248 57.54 26.70 9.58
N ALA B 249 57.77 25.72 10.46
CA ALA B 249 56.81 24.65 10.74
C ALA B 249 55.49 25.21 11.35
N ALA B 250 55.56 26.43 11.88
CA ALA B 250 54.42 27.29 12.16
C ALA B 250 53.63 27.73 10.90
N ALA B 251 54.01 27.30 9.70
CA ALA B 251 53.16 27.41 8.52
C ALA B 251 52.17 26.25 8.41
N TYR B 252 50.95 26.59 8.01
CA TYR B 252 49.83 25.66 7.98
C TYR B 252 48.87 26.03 6.84
N PHE B 253 48.02 25.08 6.47
CA PHE B 253 47.11 25.21 5.33
C PHE B 253 45.66 25.09 5.79
N VAL B 254 44.76 25.87 5.18
CA VAL B 254 43.33 25.84 5.47
C VAL B 254 42.52 25.72 4.18
N GLY B 255 41.52 24.84 4.15
CA GLY B 255 40.66 24.66 2.98
C GLY B 255 39.23 24.36 3.39
N TYR B 256 38.25 25.02 2.79
CA TYR B 256 36.84 24.82 3.17
C TYR B 256 36.26 23.54 2.59
N LEU B 257 35.49 22.83 3.41
CA LEU B 257 34.72 21.67 3.00
C LEU B 257 33.45 22.11 2.29
N LYS B 258 32.88 21.30 1.39
CA LYS B 258 31.63 21.61 0.69
C LYS B 258 30.74 20.39 0.48
N PRO B 259 29.41 20.55 0.51
CA PRO B 259 28.47 19.45 0.35
C PRO B 259 28.57 18.90 -1.07
N THR B 260 29.16 17.71 -1.20
CA THR B 260 29.49 17.11 -2.49
C THR B 260 29.28 15.61 -2.47
N THR B 261 29.00 15.04 -3.63
CA THR B 261 28.82 13.59 -3.76
C THR B 261 30.16 12.96 -4.08
N PHE B 262 30.59 12.02 -3.25
CA PHE B 262 31.84 11.29 -3.41
C PHE B 262 31.52 9.81 -3.55
N MET B 263 32.28 9.11 -4.38
CA MET B 263 32.32 7.66 -4.40
C MET B 263 33.60 7.19 -3.74
N LEU B 264 33.51 6.26 -2.79
CA LEU B 264 34.63 5.77 -1.99
C LEU B 264 34.85 4.28 -2.24
N LYS B 265 36.11 3.85 -2.34
CA LYS B 265 36.46 2.45 -2.58
C LYS B 265 37.02 1.78 -1.32
N TYR B 266 36.30 0.77 -0.85
CA TYR B 266 36.64 -0.03 0.32
C TYR B 266 37.32 -1.33 -0.09
N ASP B 267 38.52 -1.57 0.41
CA ASP B 267 39.23 -2.82 0.17
C ASP B 267 38.68 -3.99 1.02
N GLU B 268 39.27 -5.17 0.88
CA GLU B 268 38.88 -6.37 1.61
C GLU B 268 39.05 -6.28 3.14
N ASN B 269 39.79 -5.28 3.63
CA ASN B 269 39.97 -5.00 5.05
C ASN B 269 39.14 -3.80 5.52
N GLY B 270 38.18 -3.33 4.71
CA GLY B 270 37.31 -2.21 5.06
C GLY B 270 38.06 -0.88 5.11
N THR B 271 39.09 -0.71 4.30
CA THR B 271 39.92 0.50 4.22
C THR B 271 39.55 1.31 3.00
N ILE B 272 39.35 2.62 3.14
CA ILE B 272 39.24 3.49 1.96
C ILE B 272 40.61 3.53 1.27
N THR B 273 40.64 3.25 -0.03
CA THR B 273 41.88 3.22 -0.82
C THR B 273 41.85 4.10 -2.06
N ASP B 274 40.67 4.57 -2.48
CA ASP B 274 40.53 5.56 -3.54
C ASP B 274 39.18 6.26 -3.45
N ALA B 275 39.03 7.41 -4.10
CA ALA B 275 37.79 8.18 -4.12
C ALA B 275 37.61 8.97 -5.42
N VAL B 276 36.36 9.18 -5.85
CA VAL B 276 35.99 10.04 -6.98
C VAL B 276 35.13 11.19 -6.49
N ASP B 277 35.54 12.43 -6.73
CA ASP B 277 34.69 13.60 -6.53
C ASP B 277 33.74 13.74 -7.71
N CYS B 278 32.47 13.36 -7.56
CA CYS B 278 31.54 13.34 -8.68
C CYS B 278 31.20 14.72 -9.24
N SER B 279 31.64 15.81 -8.61
CA SER B 279 31.45 17.14 -9.18
C SER B 279 32.47 17.46 -10.27
N GLN B 280 33.66 16.86 -10.22
CA GLN B 280 34.87 17.48 -10.75
C GLN B 280 34.84 17.75 -12.26
N ASN B 281 34.54 16.73 -13.07
CA ASN B 281 34.64 16.79 -14.53
C ASN B 281 33.72 15.72 -15.16
N PRO B 282 33.46 15.70 -16.48
CA PRO B 282 32.47 14.79 -17.03
C PRO B 282 32.81 13.32 -16.81
N LEU B 283 34.08 12.93 -16.93
CA LEU B 283 34.47 11.55 -16.66
C LEU B 283 34.23 11.20 -15.19
N ALA B 284 34.56 12.09 -14.26
CA ALA B 284 34.31 11.86 -12.85
C ALA B 284 32.82 11.66 -12.56
N GLU B 285 31.94 12.42 -13.21
CA GLU B 285 30.51 12.21 -13.07
C GLU B 285 30.02 10.92 -13.71
N LEU B 286 30.53 10.58 -14.89
CA LEU B 286 30.20 9.34 -15.58
C LEU B 286 30.51 8.15 -14.71
N LYS B 287 31.73 8.09 -14.17
CA LYS B 287 32.18 6.91 -13.44
C LYS B 287 31.60 6.80 -12.04
N CYS B 288 31.06 7.88 -11.48
CA CYS B 288 30.08 7.80 -10.39
C CYS B 288 28.73 7.24 -10.84
N SER B 289 28.22 7.63 -12.01
CA SER B 289 26.91 7.18 -12.50
C SER B 289 26.86 5.67 -12.75
N VAL B 290 28.00 5.11 -13.20
CA VAL B 290 28.18 3.70 -13.55
C VAL B 290 28.70 2.85 -12.38
N LYS B 291 29.06 3.44 -11.24
CA LYS B 291 29.68 2.76 -10.08
C LYS B 291 30.92 1.95 -10.49
N SER B 292 31.92 2.60 -11.09
CA SER B 292 33.15 1.90 -11.47
C SER B 292 34.35 2.84 -11.54
N PHE B 293 35.55 2.34 -11.30
CA PHE B 293 36.79 3.07 -11.59
C PHE B 293 37.29 2.84 -13.03
N GLU B 294 36.70 1.92 -13.80
CA GLU B 294 37.00 1.72 -15.22
C GLU B 294 35.73 1.69 -16.07
N ILE B 295 35.78 2.31 -17.24
CA ILE B 295 34.64 2.59 -18.10
C ILE B 295 35.02 2.25 -19.53
N ASP B 296 34.14 1.57 -20.25
CA ASP B 296 34.44 1.06 -21.59
C ASP B 296 33.95 1.98 -22.70
N LYS B 297 34.51 1.83 -23.90
CA LYS B 297 34.19 2.68 -25.06
C LYS B 297 32.68 2.74 -25.29
N GLY B 298 32.13 3.94 -25.47
CA GLY B 298 30.72 4.11 -25.79
C GLY B 298 30.21 5.51 -25.49
N ILE B 299 28.89 5.67 -25.59
CA ILE B 299 28.16 6.86 -25.14
C ILE B 299 27.25 6.48 -23.97
N TYR B 300 27.27 7.25 -22.89
CA TYR B 300 26.44 6.98 -21.70
C TYR B 300 25.68 8.23 -21.29
N GLN B 301 24.40 8.12 -21.00
CA GLN B 301 23.65 9.22 -20.39
C GLN B 301 24.02 9.34 -18.91
N THR B 302 24.29 10.55 -18.41
CA THR B 302 24.67 10.76 -17.01
C THR B 302 23.72 11.66 -16.25
N SER B 303 23.11 12.65 -16.89
CA SER B 303 22.53 13.81 -16.20
C SER B 303 21.58 14.60 -17.09
N ASN B 304 20.96 15.67 -16.58
CA ASN B 304 20.19 16.61 -17.37
C ASN B 304 20.76 18.04 -17.31
N PHE B 305 20.98 18.63 -18.48
CA PHE B 305 21.26 20.04 -18.67
C PHE B 305 20.01 20.86 -18.48
N ARG B 306 20.12 21.99 -17.80
CA ARG B 306 18.99 22.90 -17.56
C ARG B 306 19.49 24.32 -17.33
N VAL B 307 19.13 25.24 -18.23
CA VAL B 307 19.40 26.67 -18.04
C VAL B 307 18.60 27.19 -16.85
N VAL B 308 19.13 28.20 -16.15
CA VAL B 308 18.53 28.80 -14.95
C VAL B 308 18.34 30.30 -15.14
N PRO B 309 17.26 30.89 -14.61
CA PRO B 309 16.81 32.22 -15.02
C PRO B 309 17.79 33.32 -14.65
N SER B 310 18.12 34.18 -15.61
CA SER B 310 19.06 35.30 -15.44
C SER B 310 18.49 36.40 -14.55
N GLY B 311 17.16 36.52 -14.47
CA GLY B 311 16.48 37.63 -13.84
C GLY B 311 14.99 37.40 -13.66
N ASP B 312 14.25 38.47 -13.39
CA ASP B 312 12.88 38.42 -12.89
C ASP B 312 12.03 39.56 -13.47
N VAL B 313 10.90 39.22 -14.09
CA VAL B 313 9.99 40.15 -14.76
C VAL B 313 8.65 40.19 -14.02
N VAL B 314 8.27 41.36 -13.48
CA VAL B 314 7.01 41.55 -12.76
C VAL B 314 6.21 42.64 -13.44
N ARG B 315 4.97 42.35 -13.82
CA ARG B 315 4.08 43.30 -14.52
C ARG B 315 2.71 43.28 -13.90
N PHE B 316 2.10 44.45 -13.73
CA PHE B 316 0.77 44.61 -13.15
C PHE B 316 -0.09 45.65 -13.87
N PRO B 317 -1.41 45.66 -13.67
CA PRO B 317 -2.30 46.68 -14.21
C PRO B 317 -2.03 48.06 -13.60
N ASN B 318 -2.63 49.10 -14.16
CA ASN B 318 -2.51 50.46 -13.66
C ASN B 318 -3.40 50.70 -12.43
N ILE B 319 -2.98 50.17 -11.27
CA ILE B 319 -3.54 50.52 -9.96
C ILE B 319 -3.41 52.04 -9.70
N THR B 320 -4.40 52.61 -9.01
CA THR B 320 -4.55 54.06 -8.78
C THR B 320 -5.06 54.33 -7.36
N ASN B 321 -5.66 55.50 -7.10
CA ASN B 321 -6.10 55.98 -5.78
C ASN B 321 -4.93 56.10 -4.77
N LEU B 322 -3.96 56.99 -5.00
CA LEU B 322 -3.01 57.37 -3.94
C LEU B 322 -3.77 58.03 -2.76
N CYS B 323 -3.63 57.51 -1.55
CA CYS B 323 -4.45 57.94 -0.41
C CYS B 323 -4.26 59.46 -0.08
N PRO B 324 -5.32 60.24 0.18
CA PRO B 324 -5.29 61.71 0.36
C PRO B 324 -4.73 62.20 1.72
N PHE B 325 -3.58 61.69 2.18
CA PHE B 325 -2.95 62.09 3.44
C PHE B 325 -2.52 63.57 3.49
N GLY B 326 -2.16 64.19 2.36
CA GLY B 326 -1.71 65.60 2.31
C GLY B 326 -2.73 66.59 2.90
N GLU B 327 -4.02 66.32 2.71
CA GLU B 327 -5.15 67.10 3.26
C GLU B 327 -5.25 67.04 4.80
N VAL B 328 -4.52 66.11 5.44
CA VAL B 328 -4.47 65.92 6.89
C VAL B 328 -3.10 66.34 7.46
N PHE B 329 -2.01 66.05 6.75
CA PHE B 329 -0.63 66.29 7.19
C PHE B 329 -0.14 67.74 7.06
N ASN B 330 -0.50 68.46 5.99
CA ASN B 330 0.10 69.78 5.69
C ASN B 330 -0.91 70.87 5.27
N ALA B 331 -2.15 70.53 4.88
CA ALA B 331 -3.17 71.53 4.54
C ALA B 331 -3.47 72.51 5.68
N THR B 332 -3.73 73.78 5.36
CA THR B 332 -3.74 74.90 6.32
C THR B 332 -4.91 74.92 7.31
N LYS B 333 -5.96 74.11 7.08
CA LYS B 333 -7.08 73.89 8.01
C LYS B 333 -6.68 72.96 9.17
N PHE B 334 -5.63 73.30 9.92
CA PHE B 334 -5.07 72.40 10.93
C PHE B 334 -5.97 72.29 12.18
N PRO B 335 -6.36 71.08 12.62
CA PRO B 335 -7.36 70.93 13.69
C PRO B 335 -6.85 71.32 15.09
N SER B 336 -7.78 71.57 16.01
CA SER B 336 -7.48 71.87 17.42
C SER B 336 -6.86 70.66 18.15
N VAL B 337 -6.35 70.88 19.37
CA VAL B 337 -5.75 69.83 20.21
C VAL B 337 -6.77 68.72 20.53
N TYR B 338 -8.02 69.10 20.86
CA TYR B 338 -9.08 68.13 21.17
C TYR B 338 -9.65 67.43 19.93
N ALA B 339 -9.52 68.03 18.74
CA ALA B 339 -10.30 67.59 17.59
C ALA B 339 -9.93 66.18 17.11
N TRP B 340 -8.62 65.87 16.99
CA TRP B 340 -8.11 64.63 16.36
C TRP B 340 -8.85 64.32 15.03
N GLU B 341 -9.18 65.39 14.28
CA GLU B 341 -10.11 65.34 13.15
C GLU B 341 -9.55 64.47 12.02
N ARG B 342 -10.41 63.61 11.44
CA ARG B 342 -9.96 62.48 10.64
C ARG B 342 -10.84 62.17 9.43
N LYS B 343 -10.18 61.73 8.35
CA LYS B 343 -10.83 61.07 7.21
C LYS B 343 -10.56 59.56 7.26
N LYS B 344 -11.58 58.74 7.01
CA LYS B 344 -11.45 57.27 6.92
C LYS B 344 -12.00 56.71 5.61
N ILE B 345 -11.24 55.79 5.00
CA ILE B 345 -11.30 55.48 3.56
C ILE B 345 -10.75 54.08 3.25
N SER B 346 -11.08 53.55 2.07
CA SER B 346 -10.70 52.21 1.59
C SER B 346 -10.25 52.25 0.11
N ASN B 347 -9.68 51.14 -0.40
CA ASN B 347 -9.28 50.97 -1.80
C ASN B 347 -8.30 52.06 -2.28
N CYS B 348 -7.16 52.22 -1.59
CA CYS B 348 -6.15 53.23 -1.89
C CYS B 348 -4.70 52.74 -1.65
N VAL B 349 -3.74 53.35 -2.35
CA VAL B 349 -2.31 53.03 -2.29
C VAL B 349 -1.57 54.02 -1.39
N ALA B 350 -0.69 53.50 -0.53
CA ALA B 350 -0.03 54.19 0.57
C ALA B 350 0.92 55.33 0.14
N ASP B 351 0.34 56.50 -0.16
CA ASP B 351 1.06 57.75 -0.40
C ASP B 351 1.78 58.30 0.85
N TYR B 352 1.41 57.79 2.03
CA TYR B 352 2.04 58.12 3.32
C TYR B 352 3.57 57.95 3.29
N SER B 353 4.12 57.12 2.41
CA SER B 353 5.56 56.93 2.19
C SER B 353 6.33 58.26 2.10
N VAL B 354 5.90 59.22 1.28
CA VAL B 354 6.57 60.53 1.14
C VAL B 354 6.46 61.37 2.41
N LEU B 355 5.33 61.29 3.10
CA LEU B 355 5.07 62.06 4.31
C LEU B 355 5.84 61.50 5.52
N TYR B 356 5.91 60.17 5.66
CA TYR B 356 6.85 59.47 6.54
C TYR B 356 8.31 59.83 6.21
N ASN B 357 8.67 59.88 4.92
CA ASN B 357 10.00 60.31 4.47
C ASN B 357 10.31 61.79 4.79
N SER B 358 9.32 62.62 5.12
CA SER B 358 9.47 64.03 5.49
C SER B 358 9.88 64.22 6.96
N THR B 359 10.95 63.55 7.40
CA THR B 359 11.38 63.36 8.80
C THR B 359 11.93 64.60 9.54
N PHE B 360 11.42 65.79 9.28
CA PHE B 360 11.78 67.02 10.02
C PHE B 360 11.11 67.13 11.41
N PHE B 361 10.34 66.12 11.81
CA PHE B 361 9.57 66.07 13.04
C PHE B 361 10.40 66.28 14.31
N SER B 362 9.84 66.95 15.32
CA SER B 362 10.43 67.02 16.67
C SER B 362 10.31 65.68 17.39
N THR B 363 9.22 64.94 17.18
CA THR B 363 9.16 63.50 17.44
C THR B 363 8.13 62.81 16.53
N PHE B 364 8.40 61.53 16.21
CA PHE B 364 7.50 60.63 15.51
C PHE B 364 7.81 59.17 15.87
N LYS B 365 6.79 58.31 15.97
CA LYS B 365 6.92 56.90 16.38
C LYS B 365 5.67 56.08 16.00
N CYS B 366 5.75 54.75 16.03
CA CYS B 366 4.66 53.85 15.64
C CYS B 366 4.33 52.80 16.71
N TYR B 367 3.03 52.47 16.83
CA TYR B 367 2.54 51.40 17.72
C TYR B 367 2.59 50.02 17.07
N GLY B 368 2.14 49.92 15.81
CA GLY B 368 2.01 48.66 15.07
C GLY B 368 3.33 48.18 14.44
N VAL B 369 3.22 47.52 13.29
CA VAL B 369 4.37 47.33 12.39
C VAL B 369 4.92 48.70 11.91
N SER B 370 6.17 48.72 11.45
CA SER B 370 6.91 49.97 11.19
C SER B 370 6.29 50.85 10.08
N ALA B 371 6.67 52.13 10.05
CA ALA B 371 6.29 53.08 9.00
C ALA B 371 6.78 52.65 7.60
N THR B 372 7.84 51.84 7.53
CA THR B 372 8.22 51.16 6.28
C THR B 372 7.15 50.16 5.84
N LYS B 373 6.73 49.25 6.75
CA LYS B 373 5.74 48.19 6.50
C LYS B 373 4.33 48.71 6.21
N LEU B 374 3.86 49.73 6.94
CA LEU B 374 2.56 50.38 6.67
C LEU B 374 2.45 50.88 5.22
N ASN B 375 3.59 51.24 4.61
CA ASN B 375 3.68 51.74 3.25
C ASN B 375 4.07 50.69 2.18
N ASP B 376 4.34 49.43 2.53
CA ASP B 376 4.70 48.40 1.54
C ASP B 376 3.92 47.06 1.68
N LEU B 377 3.26 46.78 2.81
CA LEU B 377 2.31 45.66 2.98
C LEU B 377 0.86 46.07 2.61
N CYS B 378 -0.10 45.16 2.81
CA CYS B 378 -1.54 45.41 2.64
C CYS B 378 -2.33 45.25 3.96
N PHE B 379 -3.36 46.06 4.13
CA PHE B 379 -4.21 46.21 5.33
C PHE B 379 -5.65 46.54 4.91
N SER B 380 -6.63 46.50 5.82
CA SER B 380 -8.04 46.64 5.43
C SER B 380 -8.44 48.04 4.98
N ASN B 381 -8.26 49.08 5.79
CA ASN B 381 -8.72 50.45 5.49
C ASN B 381 -7.90 51.51 6.25
N VAL B 382 -7.91 52.76 5.78
CA VAL B 382 -7.07 53.87 6.28
C VAL B 382 -7.87 54.84 7.13
N TYR B 383 -7.26 55.29 8.22
CA TYR B 383 -7.68 56.39 9.09
C TYR B 383 -6.55 57.42 9.11
N ALA B 384 -6.82 58.66 8.66
CA ALA B 384 -5.86 59.75 8.59
C ALA B 384 -6.32 60.92 9.46
N ASP B 385 -5.56 61.26 10.50
CA ASP B 385 -6.00 62.13 11.60
C ASP B 385 -4.99 63.26 11.92
N SER B 386 -5.44 64.44 12.34
CA SER B 386 -4.52 65.50 12.81
C SER B 386 -5.09 66.47 13.86
N PHE B 387 -4.17 67.16 14.56
CA PHE B 387 -4.40 68.09 15.68
C PHE B 387 -3.14 68.99 15.90
N VAL B 388 -3.01 69.67 17.04
CA VAL B 388 -1.85 70.52 17.39
C VAL B 388 -1.43 70.27 18.84
N VAL B 389 -0.15 70.47 19.19
CA VAL B 389 0.40 70.27 20.55
C VAL B 389 1.48 71.32 20.90
N LYS B 390 1.58 71.69 22.18
CA LYS B 390 2.65 72.53 22.77
C LYS B 390 3.96 71.75 22.83
N GLY B 391 5.12 72.39 22.79
CA GLY B 391 6.42 71.69 22.89
C GLY B 391 6.64 70.89 24.19
N ASP B 392 5.98 71.22 25.29
CA ASP B 392 5.91 70.35 26.47
C ASP B 392 5.15 69.05 26.19
N ASP B 393 4.01 69.16 25.51
CA ASP B 393 3.09 68.06 25.21
C ASP B 393 3.50 67.23 23.98
N VAL B 394 4.35 67.75 23.08
CA VAL B 394 4.80 67.04 21.87
C VAL B 394 5.51 65.73 22.22
N ARG B 395 6.18 65.69 23.39
CA ARG B 395 6.83 64.50 23.94
C ARG B 395 5.84 63.38 24.30
N GLN B 396 4.59 63.74 24.60
CA GLN B 396 3.53 62.81 25.04
C GLN B 396 2.78 62.14 23.88
N ILE B 397 2.93 62.60 22.63
CA ILE B 397 2.17 62.07 21.48
C ILE B 397 2.52 60.62 21.13
N ALA B 398 3.77 60.21 21.37
CA ALA B 398 4.29 58.90 21.01
C ALA B 398 3.64 57.74 21.81
N PRO B 399 3.45 56.55 21.20
CA PRO B 399 2.90 55.38 21.89
C PRO B 399 3.74 54.97 23.11
N GLY B 400 3.06 54.43 24.13
CA GLY B 400 3.64 54.03 25.42
C GLY B 400 3.47 55.06 26.56
N GLN B 401 2.97 56.27 26.28
CA GLN B 401 2.69 57.31 27.28
C GLN B 401 1.19 57.38 27.64
N THR B 402 0.88 57.76 28.88
CA THR B 402 -0.49 58.01 29.36
C THR B 402 -0.61 59.31 30.14
N GLY B 403 -1.79 59.92 30.09
CA GLY B 403 -2.16 61.18 30.75
C GLY B 403 -3.51 61.67 30.23
N VAL B 404 -4.28 62.43 31.02
CA VAL B 404 -5.68 62.79 30.68
C VAL B 404 -5.83 63.57 29.36
N ILE B 405 -4.80 64.30 28.94
CA ILE B 405 -4.66 64.83 27.57
C ILE B 405 -4.55 63.70 26.55
N ALA B 406 -3.48 62.90 26.63
CA ALA B 406 -3.15 61.86 25.66
C ALA B 406 -4.24 60.79 25.54
N ASP B 407 -4.66 60.19 26.66
CA ASP B 407 -5.54 59.02 26.73
C ASP B 407 -6.82 59.15 25.91
N TYR B 408 -7.36 60.38 25.86
CA TYR B 408 -8.67 60.67 25.28
C TYR B 408 -8.59 61.59 24.04
N ASN B 409 -7.57 62.44 23.90
CA ASN B 409 -7.39 63.19 22.65
C ASN B 409 -6.78 62.34 21.53
N TYR B 410 -5.78 61.47 21.79
CA TYR B 410 -4.94 60.94 20.69
C TYR B 410 -4.18 59.61 20.91
N LYS B 411 -4.17 59.04 22.12
CA LYS B 411 -3.47 57.77 22.45
C LYS B 411 -3.86 56.66 21.46
N LEU B 412 -2.87 56.11 20.75
CA LEU B 412 -3.06 55.11 19.69
C LEU B 412 -3.72 53.84 20.28
N PRO B 413 -4.93 53.46 19.84
CA PRO B 413 -5.63 52.26 20.35
C PRO B 413 -4.89 50.94 20.09
N ASP B 414 -5.22 49.87 20.83
CA ASP B 414 -4.52 48.58 20.72
C ASP B 414 -4.73 47.86 19.37
N ASP B 415 -5.83 48.13 18.66
CA ASP B 415 -6.05 47.69 17.27
C ASP B 415 -5.40 48.60 16.21
N PHE B 416 -4.88 49.76 16.60
CA PHE B 416 -4.45 50.83 15.70
C PHE B 416 -3.03 50.56 15.13
N MET B 417 -2.95 49.71 14.10
CA MET B 417 -1.73 49.51 13.29
C MET B 417 -1.33 50.84 12.62
N GLY B 418 -0.46 51.62 13.25
CA GLY B 418 -0.30 53.03 12.89
C GLY B 418 0.82 53.79 13.61
N CYS B 419 0.91 55.07 13.27
CA CYS B 419 2.01 55.98 13.63
C CYS B 419 1.51 57.38 14.03
N VAL B 420 2.40 58.16 14.64
CA VAL B 420 2.18 59.54 15.09
C VAL B 420 3.40 60.41 14.77
N LEU B 421 3.21 61.64 14.29
CA LEU B 421 4.28 62.53 13.81
C LEU B 421 3.96 64.01 14.11
N ALA B 422 4.95 64.84 14.49
CA ALA B 422 4.73 66.27 14.78
C ALA B 422 5.85 67.22 14.33
N TRP B 423 5.52 68.39 13.78
CA TRP B 423 6.47 69.39 13.27
C TRP B 423 5.99 70.84 13.51
N ASN B 424 6.90 71.81 13.57
CA ASN B 424 6.67 73.13 14.17
C ASN B 424 5.56 73.96 13.48
N THR B 425 4.73 74.63 14.30
CA THR B 425 3.64 75.50 13.84
C THR B 425 4.14 76.83 13.27
N ARG B 426 5.14 77.46 13.89
CA ARG B 426 5.53 78.86 13.59
C ARG B 426 6.11 79.12 12.19
N ASN B 427 6.55 78.08 11.48
CA ASN B 427 7.02 78.18 10.09
C ASN B 427 5.90 78.43 9.07
N ILE B 428 4.62 78.36 9.48
CA ILE B 428 3.45 78.65 8.63
C ILE B 428 2.45 79.56 9.35
N ASP B 429 1.96 79.15 10.52
CA ASP B 429 0.76 79.72 11.15
C ASP B 429 1.01 81.00 12.00
N ALA B 430 2.28 81.39 12.21
CA ALA B 430 2.64 82.41 13.20
C ALA B 430 1.89 83.74 13.00
N THR B 431 1.23 84.19 14.07
CA THR B 431 0.32 85.35 14.09
C THR B 431 0.50 86.11 15.41
N SER B 432 0.48 87.45 15.38
CA SER B 432 0.99 88.32 16.47
C SER B 432 0.27 88.18 17.82
N THR B 433 -0.99 87.74 17.84
CA THR B 433 -1.76 87.49 19.08
C THR B 433 -1.42 86.18 19.78
N GLY B 434 -0.78 85.24 19.07
CA GLY B 434 -0.93 83.81 19.35
C GLY B 434 -2.29 83.28 18.87
N ASN B 435 -2.36 82.01 18.48
CA ASN B 435 -3.54 81.44 17.83
C ASN B 435 -4.60 80.93 18.84
N TYR B 436 -5.46 81.83 19.29
CA TYR B 436 -6.53 81.59 20.28
C TYR B 436 -7.56 80.53 19.87
N ASN B 437 -7.63 80.14 18.60
CA ASN B 437 -8.49 79.06 18.10
C ASN B 437 -8.06 77.67 18.63
N TYR B 438 -6.82 77.50 19.11
CA TYR B 438 -6.33 76.23 19.64
C TYR B 438 -6.94 75.93 21.03
N LYS B 439 -7.83 74.92 21.13
CA LYS B 439 -8.50 74.49 22.38
C LYS B 439 -8.11 73.07 22.80
N TYR B 440 -8.00 72.84 24.13
CA TYR B 440 -7.20 71.74 24.69
C TYR B 440 -7.77 70.30 24.68
N ARG B 441 -8.63 69.84 25.61
CA ARG B 441 -8.84 68.38 25.78
C ARG B 441 -10.19 67.89 26.32
N TYR B 442 -10.43 66.59 26.11
CA TYR B 442 -11.46 65.81 26.81
C TYR B 442 -11.01 65.36 28.22
N LEU B 443 -11.89 64.63 28.92
CA LEU B 443 -11.58 63.75 30.06
C LEU B 443 -12.24 62.34 29.95
N ARG B 444 -12.89 62.03 28.83
CA ARG B 444 -13.87 60.93 28.74
C ARG B 444 -13.24 59.56 28.56
N HIS B 445 -13.28 58.72 29.60
CA HIS B 445 -12.97 57.29 29.47
C HIS B 445 -14.03 56.52 28.68
N GLY B 446 -15.31 56.56 29.08
CA GLY B 446 -16.39 55.71 28.58
C GLY B 446 -16.91 55.98 27.15
N LYS B 447 -16.05 56.43 26.24
CA LYS B 447 -16.23 56.53 24.78
C LYS B 447 -14.98 56.01 24.04
N LEU B 448 -14.35 54.97 24.59
CA LEU B 448 -12.98 54.50 24.28
C LEU B 448 -12.84 53.75 22.95
N ARG B 449 -13.76 53.94 22.00
CA ARG B 449 -13.80 53.20 20.72
C ARG B 449 -12.50 53.37 19.93
N PRO B 450 -11.92 52.28 19.39
CA PRO B 450 -10.81 52.35 18.44
C PRO B 450 -11.09 53.32 17.27
N PHE B 451 -10.03 53.98 16.79
CA PHE B 451 -10.05 54.94 15.67
C PHE B 451 -10.94 56.19 15.87
N GLU B 452 -11.67 56.32 16.98
CA GLU B 452 -12.75 57.32 17.15
C GLU B 452 -12.85 57.91 18.59
N ARG B 453 -11.95 57.61 19.53
CA ARG B 453 -12.16 57.84 20.99
C ARG B 453 -12.75 59.21 21.31
N ASP B 454 -14.02 59.25 21.72
CA ASP B 454 -14.82 60.45 21.98
C ASP B 454 -14.92 61.49 20.82
N ILE B 455 -14.29 61.27 19.67
CA ILE B 455 -14.10 62.31 18.64
C ILE B 455 -15.42 62.76 18.02
N SER B 456 -15.84 63.93 18.46
CA SER B 456 -17.10 64.58 18.12
C SER B 456 -17.01 66.07 18.47
N ASN B 457 -17.83 66.90 17.83
CA ASN B 457 -17.99 68.32 18.17
C ASN B 457 -18.94 68.51 19.38
N VAL B 458 -18.77 67.67 20.41
CA VAL B 458 -19.71 67.49 21.52
C VAL B 458 -18.97 67.33 22.85
N PRO B 459 -19.40 68.00 23.95
CA PRO B 459 -18.85 67.76 25.27
C PRO B 459 -19.36 66.42 25.83
N PHE B 460 -18.44 65.54 26.18
CA PHE B 460 -18.70 64.24 26.82
C PHE B 460 -17.79 64.01 28.04
N SER B 461 -17.02 65.02 28.47
CA SER B 461 -15.80 64.83 29.27
C SER B 461 -15.93 64.07 30.60
N PRO B 462 -16.91 64.32 31.49
CA PRO B 462 -17.11 63.50 32.68
C PRO B 462 -17.21 62.01 32.30
N ASP B 463 -16.35 61.19 32.90
CA ASP B 463 -15.85 59.96 32.27
C ASP B 463 -16.86 58.82 32.00
N GLY B 464 -18.13 58.95 32.40
CA GLY B 464 -19.19 57.98 32.13
C GLY B 464 -20.61 58.56 31.95
N LYS B 465 -20.79 59.89 31.90
CA LYS B 465 -22.13 60.53 31.89
C LYS B 465 -22.84 60.51 30.51
N PRO B 466 -24.19 60.52 30.43
CA PRO B 466 -24.91 60.46 29.16
C PRO B 466 -24.67 61.64 28.19
N CYS B 467 -24.54 62.86 28.72
CA CYS B 467 -24.11 64.08 28.00
C CYS B 467 -24.96 64.52 26.80
N THR B 468 -24.58 65.66 26.19
CA THR B 468 -25.36 66.47 25.25
C THR B 468 -24.43 67.22 24.28
N PRO B 469 -24.92 67.74 23.13
CA PRO B 469 -24.26 68.85 22.43
C PRO B 469 -23.97 70.05 23.36
N PRO B 470 -23.10 71.02 22.96
CA PRO B 470 -22.58 72.10 23.79
C PRO B 470 -23.20 72.98 24.90
N ALA B 471 -24.41 72.66 25.38
CA ALA B 471 -25.02 73.27 26.57
C ALA B 471 -24.32 72.86 27.88
N LEU B 472 -24.63 73.57 28.97
CA LEU B 472 -24.03 73.37 30.31
C LEU B 472 -24.39 72.04 31.01
N ASN B 473 -25.10 71.12 30.33
CA ASN B 473 -25.44 69.79 30.83
C ASN B 473 -24.22 68.83 30.85
N CYS B 474 -23.19 69.08 30.03
CA CYS B 474 -21.95 68.29 30.03
C CYS B 474 -20.74 69.13 29.57
N TYR B 475 -19.53 68.68 29.93
CA TYR B 475 -18.36 69.56 30.06
C TYR B 475 -17.18 69.20 29.14
N TRP B 476 -16.24 70.13 29.03
CA TRP B 476 -15.14 70.10 28.06
C TRP B 476 -13.96 70.97 28.56
N PRO B 477 -12.83 70.36 29.02
CA PRO B 477 -11.58 71.05 29.35
C PRO B 477 -10.83 71.64 28.14
N LEU B 478 -11.53 72.45 27.36
CA LEU B 478 -11.05 73.17 26.19
C LEU B 478 -10.32 74.46 26.62
N ASN B 479 -9.22 74.27 27.37
CA ASN B 479 -8.32 75.34 27.80
C ASN B 479 -7.67 76.04 26.58
N ASP B 480 -7.28 77.30 26.74
CA ASP B 480 -6.57 78.07 25.71
C ASP B 480 -5.10 77.65 25.57
N TYR B 481 -4.56 77.68 24.35
CA TYR B 481 -3.33 76.96 23.99
C TYR B 481 -2.52 77.65 22.86
N GLY B 482 -2.73 78.95 22.67
CA GLY B 482 -2.34 79.70 21.47
C GLY B 482 -0.87 80.17 21.41
N PHE B 483 0.11 79.33 21.70
CA PHE B 483 1.54 79.70 21.71
C PHE B 483 2.08 80.10 20.31
N TYR B 484 3.16 80.88 20.26
CA TYR B 484 3.72 81.47 19.02
C TYR B 484 5.19 81.91 19.20
N THR B 485 5.90 82.24 18.12
CA THR B 485 7.39 82.32 18.09
C THR B 485 8.05 83.37 19.00
N THR B 486 7.29 84.31 19.59
CA THR B 486 7.79 85.21 20.66
C THR B 486 8.17 84.42 21.92
N THR B 487 7.49 83.31 22.16
CA THR B 487 7.79 82.32 23.20
C THR B 487 8.85 81.31 22.70
N GLY B 488 9.60 80.69 23.62
CA GLY B 488 10.67 79.73 23.27
C GLY B 488 10.18 78.40 22.69
N ILE B 489 11.10 77.60 22.16
CA ILE B 489 10.84 76.36 21.39
C ILE B 489 10.03 75.30 22.17
N GLY B 490 10.08 75.33 23.50
CA GLY B 490 9.25 74.49 24.39
C GLY B 490 7.79 74.97 24.54
N TYR B 491 7.55 76.28 24.48
CA TYR B 491 6.20 76.85 24.41
C TYR B 491 5.60 76.70 23.01
N GLN B 492 6.39 76.98 21.97
CA GLN B 492 5.94 76.99 20.58
C GLN B 492 5.14 75.72 20.20
N PRO B 493 4.06 75.82 19.41
CA PRO B 493 3.26 74.65 19.05
C PRO B 493 3.87 73.85 17.88
N TYR B 494 3.37 72.63 17.71
CA TYR B 494 3.69 71.71 16.63
C TYR B 494 2.39 71.15 16.05
N ARG B 495 2.25 71.18 14.73
CA ARG B 495 1.18 70.50 13.99
C ARG B 495 1.46 69.00 14.03
N VAL B 496 0.44 68.18 14.31
CA VAL B 496 0.62 66.75 14.60
C VAL B 496 -0.41 65.89 13.88
N VAL B 497 0.04 64.70 13.47
CA VAL B 497 -0.74 63.66 12.82
C VAL B 497 -0.74 62.39 13.67
N VAL B 498 -1.85 61.66 13.65
CA VAL B 498 -1.93 60.25 14.02
C VAL B 498 -2.60 59.52 12.84
N LEU B 499 -2.14 58.33 12.45
CA LEU B 499 -2.74 57.59 11.33
C LEU B 499 -2.61 56.08 11.46
N SER B 500 -3.54 55.33 10.85
CA SER B 500 -3.50 53.87 10.79
C SER B 500 -3.96 53.29 9.45
N PHE B 501 -3.29 52.21 9.04
CA PHE B 501 -3.77 51.25 8.05
C PHE B 501 -4.27 50.02 8.82
N GLU B 502 -5.57 49.94 9.10
CA GLU B 502 -6.16 48.98 10.05
C GLU B 502 -6.01 47.52 9.61
N LEU B 503 -5.45 46.66 10.48
CA LEU B 503 -5.57 45.21 10.34
C LEU B 503 -6.97 44.74 10.80
N LEU B 504 -7.62 43.91 9.98
CA LEU B 504 -8.95 43.31 10.18
C LEU B 504 -9.03 41.98 9.42
N ASN B 505 -10.03 41.16 9.74
CA ASN B 505 -10.36 39.97 8.94
C ASN B 505 -11.05 40.30 7.59
N ALA B 506 -11.56 41.53 7.42
CA ALA B 506 -12.05 42.04 6.13
C ALA B 506 -10.93 42.14 5.06
N PRO B 507 -11.26 42.19 3.76
CA PRO B 507 -10.27 42.26 2.67
C PRO B 507 -9.26 43.40 2.80
N ALA B 508 -8.01 43.15 2.38
CA ALA B 508 -6.89 44.07 2.54
C ALA B 508 -6.88 45.21 1.49
N THR B 509 -7.87 46.12 1.56
CA THR B 509 -8.13 47.10 0.49
C THR B 509 -7.07 48.19 0.33
N VAL B 510 -6.24 48.46 1.34
CA VAL B 510 -5.21 49.51 1.31
C VAL B 510 -3.81 48.90 1.34
N CYS B 511 -2.93 49.34 0.44
CA CYS B 511 -1.68 48.63 0.16
C CYS B 511 -0.51 49.56 -0.18
N GLY B 512 0.71 49.05 -0.07
CA GLY B 512 1.86 49.56 -0.83
C GLY B 512 1.72 49.36 -2.35
N PRO B 513 2.64 49.91 -3.15
CA PRO B 513 2.58 49.86 -4.61
C PRO B 513 2.79 48.44 -5.17
N LYS B 514 2.11 48.14 -6.29
CA LYS B 514 2.38 46.97 -7.13
C LYS B 514 3.60 47.24 -8.03
N LEU B 515 4.80 47.13 -7.46
CA LEU B 515 6.06 47.49 -8.09
C LEU B 515 6.34 46.66 -9.36
N SER B 516 6.11 47.25 -10.54
CA SER B 516 6.35 46.62 -11.83
C SER B 516 7.78 46.88 -12.32
N THR B 517 8.38 45.91 -12.99
CA THR B 517 9.70 46.02 -13.64
C THR B 517 9.56 46.28 -15.13
N ASP B 518 10.69 46.51 -15.80
CA ASP B 518 10.79 46.32 -17.24
C ASP B 518 10.47 44.87 -17.61
N LEU B 519 10.02 44.67 -18.85
CA LEU B 519 10.03 43.38 -19.53
C LEU B 519 11.46 43.05 -20.03
N ILE B 520 11.84 41.77 -20.01
CA ILE B 520 13.11 41.25 -20.52
C ILE B 520 12.81 40.21 -21.61
N LYS B 521 12.73 40.65 -22.86
CA LYS B 521 12.58 39.75 -24.02
C LYS B 521 13.80 38.86 -24.19
N ASN B 522 13.62 37.66 -24.73
CA ASN B 522 14.67 36.77 -25.23
C ASN B 522 15.74 36.33 -24.21
N GLN B 523 15.40 36.26 -22.91
CA GLN B 523 16.18 35.57 -21.89
C GLN B 523 15.30 34.67 -21.05
N CYS B 524 15.87 33.63 -20.47
CA CYS B 524 15.19 32.82 -19.46
C CYS B 524 15.05 33.63 -18.18
N VAL B 525 13.84 33.85 -17.69
CA VAL B 525 13.54 34.66 -16.50
C VAL B 525 12.44 34.03 -15.67
N ASN B 526 12.41 34.36 -14.39
CA ASN B 526 11.17 34.26 -13.63
C ASN B 526 10.20 35.31 -14.14
N PHE B 527 8.90 35.03 -14.10
CA PHE B 527 7.89 35.97 -14.55
C PHE B 527 6.67 35.99 -13.64
N ASN B 528 5.99 37.13 -13.62
CA ASN B 528 4.82 37.40 -12.79
C ASN B 528 3.86 38.36 -13.51
N PHE B 529 2.70 37.84 -13.91
CA PHE B 529 1.54 38.58 -14.42
C PHE B 529 0.73 39.16 -13.23
N ASN B 530 -0.57 39.38 -13.37
CA ASN B 530 -1.48 39.71 -12.27
C ASN B 530 -1.50 38.66 -11.14
N GLY B 531 -1.06 37.43 -11.42
CA GLY B 531 -1.05 36.31 -10.46
C GLY B 531 -0.50 35.01 -11.06
N LEU B 532 -0.72 34.79 -12.36
CA LEU B 532 0.01 33.79 -13.15
C LEU B 532 1.52 34.02 -13.03
N THR B 533 2.26 32.99 -12.65
CA THR B 533 3.70 33.03 -12.36
C THR B 533 4.40 31.77 -12.85
N GLY B 534 5.70 31.86 -13.09
CA GLY B 534 6.50 30.73 -13.55
C GLY B 534 7.92 31.13 -13.93
N THR B 535 8.58 30.28 -14.69
CA THR B 535 9.90 30.52 -15.28
C THR B 535 9.86 30.18 -16.75
N GLY B 536 10.42 31.01 -17.62
CA GLY B 536 10.41 30.76 -19.05
C GLY B 536 11.14 31.82 -19.84
N VAL B 537 11.15 31.68 -21.16
CA VAL B 537 11.71 32.67 -22.09
C VAL B 537 10.55 33.40 -22.72
N LEU B 538 10.51 34.72 -22.53
CA LEU B 538 9.43 35.59 -23.00
C LEU B 538 9.85 36.24 -24.31
N THR B 539 8.94 36.31 -25.27
CA THR B 539 9.21 36.79 -26.63
C THR B 539 8.02 37.61 -27.15
N PRO B 540 8.20 38.58 -28.05
CA PRO B 540 7.07 39.22 -28.72
C PRO B 540 6.44 38.23 -29.72
N SER B 541 5.15 38.39 -30.05
CA SER B 541 4.46 37.40 -30.88
C SER B 541 3.44 37.99 -31.85
N SER B 542 3.14 37.23 -32.90
CA SER B 542 2.11 37.52 -33.90
C SER B 542 0.71 37.07 -33.46
N LYS B 543 0.57 36.53 -32.24
CA LYS B 543 -0.57 35.68 -31.84
C LYS B 543 -1.86 36.50 -31.73
N ARG B 544 -2.67 36.39 -32.77
CA ARG B 544 -3.84 37.24 -33.07
C ARG B 544 -5.05 36.84 -32.24
N PHE B 545 -5.19 37.37 -31.03
CA PHE B 545 -6.30 37.05 -30.13
C PHE B 545 -7.14 38.25 -29.67
N GLN B 546 -8.42 37.96 -29.39
CA GLN B 546 -9.51 38.91 -29.30
C GLN B 546 -9.37 39.89 -28.11
N PRO B 547 -9.98 41.08 -28.16
CA PRO B 547 -9.84 42.12 -27.13
C PRO B 547 -10.19 41.70 -25.70
N PHE B 548 -11.12 40.77 -25.53
CA PHE B 548 -11.51 40.26 -24.22
C PHE B 548 -10.54 39.21 -23.65
N GLN B 549 -9.54 38.74 -24.40
CA GLN B 549 -8.68 37.62 -23.99
C GLN B 549 -7.38 38.04 -23.31
N GLN B 550 -6.97 37.26 -22.31
CA GLN B 550 -5.74 37.44 -21.56
C GLN B 550 -4.65 36.45 -21.92
N PHE B 551 -4.97 35.16 -22.10
CA PHE B 551 -3.99 34.10 -22.28
C PHE B 551 -4.19 33.34 -23.59
N GLY B 552 -3.15 32.66 -24.07
CA GLY B 552 -3.31 31.54 -24.99
C GLY B 552 -2.87 30.23 -24.34
N ARG B 553 -3.59 29.16 -24.66
CA ARG B 553 -3.26 27.78 -24.29
C ARG B 553 -2.80 27.02 -25.53
N ASP B 554 -1.79 26.17 -25.38
CA ASP B 554 -1.42 25.22 -26.44
C ASP B 554 -2.40 24.03 -26.49
N VAL B 555 -2.22 23.11 -27.44
CA VAL B 555 -3.15 21.95 -27.59
C VAL B 555 -3.16 21.07 -26.34
N SER B 556 -2.02 20.93 -25.68
CA SER B 556 -1.83 20.31 -24.36
C SER B 556 -2.30 21.17 -23.18
N ASP B 557 -2.93 22.32 -23.43
CA ASP B 557 -3.51 23.27 -22.48
C ASP B 557 -2.57 23.82 -21.38
N PHE B 558 -1.25 23.86 -21.63
CA PHE B 558 -0.35 24.73 -20.87
C PHE B 558 -0.41 26.16 -21.41
N THR B 559 -0.19 27.17 -20.56
CA THR B 559 -0.17 28.57 -21.00
C THR B 559 1.06 28.84 -21.85
N ASP B 560 0.90 29.32 -23.07
CA ASP B 560 2.03 29.62 -23.97
C ASP B 560 2.15 31.10 -24.33
N SER B 561 1.20 31.93 -23.91
CA SER B 561 1.21 33.35 -24.26
C SER B 561 0.29 34.14 -23.34
N VAL B 562 0.55 35.43 -23.20
CA VAL B 562 -0.17 36.34 -22.31
C VAL B 562 -0.23 37.75 -22.89
N ARG B 563 -1.28 38.49 -22.55
CA ARG B 563 -1.34 39.93 -22.72
C ARG B 563 -0.53 40.60 -21.60
N ASP B 564 0.35 41.54 -21.92
CA ASP B 564 1.11 42.30 -20.92
C ASP B 564 0.17 43.21 -20.13
N PRO B 565 0.04 43.11 -18.80
CA PRO B 565 -0.95 43.87 -18.06
C PRO B 565 -0.68 45.38 -18.05
N LYS B 566 0.51 45.83 -18.50
CA LYS B 566 0.76 47.26 -18.76
C LYS B 566 0.40 47.72 -20.16
N THR B 567 0.24 46.85 -21.16
CA THR B 567 0.24 47.27 -22.58
C THR B 567 -0.58 46.34 -23.49
N SER B 568 -1.11 46.84 -24.61
CA SER B 568 -1.75 46.03 -25.66
C SER B 568 -0.72 45.22 -26.47
N GLU B 569 -0.01 44.32 -25.79
CA GLU B 569 1.09 43.51 -26.33
C GLU B 569 0.90 42.04 -25.93
N ILE B 570 1.10 41.12 -26.88
CA ILE B 570 0.91 39.68 -26.67
C ILE B 570 2.26 38.99 -26.66
N LEU B 571 2.75 38.66 -25.47
CA LEU B 571 3.99 37.93 -25.28
C LEU B 571 3.75 36.43 -25.44
N ASP B 572 4.73 35.74 -25.99
CA ASP B 572 4.77 34.30 -26.15
C ASP B 572 5.87 33.74 -25.24
N ILE B 573 5.48 32.77 -24.41
CA ILE B 573 6.29 32.11 -23.38
C ILE B 573 6.71 30.73 -23.88
N SER B 574 7.97 30.38 -23.73
CA SER B 574 8.52 29.06 -24.07
C SER B 574 9.46 28.58 -22.97
N PRO B 575 9.69 27.27 -22.80
CA PRO B 575 10.47 26.77 -21.67
C PRO B 575 11.95 27.13 -21.79
N CYS B 576 12.63 27.30 -20.66
CA CYS B 576 14.07 27.52 -20.62
C CYS B 576 14.81 26.26 -21.09
N SER B 577 15.84 26.42 -21.91
CA SER B 577 16.48 25.33 -22.64
C SER B 577 16.98 24.23 -21.69
N PHE B 578 16.57 22.98 -21.94
CA PHE B 578 16.90 21.81 -21.11
C PHE B 578 16.99 20.53 -21.96
N GLY B 579 17.70 19.50 -21.49
CA GLY B 579 17.81 18.23 -22.19
C GLY B 579 18.75 17.24 -21.49
N GLY B 580 18.83 16.01 -22.00
CA GLY B 580 19.76 15.01 -21.46
C GLY B 580 21.21 15.33 -21.79
N VAL B 581 22.12 15.00 -20.88
CA VAL B 581 23.56 15.07 -21.10
C VAL B 581 24.11 13.66 -21.20
N SER B 582 24.88 13.40 -22.24
CA SER B 582 25.55 12.13 -22.45
C SER B 582 27.04 12.34 -22.68
N VAL B 583 27.85 11.45 -22.15
CA VAL B 583 29.32 11.52 -22.24
C VAL B 583 29.77 10.47 -23.23
N ILE B 584 30.54 10.88 -24.23
CA ILE B 584 31.18 10.03 -25.23
C ILE B 584 32.59 9.76 -24.71
N THR B 585 32.98 8.50 -24.63
CA THR B 585 34.27 8.11 -24.09
C THR B 585 34.94 6.99 -24.89
N PRO B 586 36.26 7.03 -25.11
CA PRO B 586 37.05 5.84 -25.35
C PRO B 586 36.99 4.94 -24.12
N GLY B 587 37.54 3.73 -24.17
CA GLY B 587 37.75 2.97 -22.94
C GLY B 587 38.77 3.69 -22.04
N THR B 588 38.55 3.76 -20.72
CA THR B 588 39.50 4.40 -19.80
C THR B 588 40.84 3.67 -19.71
N ASN B 589 40.91 2.41 -20.17
CA ASN B 589 42.17 1.72 -20.40
C ASN B 589 43.00 2.36 -21.53
N ALA B 590 42.36 2.97 -22.52
CA ALA B 590 43.01 3.65 -23.64
C ALA B 590 43.29 5.14 -23.35
N SER B 591 42.29 5.89 -22.88
CA SER B 591 42.43 7.33 -22.62
C SER B 591 41.44 7.83 -21.56
N SER B 592 41.80 8.90 -20.86
CA SER B 592 40.95 9.61 -19.90
C SER B 592 40.27 10.84 -20.47
N GLU B 593 40.45 11.13 -21.76
CA GLU B 593 39.78 12.24 -22.45
C GLU B 593 38.36 11.86 -22.89
N VAL B 594 37.41 12.80 -22.84
CA VAL B 594 36.00 12.57 -23.19
C VAL B 594 35.40 13.76 -23.93
N ALA B 595 34.28 13.54 -24.61
CA ALA B 595 33.45 14.56 -25.25
C ALA B 595 32.03 14.46 -24.72
N VAL B 596 31.23 15.51 -24.86
CA VAL B 596 29.89 15.60 -24.23
C VAL B 596 28.86 16.02 -25.25
N LEU B 597 27.70 15.37 -25.26
CA LEU B 597 26.55 15.74 -26.07
C LEU B 597 25.47 16.30 -25.17
N TYR B 598 25.09 17.54 -25.40
CA TYR B 598 23.94 18.19 -24.78
C TYR B 598 22.76 18.01 -25.73
N GLN B 599 21.85 17.09 -25.44
CA GLN B 599 20.89 16.62 -26.43
C GLN B 599 19.86 17.69 -26.81
N ASP B 600 19.42 17.67 -28.07
CA ASP B 600 18.37 18.50 -28.68
C ASP B 600 18.60 20.02 -28.72
N VAL B 601 19.35 20.60 -27.78
CA VAL B 601 19.54 22.05 -27.64
C VAL B 601 20.43 22.65 -28.73
N ASN B 602 20.27 23.95 -28.92
CA ASN B 602 21.10 24.76 -29.82
C ASN B 602 22.39 25.13 -29.09
N CYS B 603 23.55 25.06 -29.73
CA CYS B 603 24.81 25.38 -29.05
C CYS B 603 24.86 26.78 -28.44
N THR B 604 24.16 27.75 -29.01
CA THR B 604 24.06 29.10 -28.45
C THR B 604 23.47 29.08 -27.03
N ASP B 605 22.51 28.19 -26.75
CA ASP B 605 21.91 28.05 -25.43
C ASP B 605 22.85 27.38 -24.43
N VAL B 606 23.91 26.72 -24.90
CA VAL B 606 24.92 26.05 -24.07
C VAL B 606 26.16 26.91 -23.87
N SER B 607 26.53 27.75 -24.84
CA SER B 607 27.51 28.81 -24.66
C SER B 607 26.90 30.01 -23.92
N THR B 608 26.54 29.81 -22.65
CA THR B 608 25.97 30.82 -21.74
C THR B 608 26.80 30.88 -20.46
N ALA B 609 27.16 32.08 -20.00
CA ALA B 609 28.20 32.31 -18.98
C ALA B 609 29.59 31.73 -19.35
N ILE B 610 29.78 31.39 -20.63
CA ILE B 610 30.91 30.65 -21.21
C ILE B 610 31.50 31.44 -22.38
N HIS B 611 32.83 31.35 -22.54
CA HIS B 611 33.60 32.10 -23.54
C HIS B 611 34.82 31.29 -24.06
N ALA B 612 34.62 30.02 -24.40
CA ALA B 612 35.71 29.07 -24.74
C ALA B 612 35.30 27.97 -25.73
N ASP B 613 36.26 27.21 -26.27
CA ASP B 613 36.02 26.12 -27.24
C ASP B 613 36.71 24.78 -26.93
N GLN B 614 36.08 23.71 -27.40
CA GLN B 614 36.51 22.31 -27.29
C GLN B 614 36.92 21.91 -25.85
N LEU B 615 37.97 21.12 -25.65
CA LEU B 615 38.28 20.55 -24.34
C LEU B 615 38.71 21.65 -23.35
N THR B 616 37.88 21.86 -22.32
CA THR B 616 37.83 23.10 -21.52
C THR B 616 37.43 22.81 -20.06
N PRO B 617 37.71 23.75 -19.12
CA PRO B 617 37.32 23.62 -17.72
C PRO B 617 35.86 23.21 -17.54
N ALA B 618 35.67 22.05 -16.91
CA ALA B 618 34.44 21.31 -16.99
C ALA B 618 33.28 21.93 -16.21
N TRP B 619 33.51 22.33 -14.97
CA TRP B 619 32.50 22.79 -14.00
C TRP B 619 31.61 23.93 -14.50
N ARG B 620 32.11 24.78 -15.42
CA ARG B 620 31.47 26.04 -15.82
C ARG B 620 30.02 25.85 -16.28
N ILE B 621 29.79 24.80 -17.07
CA ILE B 621 28.45 24.22 -17.30
C ILE B 621 28.35 22.96 -16.42
N TYR B 622 27.87 23.12 -15.19
CA TYR B 622 27.66 22.09 -14.16
C TYR B 622 28.92 21.30 -13.76
N SER B 623 29.41 20.44 -14.66
CA SER B 623 30.45 19.43 -14.49
C SER B 623 31.04 18.98 -15.83
N THR B 624 30.69 19.61 -16.96
CA THR B 624 30.66 18.95 -18.29
C THR B 624 31.12 19.79 -19.52
N GLY B 625 31.90 20.86 -19.38
CA GLY B 625 32.72 21.43 -20.49
C GLY B 625 32.02 22.40 -21.46
N ASN B 626 32.78 23.02 -22.41
CA ASN B 626 32.37 24.19 -23.22
C ASN B 626 32.94 24.24 -24.68
N ASN B 627 32.06 24.23 -25.71
CA ASN B 627 32.34 24.33 -27.18
C ASN B 627 31.08 24.69 -27.99
N VAL B 628 31.26 25.03 -29.27
CA VAL B 628 30.20 24.99 -30.29
C VAL B 628 30.53 23.94 -31.36
N PHE B 629 29.62 22.99 -31.58
CA PHE B 629 29.48 22.21 -32.82
C PHE B 629 28.08 21.61 -32.85
N GLN B 630 27.21 22.08 -33.75
CA GLN B 630 25.83 21.62 -33.81
C GLN B 630 25.71 20.28 -34.54
N THR B 631 24.86 19.39 -34.05
CA THR B 631 24.38 18.19 -34.75
C THR B 631 22.87 18.08 -34.55
N GLN B 632 22.16 17.27 -35.33
CA GLN B 632 20.73 17.06 -35.08
C GLN B 632 20.44 16.41 -33.72
N ALA B 633 21.36 15.60 -33.21
CA ALA B 633 21.26 15.02 -31.88
C ALA B 633 21.40 16.05 -30.76
N GLY B 634 22.05 17.20 -31.00
CA GLY B 634 22.31 18.24 -30.02
C GLY B 634 23.66 18.91 -30.20
N CYS B 635 24.05 19.73 -29.22
CA CYS B 635 25.34 20.39 -29.24
C CYS B 635 26.46 19.46 -28.75
N LEU B 636 27.54 19.32 -29.49
CA LEU B 636 28.59 18.35 -29.24
C LEU B 636 29.90 19.04 -28.86
N ILE B 637 30.49 18.65 -27.74
CA ILE B 637 31.57 19.40 -27.09
C ILE B 637 32.78 18.50 -26.88
N GLY B 638 33.96 18.92 -27.32
CA GLY B 638 35.23 18.21 -27.10
C GLY B 638 35.63 17.22 -28.19
N ALA B 639 34.72 16.85 -29.10
CA ALA B 639 35.04 16.13 -30.31
C ALA B 639 35.41 17.07 -31.46
N GLU B 640 36.26 16.65 -32.38
CA GLU B 640 36.59 17.40 -33.60
C GLU B 640 35.83 16.87 -34.80
N HIS B 641 35.12 17.72 -35.54
CA HIS B 641 34.51 17.30 -36.80
C HIS B 641 35.60 16.98 -37.83
N VAL B 642 35.48 15.83 -38.50
CA VAL B 642 36.44 15.34 -39.50
C VAL B 642 35.71 14.88 -40.74
N ASP B 643 36.19 15.30 -41.92
CA ASP B 643 35.50 15.09 -43.19
C ASP B 643 35.68 13.71 -43.80
N THR B 644 36.78 13.01 -43.54
CA THR B 644 36.95 11.62 -43.95
C THR B 644 35.96 10.73 -43.20
N SER B 645 35.15 9.94 -43.91
CA SER B 645 34.20 9.00 -43.30
C SER B 645 34.84 7.64 -42.96
N TYR B 646 34.26 6.94 -42.00
CA TYR B 646 34.65 5.61 -41.51
C TYR B 646 33.42 4.80 -41.11
N GLU B 647 33.53 3.51 -40.83
CA GLU B 647 32.44 2.78 -40.18
C GLU B 647 32.12 3.34 -38.79
N CYS B 648 30.89 3.18 -38.31
CA CYS B 648 30.45 3.84 -37.09
C CYS B 648 31.00 3.15 -35.83
N ASP B 649 31.89 3.83 -35.12
CA ASP B 649 32.52 3.33 -33.91
C ASP B 649 31.64 3.53 -32.66
N ILE B 650 31.32 4.77 -32.30
CA ILE B 650 30.32 5.11 -31.27
C ILE B 650 29.17 5.88 -31.95
N PRO B 651 27.91 5.44 -31.87
CA PRO B 651 26.80 6.10 -32.55
C PRO B 651 26.31 7.34 -31.81
N ILE B 652 26.12 8.46 -32.51
CA ILE B 652 25.49 9.68 -31.95
C ILE B 652 24.08 9.86 -32.49
N GLY B 653 23.89 9.99 -33.80
CA GLY B 653 22.56 10.20 -34.40
C GLY B 653 22.62 10.87 -35.77
N ALA B 654 21.61 10.68 -36.60
CA ALA B 654 21.49 11.34 -37.90
C ALA B 654 22.77 11.21 -38.78
N GLY B 655 23.36 10.02 -38.84
CA GLY B 655 24.55 9.71 -39.63
C GLY B 655 25.87 10.07 -38.97
N ILE B 656 25.88 10.76 -37.82
CA ILE B 656 27.10 11.12 -37.11
C ILE B 656 27.51 10.01 -36.15
N CYS B 657 28.80 9.70 -36.13
CA CYS B 657 29.43 8.82 -35.15
C CYS B 657 30.71 9.44 -34.63
N ALA B 658 31.22 8.95 -33.50
CA ALA B 658 32.45 9.40 -32.89
C ALA B 658 33.44 8.26 -32.70
N SER B 659 34.73 8.52 -32.78
CA SER B 659 35.78 7.54 -32.52
C SER B 659 37.01 8.20 -31.93
N TYR B 660 37.89 7.41 -31.33
CA TYR B 660 39.22 7.85 -30.95
C TYR B 660 40.18 7.55 -32.10
N HIS B 661 40.75 8.58 -32.73
CA HIS B 661 41.58 8.45 -33.94
C HIS B 661 42.88 9.21 -33.79
N THR B 662 43.90 8.80 -34.53
CA THR B 662 45.14 9.56 -34.70
C THR B 662 44.91 10.74 -35.66
N VAL B 663 44.25 11.79 -35.17
CA VAL B 663 43.79 12.94 -35.96
C VAL B 663 44.88 13.59 -36.81
N SER B 664 46.10 13.75 -36.28
CA SER B 664 47.25 14.24 -37.04
C SER B 664 48.57 13.99 -36.29
N LEU B 665 49.51 13.28 -36.92
CA LEU B 665 50.86 13.03 -36.37
C LEU B 665 51.64 14.33 -36.11
N LEU B 666 51.27 15.45 -36.76
CA LEU B 666 51.88 16.76 -36.54
C LEU B 666 51.72 17.25 -35.09
N ARG B 667 50.69 16.79 -34.37
CA ARG B 667 50.40 17.19 -32.98
C ARG B 667 51.22 16.45 -31.91
N SER B 668 52.31 15.76 -32.31
CA SER B 668 53.23 15.05 -31.42
C SER B 668 52.49 14.04 -30.52
N THR B 669 52.73 14.03 -29.20
CA THR B 669 52.02 13.14 -28.24
C THR B 669 50.49 13.28 -28.32
N SER B 670 49.99 14.49 -28.56
CA SER B 670 48.55 14.78 -28.74
C SER B 670 48.01 14.46 -30.15
N GLN B 671 48.72 13.64 -30.93
CA GLN B 671 48.27 13.15 -32.23
C GLN B 671 46.98 12.32 -32.20
N LYS B 672 46.51 11.87 -31.03
CA LYS B 672 45.19 11.25 -30.87
C LYS B 672 44.16 12.22 -30.30
N SER B 673 42.93 12.13 -30.79
CA SER B 673 41.79 12.87 -30.25
C SER B 673 40.47 12.14 -30.53
N ILE B 674 39.38 12.59 -29.89
CA ILE B 674 38.04 12.15 -30.29
C ILE B 674 37.63 12.92 -31.55
N VAL B 675 37.26 12.21 -32.60
CA VAL B 675 36.76 12.78 -33.85
C VAL B 675 35.31 12.41 -34.06
N ALA B 676 34.51 13.31 -34.59
CA ALA B 676 33.14 13.08 -35.02
C ALA B 676 33.08 13.14 -36.55
N TYR B 677 32.39 12.20 -37.18
CA TYR B 677 32.40 12.04 -38.63
C TYR B 677 31.06 11.50 -39.13
N THR B 678 30.71 11.79 -40.38
CA THR B 678 29.57 11.14 -41.03
C THR B 678 29.97 9.72 -41.39
N MET B 679 29.21 8.72 -40.96
CA MET B 679 29.60 7.32 -41.16
C MET B 679 29.55 6.88 -42.63
N SER B 680 30.29 5.82 -42.96
CA SER B 680 30.26 5.16 -44.26
C SER B 680 29.43 3.89 -44.20
N LEU B 681 28.53 3.70 -45.16
CA LEU B 681 27.58 2.59 -45.16
C LEU B 681 28.21 1.24 -45.53
N GLY B 682 29.34 1.25 -46.23
CA GLY B 682 30.09 0.06 -46.62
C GLY B 682 31.12 0.35 -47.69
N ALA B 683 31.89 -0.65 -48.09
CA ALA B 683 32.86 -0.54 -49.16
C ALA B 683 32.18 -0.16 -50.48
N ASP B 684 32.57 0.95 -51.11
CA ASP B 684 32.10 1.28 -52.46
C ASP B 684 32.62 0.24 -53.46
N SER B 685 31.78 -0.16 -54.40
CA SER B 685 32.08 -1.22 -55.36
C SER B 685 31.19 -1.10 -56.60
N SER B 686 31.60 -1.68 -57.72
CA SER B 686 30.77 -1.73 -58.92
C SER B 686 30.95 -3.04 -59.67
N ILE B 687 29.85 -3.52 -60.26
CA ILE B 687 29.79 -4.79 -60.98
C ILE B 687 29.72 -4.45 -62.47
N ALA B 688 30.62 -5.03 -63.26
CA ALA B 688 30.64 -4.88 -64.71
C ALA B 688 29.46 -5.64 -65.34
N TYR B 689 28.25 -5.07 -65.27
CA TYR B 689 27.08 -5.71 -65.86
C TYR B 689 27.26 -5.87 -67.38
N SER B 690 26.72 -6.95 -67.94
CA SER B 690 27.01 -7.35 -69.30
C SER B 690 25.82 -7.98 -70.00
N ASN B 691 25.81 -7.82 -71.31
CA ASN B 691 24.84 -8.40 -72.22
C ASN B 691 25.13 -9.90 -72.49
N ASN B 692 26.36 -10.38 -72.27
CA ASN B 692 26.83 -11.67 -72.78
C ASN B 692 27.92 -12.36 -71.94
N THR B 693 28.16 -11.93 -70.70
CA THR B 693 29.32 -12.38 -69.90
C THR B 693 28.88 -12.86 -68.52
N ILE B 694 29.48 -13.94 -68.03
CA ILE B 694 29.20 -14.53 -66.71
C ILE B 694 30.48 -14.80 -65.94
N ALA B 695 30.50 -14.59 -64.64
CA ALA B 695 31.63 -14.98 -63.78
C ALA B 695 31.32 -16.30 -63.05
N ILE B 696 32.20 -17.31 -63.17
CA ILE B 696 32.01 -18.64 -62.57
C ILE B 696 33.16 -18.93 -61.60
N PRO B 697 32.89 -19.33 -60.35
CA PRO B 697 33.92 -19.65 -59.40
C PRO B 697 34.79 -20.82 -59.86
N THR B 698 36.10 -20.68 -59.79
CA THR B 698 37.08 -21.73 -60.09
C THR B 698 37.65 -22.38 -58.83
N ASN B 699 37.35 -21.85 -57.65
CA ASN B 699 37.79 -22.39 -56.37
C ASN B 699 36.81 -22.01 -55.24
N PHE B 700 36.94 -22.65 -54.09
CA PHE B 700 36.06 -22.51 -52.94
C PHE B 700 36.80 -22.60 -51.62
N SER B 701 36.17 -22.13 -50.56
CA SER B 701 36.68 -22.17 -49.19
C SER B 701 35.62 -22.74 -48.27
N ILE B 702 36.01 -23.68 -47.40
CA ILE B 702 35.20 -24.12 -46.26
C ILE B 702 35.27 -23.06 -45.18
N SER B 703 34.21 -22.87 -44.39
CA SER B 703 34.15 -21.86 -43.35
C SER B 703 33.39 -22.38 -42.14
N ILE B 704 33.71 -21.89 -40.95
CA ILE B 704 32.99 -22.20 -39.70
C ILE B 704 32.53 -20.86 -39.13
N THR B 705 31.23 -20.63 -39.03
CA THR B 705 30.68 -19.39 -38.44
C THR B 705 30.01 -19.70 -37.13
N THR B 706 30.40 -19.04 -36.05
CA THR B 706 29.78 -19.19 -34.73
C THR B 706 28.47 -18.42 -34.67
N GLU B 707 27.44 -18.97 -34.03
CA GLU B 707 26.24 -18.24 -33.66
C GLU B 707 25.89 -18.48 -32.19
N VAL B 708 25.69 -17.43 -31.40
CA VAL B 708 25.41 -17.52 -29.96
C VAL B 708 23.94 -17.24 -29.72
N MET B 709 23.25 -18.06 -28.93
CA MET B 709 21.83 -17.85 -28.61
C MET B 709 21.51 -18.06 -27.13
N PRO B 710 20.78 -17.15 -26.47
CA PRO B 710 20.27 -17.36 -25.13
C PRO B 710 19.04 -18.26 -25.14
N VAL B 711 18.87 -19.05 -24.07
CA VAL B 711 17.78 -20.05 -23.97
C VAL B 711 17.01 -19.98 -22.66
N SER B 712 17.61 -19.55 -21.55
CA SER B 712 16.95 -19.51 -20.25
C SER B 712 17.45 -18.39 -19.34
N MET B 713 16.61 -17.94 -18.41
CA MET B 713 16.98 -17.02 -17.33
C MET B 713 17.30 -17.79 -16.05
N ALA B 714 17.76 -17.09 -15.01
CA ALA B 714 17.82 -17.64 -13.67
C ALA B 714 16.40 -17.83 -13.08
N LYS B 715 16.03 -19.06 -12.71
CA LYS B 715 14.75 -19.36 -12.04
C LYS B 715 14.70 -18.63 -10.70
N THR B 716 13.79 -17.69 -10.53
CA THR B 716 13.78 -16.77 -9.39
C THR B 716 12.47 -16.80 -8.64
N SER B 717 12.47 -16.57 -7.33
CA SER B 717 11.25 -16.53 -6.51
C SER B 717 11.42 -15.62 -5.29
N VAL B 718 10.33 -15.04 -4.79
CA VAL B 718 10.36 -14.11 -3.65
C VAL B 718 9.33 -14.50 -2.59
N ASP B 719 9.77 -14.67 -1.34
CA ASP B 719 8.88 -14.72 -0.18
C ASP B 719 8.33 -13.30 0.10
N CYS B 720 7.25 -12.92 -0.57
CA CYS B 720 6.76 -11.54 -0.51
C CYS B 720 6.35 -11.08 0.89
N ASN B 721 5.86 -11.96 1.75
CA ASN B 721 5.62 -11.59 3.14
C ASN B 721 6.92 -11.23 3.86
N MET B 722 8.00 -11.98 3.67
CA MET B 722 9.28 -11.61 4.26
C MET B 722 9.87 -10.35 3.60
N TYR B 723 9.77 -10.20 2.28
CA TYR B 723 10.26 -9.00 1.60
C TYR B 723 9.55 -7.73 2.08
N ILE B 724 8.22 -7.74 2.12
CA ILE B 724 7.44 -6.55 2.51
C ILE B 724 7.62 -6.25 4.00
N CYS B 725 7.50 -7.25 4.87
CA CYS B 725 7.34 -7.03 6.32
C CYS B 725 8.51 -7.42 7.22
N GLY B 726 9.52 -8.15 6.76
CA GLY B 726 10.71 -8.42 7.58
C GLY B 726 10.43 -9.09 8.94
N ASP B 727 9.39 -9.92 9.02
CA ASP B 727 8.87 -10.57 10.24
C ASP B 727 8.31 -9.63 11.33
N SER B 728 8.01 -8.38 10.99
CA SER B 728 7.12 -7.55 11.81
C SER B 728 5.69 -8.10 11.75
N THR B 729 5.16 -8.54 12.90
CA THR B 729 3.83 -9.18 12.97
C THR B 729 2.71 -8.25 12.54
N GLU B 730 2.73 -7.00 12.99
CA GLU B 730 1.65 -6.08 12.68
C GLU B 730 1.65 -5.67 11.21
N CYS B 731 2.82 -5.60 10.58
CA CYS B 731 2.90 -5.47 9.13
C CYS B 731 2.25 -6.68 8.43
N ALA B 732 2.51 -7.89 8.90
CA ALA B 732 1.88 -9.08 8.32
C ALA B 732 0.35 -9.05 8.44
N ASN B 733 -0.19 -8.50 9.53
CA ASN B 733 -1.62 -8.30 9.68
C ASN B 733 -2.16 -7.27 8.68
N LEU B 734 -1.51 -6.11 8.58
CA LEU B 734 -1.91 -5.07 7.64
C LEU B 734 -1.90 -5.57 6.19
N LEU B 735 -0.92 -6.39 5.82
CA LEU B 735 -0.76 -6.93 4.46
C LEU B 735 -1.95 -7.82 4.03
N LEU B 736 -2.72 -8.39 4.95
CA LEU B 736 -3.91 -9.17 4.59
C LEU B 736 -4.98 -8.32 3.90
N GLN B 737 -5.05 -7.02 4.18
CA GLN B 737 -6.11 -6.14 3.69
C GLN B 737 -6.13 -5.99 2.17
N TYR B 738 -5.00 -6.20 1.51
CA TYR B 738 -4.85 -6.06 0.06
C TYR B 738 -5.15 -7.36 -0.69
N GLY B 739 -5.60 -8.40 0.01
CA GLY B 739 -6.12 -9.64 -0.58
C GLY B 739 -5.07 -10.49 -1.30
N SER B 740 -5.30 -10.71 -2.59
CA SER B 740 -4.62 -11.77 -3.36
C SER B 740 -3.14 -11.54 -3.65
N PHE B 741 -2.63 -10.31 -3.59
CA PHE B 741 -1.42 -9.97 -4.36
C PHE B 741 -0.19 -10.82 -4.03
N CYS B 742 0.13 -11.11 -2.77
CA CYS B 742 1.30 -11.95 -2.45
C CYS B 742 1.14 -13.43 -2.84
N THR B 743 -0.09 -13.93 -3.07
CA THR B 743 -0.32 -15.21 -3.76
C THR B 743 -0.16 -15.07 -5.27
N GLN B 744 -0.76 -14.04 -5.86
CA GLN B 744 -0.73 -13.81 -7.31
C GLN B 744 0.69 -13.63 -7.84
N LEU B 745 1.54 -12.86 -7.15
CA LEU B 745 2.92 -12.64 -7.54
C LEU B 745 3.72 -13.95 -7.52
N ASN B 746 3.53 -14.79 -6.49
CA ASN B 746 4.16 -16.10 -6.42
C ASN B 746 3.72 -17.05 -7.54
N ARG B 747 2.44 -17.02 -7.95
CA ARG B 747 2.00 -17.84 -9.08
C ARG B 747 2.67 -17.40 -10.38
N ALA B 748 2.80 -16.10 -10.62
CA ALA B 748 3.44 -15.61 -11.83
C ALA B 748 4.93 -15.97 -11.89
N LEU B 749 5.69 -15.76 -10.81
CA LEU B 749 7.10 -16.17 -10.76
C LEU B 749 7.27 -17.70 -10.86
N SER B 750 6.38 -18.49 -10.27
CA SER B 750 6.42 -19.96 -10.43
C SER B 750 6.15 -20.39 -11.87
N GLY B 751 5.32 -19.67 -12.62
CA GLY B 751 5.09 -19.94 -14.04
C GLY B 751 6.35 -19.68 -14.87
N ILE B 752 6.97 -18.51 -14.72
CA ILE B 752 8.24 -18.20 -15.39
C ILE B 752 9.32 -19.21 -15.02
N ALA B 753 9.41 -19.60 -13.75
CA ALA B 753 10.42 -20.54 -13.28
C ALA B 753 10.26 -21.92 -13.92
N ALA B 754 9.06 -22.47 -14.00
CA ALA B 754 8.83 -23.76 -14.65
C ALA B 754 9.19 -23.72 -16.14
N GLU B 755 8.88 -22.62 -16.82
CA GLU B 755 9.13 -22.51 -18.25
C GLU B 755 10.61 -22.56 -18.63
N GLN B 756 11.53 -22.18 -17.74
CA GLN B 756 12.96 -22.26 -18.05
C GLN B 756 13.43 -23.69 -18.31
N ASP B 757 12.84 -24.67 -17.64
CA ASP B 757 13.11 -26.07 -17.93
C ASP B 757 12.45 -26.51 -19.23
N ARG B 758 11.29 -25.97 -19.60
CA ARG B 758 10.68 -26.22 -20.92
C ARG B 758 11.57 -25.73 -22.05
N ASN B 759 12.03 -24.49 -21.99
CA ASN B 759 12.95 -23.96 -23.00
C ASN B 759 14.21 -24.81 -23.12
N THR B 760 14.86 -25.10 -22.00
CA THR B 760 16.12 -25.85 -22.00
C THR B 760 15.92 -27.24 -22.55
N ARG B 761 14.82 -27.91 -22.24
CA ARG B 761 14.49 -29.23 -22.78
C ARG B 761 14.22 -29.21 -24.26
N GLU B 762 13.41 -28.27 -24.76
CA GLU B 762 13.05 -28.24 -26.18
C GLU B 762 14.23 -27.98 -27.11
N VAL B 763 15.25 -27.23 -26.67
CA VAL B 763 16.48 -27.10 -27.45
C VAL B 763 17.26 -28.40 -27.47
N PHE B 764 17.62 -28.95 -26.32
CA PHE B 764 18.62 -30.01 -26.23
C PHE B 764 18.06 -31.42 -26.38
N ALA B 765 16.89 -31.74 -25.83
CA ALA B 765 16.37 -33.11 -25.76
C ALA B 765 15.68 -33.58 -27.06
N GLN B 766 16.20 -33.18 -28.22
CA GLN B 766 15.66 -33.63 -29.51
C GLN B 766 16.21 -35.00 -29.95
N VAL B 767 17.34 -35.44 -29.41
CA VAL B 767 17.94 -36.73 -29.77
C VAL B 767 17.11 -37.90 -29.23
N LYS B 768 16.93 -38.95 -30.06
CA LYS B 768 16.11 -40.13 -29.73
C LYS B 768 16.74 -41.05 -28.68
N GLN B 769 18.06 -41.22 -28.76
CA GLN B 769 18.85 -42.15 -27.96
C GLN B 769 20.20 -41.52 -27.62
N MET B 770 20.79 -41.88 -26.49
CA MET B 770 22.10 -41.39 -26.12
C MET B 770 23.15 -42.18 -26.89
N TYR B 771 23.56 -41.72 -28.07
CA TYR B 771 24.62 -42.36 -28.83
C TYR B 771 25.97 -42.21 -28.13
N LYS B 772 26.62 -43.33 -27.78
CA LYS B 772 27.93 -43.32 -27.13
C LYS B 772 28.96 -42.65 -28.02
N THR B 773 29.81 -41.79 -27.46
CA THR B 773 30.84 -41.07 -28.22
C THR B 773 31.91 -42.04 -28.76
N PRO B 774 32.32 -41.93 -30.04
CA PRO B 774 33.24 -42.88 -30.66
C PRO B 774 34.64 -42.86 -30.02
N THR B 775 35.34 -44.00 -30.07
CA THR B 775 36.75 -44.08 -29.66
C THR B 775 37.65 -43.30 -30.61
N LEU B 776 37.43 -43.46 -31.92
CA LEU B 776 38.11 -42.71 -32.98
C LEU B 776 37.59 -41.27 -33.06
N LYS B 777 38.45 -40.26 -32.90
CA LYS B 777 38.07 -38.82 -33.02
C LYS B 777 38.35 -38.22 -34.39
N TYR B 778 38.76 -39.02 -35.38
CA TYR B 778 39.36 -38.57 -36.63
C TYR B 778 38.84 -39.40 -37.82
N PHE B 779 38.06 -38.77 -38.70
CA PHE B 779 37.27 -39.43 -39.75
C PHE B 779 37.63 -38.94 -41.13
N GLY B 780 38.16 -39.78 -42.02
CA GLY B 780 38.47 -39.39 -43.40
C GLY B 780 39.36 -38.15 -43.55
N GLY B 781 40.14 -37.80 -42.52
CA GLY B 781 40.94 -36.58 -42.44
C GLY B 781 40.38 -35.49 -41.52
N PHE B 782 39.06 -35.46 -41.29
CA PHE B 782 38.40 -34.47 -40.44
C PHE B 782 38.61 -34.79 -38.96
N ASN B 783 39.03 -33.81 -38.16
CA ASN B 783 39.44 -34.00 -36.77
C ASN B 783 38.45 -33.37 -35.78
N PHE B 784 37.57 -34.17 -35.17
CA PHE B 784 36.56 -33.69 -34.22
C PHE B 784 37.04 -33.59 -32.76
N SER B 785 38.29 -33.88 -32.44
CA SER B 785 38.79 -33.93 -31.05
C SER B 785 38.46 -32.70 -30.20
N GLN B 786 38.30 -31.51 -30.81
CA GLN B 786 37.96 -30.28 -30.09
C GLN B 786 36.47 -30.15 -29.75
N ILE B 787 35.58 -30.71 -30.59
CA ILE B 787 34.12 -30.55 -30.44
C ILE B 787 33.45 -31.69 -29.69
N LEU B 788 34.03 -32.89 -29.66
CA LEU B 788 33.59 -34.01 -28.82
C LEU B 788 34.27 -33.96 -27.44
N PRO B 789 33.75 -34.68 -26.44
CA PRO B 789 34.45 -34.91 -25.18
C PRO B 789 35.80 -35.61 -25.34
N ASP B 790 36.69 -35.37 -24.40
CA ASP B 790 37.97 -36.08 -24.24
C ASP B 790 37.85 -37.02 -23.03
N PRO B 791 38.14 -38.33 -23.16
CA PRO B 791 37.96 -39.28 -22.05
C PRO B 791 38.82 -38.95 -20.82
N LEU B 792 39.90 -38.18 -20.96
CA LEU B 792 40.78 -37.77 -19.85
C LEU B 792 40.37 -36.45 -19.18
N LYS B 793 39.28 -35.80 -19.63
CA LYS B 793 38.76 -34.53 -19.08
C LYS B 793 37.53 -34.79 -18.18
N PRO B 794 37.63 -34.56 -16.86
CA PRO B 794 36.48 -34.58 -15.95
C PRO B 794 35.88 -33.17 -15.74
N THR B 795 34.56 -32.98 -15.73
CA THR B 795 33.57 -33.85 -16.41
C THR B 795 33.74 -33.75 -17.92
N LYS B 796 33.17 -34.70 -18.65
CA LYS B 796 33.38 -34.90 -20.09
C LYS B 796 32.63 -33.88 -20.96
N ARG B 797 32.96 -32.60 -20.82
CA ARG B 797 32.66 -31.54 -21.80
C ARG B 797 33.69 -31.57 -22.93
N SER B 798 33.37 -31.03 -24.10
CA SER B 798 34.35 -30.85 -25.16
C SER B 798 35.33 -29.72 -24.84
N PHE B 799 36.46 -29.64 -25.53
CA PHE B 799 37.41 -28.57 -25.25
C PHE B 799 36.78 -27.19 -25.47
N ILE B 800 36.05 -26.99 -26.58
CA ILE B 800 35.42 -25.69 -26.84
C ILE B 800 34.41 -25.33 -25.74
N GLU B 801 33.63 -26.27 -25.21
CA GLU B 801 32.67 -25.94 -24.16
C GLU B 801 33.36 -25.38 -22.91
N ASP B 802 34.56 -25.82 -22.55
CA ASP B 802 35.27 -25.24 -21.41
C ASP B 802 35.58 -23.76 -21.60
N LEU B 803 35.92 -23.34 -22.81
CA LEU B 803 36.12 -21.92 -23.10
C LEU B 803 34.82 -21.15 -22.92
N LEU B 804 33.71 -21.68 -23.41
CA LEU B 804 32.40 -21.06 -23.28
C LEU B 804 31.99 -20.93 -21.81
N PHE B 805 32.21 -21.95 -20.98
CA PHE B 805 31.93 -21.85 -19.55
C PHE B 805 32.90 -20.92 -18.80
N ASN B 806 34.12 -20.67 -19.28
CA ASN B 806 35.00 -19.65 -18.70
C ASN B 806 34.60 -18.22 -19.07
N LYS B 807 34.18 -17.99 -20.32
CA LYS B 807 33.98 -16.63 -20.86
C LYS B 807 32.84 -15.86 -20.20
N VAL B 808 31.69 -16.49 -19.96
CA VAL B 808 30.51 -15.83 -19.38
C VAL B 808 30.54 -15.90 -17.85
N THR B 809 30.05 -14.85 -17.18
CA THR B 809 30.34 -14.58 -15.77
C THR B 809 29.08 -14.21 -14.98
N LEU B 810 28.96 -14.63 -13.71
CA LEU B 810 27.78 -14.42 -12.85
C LEU B 810 27.57 -12.95 -12.42
N ALA B 811 26.52 -12.69 -11.62
CA ALA B 811 25.95 -11.35 -11.37
C ALA B 811 26.90 -10.32 -10.74
N ASP B 812 27.06 -10.31 -9.41
CA ASP B 812 28.22 -9.68 -8.77
C ASP B 812 29.41 -10.65 -8.75
N ALA B 813 29.11 -11.95 -8.71
CA ALA B 813 30.07 -13.05 -8.66
C ALA B 813 30.83 -13.29 -10.00
N GLY B 814 31.05 -12.28 -10.83
CA GLY B 814 31.67 -12.44 -12.15
C GLY B 814 31.60 -11.18 -13.02
N PHE B 815 32.64 -10.90 -13.82
CA PHE B 815 32.63 -9.84 -14.83
C PHE B 815 33.54 -10.22 -16.01
N MET B 816 33.29 -9.68 -17.21
CA MET B 816 34.19 -9.76 -18.36
C MET B 816 34.38 -8.38 -19.01
N LYS B 817 35.59 -8.12 -19.57
CA LYS B 817 35.98 -6.83 -20.17
C LYS B 817 36.71 -7.02 -21.52
N GLN B 818 36.65 -6.01 -22.39
CA GLN B 818 37.27 -6.03 -23.73
C GLN B 818 38.80 -6.22 -23.68
N TYR B 819 39.45 -5.64 -22.68
CA TYR B 819 40.90 -5.71 -22.48
C TYR B 819 41.40 -7.12 -22.05
N GLY B 820 40.49 -8.04 -21.72
CA GLY B 820 40.81 -9.36 -21.14
C GLY B 820 41.22 -9.31 -19.66
N GLU B 821 41.08 -8.15 -19.02
CA GLU B 821 41.48 -7.88 -17.63
C GLU B 821 40.49 -8.45 -16.57
N CYS B 822 39.36 -9.03 -16.99
CA CYS B 822 38.51 -9.85 -16.11
C CYS B 822 37.82 -10.99 -16.90
N LEU B 823 37.57 -12.12 -16.22
CA LEU B 823 37.11 -13.38 -16.79
C LEU B 823 36.41 -14.24 -15.72
N GLY B 824 35.51 -15.14 -16.11
CA GLY B 824 34.96 -16.18 -15.24
C GLY B 824 34.25 -15.67 -13.97
N ASP B 825 34.24 -16.50 -12.93
CA ASP B 825 33.41 -16.33 -11.73
C ASP B 825 34.23 -16.18 -10.44
N ILE B 826 33.71 -15.36 -9.51
CA ILE B 826 34.35 -14.88 -8.28
C ILE B 826 33.82 -15.60 -7.02
N ASN B 827 32.54 -15.99 -7.02
CA ASN B 827 31.85 -16.59 -5.88
C ASN B 827 30.86 -17.68 -6.36
N ALA B 828 30.34 -18.50 -5.45
CA ALA B 828 29.58 -19.71 -5.76
C ALA B 828 28.28 -19.48 -6.56
N ARG B 829 27.96 -20.44 -7.43
CA ARG B 829 26.66 -20.61 -8.13
C ARG B 829 25.48 -20.64 -7.15
N ASP B 830 25.69 -21.23 -5.98
CA ASP B 830 24.70 -21.31 -4.90
C ASP B 830 24.39 -19.93 -4.27
N LEU B 831 25.12 -18.86 -4.64
CA LEU B 831 25.01 -17.51 -4.05
C LEU B 831 24.81 -16.36 -5.07
N ILE B 832 25.54 -16.34 -6.20
CA ILE B 832 25.58 -15.31 -7.28
C ILE B 832 25.91 -13.84 -6.89
N CYS B 833 25.72 -13.50 -5.62
CA CYS B 833 26.28 -12.35 -4.89
C CYS B 833 26.23 -12.68 -3.39
N ALA B 834 25.03 -13.01 -2.92
CA ALA B 834 24.64 -13.66 -1.66
C ALA B 834 23.16 -14.11 -1.79
N GLN B 835 22.32 -13.14 -2.19
CA GLN B 835 20.97 -13.24 -2.75
C GLN B 835 19.87 -13.92 -1.92
N LYS B 836 20.11 -15.12 -1.39
CA LYS B 836 19.13 -16.02 -0.74
C LYS B 836 18.66 -15.58 0.65
N PHE B 837 18.78 -14.29 0.99
CA PHE B 837 18.85 -13.80 2.37
C PHE B 837 18.05 -12.52 2.65
N ASN B 838 17.09 -12.18 1.79
CA ASN B 838 16.14 -11.09 2.04
C ASN B 838 14.78 -11.33 1.38
N GLY B 839 14.24 -12.54 1.54
CA GLY B 839 13.05 -13.02 0.83
C GLY B 839 13.30 -13.45 -0.62
N LEU B 840 14.24 -12.82 -1.31
CA LEU B 840 14.71 -13.22 -2.65
C LEU B 840 15.37 -14.60 -2.59
N THR B 841 15.18 -15.42 -3.63
CA THR B 841 15.78 -16.75 -3.79
C THR B 841 15.98 -17.06 -5.27
N VAL B 842 16.97 -17.89 -5.59
CA VAL B 842 17.29 -18.33 -6.94
C VAL B 842 17.39 -19.86 -6.92
N LEU B 843 16.68 -20.54 -7.80
CA LEU B 843 16.49 -22.00 -7.78
C LEU B 843 17.38 -22.71 -8.82
N PRO B 844 17.76 -23.97 -8.61
CA PRO B 844 18.53 -24.73 -9.58
C PRO B 844 17.69 -25.14 -10.80
N PRO B 845 18.28 -25.26 -12.01
CA PRO B 845 17.62 -25.80 -13.18
C PRO B 845 17.41 -27.31 -13.04
N LEU B 846 16.50 -27.90 -13.83
CA LEU B 846 16.27 -29.34 -13.78
C LEU B 846 17.43 -30.11 -14.39
N LEU B 847 17.80 -29.81 -15.64
CA LEU B 847 18.97 -30.38 -16.31
C LEU B 847 20.22 -29.63 -15.84
N THR B 848 21.18 -30.32 -15.22
CA THR B 848 22.46 -29.72 -14.84
C THR B 848 23.35 -29.52 -16.06
N ASP B 849 24.40 -28.69 -15.99
CA ASP B 849 25.32 -28.48 -17.12
C ASP B 849 25.96 -29.77 -17.61
N ASP B 850 26.19 -30.73 -16.72
CA ASP B 850 26.71 -32.04 -17.04
C ASP B 850 25.71 -32.92 -17.82
N MET B 851 24.40 -32.69 -17.68
CA MET B 851 23.38 -33.33 -18.52
C MET B 851 23.30 -32.64 -19.88
N ILE B 852 23.31 -31.30 -19.92
CA ILE B 852 23.34 -30.56 -21.19
C ILE B 852 24.53 -31.02 -22.04
N ALA B 853 25.71 -31.09 -21.44
CA ALA B 853 26.91 -31.53 -22.12
C ALA B 853 26.88 -33.00 -22.56
N ALA B 854 25.97 -33.84 -22.03
CA ALA B 854 25.74 -35.16 -22.60
C ALA B 854 24.88 -35.09 -23.86
N TYR B 855 23.82 -34.27 -23.89
CA TYR B 855 23.04 -34.09 -25.12
C TYR B 855 23.86 -33.49 -26.26
N THR B 856 24.70 -32.48 -26.02
CA THR B 856 25.55 -31.97 -27.10
C THR B 856 26.53 -33.04 -27.60
N ALA B 857 27.12 -33.85 -26.73
CA ALA B 857 27.96 -34.97 -27.15
C ALA B 857 27.20 -36.06 -27.93
N ALA B 858 25.95 -36.33 -27.59
CA ALA B 858 25.09 -37.25 -28.34
C ALA B 858 24.76 -36.70 -29.74
N LEU B 859 24.40 -35.43 -29.85
CA LEU B 859 24.08 -34.79 -31.14
C LEU B 859 25.29 -34.71 -32.07
N VAL B 860 26.47 -34.32 -31.56
CA VAL B 860 27.68 -34.30 -32.38
C VAL B 860 28.05 -35.69 -32.84
N SER B 861 28.11 -36.69 -31.96
CA SER B 861 28.49 -38.04 -32.36
C SER B 861 27.47 -38.72 -33.28
N GLY B 862 26.19 -38.41 -33.17
CA GLY B 862 25.20 -38.78 -34.17
C GLY B 862 25.51 -38.17 -35.53
N THR B 863 25.74 -36.86 -35.56
CA THR B 863 26.07 -36.11 -36.78
C THR B 863 27.34 -36.62 -37.45
N ALA B 864 28.34 -37.03 -36.69
CA ALA B 864 29.59 -37.57 -37.22
C ALA B 864 29.49 -38.97 -37.81
N THR B 865 28.45 -39.76 -37.51
CA THR B 865 28.39 -41.19 -37.84
C THR B 865 27.15 -41.62 -38.60
N ALA B 866 26.08 -40.83 -38.59
CA ALA B 866 24.80 -41.16 -39.20
C ALA B 866 24.17 -40.01 -40.00
N GLY B 867 24.78 -38.83 -40.03
CA GLY B 867 24.30 -37.69 -40.80
C GLY B 867 22.89 -37.24 -40.42
N TRP B 868 22.09 -36.91 -41.43
CA TRP B 868 20.70 -36.47 -41.27
C TRP B 868 19.78 -37.56 -40.72
N THR B 869 20.19 -38.84 -40.81
CA THR B 869 19.24 -39.96 -40.70
C THR B 869 18.58 -40.06 -39.33
N PHE B 870 19.28 -39.72 -38.25
CA PHE B 870 18.73 -39.85 -36.89
C PHE B 870 17.63 -38.82 -36.57
N GLY B 871 17.49 -37.76 -37.37
CA GLY B 871 16.36 -36.83 -37.27
C GLY B 871 15.07 -37.47 -37.77
N ALA B 872 15.09 -37.97 -39.01
CA ALA B 872 13.92 -38.55 -39.66
C ALA B 872 13.63 -40.00 -39.26
N GLY B 873 14.57 -40.91 -39.45
CA GLY B 873 14.47 -42.33 -39.09
C GLY B 873 15.13 -42.65 -37.75
N ALA B 874 15.69 -43.85 -37.60
CA ALA B 874 16.75 -44.11 -36.63
C ALA B 874 18.12 -43.73 -37.22
N ALA B 875 19.18 -43.67 -36.40
CA ALA B 875 20.52 -43.48 -36.93
C ALA B 875 20.94 -44.67 -37.82
N LEU B 876 21.33 -44.40 -39.07
CA LEU B 876 21.86 -45.38 -40.01
C LEU B 876 23.34 -45.05 -40.24
N GLN B 877 24.29 -45.95 -39.95
CA GLN B 877 25.70 -45.58 -40.06
C GLN B 877 26.11 -45.34 -41.51
N ILE B 878 27.01 -44.39 -41.72
CA ILE B 878 27.54 -44.01 -43.04
C ILE B 878 28.97 -43.48 -42.90
N PRO B 879 29.91 -43.79 -43.81
CA PRO B 879 31.26 -43.26 -43.72
C PRO B 879 31.27 -41.75 -43.86
N PHE B 880 32.03 -41.03 -43.06
CA PHE B 880 31.87 -39.57 -43.01
C PHE B 880 32.20 -38.85 -44.32
N ALA B 881 33.18 -39.32 -45.09
CA ALA B 881 33.44 -38.75 -46.42
C ALA B 881 32.24 -38.89 -47.37
N MET B 882 31.52 -40.02 -47.33
CA MET B 882 30.33 -40.21 -48.17
C MET B 882 29.18 -39.34 -47.70
N GLN B 883 28.99 -39.17 -46.40
CA GLN B 883 28.04 -38.20 -45.87
C GLN B 883 28.34 -36.81 -46.40
N MET B 884 29.61 -36.39 -46.39
CA MET B 884 30.00 -35.10 -46.94
C MET B 884 29.74 -35.01 -48.43
N ALA B 885 30.04 -36.03 -49.22
CA ALA B 885 29.75 -36.01 -50.64
C ALA B 885 28.26 -35.82 -50.93
N TYR B 886 27.35 -36.40 -50.12
CA TYR B 886 25.92 -36.13 -50.26
C TYR B 886 25.52 -34.73 -49.80
N ARG B 887 26.13 -34.18 -48.75
CA ARG B 887 25.87 -32.77 -48.38
C ARG B 887 26.40 -31.80 -49.43
N PHE B 888 27.51 -32.09 -50.09
CA PHE B 888 27.98 -31.37 -51.29
C PHE B 888 26.98 -31.47 -52.43
N ASN B 889 26.40 -32.65 -52.67
CA ASN B 889 25.38 -32.80 -53.69
C ASN B 889 24.14 -31.96 -53.37
N GLY B 890 23.83 -31.78 -52.10
CA GLY B 890 22.71 -30.96 -51.65
C GLY B 890 22.85 -29.49 -52.00
N ILE B 891 24.06 -28.90 -51.92
CA ILE B 891 24.29 -27.51 -52.36
C ILE B 891 24.41 -27.37 -53.88
N GLY B 892 24.29 -28.45 -54.64
CA GLY B 892 24.39 -28.43 -56.09
C GLY B 892 25.82 -28.33 -56.61
N VAL B 893 26.77 -29.00 -55.94
CA VAL B 893 28.13 -29.25 -56.46
C VAL B 893 28.33 -30.76 -56.59
N THR B 894 28.75 -31.23 -57.75
CA THR B 894 28.80 -32.67 -58.06
C THR B 894 29.78 -33.41 -57.14
N GLN B 895 29.46 -34.62 -56.67
CA GLN B 895 30.20 -35.33 -55.60
C GLN B 895 31.70 -35.44 -55.86
N ASN B 896 32.09 -35.65 -57.11
CA ASN B 896 33.49 -35.87 -57.44
C ASN B 896 34.37 -34.67 -57.07
N VAL B 897 33.81 -33.46 -57.02
CA VAL B 897 34.52 -32.26 -56.53
C VAL B 897 34.97 -32.44 -55.08
N LEU B 898 34.26 -33.20 -54.25
CA LEU B 898 34.76 -33.54 -52.93
C LEU B 898 35.85 -34.61 -52.98
N TYR B 899 35.59 -35.77 -53.56
CA TYR B 899 36.55 -36.88 -53.48
C TYR B 899 37.89 -36.52 -54.10
N GLU B 900 37.90 -35.78 -55.20
CA GLU B 900 39.12 -35.35 -55.87
C GLU B 900 39.88 -34.26 -55.09
N ASN B 901 39.29 -33.68 -54.04
CA ASN B 901 39.88 -32.60 -53.23
C ASN B 901 39.87 -32.90 -51.72
N GLN B 902 39.63 -34.14 -51.31
CA GLN B 902 39.35 -34.47 -49.90
C GLN B 902 40.46 -34.04 -48.94
N LYS B 903 41.73 -34.10 -49.35
CA LYS B 903 42.84 -33.60 -48.54
C LYS B 903 42.76 -32.08 -48.30
N GLN B 904 42.49 -31.29 -49.34
CA GLN B 904 42.31 -29.85 -49.18
C GLN B 904 41.13 -29.55 -48.26
N ILE B 905 40.01 -30.24 -48.45
CA ILE B 905 38.78 -29.97 -47.68
C ILE B 905 38.98 -30.32 -46.21
N ALA B 906 39.56 -31.49 -45.90
CA ALA B 906 39.86 -31.84 -44.52
C ALA B 906 40.85 -30.87 -43.87
N ASN B 907 41.87 -30.41 -44.60
CA ASN B 907 42.80 -29.43 -44.07
C ASN B 907 42.10 -28.10 -43.77
N GLN B 908 41.27 -27.58 -44.68
CA GLN B 908 40.53 -26.35 -44.42
C GLN B 908 39.56 -26.49 -43.24
N PHE B 909 38.91 -27.63 -43.08
CA PHE B 909 38.07 -27.91 -41.92
C PHE B 909 38.88 -27.91 -40.62
N ASN B 910 39.92 -28.74 -40.52
CA ASN B 910 40.75 -28.80 -39.30
C ASN B 910 41.34 -27.44 -38.94
N LYS B 911 41.76 -26.67 -39.95
CA LYS B 911 42.27 -25.30 -39.80
C LYS B 911 41.20 -24.37 -39.23
N ALA B 912 40.01 -24.32 -39.82
CA ALA B 912 38.98 -23.40 -39.38
C ALA B 912 38.45 -23.73 -37.98
N ILE B 913 38.31 -25.01 -37.61
CA ILE B 913 37.95 -25.38 -36.22
C ILE B 913 38.99 -24.83 -35.24
N SER B 914 40.28 -24.92 -35.58
CA SER B 914 41.35 -24.42 -34.71
C SER B 914 41.31 -22.90 -34.56
N GLN B 915 40.95 -22.16 -35.62
CA GLN B 915 40.74 -20.72 -35.50
C GLN B 915 39.58 -20.37 -34.58
N ILE B 916 38.50 -21.16 -34.53
CA ILE B 916 37.40 -20.92 -33.59
C ILE B 916 37.90 -21.06 -32.16
N GLN B 917 38.67 -22.11 -31.88
CA GLN B 917 39.26 -22.33 -30.56
C GLN B 917 40.22 -21.20 -30.15
N GLU B 918 41.07 -20.73 -31.08
CA GLU B 918 41.95 -19.59 -30.86
C GLU B 918 41.17 -18.29 -30.60
N SER B 919 40.17 -18.01 -31.42
CA SER B 919 39.30 -16.83 -31.28
C SER B 919 38.56 -16.83 -29.95
N LEU B 920 37.89 -17.93 -29.61
CA LEU B 920 37.19 -18.08 -28.34
C LEU B 920 38.15 -18.09 -27.13
N THR B 921 39.40 -18.51 -27.30
CA THR B 921 40.41 -18.33 -26.24
C THR B 921 40.68 -16.84 -26.03
N THR B 922 40.83 -16.10 -27.12
CA THR B 922 41.36 -14.72 -27.12
C THR B 922 40.34 -13.66 -26.71
N THR B 923 39.13 -13.65 -27.29
CA THR B 923 38.19 -12.50 -27.19
C THR B 923 36.99 -12.74 -26.27
N SER B 924 36.67 -11.74 -25.46
CA SER B 924 35.51 -11.71 -24.57
C SER B 924 34.21 -11.23 -25.25
N THR B 925 34.29 -10.52 -26.38
CA THR B 925 33.10 -9.82 -26.95
C THR B 925 32.12 -10.74 -27.67
N ALA B 926 32.54 -11.95 -28.07
CA ALA B 926 31.71 -12.86 -28.86
C ALA B 926 30.43 -13.32 -28.13
N LEU B 927 30.52 -13.55 -26.82
CA LEU B 927 29.43 -14.04 -25.97
C LEU B 927 28.60 -12.92 -25.32
N GLY B 928 28.58 -11.74 -25.93
CA GLY B 928 27.81 -10.59 -25.44
C GLY B 928 26.37 -10.91 -25.11
N LYS B 929 25.65 -11.64 -25.98
CA LYS B 929 24.24 -11.97 -25.76
C LYS B 929 23.98 -12.74 -24.48
N LEU B 930 24.87 -13.66 -24.11
CA LEU B 930 24.72 -14.47 -22.90
C LEU B 930 25.08 -13.69 -21.65
N GLN B 931 26.14 -12.89 -21.67
CA GLN B 931 26.46 -12.06 -20.51
C GLN B 931 25.36 -11.04 -20.25
N ASP B 932 24.71 -10.51 -21.28
CA ASP B 932 23.60 -9.57 -21.12
C ASP B 932 22.42 -10.16 -20.34
N VAL B 933 22.09 -11.44 -20.57
CA VAL B 933 21.05 -12.16 -19.83
C VAL B 933 21.33 -12.20 -18.33
N VAL B 934 22.59 -12.38 -17.94
CA VAL B 934 22.98 -12.29 -16.54
C VAL B 934 22.85 -10.86 -16.03
N ASN B 935 23.40 -9.89 -16.75
CA ASN B 935 23.42 -8.50 -16.30
C ASN B 935 22.02 -7.94 -16.09
N GLN B 936 21.08 -8.20 -17.00
CA GLN B 936 19.72 -7.67 -16.86
C GLN B 936 19.02 -8.23 -15.61
N ASN B 937 19.19 -9.52 -15.31
CA ASN B 937 18.63 -10.09 -14.09
C ASN B 937 19.31 -9.53 -12.83
N ALA B 938 20.62 -9.32 -12.86
CA ALA B 938 21.34 -8.71 -11.74
C ALA B 938 20.85 -7.29 -11.44
N GLN B 939 20.62 -6.48 -12.47
CA GLN B 939 20.10 -5.12 -12.30
C GLN B 939 18.68 -5.10 -11.74
N ALA B 940 17.80 -5.97 -12.23
CA ALA B 940 16.42 -6.02 -11.75
C ALA B 940 16.36 -6.38 -10.27
N LEU B 941 17.07 -7.43 -9.84
CA LEU B 941 17.13 -7.82 -8.44
C LEU B 941 17.78 -6.74 -7.57
N ASN B 942 18.91 -6.16 -7.96
CA ASN B 942 19.52 -5.09 -7.16
C ASN B 942 18.65 -3.83 -7.09
N THR B 943 17.83 -3.54 -8.10
CA THR B 943 16.86 -2.45 -8.00
C THR B 943 15.75 -2.80 -7.00
N LEU B 944 15.19 -4.01 -7.08
CA LEU B 944 14.17 -4.49 -6.14
C LEU B 944 14.68 -4.47 -4.69
N VAL B 945 15.95 -4.81 -4.49
CA VAL B 945 16.63 -4.73 -3.19
C VAL B 945 16.76 -3.31 -2.70
N LYS B 946 17.26 -2.38 -3.52
CA LYS B 946 17.43 -0.98 -3.09
C LYS B 946 16.11 -0.34 -2.68
N GLN B 947 15.03 -0.65 -3.39
CA GLN B 947 13.70 -0.15 -3.03
C GLN B 947 13.23 -0.55 -1.63
N LEU B 948 13.83 -1.54 -0.95
CA LEU B 948 13.52 -1.77 0.46
C LEU B 948 13.95 -0.61 1.35
N SER B 949 15.08 0.02 1.05
CA SER B 949 15.60 1.15 1.82
C SER B 949 14.86 2.46 1.55
N SER B 950 14.15 2.55 0.43
CA SER B 950 13.38 3.74 0.05
C SER B 950 12.29 4.05 1.06
N ASN B 951 12.02 5.34 1.23
CA ASN B 951 11.20 5.87 2.31
C ASN B 951 9.70 5.94 1.98
N PHE B 952 9.32 6.12 0.71
CA PHE B 952 7.93 6.22 0.23
C PHE B 952 7.06 7.27 0.95
N GLY B 953 7.66 8.28 1.57
CA GLY B 953 6.94 9.32 2.31
C GLY B 953 6.49 8.88 3.70
N ALA B 954 7.01 7.79 4.26
CA ALA B 954 6.88 7.48 5.68
C ALA B 954 7.92 8.25 6.52
N ILE B 955 7.83 8.23 7.85
CA ILE B 955 8.88 8.81 8.71
C ILE B 955 10.20 8.02 8.75
N SER B 956 10.22 6.75 8.34
CA SER B 956 11.43 5.93 8.18
C SER B 956 11.15 4.75 7.24
N SER B 957 12.19 4.16 6.64
CA SER B 957 12.11 2.88 5.93
C SER B 957 12.34 1.66 6.84
N VAL B 958 12.41 1.85 8.16
CA VAL B 958 12.57 0.78 9.15
C VAL B 958 11.28 0.60 9.94
N LEU B 959 10.68 -0.58 9.93
CA LEU B 959 9.41 -0.81 10.64
C LEU B 959 9.56 -0.65 12.17
N ASN B 960 10.68 -1.06 12.73
CA ASN B 960 10.97 -0.88 14.16
C ASN B 960 11.05 0.59 14.59
N ASP B 961 11.47 1.52 13.72
CA ASP B 961 11.37 2.95 14.02
C ASP B 961 9.90 3.35 14.17
N ILE B 962 9.09 3.01 13.17
CA ILE B 962 7.67 3.38 13.15
C ILE B 962 6.94 2.79 14.37
N LEU B 963 7.21 1.52 14.69
CA LEU B 963 6.58 0.80 15.79
C LEU B 963 7.08 1.20 17.19
N SER B 964 8.18 1.94 17.29
CA SER B 964 8.71 2.43 18.58
C SER B 964 8.46 3.92 18.80
N ARG B 965 8.47 4.73 17.74
CA ARG B 965 8.32 6.19 17.82
C ARG B 965 6.87 6.67 17.91
N LEU B 966 5.91 5.82 17.57
CA LEU B 966 4.50 6.21 17.42
C LEU B 966 3.54 5.27 18.18
N ASP B 967 2.35 5.79 18.49
CA ASP B 967 1.20 4.98 18.89
C ASP B 967 0.52 4.31 17.69
N PRO B 968 -0.18 3.18 17.89
CA PRO B 968 -0.75 2.40 16.80
C PRO B 968 -1.60 3.15 15.76
N PRO B 969 -2.46 4.12 16.11
CA PRO B 969 -3.28 4.82 15.13
C PRO B 969 -2.46 5.57 14.08
N GLU B 970 -1.28 6.05 14.46
CA GLU B 970 -0.33 6.69 13.55
C GLU B 970 0.56 5.67 12.86
N ALA B 971 1.04 4.67 13.61
CA ALA B 971 1.91 3.63 13.10
C ALA B 971 1.29 2.88 11.91
N GLU B 972 0.01 2.51 11.96
CA GLU B 972 -0.63 1.82 10.83
C GLU B 972 -0.57 2.64 9.54
N VAL B 973 -0.79 3.95 9.60
CA VAL B 973 -0.78 4.80 8.41
C VAL B 973 0.64 4.94 7.86
N GLN B 974 1.63 5.07 8.74
CA GLN B 974 3.03 5.08 8.35
C GLN B 974 3.44 3.73 7.73
N ILE B 975 2.94 2.61 8.24
CA ILE B 975 3.17 1.30 7.65
C ILE B 975 2.43 1.15 6.31
N ASP B 976 1.21 1.64 6.16
CA ASP B 976 0.49 1.57 4.88
C ASP B 976 1.29 2.25 3.76
N ARG B 977 1.98 3.35 4.06
CA ARG B 977 2.92 3.98 3.11
C ARG B 977 4.04 3.02 2.71
N LEU B 978 4.69 2.34 3.65
CA LEU B 978 5.73 1.36 3.30
C LEU B 978 5.16 0.14 2.57
N ILE B 979 4.07 -0.46 3.04
CA ILE B 979 3.47 -1.63 2.40
C ILE B 979 3.09 -1.28 0.97
N THR B 980 2.40 -0.16 0.73
CA THR B 980 2.00 0.24 -0.61
C THR B 980 3.21 0.48 -1.50
N GLY B 981 4.26 1.13 -0.98
CA GLY B 981 5.50 1.33 -1.73
C GLY B 981 6.18 0.02 -2.12
N ARG B 982 6.37 -0.89 -1.17
CA ARG B 982 7.03 -2.18 -1.38
C ARG B 982 6.23 -3.07 -2.32
N LEU B 983 4.92 -3.13 -2.14
CA LEU B 983 4.04 -3.92 -3.01
C LEU B 983 3.99 -3.38 -4.45
N GLN B 984 3.98 -2.05 -4.63
CA GLN B 984 4.14 -1.46 -5.97
C GLN B 984 5.48 -1.85 -6.59
N SER B 985 6.55 -1.93 -5.79
CA SER B 985 7.86 -2.37 -6.28
C SER B 985 7.87 -3.84 -6.72
N LEU B 986 7.18 -4.74 -6.04
CA LEU B 986 7.07 -6.14 -6.48
C LEU B 986 6.22 -6.27 -7.73
N GLN B 987 5.05 -5.63 -7.79
CA GLN B 987 4.22 -5.66 -9.00
C GLN B 987 4.96 -5.11 -10.21
N THR B 988 5.85 -4.14 -10.01
CA THR B 988 6.75 -3.64 -11.04
C THR B 988 7.73 -4.72 -11.47
N TYR B 989 8.50 -5.30 -10.54
CA TYR B 989 9.49 -6.33 -10.84
C TYR B 989 8.90 -7.54 -11.56
N VAL B 990 7.80 -8.10 -11.07
CA VAL B 990 7.17 -9.26 -11.72
C VAL B 990 6.72 -8.93 -13.14
N THR B 991 6.23 -7.72 -13.39
CA THR B 991 5.85 -7.33 -14.75
C THR B 991 7.06 -7.26 -15.68
N GLN B 992 8.20 -6.76 -15.20
CA GLN B 992 9.42 -6.78 -16.00
C GLN B 992 9.84 -8.22 -16.34
N GLN B 993 9.85 -9.13 -15.36
CA GLN B 993 10.22 -10.51 -15.61
C GLN B 993 9.25 -11.21 -16.56
N LEU B 994 7.95 -10.95 -16.50
CA LEU B 994 6.99 -11.51 -17.46
C LEU B 994 7.32 -11.09 -18.89
N ILE B 995 7.73 -9.85 -19.11
CA ILE B 995 8.11 -9.39 -20.47
C ILE B 995 9.42 -10.03 -20.88
N ARG B 996 10.44 -10.01 -20.02
CA ARG B 996 11.75 -10.59 -20.32
C ARG B 996 11.67 -12.09 -20.56
N ALA B 997 10.84 -12.82 -19.84
CA ALA B 997 10.60 -14.24 -20.07
C ALA B 997 10.03 -14.52 -21.46
N ALA B 998 9.12 -13.69 -21.96
CA ALA B 998 8.61 -13.85 -23.32
C ALA B 998 9.69 -13.57 -24.37
N GLU B 999 10.52 -12.57 -24.15
CA GLU B 999 11.66 -12.25 -25.01
C GLU B 999 12.70 -13.39 -25.05
N ILE B 1000 13.01 -14.03 -23.93
CA ILE B 1000 13.84 -15.24 -23.94
C ILE B 1000 13.13 -16.41 -24.60
N ARG B 1001 11.84 -16.64 -24.37
CA ARG B 1001 11.10 -17.73 -25.04
C ARG B 1001 11.16 -17.60 -26.55
N ALA B 1002 11.00 -16.40 -27.10
CA ALA B 1002 11.10 -16.21 -28.54
C ALA B 1002 12.50 -16.58 -29.07
N SER B 1003 13.55 -16.38 -28.28
CA SER B 1003 14.90 -16.88 -28.60
C SER B 1003 15.00 -18.39 -28.46
N ALA B 1004 14.42 -19.00 -27.43
CA ALA B 1004 14.45 -20.44 -27.25
C ALA B 1004 13.72 -21.20 -28.36
N ASN B 1005 12.55 -20.72 -28.82
CA ASN B 1005 11.85 -21.32 -29.96
C ASN B 1005 12.67 -21.24 -31.24
N LEU B 1006 13.32 -20.10 -31.51
CA LEU B 1006 14.20 -19.97 -32.66
C LEU B 1006 15.40 -20.91 -32.53
N ALA B 1007 16.06 -20.98 -31.37
CA ALA B 1007 17.19 -21.85 -31.14
C ALA B 1007 16.84 -23.32 -31.32
N ALA B 1008 15.71 -23.76 -30.75
CA ALA B 1008 15.23 -25.13 -30.93
C ALA B 1008 14.88 -25.43 -32.38
N THR B 1009 14.54 -24.42 -33.19
CA THR B 1009 14.32 -24.59 -34.62
C THR B 1009 15.64 -24.72 -35.37
N LYS B 1010 16.67 -23.92 -35.06
CA LYS B 1010 17.99 -24.11 -35.65
C LYS B 1010 18.57 -25.48 -35.32
N MET B 1011 18.24 -26.06 -34.16
CA MET B 1011 18.62 -27.43 -33.88
C MET B 1011 18.04 -28.40 -34.92
N SER B 1012 16.73 -28.39 -35.13
CA SER B 1012 16.12 -29.35 -36.06
C SER B 1012 16.46 -29.09 -37.52
N GLU B 1013 16.55 -27.83 -37.93
CA GLU B 1013 16.84 -27.50 -39.33
C GLU B 1013 18.32 -27.50 -39.67
N CYS B 1014 19.20 -26.93 -38.84
CA CYS B 1014 20.62 -26.83 -39.16
C CYS B 1014 21.45 -28.01 -38.69
N VAL B 1015 21.18 -28.59 -37.51
CA VAL B 1015 21.98 -29.73 -36.99
C VAL B 1015 21.48 -31.05 -37.53
N LEU B 1016 20.20 -31.35 -37.36
CA LEU B 1016 19.58 -32.61 -37.78
C LEU B 1016 19.39 -32.74 -39.31
N GLY B 1017 19.68 -31.71 -40.11
CA GLY B 1017 19.40 -31.70 -41.55
C GLY B 1017 20.37 -30.82 -42.34
N GLN B 1018 19.91 -30.25 -43.44
CA GLN B 1018 20.69 -29.34 -44.28
C GLN B 1018 19.80 -28.23 -44.84
N SER B 1019 19.19 -27.43 -43.97
CA SER B 1019 18.17 -26.46 -44.42
C SER B 1019 18.73 -25.47 -45.43
N LYS B 1020 18.00 -25.30 -46.54
CA LYS B 1020 18.38 -24.48 -47.71
C LYS B 1020 17.95 -23.02 -47.63
N ARG B 1021 17.44 -22.59 -46.49
CA ARG B 1021 16.96 -21.23 -46.27
C ARG B 1021 18.16 -20.29 -46.23
N VAL B 1022 18.25 -19.40 -47.21
CA VAL B 1022 19.44 -18.57 -47.43
C VAL B 1022 19.77 -17.72 -46.20
N ASP B 1023 21.00 -17.83 -45.71
CA ASP B 1023 21.51 -17.20 -44.50
C ASP B 1023 20.72 -17.50 -43.21
N PHE B 1024 19.93 -18.58 -43.17
CA PHE B 1024 19.38 -19.07 -41.90
C PHE B 1024 20.43 -19.82 -41.08
N CYS B 1025 21.02 -20.86 -41.65
CA CYS B 1025 22.13 -21.60 -41.05
C CYS B 1025 23.46 -21.02 -41.57
N GLY B 1026 24.18 -20.27 -40.73
CA GLY B 1026 25.45 -19.64 -41.12
C GLY B 1026 25.34 -18.68 -42.32
N LYS B 1027 26.46 -18.42 -43.00
CA LYS B 1027 26.53 -17.66 -44.27
C LYS B 1027 27.35 -18.40 -45.32
N GLY B 1028 27.03 -18.21 -46.60
CA GLY B 1028 27.44 -19.12 -47.67
C GLY B 1028 26.45 -20.29 -47.81
N TYR B 1029 26.75 -21.27 -48.65
CA TYR B 1029 25.89 -22.45 -48.77
C TYR B 1029 26.10 -23.37 -47.58
N HIS B 1030 25.03 -23.87 -46.97
CA HIS B 1030 25.09 -24.64 -45.73
C HIS B 1030 25.51 -26.09 -45.95
N LEU B 1031 26.48 -26.60 -45.20
CA LEU B 1031 26.86 -28.01 -45.23
C LEU B 1031 26.32 -28.78 -44.04
N MET B 1032 26.65 -28.38 -42.81
CA MET B 1032 26.20 -29.03 -41.56
C MET B 1032 26.43 -28.11 -40.38
N SER B 1033 26.01 -28.47 -39.17
CA SER B 1033 26.24 -27.63 -37.99
C SER B 1033 26.49 -28.46 -36.74
N PHE B 1034 27.20 -27.92 -35.77
CA PHE B 1034 27.45 -28.58 -34.49
C PHE B 1034 26.98 -27.70 -33.34
N PRO B 1035 26.17 -28.19 -32.39
CA PRO B 1035 25.84 -27.44 -31.20
C PRO B 1035 26.94 -27.58 -30.16
N GLN B 1036 27.11 -26.58 -29.31
CA GLN B 1036 27.95 -26.60 -28.12
C GLN B 1036 27.20 -25.95 -26.96
N ALA B 1037 27.34 -26.49 -25.75
CA ALA B 1037 26.71 -25.92 -24.58
C ALA B 1037 27.34 -24.59 -24.20
N ALA B 1038 26.59 -23.72 -23.55
CA ALA B 1038 27.11 -22.51 -22.92
C ALA B 1038 26.22 -22.16 -21.71
N PRO B 1039 26.70 -21.43 -20.71
CA PRO B 1039 25.88 -21.11 -19.55
C PRO B 1039 24.69 -20.24 -19.99
N HIS B 1040 23.47 -20.67 -19.67
CA HIS B 1040 22.21 -20.03 -20.08
C HIS B 1040 21.94 -19.97 -21.60
N GLY B 1041 22.57 -20.82 -22.40
CA GLY B 1041 22.30 -20.81 -23.84
C GLY B 1041 22.93 -21.93 -24.64
N VAL B 1042 23.00 -21.75 -25.95
CA VAL B 1042 23.57 -22.69 -26.90
C VAL B 1042 24.38 -21.94 -27.94
N VAL B 1043 25.40 -22.58 -28.49
CA VAL B 1043 26.27 -21.98 -29.50
C VAL B 1043 26.36 -22.94 -30.67
N PHE B 1044 26.13 -22.48 -31.89
CA PHE B 1044 26.19 -23.31 -33.08
C PHE B 1044 27.46 -23.00 -33.86
N LEU B 1045 28.19 -24.02 -34.31
CA LEU B 1045 29.28 -23.85 -35.26
C LEU B 1045 28.78 -24.28 -36.64
N HIS B 1046 28.22 -23.37 -37.43
CA HIS B 1046 27.73 -23.72 -38.76
C HIS B 1046 28.88 -23.89 -39.73
N VAL B 1047 28.94 -25.00 -40.46
CA VAL B 1047 29.96 -25.30 -41.48
C VAL B 1047 29.39 -24.95 -42.84
N THR B 1048 30.08 -24.14 -43.64
CA THR B 1048 29.53 -23.66 -44.91
C THR B 1048 30.55 -23.65 -46.02
N TYR B 1049 30.09 -23.72 -47.27
CA TYR B 1049 30.88 -23.67 -48.49
C TYR B 1049 30.76 -22.27 -49.06
N VAL B 1050 31.88 -21.65 -49.40
CA VAL B 1050 31.94 -20.29 -49.94
C VAL B 1050 32.75 -20.29 -51.24
N PRO B 1051 32.16 -20.04 -52.41
CA PRO B 1051 32.93 -19.92 -53.65
C PRO B 1051 33.85 -18.69 -53.59
N SER B 1052 35.11 -18.79 -54.03
CA SER B 1052 36.13 -17.81 -53.58
C SER B 1052 37.31 -17.50 -54.51
N GLN B 1053 37.30 -17.93 -55.76
CA GLN B 1053 38.09 -17.34 -56.85
C GLN B 1053 37.25 -17.44 -58.11
N GLU B 1054 37.31 -16.52 -59.06
CA GLU B 1054 36.52 -16.68 -60.28
C GLU B 1054 37.16 -16.12 -61.54
N ARG B 1055 36.86 -16.77 -62.65
CA ARG B 1055 37.09 -16.28 -64.01
C ARG B 1055 35.78 -15.75 -64.56
N ASN B 1056 35.86 -14.90 -65.56
CA ASN B 1056 34.72 -14.43 -66.34
C ASN B 1056 34.80 -14.92 -67.79
N PHE B 1057 33.68 -15.38 -68.32
CA PHE B 1057 33.57 -16.07 -69.60
C PHE B 1057 32.48 -15.44 -70.45
N THR B 1058 32.68 -15.45 -71.76
CA THR B 1058 31.58 -15.19 -72.70
C THR B 1058 30.60 -16.36 -72.65
N THR B 1059 29.29 -16.08 -72.73
CA THR B 1059 28.23 -17.08 -72.55
C THR B 1059 27.07 -16.87 -73.52
N ALA B 1060 26.20 -17.87 -73.63
CA ALA B 1060 25.07 -17.89 -74.54
C ALA B 1060 23.87 -18.60 -73.92
N PRO B 1061 22.63 -18.17 -74.19
CA PRO B 1061 21.45 -18.77 -73.60
C PRO B 1061 21.20 -20.21 -74.07
N ALA B 1062 21.52 -20.49 -75.34
CA ALA B 1062 21.32 -21.75 -76.01
C ALA B 1062 22.28 -21.84 -77.19
N ILE B 1063 22.50 -23.03 -77.74
CA ILE B 1063 23.28 -23.17 -78.97
C ILE B 1063 22.45 -23.78 -80.08
N CYS B 1064 22.43 -23.12 -81.22
CA CYS B 1064 21.89 -23.64 -82.45
C CYS B 1064 22.88 -24.63 -83.06
N HIS B 1065 22.38 -25.72 -83.62
CA HIS B 1065 23.17 -26.70 -84.36
C HIS B 1065 22.52 -26.96 -85.72
N GLU B 1066 21.93 -28.13 -85.97
CA GLU B 1066 21.26 -28.46 -87.23
C GLU B 1066 19.86 -27.83 -87.37
N GLY B 1067 19.76 -26.53 -87.13
CA GLY B 1067 18.51 -25.76 -87.14
C GLY B 1067 17.62 -25.94 -85.90
N LYS B 1068 17.93 -26.91 -85.05
CA LYS B 1068 17.31 -27.10 -83.72
C LYS B 1068 18.13 -26.43 -82.62
N ALA B 1069 17.47 -25.91 -81.58
CA ALA B 1069 18.12 -25.24 -80.47
C ALA B 1069 18.34 -26.19 -79.30
N TYR B 1070 19.58 -26.25 -78.80
CA TYR B 1070 19.98 -27.05 -77.66
C TYR B 1070 20.19 -26.18 -76.42
N PHE B 1071 19.64 -26.60 -75.29
CA PHE B 1071 19.73 -25.91 -74.01
C PHE B 1071 20.46 -26.80 -72.99
N PRO B 1072 21.17 -26.25 -71.99
CA PRO B 1072 21.91 -27.06 -71.04
C PRO B 1072 20.95 -27.69 -70.03
N ARG B 1073 21.06 -29.00 -69.76
CA ARG B 1073 20.20 -29.68 -68.77
C ARG B 1073 20.43 -29.14 -67.36
N GLU B 1074 21.67 -28.82 -67.04
CA GLU B 1074 22.05 -28.04 -65.87
C GLU B 1074 23.33 -27.25 -66.17
N GLY B 1075 23.57 -26.17 -65.43
CA GLY B 1075 24.73 -25.33 -65.68
C GLY B 1075 24.58 -24.39 -66.88
N VAL B 1076 25.70 -23.97 -67.44
CA VAL B 1076 25.82 -22.81 -68.34
C VAL B 1076 26.69 -23.17 -69.53
N PHE B 1077 26.35 -22.75 -70.75
CA PHE B 1077 27.32 -22.78 -71.85
C PHE B 1077 28.34 -21.65 -71.66
N VAL B 1078 29.62 -21.89 -71.87
CA VAL B 1078 30.68 -20.88 -71.73
C VAL B 1078 31.75 -21.07 -72.77
N PHE B 1079 32.46 -20.00 -73.07
CA PHE B 1079 33.51 -19.93 -74.07
C PHE B 1079 34.73 -19.21 -73.50
N ASN B 1080 35.93 -19.63 -73.86
CA ASN B 1080 37.19 -19.02 -73.41
C ASN B 1080 38.05 -18.43 -74.55
N GLY B 1081 37.47 -18.17 -75.72
CA GLY B 1081 38.28 -17.83 -76.90
C GLY B 1081 39.01 -19.03 -77.49
N THR B 1082 38.47 -20.25 -77.36
CA THR B 1082 39.03 -21.47 -77.98
C THR B 1082 37.96 -22.53 -78.24
N SER B 1083 37.18 -22.94 -77.23
CA SER B 1083 36.07 -23.89 -77.41
C SER B 1083 34.87 -23.51 -76.56
N TRP B 1084 33.66 -23.78 -77.04
CA TRP B 1084 32.49 -23.82 -76.18
C TRP B 1084 32.51 -25.07 -75.31
N PHE B 1085 32.16 -24.94 -74.04
CA PHE B 1085 31.94 -26.03 -73.11
C PHE B 1085 30.73 -25.74 -72.25
N ILE B 1086 30.24 -26.75 -71.56
CA ILE B 1086 29.17 -26.66 -70.57
C ILE B 1086 29.76 -26.91 -69.18
N THR B 1087 29.33 -26.16 -68.17
CA THR B 1087 29.82 -26.31 -66.79
C THR B 1087 28.72 -26.03 -65.77
N GLN B 1088 28.74 -26.75 -64.65
CA GLN B 1088 27.97 -26.39 -63.45
C GLN B 1088 28.37 -24.99 -62.98
N ARG B 1089 27.45 -24.22 -62.38
CA ARG B 1089 27.69 -22.78 -62.11
C ARG B 1089 28.35 -22.45 -60.77
N ASN B 1090 28.45 -23.41 -59.85
CA ASN B 1090 29.06 -23.21 -58.53
C ASN B 1090 30.54 -23.59 -58.43
N PHE B 1091 31.11 -24.27 -59.44
CA PHE B 1091 32.51 -24.66 -59.47
C PHE B 1091 32.90 -25.06 -60.90
N PHE B 1092 33.72 -24.26 -61.56
CA PHE B 1092 34.10 -24.46 -62.95
C PHE B 1092 34.69 -25.84 -63.18
N SER B 1093 34.08 -26.62 -64.05
CA SER B 1093 34.52 -27.97 -64.43
C SER B 1093 33.97 -28.25 -65.83
N PRO B 1094 34.64 -27.75 -66.87
CA PRO B 1094 34.08 -27.70 -68.20
C PRO B 1094 34.05 -29.08 -68.83
N GLN B 1095 33.01 -29.34 -69.60
CA GLN B 1095 32.76 -30.63 -70.24
C GLN B 1095 32.36 -30.47 -71.70
N ILE B 1096 32.58 -31.52 -72.49
CA ILE B 1096 32.15 -31.57 -73.89
C ILE B 1096 30.63 -31.38 -73.95
N ILE B 1097 30.18 -30.57 -74.90
CA ILE B 1097 28.75 -30.37 -75.15
C ILE B 1097 28.24 -31.55 -75.98
N THR B 1098 27.26 -32.29 -75.48
CA THR B 1098 26.79 -33.54 -76.08
C THR B 1098 25.27 -33.60 -76.15
N THR B 1099 24.71 -34.53 -76.90
CA THR B 1099 23.27 -34.83 -76.87
C THR B 1099 22.74 -35.22 -75.49
N ASP B 1100 23.59 -35.46 -74.48
CA ASP B 1100 23.19 -36.10 -73.22
C ASP B 1100 23.29 -35.18 -72.00
N ASN B 1101 24.10 -34.12 -72.07
CA ASN B 1101 24.05 -33.01 -71.10
C ASN B 1101 23.26 -31.80 -71.62
N THR B 1102 22.80 -31.83 -72.87
CA THR B 1102 21.85 -30.87 -73.43
C THR B 1102 20.48 -31.50 -73.66
N PHE B 1103 19.47 -30.67 -73.95
CA PHE B 1103 18.16 -31.11 -74.41
C PHE B 1103 17.62 -30.16 -75.48
N VAL B 1104 16.66 -30.59 -76.28
CA VAL B 1104 16.22 -29.89 -77.49
C VAL B 1104 14.85 -29.25 -77.30
N SER B 1105 14.68 -28.03 -77.80
CA SER B 1105 13.34 -27.44 -77.96
C SER B 1105 13.28 -26.51 -79.17
N GLY B 1106 12.13 -26.38 -79.80
CA GLY B 1106 11.88 -25.36 -80.82
C GLY B 1106 12.82 -25.45 -82.02
N ASN B 1107 13.21 -24.30 -82.54
CA ASN B 1107 14.13 -24.13 -83.67
C ASN B 1107 15.02 -22.90 -83.47
N CYS B 1108 16.07 -22.80 -84.28
CA CYS B 1108 17.15 -21.82 -84.17
C CYS B 1108 16.69 -20.35 -84.23
N ASP B 1109 15.47 -20.03 -84.70
CA ASP B 1109 15.03 -18.65 -84.92
C ASP B 1109 14.51 -17.94 -83.65
N VAL B 1110 14.07 -18.68 -82.63
CA VAL B 1110 13.23 -18.10 -81.57
C VAL B 1110 14.03 -17.39 -80.48
N VAL B 1111 15.08 -18.03 -79.96
CA VAL B 1111 15.86 -17.53 -78.81
C VAL B 1111 16.61 -16.24 -79.19
N ILE B 1112 16.48 -15.18 -78.39
CA ILE B 1112 17.28 -13.96 -78.57
C ILE B 1112 18.72 -14.22 -78.11
N GLY B 1113 19.71 -13.94 -78.96
CA GLY B 1113 21.13 -14.07 -78.60
C GLY B 1113 21.69 -15.50 -78.67
N ILE B 1114 21.00 -16.42 -79.33
CA ILE B 1114 21.49 -17.79 -79.57
C ILE B 1114 22.79 -17.78 -80.39
N ILE B 1115 23.78 -18.59 -79.99
CA ILE B 1115 25.02 -18.74 -80.74
C ILE B 1115 25.00 -20.02 -81.56
N ASN B 1116 25.95 -20.18 -82.46
CA ASN B 1116 25.88 -21.13 -83.57
C ASN B 1116 27.12 -22.03 -83.53
N ASN B 1117 26.96 -23.32 -83.23
CA ASN B 1117 28.08 -24.21 -82.94
C ASN B 1117 27.74 -25.67 -83.31
N THR B 1118 28.22 -26.68 -82.59
CA THR B 1118 27.98 -28.11 -82.86
C THR B 1118 27.91 -28.91 -81.57
N VAL B 1119 27.00 -29.86 -81.51
CA VAL B 1119 26.79 -30.76 -80.37
C VAL B 1119 27.36 -32.14 -80.70
N TYR B 1120 28.18 -32.70 -79.81
CA TYR B 1120 28.73 -34.04 -80.00
C TYR B 1120 27.70 -35.15 -79.78
N ASP B 1121 27.82 -36.25 -80.51
CA ASP B 1121 27.00 -37.44 -80.35
C ASP B 1121 27.87 -38.68 -80.03
N PRO B 1122 27.79 -39.23 -78.81
CA PRO B 1122 28.57 -40.41 -78.43
C PRO B 1122 28.26 -41.67 -79.26
N LEU B 1123 27.11 -41.75 -79.92
CA LEU B 1123 26.75 -42.91 -80.75
C LEU B 1123 27.50 -42.90 -82.09
N GLN B 1124 27.83 -41.73 -82.64
CA GLN B 1124 28.26 -41.64 -84.03
C GLN B 1124 29.50 -42.50 -84.38
N PRO B 1125 30.57 -42.54 -83.56
CA PRO B 1125 31.71 -43.40 -83.86
C PRO B 1125 31.39 -44.90 -83.88
N GLU B 1126 30.30 -45.31 -83.23
CA GLU B 1126 29.86 -46.71 -83.27
C GLU B 1126 28.99 -47.00 -84.49
N LEU B 1127 28.24 -46.01 -84.99
CA LEU B 1127 27.58 -46.12 -86.30
C LEU B 1127 28.61 -46.20 -87.42
N ASP B 1128 29.74 -45.49 -87.24
CA ASP B 1128 30.91 -45.56 -88.09
C ASP B 1128 31.72 -46.87 -87.93
N SER B 1129 31.34 -47.75 -86.99
CA SER B 1129 31.99 -49.04 -86.67
C SER B 1129 31.12 -50.24 -87.07
N SER C 35 -34.78 26.36 -32.42
CA SER C 35 -33.45 27.00 -32.18
C SER C 35 -32.33 26.18 -32.79
N SER C 36 -32.11 26.33 -34.10
CA SER C 36 -30.99 25.68 -34.80
C SER C 36 -29.67 26.35 -34.46
N MET C 37 -28.89 25.76 -33.56
CA MET C 37 -27.50 26.13 -33.24
C MET C 37 -27.23 27.57 -32.76
N ARG C 38 -28.23 28.41 -32.53
CA ARG C 38 -28.08 29.75 -31.94
C ARG C 38 -27.47 29.69 -30.53
N GLY C 39 -26.95 30.80 -30.04
CA GLY C 39 -26.67 30.97 -28.61
C GLY C 39 -25.38 30.34 -28.07
N VAL C 40 -24.43 29.94 -28.91
CA VAL C 40 -23.09 29.54 -28.46
C VAL C 40 -22.26 30.79 -28.10
N TYR C 41 -21.37 30.71 -27.11
CA TYR C 41 -20.58 31.85 -26.64
C TYR C 41 -19.18 31.43 -26.21
N TYR C 42 -18.20 32.34 -26.24
CA TYR C 42 -16.84 32.04 -25.77
C TYR C 42 -16.83 31.77 -24.26
N PRO C 43 -16.46 30.58 -23.77
CA PRO C 43 -16.63 30.25 -22.35
C PRO C 43 -15.82 31.12 -21.38
N ASP C 44 -14.57 31.47 -21.71
CA ASP C 44 -13.63 32.20 -20.85
C ASP C 44 -12.50 32.87 -21.66
N GLU C 45 -11.77 33.78 -21.03
CA GLU C 45 -10.89 34.77 -21.68
C GLU C 45 -9.52 34.24 -22.17
N ILE C 46 -9.38 32.97 -22.55
CA ILE C 46 -8.07 32.30 -22.59
C ILE C 46 -7.76 31.55 -23.89
N PHE C 47 -8.35 31.94 -25.02
CA PHE C 47 -8.58 30.96 -26.08
C PHE C 47 -7.42 30.57 -27.00
N ARG C 48 -7.56 29.31 -27.43
CA ARG C 48 -6.68 28.50 -28.27
C ARG C 48 -6.79 28.89 -29.74
N SER C 49 -5.86 28.40 -30.54
CA SER C 49 -5.79 28.59 -31.99
C SER C 49 -5.84 27.24 -32.70
N ASP C 50 -6.56 27.16 -33.81
CA ASP C 50 -6.52 26.04 -34.77
C ASP C 50 -6.70 24.65 -34.13
N THR C 51 -7.76 24.46 -33.33
CA THR C 51 -7.99 23.21 -32.59
C THR C 51 -9.47 23.00 -32.28
N LEU C 52 -9.86 21.75 -32.05
CA LEU C 52 -11.07 21.44 -31.30
C LEU C 52 -10.81 21.52 -29.79
N TYR C 53 -11.83 21.82 -29.00
CA TYR C 53 -11.79 21.82 -27.54
C TYR C 53 -13.15 21.43 -27.00
N LEU C 54 -13.22 20.71 -25.88
CA LEU C 54 -14.44 20.05 -25.42
C LEU C 54 -14.69 20.35 -23.94
N THR C 55 -15.91 20.80 -23.61
CA THR C 55 -16.18 21.59 -22.42
C THR C 55 -17.60 21.39 -21.89
N GLN C 56 -17.79 21.52 -20.58
CA GLN C 56 -19.08 21.37 -19.90
C GLN C 56 -19.55 22.74 -19.38
N ASP C 57 -20.74 23.19 -19.77
CA ASP C 57 -21.29 24.47 -19.34
C ASP C 57 -22.80 24.56 -19.60
N LEU C 58 -23.43 25.61 -19.07
CA LEU C 58 -24.81 25.98 -19.33
C LEU C 58 -24.96 26.58 -20.74
N PHE C 59 -24.75 25.77 -21.78
CA PHE C 59 -25.09 26.16 -23.15
C PHE C 59 -26.59 26.02 -23.41
N LEU C 60 -27.09 26.60 -24.50
CA LEU C 60 -28.44 26.33 -25.00
C LEU C 60 -28.43 25.00 -25.77
N PRO C 61 -29.18 23.95 -25.38
CA PRO C 61 -29.16 22.68 -26.08
C PRO C 61 -29.80 22.80 -27.46
N PHE C 62 -29.15 22.23 -28.48
CA PHE C 62 -29.51 22.44 -29.88
C PHE C 62 -30.89 21.87 -30.26
N TYR C 63 -31.57 22.55 -31.20
CA TYR C 63 -32.89 22.17 -31.73
C TYR C 63 -33.98 21.99 -30.66
N SER C 64 -33.85 22.66 -29.51
CA SER C 64 -34.93 22.84 -28.54
C SER C 64 -35.99 23.82 -29.04
N ASN C 65 -37.07 24.02 -28.27
CA ASN C 65 -38.12 25.00 -28.55
C ASN C 65 -37.93 26.23 -27.66
N VAL C 66 -37.94 27.41 -28.29
CA VAL C 66 -37.78 28.73 -27.63
C VAL C 66 -39.15 29.43 -27.58
N THR C 67 -39.54 30.00 -26.46
CA THR C 67 -40.85 30.65 -26.29
C THR C 67 -40.89 31.97 -27.06
N GLY C 68 -41.69 32.05 -28.13
CA GLY C 68 -41.83 33.26 -28.94
C GLY C 68 -42.94 34.18 -28.41
N PHE C 69 -42.58 35.23 -27.69
CA PHE C 69 -43.48 36.31 -27.32
C PHE C 69 -43.66 37.24 -28.53
N HIS C 70 -44.63 36.92 -29.40
CA HIS C 70 -44.92 37.66 -30.63
C HIS C 70 -45.70 38.96 -30.36
N THR C 71 -45.08 39.92 -29.65
CA THR C 71 -45.69 41.20 -29.29
C THR C 71 -46.05 42.02 -30.53
N ILE C 72 -47.33 42.39 -30.66
CA ILE C 72 -47.93 42.94 -31.89
C ILE C 72 -49.07 43.94 -31.59
N ASN C 73 -49.12 44.53 -30.39
CA ASN C 73 -50.24 45.30 -29.80
C ASN C 73 -51.53 44.47 -29.58
N HIS C 74 -52.00 43.75 -30.59
CA HIS C 74 -53.17 42.87 -30.52
C HIS C 74 -52.91 41.60 -29.68
N THR C 75 -51.64 41.20 -29.60
CA THR C 75 -51.08 40.49 -28.45
C THR C 75 -50.03 41.41 -27.85
N PHE C 76 -50.17 41.74 -26.57
CA PHE C 76 -49.24 42.60 -25.84
C PHE C 76 -49.06 42.12 -24.39
N GLY C 77 -47.84 42.24 -23.87
CA GLY C 77 -47.55 41.93 -22.47
C GLY C 77 -46.10 41.55 -22.22
N ASN C 78 -45.61 41.89 -21.03
CA ASN C 78 -44.24 41.66 -20.57
C ASN C 78 -44.29 41.06 -19.15
N PRO C 79 -44.71 39.79 -19.03
CA PRO C 79 -44.95 39.16 -17.74
C PRO C 79 -43.66 38.99 -16.95
N VAL C 80 -43.77 38.78 -15.65
CA VAL C 80 -42.67 38.17 -14.87
C VAL C 80 -42.43 36.75 -15.38
N ILE C 81 -41.17 36.39 -15.60
CA ILE C 81 -40.75 35.10 -16.17
C ILE C 81 -39.70 34.45 -15.26
N PRO C 82 -39.77 33.14 -14.97
CA PRO C 82 -38.74 32.43 -14.22
C PRO C 82 -37.41 32.43 -14.99
N PHE C 83 -36.31 32.67 -14.30
CA PHE C 83 -34.95 32.69 -14.86
C PHE C 83 -34.32 31.30 -14.93
N LYS C 84 -34.70 30.41 -14.02
CA LYS C 84 -34.14 29.06 -13.87
C LYS C 84 -32.60 29.13 -13.74
N ASP C 85 -31.87 28.31 -14.50
CA ASP C 85 -30.40 28.32 -14.55
C ASP C 85 -29.81 29.44 -15.43
N GLY C 86 -30.62 30.39 -15.90
CA GLY C 86 -30.21 31.43 -16.84
C GLY C 86 -30.70 31.16 -18.25
N ILE C 87 -30.61 32.18 -19.11
CA ILE C 87 -31.36 32.22 -20.36
C ILE C 87 -30.51 32.67 -21.53
N TYR C 88 -30.88 32.16 -22.69
CA TYR C 88 -30.71 32.83 -23.95
C TYR C 88 -31.89 33.78 -24.11
N PHE C 89 -31.66 34.98 -24.61
CA PHE C 89 -32.72 35.94 -24.91
C PHE C 89 -32.40 36.61 -26.23
N ALA C 90 -33.37 36.76 -27.12
CA ALA C 90 -33.15 37.44 -28.39
C ALA C 90 -34.37 38.24 -28.82
N ALA C 91 -34.17 39.39 -29.45
CA ALA C 91 -35.24 40.30 -29.83
C ALA C 91 -35.02 40.86 -31.23
N THR C 92 -36.06 40.89 -32.06
CA THR C 92 -36.02 41.71 -33.27
C THR C 92 -36.12 43.18 -32.87
N GLU C 93 -35.21 44.00 -33.40
CA GLU C 93 -34.83 45.26 -32.78
C GLU C 93 -34.01 46.16 -33.72
N LYS C 94 -33.87 47.42 -33.28
CA LYS C 94 -32.74 48.33 -33.57
C LYS C 94 -32.77 49.52 -32.60
N SER C 95 -33.95 50.13 -32.47
CA SER C 95 -34.20 51.36 -31.70
C SER C 95 -34.22 51.19 -30.18
N ASN C 96 -34.16 49.97 -29.67
CA ASN C 96 -34.46 49.60 -28.29
C ASN C 96 -35.92 49.90 -27.93
N VAL C 97 -36.85 49.21 -28.59
CA VAL C 97 -38.20 49.01 -28.05
C VAL C 97 -38.07 48.20 -26.77
N VAL C 98 -37.33 47.10 -26.83
CA VAL C 98 -36.71 46.44 -25.69
C VAL C 98 -35.61 47.35 -25.15
N ARG C 99 -35.99 48.22 -24.21
CA ARG C 99 -35.07 49.10 -23.50
C ARG C 99 -34.10 48.32 -22.63
N GLY C 100 -34.54 47.21 -22.05
CA GLY C 100 -33.72 46.48 -21.11
C GLY C 100 -34.42 45.36 -20.36
N TRP C 101 -33.89 45.03 -19.18
CA TRP C 101 -34.28 43.89 -18.38
C TRP C 101 -34.23 44.22 -16.89
N VAL C 102 -35.18 43.70 -16.12
CA VAL C 102 -35.16 43.68 -14.65
C VAL C 102 -34.96 42.24 -14.19
N PHE C 103 -34.05 42.00 -13.26
CA PHE C 103 -33.82 40.67 -12.67
C PHE C 103 -34.00 40.73 -11.15
N GLY C 104 -34.49 39.67 -10.52
CA GLY C 104 -34.63 39.66 -9.06
C GLY C 104 -35.30 38.41 -8.49
N SER C 105 -35.72 38.52 -7.23
CA SER C 105 -36.61 37.54 -6.58
C SER C 105 -38.07 38.02 -6.53
N THR C 106 -38.31 39.33 -6.39
CA THR C 106 -39.67 39.93 -6.22
C THR C 106 -40.00 41.11 -7.16
N MET C 107 -39.02 41.71 -7.85
CA MET C 107 -39.18 42.70 -8.93
C MET C 107 -40.02 43.96 -8.55
N ASN C 108 -40.06 44.31 -7.26
CA ASN C 108 -40.82 45.43 -6.71
C ASN C 108 -40.19 45.94 -5.41
N ASN C 109 -40.41 45.23 -4.30
CA ASN C 109 -40.04 45.61 -2.93
C ASN C 109 -39.53 44.38 -2.16
N LYS C 110 -38.91 44.58 -0.99
CA LYS C 110 -38.42 43.52 -0.07
C LYS C 110 -37.27 42.64 -0.60
N SER C 111 -36.64 43.03 -1.69
CA SER C 111 -35.36 42.46 -2.15
C SER C 111 -34.55 43.45 -2.99
N GLN C 112 -33.24 43.24 -3.12
CA GLN C 112 -32.44 43.91 -4.16
C GLN C 112 -32.73 43.28 -5.52
N SER C 113 -32.87 44.13 -6.54
CA SER C 113 -33.19 43.76 -7.92
C SER C 113 -32.25 44.50 -8.87
N VAL C 114 -31.73 43.79 -9.87
CA VAL C 114 -30.88 44.39 -10.91
C VAL C 114 -31.75 45.03 -11.98
N ILE C 115 -31.31 46.15 -12.53
CA ILE C 115 -31.85 46.71 -13.76
C ILE C 115 -30.72 46.97 -14.74
N ILE C 116 -30.92 46.57 -15.98
CA ILE C 116 -30.02 46.87 -17.11
C ILE C 116 -30.89 47.56 -18.16
N ILE C 117 -30.54 48.77 -18.62
CA ILE C 117 -31.26 49.44 -19.71
C ILE C 117 -30.27 49.96 -20.75
N ASN C 118 -30.23 49.28 -21.90
CA ASN C 118 -29.60 49.75 -23.13
C ASN C 118 -30.49 50.86 -23.71
N ASN C 119 -30.24 52.08 -23.26
CA ASN C 119 -31.01 53.27 -23.62
C ASN C 119 -30.74 53.69 -25.08
N SER C 120 -31.07 54.94 -25.47
CA SER C 120 -30.86 55.43 -26.83
C SER C 120 -29.41 55.28 -27.34
N THR C 121 -28.38 55.30 -26.48
CA THR C 121 -27.02 54.91 -26.89
C THR C 121 -26.28 54.00 -25.92
N ASN C 122 -26.44 54.14 -24.59
CA ASN C 122 -25.59 53.47 -23.61
C ASN C 122 -26.41 52.83 -22.48
N VAL C 123 -25.75 52.30 -21.44
CA VAL C 123 -26.34 51.33 -20.53
C VAL C 123 -26.47 51.87 -19.10
N VAL C 124 -27.71 51.92 -18.59
CA VAL C 124 -27.97 51.94 -17.15
C VAL C 124 -27.55 50.60 -16.58
N ILE C 125 -26.81 50.57 -15.47
CA ILE C 125 -26.85 49.39 -14.59
C ILE C 125 -27.04 49.86 -13.17
N ARG C 126 -27.97 49.27 -12.42
CA ARG C 126 -28.05 49.41 -10.96
C ARG C 126 -28.48 48.10 -10.30
N ALA C 127 -28.20 47.95 -9.01
CA ALA C 127 -28.92 47.04 -8.14
C ALA C 127 -29.60 47.84 -7.02
N CYS C 128 -30.94 47.77 -6.92
CA CYS C 128 -31.74 48.53 -5.97
C CYS C 128 -33.09 47.83 -5.67
N ASN C 129 -33.87 48.32 -4.71
CA ASN C 129 -35.33 48.10 -4.75
C ASN C 129 -35.94 48.88 -5.94
N PHE C 130 -37.05 48.41 -6.53
CA PHE C 130 -37.60 48.99 -7.75
C PHE C 130 -39.11 48.75 -7.89
N GLU C 131 -39.91 49.59 -7.28
CA GLU C 131 -41.38 49.55 -7.29
C GLU C 131 -41.98 50.08 -8.61
N LEU C 132 -41.45 49.62 -9.75
CA LEU C 132 -41.78 50.11 -11.09
C LEU C 132 -43.05 49.49 -11.70
N CYS C 133 -43.53 48.37 -11.17
CA CYS C 133 -44.63 47.58 -11.73
C CYS C 133 -45.99 48.31 -11.79
N ASP C 134 -46.17 49.39 -11.02
CA ASP C 134 -47.40 50.21 -11.03
C ASP C 134 -47.62 50.93 -12.36
N ASN C 135 -46.55 51.42 -12.99
CA ASN C 135 -46.48 51.84 -14.39
C ASN C 135 -45.00 52.01 -14.78
N PRO C 136 -44.34 51.00 -15.39
CA PRO C 136 -42.91 51.04 -15.69
C PRO C 136 -42.50 52.02 -16.82
N PHE C 137 -43.26 53.08 -17.04
CA PHE C 137 -42.91 54.23 -17.88
C PHE C 137 -42.01 55.26 -17.15
N PHE C 138 -42.06 55.34 -15.81
CA PHE C 138 -41.59 56.48 -14.99
C PHE C 138 -40.23 57.07 -15.43
N ALA C 139 -40.28 58.21 -16.12
CA ALA C 139 -39.12 58.84 -16.75
C ALA C 139 -38.13 59.54 -15.79
N VAL C 140 -38.21 59.26 -14.48
CA VAL C 140 -37.41 59.91 -13.44
C VAL C 140 -35.93 59.54 -13.60
N SER C 141 -35.05 60.51 -13.87
CA SER C 141 -33.70 60.25 -14.41
C SER C 141 -32.62 61.19 -13.89
N LYS C 142 -31.38 60.69 -13.81
CA LYS C 142 -30.17 61.49 -13.63
C LYS C 142 -29.94 62.43 -14.83
N PRO C 143 -29.28 63.59 -14.65
CA PRO C 143 -29.47 64.74 -15.56
C PRO C 143 -28.74 64.68 -16.92
N MET C 144 -27.55 64.07 -16.97
CA MET C 144 -26.56 64.30 -18.05
C MET C 144 -26.81 63.49 -19.34
N GLY C 145 -27.95 63.71 -19.98
CA GLY C 145 -28.39 62.99 -21.18
C GLY C 145 -29.36 61.86 -20.86
N THR C 146 -30.48 62.18 -20.21
CA THR C 146 -31.59 61.27 -19.87
C THR C 146 -31.93 60.29 -21.00
N GLN C 147 -32.05 59.00 -20.66
CA GLN C 147 -32.37 57.89 -21.60
C GLN C 147 -31.41 57.78 -22.80
N THR C 148 -30.21 58.37 -22.75
CA THR C 148 -29.36 58.55 -23.96
C THR C 148 -27.88 58.38 -23.68
N HIS C 149 -27.41 58.95 -22.57
CA HIS C 149 -26.06 58.86 -22.02
C HIS C 149 -26.05 58.77 -20.48
N THR C 150 -27.15 59.15 -19.82
CA THR C 150 -27.37 59.11 -18.37
C THR C 150 -28.74 58.53 -18.04
N MET C 151 -28.93 58.10 -16.79
CA MET C 151 -29.84 57.01 -16.46
C MET C 151 -31.20 57.33 -15.80
N ILE C 152 -32.24 56.70 -16.38
CA ILE C 152 -33.65 56.62 -15.97
C ILE C 152 -33.90 55.64 -14.79
N PHE C 153 -35.07 55.75 -14.16
CA PHE C 153 -35.57 55.00 -13.00
C PHE C 153 -34.87 55.30 -11.66
N ASP C 154 -34.76 56.58 -11.33
CA ASP C 154 -34.47 57.06 -9.96
C ASP C 154 -35.59 56.80 -8.92
N ASN C 155 -36.63 56.02 -9.25
CA ASN C 155 -37.69 55.64 -8.31
C ASN C 155 -37.17 54.74 -7.16
N ALA C 156 -35.98 54.14 -7.29
CA ALA C 156 -35.34 53.38 -6.24
C ALA C 156 -35.13 54.18 -4.93
N PHE C 157 -35.07 53.47 -3.81
CA PHE C 157 -34.91 54.06 -2.47
C PHE C 157 -33.72 53.47 -1.67
N ASN C 158 -33.09 52.41 -2.18
CA ASN C 158 -31.97 51.70 -1.59
C ASN C 158 -31.19 50.98 -2.71
N CYS C 159 -30.00 51.48 -3.06
CA CYS C 159 -29.14 50.89 -4.10
C CYS C 159 -27.80 50.38 -3.55
N THR C 160 -27.31 49.25 -4.08
CA THR C 160 -26.02 48.63 -3.72
C THR C 160 -24.97 48.64 -4.83
N PHE C 161 -25.35 48.95 -6.08
CA PHE C 161 -24.41 49.13 -7.20
C PHE C 161 -24.99 50.12 -8.20
N GLU C 162 -24.14 50.89 -8.89
CA GLU C 162 -24.51 51.64 -10.08
C GLU C 162 -23.30 51.77 -11.04
N TYR C 163 -23.58 51.83 -12.34
CA TYR C 163 -22.58 52.04 -13.38
C TYR C 163 -23.20 52.69 -14.64
N ILE C 164 -22.36 53.35 -15.44
CA ILE C 164 -22.70 54.00 -16.71
C ILE C 164 -21.68 53.59 -17.78
N SER C 165 -22.15 53.30 -19.01
CA SER C 165 -21.31 52.72 -20.07
C SER C 165 -21.02 53.65 -21.25
N ASP C 166 -20.20 53.15 -22.18
CA ASP C 166 -20.10 53.60 -23.56
C ASP C 166 -21.30 53.14 -24.42
N ALA C 167 -21.38 53.63 -25.66
CA ALA C 167 -22.58 53.63 -26.48
C ALA C 167 -22.98 52.30 -27.18
N PHE C 168 -23.24 51.22 -26.43
CA PHE C 168 -23.68 49.89 -26.93
C PHE C 168 -25.09 49.79 -27.57
N SER C 169 -25.60 50.87 -28.16
CA SER C 169 -26.73 50.85 -29.10
C SER C 169 -26.33 51.37 -30.50
N LEU C 170 -25.18 52.04 -30.65
CA LEU C 170 -24.79 52.69 -31.92
C LEU C 170 -24.15 51.74 -32.93
N ASP C 171 -23.54 50.66 -32.45
CA ASP C 171 -23.14 49.50 -33.25
C ASP C 171 -24.36 48.82 -33.90
N VAL C 172 -25.41 48.61 -33.12
CA VAL C 172 -26.70 48.09 -33.58
C VAL C 172 -27.43 49.08 -34.50
N SER C 173 -27.34 50.38 -34.20
CA SER C 173 -27.98 51.44 -34.99
C SER C 173 -27.52 51.49 -36.46
N GLU C 174 -26.31 51.02 -36.76
CA GLU C 174 -25.67 51.10 -38.08
C GLU C 174 -26.16 50.04 -39.10
N LYS C 175 -27.48 49.84 -39.20
CA LYS C 175 -28.13 48.89 -40.14
C LYS C 175 -29.53 49.35 -40.56
N SER C 176 -30.04 48.85 -41.68
CA SER C 176 -31.25 49.33 -42.38
C SER C 176 -32.55 49.22 -41.58
N GLY C 177 -33.11 50.36 -41.17
CA GLY C 177 -34.43 50.48 -40.52
C GLY C 177 -34.55 49.87 -39.12
N ASN C 178 -35.63 50.18 -38.40
CA ASN C 178 -35.93 49.59 -37.08
C ASN C 178 -36.39 48.13 -37.20
N PHE C 179 -36.24 47.35 -36.13
CA PHE C 179 -36.79 45.99 -35.92
C PHE C 179 -36.25 44.89 -36.85
N LYS C 180 -35.71 45.23 -38.03
CA LYS C 180 -35.20 44.33 -39.08
C LYS C 180 -33.91 43.57 -38.74
N HIS C 181 -33.55 43.47 -37.47
CA HIS C 181 -32.29 42.89 -37.01
C HIS C 181 -32.52 42.19 -35.66
N LEU C 182 -31.73 41.17 -35.33
CA LEU C 182 -31.83 40.43 -34.08
C LEU C 182 -30.67 40.83 -33.17
N ARG C 183 -31.00 41.38 -32.01
CA ARG C 183 -30.07 41.44 -30.87
C ARG C 183 -30.13 40.10 -30.15
N GLU C 184 -29.01 39.42 -30.03
CA GLU C 184 -28.94 38.06 -29.50
C GLU C 184 -28.05 38.03 -28.26
N PHE C 185 -28.57 37.56 -27.12
CA PHE C 185 -27.91 37.66 -25.82
C PHE C 185 -27.96 36.35 -25.03
N VAL C 186 -27.05 36.22 -24.07
CA VAL C 186 -27.12 35.22 -22.99
C VAL C 186 -26.90 35.92 -21.67
N PHE C 187 -27.72 35.60 -20.68
CA PHE C 187 -27.63 36.10 -19.31
C PHE C 187 -27.54 34.90 -18.36
N LYS C 188 -26.48 34.81 -17.56
CA LYS C 188 -26.31 33.70 -16.60
C LYS C 188 -25.74 34.21 -15.29
N ASN C 189 -26.23 33.69 -14.17
CA ASN C 189 -25.72 34.01 -12.85
C ASN C 189 -24.91 32.82 -12.32
N LYS C 190 -23.66 33.07 -11.88
CA LYS C 190 -22.84 32.08 -11.19
C LYS C 190 -21.83 32.77 -10.26
N ASP C 191 -21.58 32.20 -9.09
CA ASP C 191 -20.64 32.74 -8.08
C ASP C 191 -20.87 34.22 -7.74
N GLY C 192 -22.13 34.65 -7.73
CA GLY C 192 -22.51 36.05 -7.49
C GLY C 192 -22.23 37.01 -8.66
N PHE C 193 -21.72 36.53 -9.79
CA PHE C 193 -21.57 37.33 -11.00
C PHE C 193 -22.74 37.12 -11.95
N LEU C 194 -23.35 38.20 -12.43
CA LEU C 194 -24.22 38.16 -13.59
C LEU C 194 -23.36 38.38 -14.84
N TYR C 195 -23.15 37.33 -15.61
CA TYR C 195 -22.45 37.39 -16.88
C TYR C 195 -23.42 37.81 -17.97
N VAL C 196 -22.96 38.58 -18.94
CA VAL C 196 -23.75 38.99 -20.09
C VAL C 196 -22.94 38.84 -21.35
N TYR C 197 -23.52 38.25 -22.39
CA TYR C 197 -22.89 38.04 -23.69
C TYR C 197 -23.80 38.55 -24.79
N LYS C 198 -23.28 39.02 -25.93
CA LYS C 198 -24.14 39.46 -27.04
C LYS C 198 -23.54 39.28 -28.44
N GLY C 199 -24.42 39.28 -29.44
CA GLY C 199 -24.15 39.29 -30.87
C GLY C 199 -25.30 39.94 -31.64
N TYR C 200 -25.16 40.15 -32.94
CA TYR C 200 -26.14 40.89 -33.75
C TYR C 200 -26.18 40.43 -35.21
N GLN C 201 -27.35 40.43 -35.85
CA GLN C 201 -27.56 40.10 -37.27
C GLN C 201 -28.77 40.82 -37.90
N PRO C 202 -28.77 41.14 -39.20
CA PRO C 202 -30.00 41.49 -39.92
C PRO C 202 -30.96 40.29 -40.07
N ILE C 203 -32.25 40.56 -40.22
CA ILE C 203 -33.35 39.60 -40.28
C ILE C 203 -34.33 39.95 -41.40
N ASP C 204 -34.76 38.96 -42.18
CA ASP C 204 -35.82 39.12 -43.20
C ASP C 204 -37.23 38.84 -42.66
N VAL C 205 -37.39 37.80 -41.83
CA VAL C 205 -38.70 37.38 -41.26
C VAL C 205 -38.78 37.81 -39.80
N VAL C 206 -39.25 39.05 -39.55
CA VAL C 206 -39.05 39.74 -38.25
C VAL C 206 -39.89 39.22 -37.07
N ARG C 207 -40.74 38.20 -37.27
CA ARG C 207 -41.50 37.48 -36.24
C ARG C 207 -41.25 35.97 -36.32
N ASP C 208 -39.98 35.60 -36.44
CA ASP C 208 -39.43 34.25 -36.49
C ASP C 208 -37.96 34.28 -36.03
N LEU C 209 -37.34 33.12 -35.74
CA LEU C 209 -35.92 33.03 -35.40
C LEU C 209 -35.14 32.21 -36.45
N PRO C 210 -34.34 32.85 -37.32
CA PRO C 210 -33.63 32.16 -38.39
C PRO C 210 -32.50 31.25 -37.91
N SER C 211 -32.29 30.17 -38.66
CA SER C 211 -31.59 28.94 -38.24
C SER C 211 -30.06 28.93 -38.33
N GLY C 212 -29.41 30.03 -38.72
CA GLY C 212 -27.94 30.10 -38.80
C GLY C 212 -27.22 30.13 -37.45
N PHE C 213 -25.93 29.77 -37.45
CA PHE C 213 -25.03 29.78 -36.30
C PHE C 213 -24.21 31.07 -36.22
N ASN C 214 -24.16 31.69 -35.05
CA ASN C 214 -23.22 32.78 -34.72
C ASN C 214 -22.88 32.75 -33.24
N THR C 215 -21.72 33.29 -32.86
CA THR C 215 -21.20 33.20 -31.48
C THR C 215 -21.32 34.54 -30.75
N LEU C 216 -21.74 34.52 -29.49
CA LEU C 216 -21.90 35.70 -28.66
C LEU C 216 -20.58 36.02 -27.92
N LYS C 217 -20.13 37.26 -27.99
CA LYS C 217 -18.96 37.77 -27.25
C LYS C 217 -19.33 37.98 -25.79
N PRO C 218 -18.44 37.76 -24.80
CA PRO C 218 -18.66 38.24 -23.44
C PRO C 218 -18.64 39.77 -23.39
N ILE C 219 -19.43 40.38 -22.50
CA ILE C 219 -19.60 41.84 -22.40
C ILE C 219 -19.46 42.34 -20.96
N PHE C 220 -20.13 41.69 -20.00
CA PHE C 220 -19.99 42.00 -18.58
C PHE C 220 -19.87 40.74 -17.73
N LYS C 221 -19.31 40.90 -16.53
CA LYS C 221 -19.34 39.92 -15.44
C LYS C 221 -19.60 40.67 -14.14
N LEU C 222 -20.83 41.16 -13.99
CA LEU C 222 -21.22 42.14 -12.98
C LEU C 222 -21.17 41.53 -11.57
N PRO C 223 -20.37 42.04 -10.62
CA PRO C 223 -20.16 41.43 -9.30
C PRO C 223 -21.25 41.79 -8.30
N LEU C 224 -22.52 41.62 -8.69
CA LEU C 224 -23.67 42.18 -7.98
C LEU C 224 -24.19 41.30 -6.85
N GLY C 225 -23.92 40.00 -6.85
CA GLY C 225 -24.27 39.11 -5.73
C GLY C 225 -25.77 39.05 -5.43
N ILE C 226 -26.63 38.92 -6.45
CA ILE C 226 -28.10 38.91 -6.31
C ILE C 226 -28.66 37.49 -6.51
N ASN C 227 -29.62 37.08 -5.68
CA ASN C 227 -30.32 35.80 -5.80
C ASN C 227 -31.44 35.88 -6.86
N ILE C 228 -31.07 36.03 -8.13
CA ILE C 228 -32.03 36.07 -9.22
C ILE C 228 -32.77 34.74 -9.32
N THR C 229 -34.10 34.79 -9.36
CA THR C 229 -34.96 33.64 -9.72
C THR C 229 -35.93 33.98 -10.84
N ASN C 230 -36.15 35.26 -11.12
CA ASN C 230 -37.10 35.75 -12.12
C ASN C 230 -36.54 36.97 -12.84
N PHE C 231 -37.10 37.28 -13.99
CA PHE C 231 -36.81 38.50 -14.75
C PHE C 231 -38.05 39.02 -15.47
N ARG C 232 -37.99 40.23 -16.01
CA ARG C 232 -38.89 40.68 -17.10
C ARG C 232 -38.20 41.69 -18.00
N ALA C 233 -38.58 41.73 -19.27
CA ALA C 233 -38.14 42.76 -20.21
C ALA C 233 -38.78 44.12 -19.91
N ILE C 234 -38.18 45.19 -20.42
CA ILE C 234 -38.61 46.57 -20.23
C ILE C 234 -38.94 47.15 -21.62
N LEU C 235 -40.22 47.42 -21.91
CA LEU C 235 -40.63 48.18 -23.11
C LEU C 235 -41.08 49.61 -22.77
N THR C 236 -40.72 50.12 -21.59
CA THR C 236 -41.22 51.37 -20.98
C THR C 236 -42.76 51.40 -20.82
N ALA C 237 -43.31 50.34 -20.22
CA ALA C 237 -44.75 50.03 -20.05
C ALA C 237 -45.48 49.77 -21.37
N PHE C 238 -46.77 50.13 -21.49
CA PHE C 238 -47.58 49.87 -22.68
C PHE C 238 -46.94 50.43 -23.96
N SER C 239 -47.19 49.74 -25.07
CA SER C 239 -46.45 49.79 -26.34
C SER C 239 -46.04 51.21 -26.79
N PRO C 240 -44.74 51.49 -27.02
CA PRO C 240 -44.23 52.79 -27.47
C PRO C 240 -44.82 53.38 -28.77
N ALA C 241 -44.33 54.55 -29.16
CA ALA C 241 -44.79 55.32 -30.33
C ALA C 241 -43.99 55.08 -31.64
N GLN C 242 -43.49 53.86 -31.91
CA GLN C 242 -42.75 53.53 -33.14
C GLN C 242 -43.69 53.48 -34.36
N ASP C 243 -43.91 54.62 -35.00
CA ASP C 243 -45.06 54.88 -35.89
C ASP C 243 -45.11 53.99 -37.15
N ILE C 244 -43.98 53.43 -37.59
CA ILE C 244 -43.92 52.50 -38.74
C ILE C 244 -44.83 51.27 -38.53
N TRP C 245 -45.05 50.88 -37.27
CA TRP C 245 -46.01 49.84 -36.88
C TRP C 245 -46.96 50.25 -35.74
N GLY C 246 -46.89 51.49 -35.22
CA GLY C 246 -47.47 51.81 -33.90
C GLY C 246 -46.88 50.94 -32.77
N THR C 247 -45.63 50.48 -32.95
CA THR C 247 -44.97 49.42 -32.17
C THR C 247 -45.71 48.07 -32.18
N SER C 248 -46.52 47.77 -33.20
CA SER C 248 -47.04 46.43 -33.51
C SER C 248 -45.92 45.49 -34.07
N ALA C 249 -44.73 45.57 -33.48
CA ALA C 249 -43.47 45.03 -33.95
C ALA C 249 -42.47 44.98 -32.78
N ALA C 250 -42.67 44.02 -31.86
CA ALA C 250 -41.91 43.92 -30.61
C ALA C 250 -41.69 42.44 -30.18
N ALA C 251 -41.58 41.53 -31.15
CA ALA C 251 -41.36 40.12 -30.86
C ALA C 251 -40.00 39.85 -30.19
N TYR C 252 -39.99 38.97 -29.18
CA TYR C 252 -38.76 38.45 -28.59
C TYR C 252 -38.91 36.98 -28.16
N PHE C 253 -37.78 36.31 -28.01
CA PHE C 253 -37.67 34.88 -27.81
C PHE C 253 -36.84 34.58 -26.57
N VAL C 254 -37.25 33.59 -25.80
CA VAL C 254 -36.55 33.14 -24.59
C VAL C 254 -36.26 31.64 -24.69
N GLY C 255 -35.05 31.22 -24.30
CA GLY C 255 -34.67 29.81 -24.21
C GLY C 255 -33.88 29.56 -22.94
N TYR C 256 -34.01 28.39 -22.31
CA TYR C 256 -33.32 28.12 -21.06
C TYR C 256 -32.04 27.36 -21.29
N LEU C 257 -30.96 27.84 -20.68
CA LEU C 257 -29.66 27.18 -20.74
C LEU C 257 -29.70 25.91 -19.91
N LYS C 258 -28.94 24.87 -20.28
CA LYS C 258 -28.88 23.61 -19.55
C LYS C 258 -27.47 23.04 -19.53
N PRO C 259 -27.05 22.37 -18.44
CA PRO C 259 -25.71 21.81 -18.33
C PRO C 259 -25.51 20.71 -19.35
N THR C 260 -24.64 20.95 -20.33
CA THR C 260 -24.42 20.09 -21.49
C THR C 260 -22.95 20.16 -21.91
N THR C 261 -22.49 19.12 -22.62
CA THR C 261 -21.12 19.10 -23.12
C THR C 261 -21.12 19.56 -24.56
N PHE C 262 -20.28 20.53 -24.89
CA PHE C 262 -20.09 20.99 -26.26
C PHE C 262 -18.65 20.72 -26.67
N MET C 263 -18.46 20.42 -27.94
CA MET C 263 -17.17 20.52 -28.60
C MET C 263 -17.19 21.76 -29.48
N LEU C 264 -16.14 22.58 -29.42
CA LEU C 264 -16.01 23.87 -30.08
C LEU C 264 -14.82 23.83 -31.03
N LYS C 265 -14.92 24.46 -32.19
CA LYS C 265 -13.87 24.49 -33.22
C LYS C 265 -13.28 25.88 -33.38
N TYR C 266 -11.96 26.01 -33.23
CA TYR C 266 -11.22 27.27 -33.34
C TYR C 266 -10.45 27.40 -34.65
N ASP C 267 -10.64 28.52 -35.33
CA ASP C 267 -9.76 29.01 -36.39
C ASP C 267 -8.34 29.30 -35.88
N GLU C 268 -7.41 29.54 -36.80
CA GLU C 268 -6.09 30.10 -36.51
C GLU C 268 -6.19 31.44 -35.77
N ASN C 269 -7.15 32.29 -36.15
CA ASN C 269 -7.41 33.60 -35.54
C ASN C 269 -8.20 33.49 -34.22
N GLY C 270 -8.00 32.42 -33.45
CA GLY C 270 -8.60 32.23 -32.12
C GLY C 270 -10.12 32.29 -32.07
N THR C 271 -10.80 31.97 -33.17
CA THR C 271 -12.22 32.27 -33.39
C THR C 271 -13.06 31.01 -33.48
N ILE C 272 -14.15 30.91 -32.71
CA ILE C 272 -15.07 29.78 -32.83
C ILE C 272 -15.81 29.87 -34.17
N THR C 273 -15.83 28.79 -34.95
CA THR C 273 -16.59 28.72 -36.21
C THR C 273 -17.49 27.50 -36.35
N ASP C 274 -17.45 26.55 -35.43
CA ASP C 274 -18.44 25.46 -35.38
C ASP C 274 -18.51 24.82 -33.99
N ALA C 275 -19.58 24.09 -33.71
CA ALA C 275 -19.75 23.36 -32.46
C ALA C 275 -20.62 22.10 -32.59
N VAL C 276 -20.39 21.10 -31.75
CA VAL C 276 -21.20 19.88 -31.65
C VAL C 276 -21.81 19.76 -30.26
N ASP C 277 -23.13 19.68 -30.16
CA ASP C 277 -23.81 19.39 -28.90
C ASP C 277 -23.77 17.88 -28.64
N CYS C 278 -22.86 17.43 -27.78
CA CYS C 278 -22.65 16.00 -27.55
C CYS C 278 -23.85 15.29 -26.92
N SER C 279 -24.91 16.01 -26.52
CA SER C 279 -26.13 15.40 -26.02
C SER C 279 -27.11 15.01 -27.14
N GLN C 280 -27.00 15.59 -28.34
CA GLN C 280 -28.11 15.63 -29.27
C GLN C 280 -28.58 14.25 -29.76
N ASN C 281 -27.71 13.44 -30.33
CA ASN C 281 -28.04 12.15 -30.94
C ASN C 281 -26.78 11.25 -31.01
N PRO C 282 -26.87 9.95 -31.38
CA PRO C 282 -25.72 9.06 -31.31
C PRO C 282 -24.57 9.50 -32.20
N LEU C 283 -24.83 10.08 -33.37
CA LEU C 283 -23.78 10.57 -34.25
C LEU C 283 -23.03 11.74 -33.62
N ALA C 284 -23.73 12.69 -33.01
CA ALA C 284 -23.11 13.80 -32.30
C ALA C 284 -22.27 13.29 -31.12
N GLU C 285 -22.78 12.34 -30.35
CA GLU C 285 -22.02 11.72 -29.27
C GLU C 285 -20.78 11.00 -29.80
N LEU C 286 -20.89 10.28 -30.92
CA LEU C 286 -19.75 9.59 -31.51
C LEU C 286 -18.66 10.58 -31.87
N LYS C 287 -18.99 11.64 -32.59
CA LYS C 287 -17.95 12.54 -33.11
C LYS C 287 -17.35 13.44 -32.04
N CYS C 288 -18.04 13.71 -30.93
CA CYS C 288 -17.40 14.16 -29.69
C CYS C 288 -16.43 13.12 -29.12
N SER C 289 -16.86 11.86 -29.02
CA SER C 289 -16.06 10.81 -28.38
C SER C 289 -14.74 10.54 -29.07
N VAL C 290 -14.65 10.85 -30.37
CA VAL C 290 -13.47 10.70 -31.21
C VAL C 290 -12.69 12.01 -31.41
N LYS C 291 -13.21 13.17 -30.97
CA LYS C 291 -12.65 14.51 -31.24
C LYS C 291 -12.43 14.76 -32.73
N SER C 292 -13.49 14.67 -33.53
CA SER C 292 -13.43 15.03 -34.95
C SER C 292 -14.78 15.52 -35.44
N PHE C 293 -14.81 16.33 -36.50
CA PHE C 293 -16.05 16.65 -37.22
C PHE C 293 -16.36 15.66 -38.36
N GLU C 294 -15.42 14.78 -38.72
CA GLU C 294 -15.62 13.72 -39.72
C GLU C 294 -15.16 12.37 -39.18
N ILE C 295 -15.92 11.30 -39.43
CA ILE C 295 -15.69 9.95 -38.91
C ILE C 295 -15.67 8.96 -40.08
N ASP C 296 -14.75 8.02 -40.07
CA ASP C 296 -14.66 7.00 -41.13
C ASP C 296 -15.53 5.78 -40.86
N LYS C 297 -15.85 5.01 -41.91
CA LYS C 297 -16.66 3.80 -41.78
C LYS C 297 -16.12 2.87 -40.71
N GLY C 298 -17.00 2.38 -39.83
CA GLY C 298 -16.63 1.40 -38.82
C GLY C 298 -17.66 1.26 -37.71
N ILE C 299 -17.30 0.50 -36.69
CA ILE C 299 -18.02 0.39 -35.42
C ILE C 299 -17.17 1.00 -34.31
N TYR C 300 -17.76 1.86 -33.48
CA TYR C 300 -17.06 2.63 -32.46
C TYR C 300 -17.73 2.49 -31.11
N GLN C 301 -16.97 2.47 -30.02
CA GLN C 301 -17.52 2.47 -28.67
C GLN C 301 -17.74 3.92 -28.19
N THR C 302 -18.86 4.25 -27.54
CA THR C 302 -19.12 5.65 -27.13
C THR C 302 -19.55 5.84 -25.69
N SER C 303 -20.20 4.86 -25.07
CA SER C 303 -20.80 5.01 -23.74
C SER C 303 -21.01 3.65 -23.09
N ASN C 304 -21.19 3.61 -21.76
CA ASN C 304 -21.79 2.46 -21.10
C ASN C 304 -23.19 2.86 -20.65
N PHE C 305 -24.22 2.21 -21.18
CA PHE C 305 -25.60 2.47 -20.82
C PHE C 305 -26.00 1.63 -19.60
N ARG C 306 -27.00 2.09 -18.84
CA ARG C 306 -27.41 1.45 -17.59
C ARG C 306 -28.85 1.80 -17.24
N VAL C 307 -29.71 0.80 -17.05
CA VAL C 307 -31.15 0.99 -16.78
C VAL C 307 -31.39 1.45 -15.35
N VAL C 308 -32.05 2.59 -15.17
CA VAL C 308 -32.45 3.11 -13.85
C VAL C 308 -33.75 2.44 -13.34
N PRO C 309 -33.95 2.30 -12.02
CA PRO C 309 -35.09 1.59 -11.46
C PRO C 309 -36.41 2.34 -11.58
N SER C 310 -37.50 1.60 -11.76
CA SER C 310 -38.87 2.12 -11.88
C SER C 310 -39.52 2.44 -10.54
N GLY C 311 -39.07 1.79 -9.46
CA GLY C 311 -39.72 1.83 -8.16
C GLY C 311 -38.88 1.24 -7.03
N ASP C 312 -39.46 1.21 -5.83
CA ASP C 312 -38.76 0.84 -4.59
C ASP C 312 -39.60 -0.12 -3.72
N VAL C 313 -38.97 -1.14 -3.15
CA VAL C 313 -39.60 -2.20 -2.36
C VAL C 313 -38.99 -2.29 -0.97
N VAL C 314 -39.81 -2.32 0.07
CA VAL C 314 -39.39 -2.49 1.47
C VAL C 314 -40.11 -3.69 2.08
N ARG C 315 -39.36 -4.63 2.67
CA ARG C 315 -39.95 -5.76 3.39
C ARG C 315 -39.29 -5.93 4.74
N PHE C 316 -40.10 -6.21 5.75
CA PHE C 316 -39.71 -6.41 7.15
C PHE C 316 -40.48 -7.59 7.75
N PRO C 317 -40.12 -8.07 8.96
CA PRO C 317 -40.71 -9.29 9.50
C PRO C 317 -42.23 -9.24 9.69
N ASN C 318 -42.83 -10.41 9.82
CA ASN C 318 -44.25 -10.61 10.07
C ASN C 318 -44.61 -10.12 11.50
N ILE C 319 -44.82 -8.81 11.64
CA ILE C 319 -44.76 -8.07 12.92
C ILE C 319 -45.83 -8.45 13.97
N THR C 320 -45.48 -8.32 15.26
CA THR C 320 -46.30 -8.72 16.41
C THR C 320 -45.90 -7.98 17.71
N ASN C 321 -46.63 -8.21 18.81
CA ASN C 321 -46.46 -7.63 20.15
C ASN C 321 -46.57 -6.09 20.19
N LEU C 322 -47.80 -5.58 20.17
CA LEU C 322 -48.08 -4.16 20.46
C LEU C 322 -47.94 -3.86 21.96
N CYS C 323 -47.54 -2.63 22.30
CA CYS C 323 -47.39 -2.17 23.68
C CYS C 323 -48.75 -1.94 24.40
N PRO C 324 -48.83 -2.07 25.74
CA PRO C 324 -50.06 -1.92 26.53
C PRO C 324 -50.52 -0.46 26.78
N PHE C 325 -50.22 0.47 25.87
CA PHE C 325 -50.48 1.91 26.05
C PHE C 325 -51.95 2.29 26.26
N GLY C 326 -52.91 1.54 25.70
CA GLY C 326 -54.33 1.91 25.71
C GLY C 326 -54.93 2.06 27.12
N GLU C 327 -54.44 1.29 28.09
CA GLU C 327 -54.83 1.43 29.50
C GLU C 327 -54.41 2.79 30.10
N VAL C 328 -53.26 3.32 29.68
CA VAL C 328 -52.72 4.59 30.22
C VAL C 328 -53.56 5.79 29.79
N PHE C 329 -54.06 5.79 28.54
CA PHE C 329 -54.91 6.87 28.00
C PHE C 329 -56.40 6.70 28.27
N ASN C 330 -56.94 5.47 28.13
CA ASN C 330 -58.39 5.25 28.09
C ASN C 330 -58.84 4.04 28.94
N ALA C 331 -58.25 3.89 30.12
CA ALA C 331 -58.92 3.25 31.25
C ALA C 331 -60.11 4.11 31.75
N THR C 332 -61.09 3.43 32.36
CA THR C 332 -62.50 3.86 32.49
C THR C 332 -62.75 5.06 33.41
N LYS C 333 -61.87 5.31 34.38
CA LYS C 333 -61.89 6.46 35.30
C LYS C 333 -60.48 6.66 35.85
N PHE C 334 -59.86 7.80 35.57
CA PHE C 334 -58.43 7.99 35.88
C PHE C 334 -58.16 8.09 37.39
N PRO C 335 -56.95 7.72 37.84
CA PRO C 335 -56.52 7.90 39.22
C PRO C 335 -56.53 9.36 39.69
N SER C 336 -56.57 9.55 41.00
CA SER C 336 -56.13 10.78 41.65
C SER C 336 -54.61 10.97 41.53
N VAL C 337 -54.12 12.16 41.86
CA VAL C 337 -52.68 12.44 41.96
C VAL C 337 -51.95 11.64 43.07
N TYR C 338 -52.69 10.99 43.98
CA TYR C 338 -52.11 10.08 44.99
C TYR C 338 -52.16 8.60 44.58
N ALA C 339 -53.17 8.18 43.81
CA ALA C 339 -53.30 6.79 43.36
C ALA C 339 -52.49 6.51 42.08
N TRP C 340 -52.32 7.52 41.21
CA TRP C 340 -51.28 7.65 40.17
C TRP C 340 -50.79 6.33 39.55
N GLU C 341 -51.47 5.83 38.53
CA GLU C 341 -51.00 4.67 37.75
C GLU C 341 -49.85 5.08 36.82
N ARG C 342 -48.75 4.32 36.86
CA ARG C 342 -47.63 4.41 35.91
C ARG C 342 -47.34 3.08 35.23
N LYS C 343 -46.71 3.15 34.05
CA LYS C 343 -46.09 2.01 33.34
C LYS C 343 -44.71 2.40 32.80
N LYS C 344 -43.75 1.48 32.84
CA LYS C 344 -42.53 1.55 32.03
C LYS C 344 -42.35 0.26 31.21
N ILE C 345 -42.14 0.42 29.90
CA ILE C 345 -42.52 -0.58 28.89
C ILE C 345 -41.37 -0.81 27.91
N SER C 346 -41.11 -2.08 27.56
CA SER C 346 -40.07 -2.50 26.63
C SER C 346 -40.52 -3.65 25.72
N ASN C 347 -39.77 -3.87 24.63
CA ASN C 347 -39.83 -5.04 23.74
C ASN C 347 -41.19 -5.23 23.04
N CYS C 348 -41.72 -4.13 22.46
CA CYS C 348 -43.03 -4.10 21.81
C CYS C 348 -43.12 -2.96 20.78
N VAL C 349 -44.06 -3.07 19.84
CA VAL C 349 -44.36 -2.02 18.86
C VAL C 349 -45.23 -0.94 19.47
N ALA C 350 -44.75 0.30 19.39
CA ALA C 350 -45.37 1.49 19.96
C ALA C 350 -46.55 1.95 19.10
N ASP C 351 -47.75 1.40 19.36
CA ASP C 351 -49.00 1.78 18.69
C ASP C 351 -49.56 3.16 19.15
N TYR C 352 -48.66 4.13 19.30
CA TYR C 352 -48.90 5.41 19.96
C TYR C 352 -49.90 6.31 19.21
N SER C 353 -49.80 6.34 17.89
CA SER C 353 -50.56 7.26 17.04
C SER C 353 -52.07 7.05 17.09
N VAL C 354 -52.53 5.83 17.35
CA VAL C 354 -53.95 5.48 17.50
C VAL C 354 -54.56 6.16 18.72
N LEU C 355 -53.77 6.37 19.77
CA LEU C 355 -54.19 7.05 21.00
C LEU C 355 -54.06 8.57 20.86
N TYR C 356 -52.91 9.05 20.36
CA TYR C 356 -52.66 10.47 20.11
C TYR C 356 -53.57 11.08 19.03
N ASN C 357 -54.20 10.27 18.16
CA ASN C 357 -55.33 10.68 17.30
C ASN C 357 -56.51 11.33 18.05
N SER C 358 -56.56 11.25 19.38
CA SER C 358 -57.55 11.92 20.25
C SER C 358 -57.33 13.44 20.40
N THR C 359 -57.00 14.16 19.32
CA THR C 359 -56.42 15.52 19.29
C THR C 359 -57.28 16.68 19.86
N PHE C 360 -58.39 16.37 20.52
CA PHE C 360 -59.29 17.32 21.19
C PHE C 360 -58.72 17.90 22.51
N PHE C 361 -57.48 17.56 22.86
CA PHE C 361 -56.84 17.87 24.14
C PHE C 361 -56.86 19.37 24.51
N SER C 362 -57.01 19.68 25.80
CA SER C 362 -56.80 21.03 26.34
C SER C 362 -55.31 21.41 26.39
N THR C 363 -54.42 20.42 26.49
CA THR C 363 -53.01 20.53 26.11
C THR C 363 -52.47 19.18 25.61
N PHE C 364 -51.59 19.21 24.61
CA PHE C 364 -50.88 18.05 24.07
C PHE C 364 -49.36 18.30 23.96
N LYS C 365 -48.88 19.35 24.66
CA LYS C 365 -47.56 19.97 24.44
C LYS C 365 -46.41 19.10 24.96
N CYS C 366 -45.23 19.33 24.39
CA CYS C 366 -44.03 18.51 24.58
C CYS C 366 -42.78 19.38 24.79
N TYR C 367 -41.83 18.84 25.55
CA TYR C 367 -40.54 19.48 25.87
C TYR C 367 -39.33 18.79 25.21
N GLY C 368 -39.45 17.49 24.87
CA GLY C 368 -38.53 16.78 23.98
C GLY C 368 -39.03 16.75 22.53
N VAL C 369 -38.82 15.62 21.83
CA VAL C 369 -39.45 15.36 20.52
C VAL C 369 -40.99 15.43 20.63
N SER C 370 -41.66 15.84 19.55
CA SER C 370 -43.13 16.01 19.55
C SER C 370 -43.87 14.67 19.53
N ALA C 371 -45.11 14.66 20.02
CA ALA C 371 -45.97 13.47 19.98
C ALA C 371 -46.17 12.93 18.53
N THR C 372 -46.19 13.83 17.54
CA THR C 372 -46.24 13.50 16.11
C THR C 372 -45.04 12.66 15.64
N LYS C 373 -43.89 12.74 16.31
CA LYS C 373 -42.76 11.81 16.12
C LYS C 373 -42.81 10.58 17.05
N LEU C 374 -43.29 10.73 18.28
CA LEU C 374 -43.51 9.59 19.19
C LEU C 374 -44.50 8.56 18.65
N ASN C 375 -45.31 8.95 17.66
CA ASN C 375 -46.04 8.06 16.77
C ASN C 375 -45.21 6.86 16.26
N ASP C 376 -43.92 7.03 15.93
CA ASP C 376 -43.16 5.98 15.25
C ASP C 376 -41.64 5.95 15.48
N LEU C 377 -41.05 6.92 16.18
CA LEU C 377 -39.62 6.89 16.55
C LEU C 377 -39.23 5.65 17.37
N CYS C 378 -37.95 5.31 17.31
CA CYS C 378 -37.36 4.17 18.02
C CYS C 378 -36.60 4.61 19.29
N PHE C 379 -36.89 3.93 20.40
CA PHE C 379 -36.35 4.18 21.74
C PHE C 379 -36.15 2.85 22.49
N SER C 380 -35.37 2.84 23.57
CA SER C 380 -35.14 1.63 24.36
C SER C 380 -36.31 1.23 25.26
N ASN C 381 -37.02 2.17 25.89
CA ASN C 381 -38.23 1.91 26.68
C ASN C 381 -39.14 3.15 26.72
N VAL C 382 -40.42 2.97 27.00
CA VAL C 382 -41.36 4.06 27.36
C VAL C 382 -41.42 4.23 28.87
N TYR C 383 -41.72 5.45 29.34
CA TYR C 383 -42.15 5.75 30.70
C TYR C 383 -43.40 6.64 30.65
N ALA C 384 -44.51 6.25 31.29
CA ALA C 384 -45.76 7.00 31.22
C ALA C 384 -46.66 6.82 32.46
N ASP C 385 -47.53 7.78 32.74
CA ASP C 385 -48.47 7.78 33.87
C ASP C 385 -49.70 8.67 33.61
N SER C 386 -50.80 8.46 34.33
CA SER C 386 -52.02 9.25 34.09
C SER C 386 -52.93 9.43 35.31
N PHE C 387 -53.63 10.58 35.36
CA PHE C 387 -54.40 11.07 36.52
C PHE C 387 -55.34 12.25 36.16
N VAL C 388 -56.29 12.59 37.05
CA VAL C 388 -57.22 13.75 36.91
C VAL C 388 -56.72 15.03 37.60
N VAL C 389 -57.06 16.21 37.05
CA VAL C 389 -56.71 17.55 37.58
C VAL C 389 -57.84 18.59 37.54
N LYS C 390 -57.65 19.65 38.34
CA LYS C 390 -58.40 20.93 38.29
C LYS C 390 -58.12 21.70 36.99
N GLY C 391 -59.06 22.53 36.54
CA GLY C 391 -58.94 23.33 35.30
C GLY C 391 -57.67 24.18 35.20
N ASP C 392 -57.46 25.15 36.09
CA ASP C 392 -56.29 26.06 36.04
C ASP C 392 -54.95 25.35 36.25
N ASP C 393 -54.94 24.11 36.75
CA ASP C 393 -53.73 23.31 36.84
C ASP C 393 -53.23 22.82 35.47
N VAL C 394 -54.02 22.97 34.40
CA VAL C 394 -53.56 22.78 33.01
C VAL C 394 -52.36 23.68 32.64
N ARG C 395 -52.18 24.80 33.35
CA ARG C 395 -51.02 25.70 33.28
C ARG C 395 -49.74 25.12 33.92
N GLN C 396 -49.87 24.07 34.74
CA GLN C 396 -48.84 23.60 35.67
C GLN C 396 -48.50 22.10 35.54
N ILE C 397 -49.37 21.28 34.95
CA ILE C 397 -49.12 19.85 34.65
C ILE C 397 -48.05 19.58 33.58
N ALA C 398 -47.74 20.56 32.73
CA ALA C 398 -46.95 20.37 31.51
C ALA C 398 -45.47 19.99 31.78
N PRO C 399 -44.79 19.27 30.84
CA PRO C 399 -43.38 18.91 30.98
C PRO C 399 -42.46 20.13 30.90
N GLY C 400 -41.30 20.06 31.55
CA GLY C 400 -40.32 21.16 31.66
C GLY C 400 -40.78 22.32 32.56
N GLN C 401 -42.04 22.75 32.43
CA GLN C 401 -42.77 23.68 33.28
C GLN C 401 -42.88 23.17 34.75
N THR C 402 -43.09 24.10 35.67
CA THR C 402 -43.14 23.91 37.13
C THR C 402 -44.43 24.49 37.71
N GLY C 403 -44.88 23.94 38.84
CA GLY C 403 -46.09 24.32 39.56
C GLY C 403 -46.56 23.19 40.48
N VAL C 404 -47.35 23.55 41.51
CA VAL C 404 -47.62 22.70 42.67
C VAL C 404 -48.15 21.30 42.31
N ILE C 405 -48.98 21.18 41.27
CA ILE C 405 -49.54 19.89 40.82
C ILE C 405 -48.47 18.93 40.27
N ALA C 406 -47.38 19.44 39.69
CA ALA C 406 -46.29 18.64 39.14
C ALA C 406 -45.10 18.52 40.09
N ASP C 407 -44.64 19.66 40.62
CA ASP C 407 -43.46 19.81 41.47
C ASP C 407 -43.41 18.79 42.61
N TYR C 408 -44.56 18.61 43.26
CA TYR C 408 -44.69 17.84 44.47
C TYR C 408 -45.07 16.37 44.23
N ASN C 409 -45.39 15.99 42.99
CA ASN C 409 -46.09 14.74 42.70
C ASN C 409 -45.54 13.92 41.51
N TYR C 410 -44.87 14.51 40.51
CA TYR C 410 -44.26 13.71 39.42
C TYR C 410 -43.19 14.41 38.55
N LYS C 411 -42.98 15.73 38.65
CA LYS C 411 -42.13 16.56 37.76
C LYS C 411 -40.84 15.85 37.30
N LEU C 412 -40.72 15.62 36.00
CA LEU C 412 -39.59 14.97 35.32
C LEU C 412 -38.46 15.95 34.96
N PRO C 413 -37.21 15.47 34.70
CA PRO C 413 -36.09 16.33 34.31
C PRO C 413 -36.27 16.92 32.90
N ASP C 414 -35.78 18.14 32.72
CA ASP C 414 -35.86 18.91 31.47
C ASP C 414 -35.00 18.35 30.32
N ASP C 415 -34.07 17.44 30.60
CA ASP C 415 -33.33 16.67 29.58
C ASP C 415 -34.21 15.65 28.83
N PHE C 416 -35.31 15.20 29.43
CA PHE C 416 -36.04 14.00 28.99
C PHE C 416 -37.18 14.30 27.99
N MET C 417 -37.66 13.27 27.26
CA MET C 417 -38.62 13.38 26.15
C MET C 417 -40.08 13.66 26.57
N GLY C 418 -40.28 14.55 27.54
CA GLY C 418 -41.59 14.81 28.16
C GLY C 418 -42.67 15.34 27.22
N CYS C 419 -43.88 14.81 27.38
CA CYS C 419 -45.14 15.32 26.82
C CYS C 419 -46.27 15.21 27.86
N VAL C 420 -47.28 16.07 27.75
CA VAL C 420 -48.55 16.00 28.48
C VAL C 420 -49.70 15.93 27.48
N LEU C 421 -50.74 15.13 27.77
CA LEU C 421 -51.95 15.01 26.94
C LEU C 421 -53.18 14.99 27.84
N ALA C 422 -53.90 16.11 27.89
CA ALA C 422 -55.01 16.36 28.81
C ALA C 422 -56.36 16.48 28.06
N TRP C 423 -57.41 15.78 28.50
CA TRP C 423 -58.74 15.80 27.87
C TRP C 423 -59.88 15.91 28.91
N ASN C 424 -61.08 16.29 28.47
CA ASN C 424 -62.17 16.80 29.32
C ASN C 424 -62.76 15.76 30.30
N THR C 425 -62.51 15.91 31.61
CA THR C 425 -63.02 14.98 32.65
C THR C 425 -64.53 15.05 32.84
N ARG C 426 -65.21 16.12 32.41
CA ARG C 426 -66.69 16.24 32.50
C ARG C 426 -67.46 15.09 31.83
N ASN C 427 -66.82 14.42 30.85
CA ASN C 427 -67.40 13.29 30.13
C ASN C 427 -67.21 11.94 30.85
N ILE C 428 -66.30 11.82 31.82
CA ILE C 428 -65.90 10.54 32.43
C ILE C 428 -65.81 10.63 33.96
N ASP C 429 -64.80 11.31 34.50
CA ASP C 429 -64.39 11.20 35.90
C ASP C 429 -64.99 12.27 36.83
N ALA C 430 -65.70 13.26 36.28
CA ALA C 430 -66.36 14.32 37.03
C ALA C 430 -67.45 13.78 37.98
N THR C 431 -67.80 14.57 39.00
CA THR C 431 -68.92 14.30 39.92
C THR C 431 -69.44 15.63 40.44
N SER C 432 -70.76 15.87 40.33
CA SER C 432 -71.37 17.20 40.53
C SER C 432 -71.30 17.78 41.96
N THR C 433 -70.82 17.00 42.93
CA THR C 433 -70.49 17.45 44.30
C THR C 433 -69.10 18.10 44.42
N GLY C 434 -68.23 17.91 43.42
CA GLY C 434 -66.79 17.91 43.62
C GLY C 434 -66.34 16.56 44.21
N ASN C 435 -65.34 15.91 43.63
CA ASN C 435 -64.95 14.56 44.03
C ASN C 435 -64.06 14.58 45.27
N TYR C 436 -64.60 14.16 46.41
CA TYR C 436 -63.87 14.00 47.67
C TYR C 436 -62.98 12.75 47.71
N ASN C 437 -63.16 11.79 46.80
CA ASN C 437 -62.29 10.61 46.72
C ASN C 437 -60.92 10.98 46.14
N TYR C 438 -60.88 11.82 45.11
CA TYR C 438 -59.65 12.42 44.60
C TYR C 438 -59.12 13.47 45.59
N LYS C 439 -57.80 13.48 45.81
CA LYS C 439 -57.13 14.48 46.64
C LYS C 439 -55.88 15.06 45.95
N TYR C 440 -55.50 16.27 46.35
CA TYR C 440 -54.52 17.12 45.66
C TYR C 440 -53.05 16.76 45.98
N ARG C 441 -52.13 17.74 45.87
CA ARG C 441 -50.66 17.58 45.85
C ARG C 441 -50.00 17.49 47.24
N TYR C 442 -48.80 16.91 47.32
CA TYR C 442 -48.04 16.65 48.56
C TYR C 442 -47.22 17.82 49.15
N LEU C 443 -47.23 18.98 48.49
CA LEU C 443 -46.70 20.25 49.03
C LEU C 443 -45.19 20.26 49.37
N ARG C 444 -44.39 19.38 48.75
CA ARG C 444 -42.93 19.28 48.94
C ARG C 444 -42.18 18.90 47.66
N HIS C 445 -41.28 19.78 47.18
CA HIS C 445 -40.46 19.54 45.97
C HIS C 445 -39.22 18.68 46.22
N GLY C 446 -38.70 18.66 47.46
CA GLY C 446 -37.55 17.84 47.88
C GLY C 446 -37.76 16.33 47.78
N LYS C 447 -39.01 15.87 47.62
CA LYS C 447 -39.37 14.54 47.10
C LYS C 447 -39.08 14.47 45.59
N LEU C 448 -37.82 14.66 45.22
CA LEU C 448 -37.36 15.06 43.89
C LEU C 448 -37.37 13.94 42.83
N ARG C 449 -37.31 12.67 43.26
CA ARG C 449 -37.20 11.45 42.42
C ARG C 449 -38.15 11.51 41.19
N PRO C 450 -37.64 11.55 39.93
CA PRO C 450 -38.48 11.75 38.75
C PRO C 450 -39.64 10.77 38.65
N PHE C 451 -40.82 11.27 38.28
CA PHE C 451 -42.10 10.54 38.26
C PHE C 451 -42.56 10.05 39.64
N GLU C 452 -41.81 9.14 40.25
CA GLU C 452 -41.98 8.59 41.59
C GLU C 452 -41.59 9.61 42.70
N ARG C 453 -42.19 10.81 42.70
CA ARG C 453 -41.93 11.89 43.67
C ARG C 453 -42.55 11.60 45.06
N ASP C 454 -42.13 10.47 45.64
CA ASP C 454 -42.68 9.81 46.84
C ASP C 454 -44.22 9.79 46.85
N ILE C 455 -44.77 8.85 46.09
CA ILE C 455 -46.20 8.78 45.75
C ILE C 455 -47.06 8.37 46.95
N SER C 456 -46.48 7.89 48.07
CA SER C 456 -47.22 7.58 49.29
C SER C 456 -48.04 8.79 49.79
N ASN C 457 -49.29 8.56 50.23
CA ASN C 457 -50.25 9.65 50.52
C ASN C 457 -49.93 10.50 51.79
N VAL C 458 -48.75 10.33 52.36
CA VAL C 458 -48.27 10.89 53.63
C VAL C 458 -48.06 12.41 53.53
N PRO C 459 -48.32 13.21 54.58
CA PRO C 459 -48.05 14.65 54.59
C PRO C 459 -46.53 14.96 54.53
N PHE C 460 -46.12 15.91 53.70
CA PHE C 460 -44.72 16.41 53.63
C PHE C 460 -44.60 17.94 53.71
N SER C 461 -45.68 18.65 54.02
CA SER C 461 -45.82 20.11 53.86
C SER C 461 -44.82 20.97 54.66
N PRO C 462 -44.61 20.75 55.98
CA PRO C 462 -43.71 21.59 56.80
C PRO C 462 -42.24 21.23 56.55
N ASP C 463 -41.36 22.23 56.48
CA ASP C 463 -39.94 22.00 56.14
C ASP C 463 -39.18 21.18 57.21
N GLY C 464 -39.46 21.41 58.50
CA GLY C 464 -38.66 20.89 59.61
C GLY C 464 -39.18 19.64 60.31
N LYS C 465 -40.28 19.04 59.83
CA LYS C 465 -40.94 17.87 60.46
C LYS C 465 -40.67 16.56 59.70
N PRO C 466 -40.34 15.44 60.40
CA PRO C 466 -40.27 14.11 59.79
C PRO C 466 -41.60 13.62 59.22
N CYS C 467 -42.71 14.02 59.85
CA CYS C 467 -44.12 13.76 59.50
C CYS C 467 -44.54 12.28 59.53
N THR C 468 -45.47 11.94 60.44
CA THR C 468 -46.21 10.67 60.46
C THR C 468 -47.13 10.55 59.23
N PRO C 469 -47.73 9.36 59.00
CA PRO C 469 -48.95 9.23 58.18
C PRO C 469 -50.08 10.19 58.64
N PRO C 470 -51.16 10.39 57.85
CA PRO C 470 -52.16 11.47 57.99
C PRO C 470 -52.82 12.11 59.24
N ALA C 471 -52.38 11.74 60.45
CA ALA C 471 -52.77 12.34 61.73
C ALA C 471 -52.33 13.82 61.87
N LEU C 472 -52.89 14.51 62.86
CA LEU C 472 -52.72 15.95 63.13
C LEU C 472 -51.28 16.41 63.44
N ASN C 473 -50.33 15.48 63.60
CA ASN C 473 -48.92 15.75 63.88
C ASN C 473 -48.22 16.58 62.78
N CYS C 474 -48.69 16.49 61.54
CA CYS C 474 -48.17 17.22 60.38
C CYS C 474 -49.30 17.53 59.37
N TYR C 475 -49.26 18.69 58.68
CA TYR C 475 -50.37 19.16 57.86
C TYR C 475 -50.53 18.39 56.54
N TRP C 476 -51.69 17.73 56.37
CA TRP C 476 -52.07 17.00 55.16
C TRP C 476 -52.55 17.95 54.04
N PRO C 477 -51.80 18.06 52.93
CA PRO C 477 -52.12 18.98 51.83
C PRO C 477 -53.12 18.39 50.81
N LEU C 478 -53.75 17.26 51.12
CA LEU C 478 -54.62 16.52 50.22
C LEU C 478 -56.07 17.02 50.34
N ASN C 479 -56.29 18.26 49.87
CA ASN C 479 -57.61 18.83 49.61
C ASN C 479 -58.38 18.01 48.56
N ASP C 480 -59.72 18.03 48.57
CA ASP C 480 -60.55 17.37 47.55
C ASP C 480 -60.27 17.92 46.14
N TYR C 481 -60.21 17.04 45.14
CA TYR C 481 -59.54 17.37 43.86
C TYR C 481 -60.21 16.72 42.64
N GLY C 482 -61.51 16.93 42.50
CA GLY C 482 -62.28 16.68 41.28
C GLY C 482 -63.47 17.62 41.20
N PHE C 483 -63.97 17.87 39.98
CA PHE C 483 -64.79 19.03 39.63
C PHE C 483 -65.82 18.66 38.54
N TYR C 484 -66.59 19.61 37.99
CA TYR C 484 -67.74 19.30 37.11
C TYR C 484 -68.12 20.44 36.13
N THR C 485 -68.89 20.14 35.08
CA THR C 485 -69.15 21.05 33.93
C THR C 485 -69.78 22.40 34.29
N THR C 486 -70.59 22.44 35.35
CA THR C 486 -71.26 23.66 35.83
C THR C 486 -70.29 24.64 36.54
N THR C 487 -69.13 24.16 37.01
CA THR C 487 -68.07 25.02 37.60
C THR C 487 -67.43 25.95 36.55
N GLY C 488 -66.75 27.02 37.00
CA GLY C 488 -66.03 27.93 36.11
C GLY C 488 -64.82 27.30 35.41
N ILE C 489 -64.31 27.91 34.34
CA ILE C 489 -63.25 27.34 33.49
C ILE C 489 -61.97 27.01 34.29
N GLY C 490 -61.65 27.78 35.34
CA GLY C 490 -60.52 27.51 36.23
C GLY C 490 -60.68 26.27 37.12
N TYR C 491 -61.91 25.76 37.26
CA TYR C 491 -62.22 24.54 38.01
C TYR C 491 -62.42 23.33 37.08
N GLN C 492 -63.06 23.53 35.92
CA GLN C 492 -63.48 22.47 34.97
C GLN C 492 -62.35 21.45 34.71
N PRO C 493 -62.53 20.17 35.04
CA PRO C 493 -61.41 19.24 35.22
C PRO C 493 -60.91 18.60 33.91
N TYR C 494 -59.66 18.09 33.94
CA TYR C 494 -59.07 17.32 32.85
C TYR C 494 -58.46 16.00 33.33
N ARG C 495 -58.56 14.95 32.52
CA ARG C 495 -57.91 13.64 32.68
C ARG C 495 -56.71 13.62 31.77
N VAL C 496 -55.52 13.40 32.34
CA VAL C 496 -54.24 13.70 31.69
C VAL C 496 -53.31 12.50 31.72
N VAL C 497 -52.57 12.31 30.64
CA VAL C 497 -51.38 11.45 30.58
C VAL C 497 -50.15 12.35 30.60
N VAL C 498 -49.14 11.98 31.37
CA VAL C 498 -47.77 12.49 31.21
C VAL C 498 -46.89 11.32 30.78
N LEU C 499 -46.00 11.57 29.81
CA LEU C 499 -45.22 10.50 29.18
C LEU C 499 -43.86 10.98 28.71
N SER C 500 -42.97 10.03 28.48
CA SER C 500 -41.66 10.20 27.87
C SER C 500 -41.15 8.89 27.26
N PHE C 501 -40.21 8.98 26.34
CA PHE C 501 -39.54 7.84 25.72
C PHE C 501 -38.03 7.89 25.99
N GLU C 502 -37.42 6.76 26.34
CA GLU C 502 -36.05 6.66 26.82
C GLU C 502 -35.17 5.80 25.90
N LEU C 503 -33.96 6.27 25.57
CA LEU C 503 -32.96 5.54 24.80
C LEU C 503 -31.67 5.35 25.62
N LEU C 504 -31.66 4.26 26.39
CA LEU C 504 -30.51 3.72 27.11
C LEU C 504 -29.42 3.18 26.16
N ASN C 505 -28.36 2.63 26.73
CA ASN C 505 -27.38 1.79 26.05
C ASN C 505 -27.98 0.47 25.50
N ALA C 506 -29.07 -0.02 26.11
CA ALA C 506 -29.86 -1.14 25.58
C ALA C 506 -30.46 -0.82 24.19
N PRO C 507 -30.75 -1.83 23.35
CA PRO C 507 -31.36 -1.66 22.03
C PRO C 507 -32.65 -0.82 22.06
N ALA C 508 -33.03 -0.25 20.92
CA ALA C 508 -34.31 0.44 20.78
C ALA C 508 -35.50 -0.55 20.76
N THR C 509 -35.84 -1.11 21.93
CA THR C 509 -36.83 -2.18 22.08
C THR C 509 -38.28 -1.74 21.79
N VAL C 510 -38.53 -0.43 21.72
CA VAL C 510 -39.82 0.16 21.37
C VAL C 510 -39.69 1.04 20.12
N CYS C 511 -40.50 0.75 19.10
CA CYS C 511 -40.44 1.41 17.79
C CYS C 511 -41.84 1.53 17.18
N GLY C 512 -42.03 2.46 16.25
CA GLY C 512 -43.16 2.39 15.32
C GLY C 512 -43.16 1.08 14.51
N PRO C 513 -44.31 0.67 13.97
CA PRO C 513 -44.43 -0.54 13.16
C PRO C 513 -43.51 -0.48 11.93
N LYS C 514 -42.80 -1.59 11.66
CA LYS C 514 -41.83 -1.73 10.56
C LYS C 514 -42.55 -1.84 9.20
N LEU C 515 -42.98 -0.71 8.68
CA LEU C 515 -43.88 -0.62 7.53
C LEU C 515 -43.24 -1.21 6.25
N SER C 516 -43.96 -2.10 5.59
CA SER C 516 -43.53 -2.81 4.38
C SER C 516 -44.40 -2.43 3.17
N THR C 517 -43.79 -2.28 2.00
CA THR C 517 -44.52 -2.02 0.75
C THR C 517 -45.10 -3.31 0.16
N ASP C 518 -45.90 -3.15 -0.88
CA ASP C 518 -46.12 -4.20 -1.86
C ASP C 518 -44.80 -4.72 -2.46
N LEU C 519 -44.84 -5.92 -3.03
CA LEU C 519 -43.71 -6.59 -3.65
C LEU C 519 -43.80 -6.45 -5.18
N ILE C 520 -42.73 -5.98 -5.82
CA ILE C 520 -42.64 -5.77 -7.27
C ILE C 520 -41.71 -6.83 -7.87
N LYS C 521 -42.13 -7.51 -8.94
CA LYS C 521 -41.34 -8.55 -9.62
C LYS C 521 -41.08 -8.18 -11.07
N ASN C 522 -39.99 -8.68 -11.64
CA ASN C 522 -39.63 -8.55 -13.05
C ASN C 522 -39.46 -7.09 -13.55
N GLN C 523 -39.24 -6.14 -12.64
CA GLN C 523 -38.82 -4.77 -12.94
C GLN C 523 -37.53 -4.45 -12.21
N CYS C 524 -36.70 -3.57 -12.75
CA CYS C 524 -35.57 -3.02 -12.02
C CYS C 524 -36.09 -2.14 -10.88
N VAL C 525 -35.80 -2.49 -9.64
CA VAL C 525 -36.26 -1.77 -8.44
C VAL C 525 -35.14 -1.61 -7.43
N ASN C 526 -35.26 -0.57 -6.60
CA ASN C 526 -34.56 -0.55 -5.34
C ASN C 526 -35.22 -1.54 -4.38
N PHE C 527 -34.44 -2.16 -3.50
CA PHE C 527 -34.97 -3.00 -2.45
C PHE C 527 -34.31 -2.72 -1.09
N ASN C 528 -35.13 -2.87 -0.06
CA ASN C 528 -34.77 -2.89 1.34
C ASN C 528 -35.51 -4.06 2.01
N PHE C 529 -34.88 -4.64 3.00
CA PHE C 529 -35.18 -5.96 3.54
C PHE C 529 -34.98 -5.89 5.07
N ASN C 530 -34.77 -7.01 5.76
CA ASN C 530 -34.14 -6.96 7.09
C ASN C 530 -32.70 -6.45 6.96
N GLY C 531 -32.49 -5.13 6.99
CA GLY C 531 -31.19 -4.45 6.90
C GLY C 531 -30.53 -4.43 5.52
N LEU C 532 -30.62 -5.52 4.76
CA LEU C 532 -30.06 -5.68 3.42
C LEU C 532 -30.69 -4.69 2.42
N THR C 533 -29.85 -3.94 1.69
CA THR C 533 -30.29 -2.99 0.66
C THR C 533 -29.53 -3.20 -0.65
N GLY C 534 -30.18 -2.88 -1.78
CA GLY C 534 -29.56 -2.95 -3.10
C GLY C 534 -30.51 -2.49 -4.21
N THR C 535 -30.12 -2.72 -5.45
CA THR C 535 -30.96 -2.49 -6.63
C THR C 535 -30.87 -3.69 -7.56
N GLY C 536 -31.99 -4.17 -8.09
CA GLY C 536 -32.00 -5.36 -8.93
C GLY C 536 -33.38 -5.69 -9.47
N VAL C 537 -33.47 -6.78 -10.22
CA VAL C 537 -34.72 -7.34 -10.71
C VAL C 537 -35.04 -8.58 -9.92
N LEU C 538 -36.14 -8.54 -9.17
CA LEU C 538 -36.58 -9.62 -8.29
C LEU C 538 -37.45 -10.61 -9.07
N THR C 539 -37.29 -11.90 -8.80
CA THR C 539 -37.97 -13.00 -9.51
C THR C 539 -38.34 -14.13 -8.56
N PRO C 540 -39.37 -14.95 -8.83
CA PRO C 540 -39.58 -16.21 -8.12
C PRO C 540 -38.50 -17.23 -8.50
N SER C 541 -38.16 -18.18 -7.62
CA SER C 541 -36.98 -19.03 -7.81
C SER C 541 -37.11 -20.48 -7.36
N SER C 542 -36.24 -21.34 -7.90
CA SER C 542 -36.09 -22.76 -7.57
C SER C 542 -35.02 -23.04 -6.51
N LYS C 543 -34.47 -22.00 -5.86
CA LYS C 543 -33.55 -22.17 -4.72
C LYS C 543 -34.25 -23.03 -3.65
N ARG C 544 -33.63 -24.15 -3.27
CA ARG C 544 -34.21 -25.13 -2.32
C ARG C 544 -33.83 -24.84 -0.85
N PHE C 545 -33.39 -23.62 -0.54
CA PHE C 545 -32.51 -23.38 0.60
C PHE C 545 -33.18 -23.57 1.97
N GLN C 546 -32.36 -23.95 2.95
CA GLN C 546 -32.81 -24.61 4.18
C GLN C 546 -33.68 -23.73 5.08
N PRO C 547 -34.50 -24.29 5.98
CA PRO C 547 -35.43 -23.52 6.81
C PRO C 547 -34.77 -22.47 7.72
N PHE C 548 -33.55 -22.70 8.18
CA PHE C 548 -32.80 -21.72 8.96
C PHE C 548 -32.10 -20.66 8.09
N GLN C 549 -31.95 -20.87 6.78
CA GLN C 549 -31.21 -19.96 5.91
C GLN C 549 -32.07 -18.79 5.45
N GLN C 550 -31.47 -17.61 5.33
CA GLN C 550 -32.18 -16.36 5.02
C GLN C 550 -31.98 -15.91 3.57
N PHE C 551 -30.78 -16.04 3.02
CA PHE C 551 -30.46 -15.58 1.68
C PHE C 551 -29.25 -16.31 1.12
N GLY C 552 -29.14 -16.38 -0.20
CA GLY C 552 -28.04 -17.05 -0.88
C GLY C 552 -27.00 -16.07 -1.40
N ARG C 553 -25.72 -16.45 -1.27
CA ARG C 553 -24.60 -15.85 -2.00
C ARG C 553 -24.27 -16.66 -3.25
N ASP C 554 -23.79 -16.02 -4.31
CA ASP C 554 -23.26 -16.72 -5.49
C ASP C 554 -21.83 -17.21 -5.25
N VAL C 555 -21.20 -17.83 -6.25
CA VAL C 555 -19.83 -18.37 -6.12
C VAL C 555 -18.79 -17.28 -5.85
N SER C 556 -18.98 -16.10 -6.43
CA SER C 556 -18.24 -14.87 -6.14
C SER C 556 -18.68 -14.14 -4.85
N ASP C 557 -19.60 -14.72 -4.09
CA ASP C 557 -20.23 -14.20 -2.87
C ASP C 557 -20.85 -12.78 -2.93
N PHE C 558 -21.38 -12.39 -4.09
CA PHE C 558 -22.43 -11.38 -4.14
C PHE C 558 -23.79 -12.02 -3.78
N THR C 559 -24.72 -11.28 -3.18
CA THR C 559 -26.06 -11.79 -2.87
C THR C 559 -26.80 -12.13 -4.17
N ASP C 560 -27.46 -13.28 -4.24
CA ASP C 560 -28.24 -13.65 -5.44
C ASP C 560 -29.70 -14.00 -5.18
N SER C 561 -30.10 -14.24 -3.93
CA SER C 561 -31.47 -14.69 -3.63
C SER C 561 -31.80 -14.50 -2.16
N VAL C 562 -33.08 -14.36 -1.81
CA VAL C 562 -33.52 -14.01 -0.45
C VAL C 562 -34.87 -14.61 -0.08
N ARG C 563 -35.11 -14.79 1.23
CA ARG C 563 -36.39 -15.19 1.82
C ARG C 563 -37.20 -13.95 2.16
N ASP C 564 -38.35 -13.70 1.54
CA ASP C 564 -39.16 -12.50 1.83
C ASP C 564 -39.57 -12.46 3.32
N PRO C 565 -39.15 -11.46 4.10
CA PRO C 565 -39.30 -11.49 5.55
C PRO C 565 -40.75 -11.30 6.01
N LYS C 566 -41.63 -10.69 5.20
CA LYS C 566 -43.04 -10.52 5.58
C LYS C 566 -43.87 -11.78 5.32
N THR C 567 -43.51 -12.57 4.31
CA THR C 567 -44.06 -13.91 4.03
C THR C 567 -43.08 -14.67 3.16
N SER C 568 -42.64 -15.83 3.63
CA SER C 568 -41.42 -16.52 3.18
C SER C 568 -41.49 -17.17 1.78
N GLU C 569 -41.54 -16.36 0.74
CA GLU C 569 -41.15 -16.74 -0.62
C GLU C 569 -39.61 -16.77 -0.76
N ILE C 570 -39.06 -17.60 -1.64
CA ILE C 570 -37.65 -17.51 -2.04
C ILE C 570 -37.52 -16.76 -3.37
N LEU C 571 -37.12 -15.49 -3.29
CA LEU C 571 -36.85 -14.63 -4.42
C LEU C 571 -35.42 -14.80 -4.93
N ASP C 572 -35.18 -14.52 -6.20
CA ASP C 572 -33.86 -14.49 -6.82
C ASP C 572 -33.66 -13.14 -7.53
N ILE C 573 -32.47 -12.56 -7.36
CA ILE C 573 -32.10 -11.19 -7.66
C ILE C 573 -31.06 -11.19 -8.78
N SER C 574 -31.30 -10.42 -9.84
CA SER C 574 -30.37 -10.24 -10.96
C SER C 574 -30.13 -8.74 -11.20
N PRO C 575 -28.98 -8.31 -11.72
CA PRO C 575 -28.68 -6.89 -11.87
C PRO C 575 -29.55 -6.22 -12.93
N CYS C 576 -29.86 -4.93 -12.75
CA CYS C 576 -30.51 -4.14 -13.80
C CYS C 576 -29.58 -4.01 -15.00
N SER C 577 -30.14 -4.11 -16.22
CA SER C 577 -29.34 -4.21 -17.45
C SER C 577 -28.32 -3.10 -17.61
N PHE C 578 -27.12 -3.47 -18.02
CA PHE C 578 -26.02 -2.57 -18.35
C PHE C 578 -25.19 -3.13 -19.50
N GLY C 579 -24.46 -2.29 -20.19
CA GLY C 579 -23.53 -2.74 -21.22
C GLY C 579 -22.85 -1.60 -21.96
N GLY C 580 -21.90 -1.93 -22.82
CA GLY C 580 -21.37 -0.97 -23.78
C GLY C 580 -22.42 -0.59 -24.82
N VAL C 581 -22.38 0.64 -25.27
CA VAL C 581 -23.05 1.10 -26.48
C VAL C 581 -22.01 1.30 -27.54
N SER C 582 -22.25 0.77 -28.73
CA SER C 582 -21.41 0.99 -29.89
C SER C 582 -22.22 1.60 -31.02
N VAL C 583 -21.64 2.51 -31.78
CA VAL C 583 -22.29 3.20 -32.89
C VAL C 583 -21.70 2.71 -34.19
N ILE C 584 -22.55 2.29 -35.11
CA ILE C 584 -22.19 1.72 -36.41
C ILE C 584 -22.43 2.79 -37.45
N THR C 585 -21.43 3.09 -38.27
CA THR C 585 -21.47 4.22 -39.20
C THR C 585 -20.82 3.88 -40.54
N PRO C 586 -21.37 4.34 -41.67
CA PRO C 586 -20.60 4.58 -42.89
C PRO C 586 -19.52 5.65 -42.62
N GLY C 587 -18.74 6.06 -43.61
CA GLY C 587 -18.04 7.33 -43.47
C GLY C 587 -19.06 8.47 -43.34
N THR C 588 -18.84 9.47 -42.50
CA THR C 588 -19.67 10.69 -42.51
C THR C 588 -19.57 11.41 -43.85
N ASN C 589 -18.45 11.21 -44.58
CA ASN C 589 -18.31 11.53 -45.99
C ASN C 589 -19.46 10.95 -46.85
N ALA C 590 -19.88 9.71 -46.58
CA ALA C 590 -20.94 9.03 -47.30
C ALA C 590 -22.34 9.45 -46.82
N SER C 591 -22.61 9.39 -45.52
CA SER C 591 -23.92 9.75 -44.95
C SER C 591 -23.83 10.08 -43.46
N SER C 592 -24.52 11.14 -43.01
CA SER C 592 -24.69 11.50 -41.60
C SER C 592 -25.77 10.64 -40.94
N GLU C 593 -25.52 9.34 -40.84
CA GLU C 593 -26.54 8.33 -40.58
C GLU C 593 -25.92 7.15 -39.84
N VAL C 594 -26.58 6.63 -38.80
CA VAL C 594 -26.00 5.64 -37.89
C VAL C 594 -27.04 4.63 -37.40
N ALA C 595 -26.56 3.47 -36.97
CA ALA C 595 -27.33 2.48 -36.22
C ALA C 595 -26.60 2.16 -34.93
N VAL C 596 -27.30 1.73 -33.89
CA VAL C 596 -26.73 1.60 -32.55
C VAL C 596 -26.82 0.17 -32.04
N LEU C 597 -25.70 -0.37 -31.55
CA LEU C 597 -25.64 -1.67 -30.93
C LEU C 597 -25.56 -1.51 -29.42
N TYR C 598 -26.57 -2.00 -28.71
CA TYR C 598 -26.55 -2.13 -27.26
C TYR C 598 -25.98 -3.50 -26.93
N GLN C 599 -24.76 -3.56 -26.44
CA GLN C 599 -24.04 -4.82 -26.30
C GLN C 599 -24.68 -5.72 -25.25
N ASP C 600 -24.62 -7.03 -25.46
CA ASP C 600 -24.98 -8.10 -24.52
C ASP C 600 -26.47 -8.26 -24.13
N VAL C 601 -27.24 -7.18 -24.07
CA VAL C 601 -28.62 -7.15 -23.54
C VAL C 601 -29.70 -7.64 -24.53
N ASN C 602 -30.93 -7.78 -24.05
CA ASN C 602 -32.08 -8.35 -24.79
C ASN C 602 -33.00 -7.22 -25.24
N CYS C 603 -33.33 -7.14 -26.52
CA CYS C 603 -34.15 -6.06 -27.08
C CYS C 603 -35.50 -5.86 -26.38
N THR C 604 -36.08 -6.93 -25.83
CA THR C 604 -37.36 -6.88 -25.12
C THR C 604 -37.26 -6.08 -23.83
N ASP C 605 -36.07 -6.04 -23.21
CA ASP C 605 -35.79 -5.30 -21.98
C ASP C 605 -35.23 -3.89 -22.25
N VAL C 606 -34.59 -3.68 -23.39
CA VAL C 606 -33.91 -2.42 -23.70
C VAL C 606 -34.87 -1.26 -23.89
N SER C 607 -35.88 -1.41 -24.76
CA SER C 607 -36.71 -0.26 -25.15
C SER C 607 -38.01 -0.64 -25.83
N THR C 608 -38.89 0.37 -25.98
CA THR C 608 -39.91 0.39 -27.04
C THR C 608 -39.27 0.35 -28.44
N ALA C 609 -40.06 0.06 -29.47
CA ALA C 609 -39.64 0.03 -30.87
C ALA C 609 -40.68 0.72 -31.80
N ILE C 610 -40.19 1.42 -32.82
CA ILE C 610 -40.96 2.18 -33.82
C ILE C 610 -40.27 1.94 -35.16
N HIS C 611 -40.79 1.01 -35.97
CA HIS C 611 -40.03 0.37 -37.04
C HIS C 611 -39.78 1.25 -38.29
N ALA C 612 -38.86 2.20 -38.14
CA ALA C 612 -38.37 3.13 -39.15
C ALA C 612 -36.86 3.42 -38.92
N ASP C 613 -36.16 3.92 -39.93
CA ASP C 613 -34.76 4.37 -39.80
C ASP C 613 -34.66 5.79 -39.20
N GLN C 614 -33.46 6.14 -38.72
CA GLN C 614 -33.03 7.52 -38.35
C GLN C 614 -33.81 8.28 -37.26
N LEU C 615 -34.88 7.70 -36.69
CA LEU C 615 -35.50 8.17 -35.45
C LEU C 615 -34.58 7.86 -34.26
N THR C 616 -33.54 8.66 -34.01
CA THR C 616 -32.50 8.36 -33.00
C THR C 616 -32.53 9.33 -31.81
N PRO C 617 -33.62 9.43 -31.05
CA PRO C 617 -33.72 10.42 -29.98
C PRO C 617 -32.81 10.06 -28.80
N ALA C 618 -31.84 10.91 -28.44
CA ALA C 618 -31.06 10.78 -27.19
C ALA C 618 -31.87 11.10 -25.90
N TRP C 619 -33.20 11.17 -26.03
CA TRP C 619 -34.13 11.78 -25.08
C TRP C 619 -35.33 10.87 -24.72
N ARG C 620 -35.39 9.65 -25.28
CA ARG C 620 -36.49 8.68 -25.13
C ARG C 620 -36.06 7.44 -24.33
N ILE C 621 -36.55 6.23 -24.62
CA ILE C 621 -36.14 4.99 -23.93
C ILE C 621 -34.75 4.55 -24.42
N TYR C 622 -33.73 5.25 -23.90
CA TYR C 622 -32.34 5.28 -24.35
C TYR C 622 -32.17 5.76 -25.81
N SER C 623 -30.93 6.05 -26.25
CA SER C 623 -30.66 7.06 -27.29
C SER C 623 -31.10 6.77 -28.75
N THR C 624 -31.98 5.80 -29.01
CA THR C 624 -32.17 5.32 -30.41
C THR C 624 -33.53 4.69 -30.77
N GLY C 625 -34.48 4.52 -29.86
CA GLY C 625 -35.64 3.62 -30.06
C GLY C 625 -36.39 3.80 -31.39
N ASN C 626 -36.17 2.88 -32.35
CA ASN C 626 -36.81 2.86 -33.67
C ASN C 626 -36.98 1.41 -34.20
N ASN C 627 -36.56 1.07 -35.42
CA ASN C 627 -36.50 -0.31 -35.92
C ASN C 627 -35.53 -1.19 -35.11
N VAL C 628 -35.96 -2.36 -34.63
CA VAL C 628 -35.17 -3.20 -33.72
C VAL C 628 -34.96 -4.61 -34.28
N PHE C 629 -33.76 -5.14 -34.07
CA PHE C 629 -33.35 -6.49 -34.46
C PHE C 629 -32.46 -7.10 -33.35
N GLN C 630 -32.64 -8.39 -33.04
CA GLN C 630 -31.88 -9.09 -32.01
C GLN C 630 -30.71 -9.87 -32.63
N THR C 631 -29.56 -9.89 -31.98
CA THR C 631 -28.37 -10.66 -32.38
C THR C 631 -27.73 -11.34 -31.17
N GLN C 632 -26.80 -12.28 -31.35
CA GLN C 632 -26.04 -12.79 -30.20
C GLN C 632 -25.09 -11.75 -29.59
N ALA C 633 -24.68 -10.73 -30.35
CA ALA C 633 -23.81 -9.67 -29.84
C ALA C 633 -24.54 -8.71 -28.88
N GLY C 634 -25.87 -8.62 -28.97
CA GLY C 634 -26.71 -7.64 -28.27
C GLY C 634 -27.88 -7.19 -29.14
N CYS C 635 -28.46 -6.04 -28.82
CA CYS C 635 -29.62 -5.52 -29.52
C CYS C 635 -29.20 -4.45 -30.52
N LEU C 636 -29.62 -4.56 -31.78
CA LEU C 636 -29.21 -3.66 -32.87
C LEU C 636 -30.39 -2.82 -33.34
N ILE C 637 -30.24 -1.50 -33.29
CA ILE C 637 -31.33 -0.55 -33.53
C ILE C 637 -31.01 0.33 -34.73
N GLY C 638 -31.94 0.42 -35.68
CA GLY C 638 -31.85 1.27 -36.86
C GLY C 638 -31.11 0.69 -38.07
N ALA C 639 -30.74 -0.60 -38.05
CA ALA C 639 -30.18 -1.31 -39.20
C ALA C 639 -31.16 -2.38 -39.69
N GLU C 640 -31.43 -2.42 -40.99
CA GLU C 640 -32.35 -3.39 -41.60
C GLU C 640 -31.72 -4.77 -41.75
N HIS C 641 -32.40 -5.84 -41.34
CA HIS C 641 -31.94 -7.20 -41.60
C HIS C 641 -32.13 -7.58 -43.07
N VAL C 642 -31.12 -8.18 -43.70
CA VAL C 642 -31.13 -8.63 -45.10
C VAL C 642 -30.66 -10.08 -45.21
N ASP C 643 -31.40 -10.91 -45.95
CA ASP C 643 -31.13 -12.34 -46.06
C ASP C 643 -29.98 -12.69 -47.01
N THR C 644 -29.77 -11.95 -48.10
CA THR C 644 -28.65 -12.20 -49.02
C THR C 644 -27.33 -11.93 -48.31
N SER C 645 -26.48 -12.93 -48.13
CA SER C 645 -25.17 -12.75 -47.50
C SER C 645 -24.18 -12.02 -48.42
N TYR C 646 -23.20 -11.34 -47.82
CA TYR C 646 -22.11 -10.63 -48.49
C TYR C 646 -20.81 -10.81 -47.71
N GLU C 647 -19.69 -10.38 -48.26
CA GLU C 647 -18.45 -10.23 -47.49
C GLU C 647 -18.65 -9.33 -46.27
N CYS C 648 -17.94 -9.57 -45.17
CA CYS C 648 -18.15 -8.81 -43.94
C CYS C 648 -17.56 -7.39 -44.05
N ASP C 649 -18.42 -6.39 -44.16
CA ASP C 649 -18.01 -4.99 -44.32
C ASP C 649 -17.64 -4.33 -42.98
N ILE C 650 -18.62 -4.13 -42.07
CA ILE C 650 -18.40 -3.73 -40.68
C ILE C 650 -18.77 -4.91 -39.76
N PRO C 651 -17.88 -5.43 -38.92
CA PRO C 651 -18.17 -6.61 -38.10
C PRO C 651 -19.06 -6.28 -36.89
N ILE C 652 -19.96 -7.19 -36.52
CA ILE C 652 -20.74 -7.11 -35.27
C ILE C 652 -20.39 -8.29 -34.36
N GLY C 653 -20.61 -9.53 -34.79
CA GLY C 653 -20.31 -10.71 -33.98
C GLY C 653 -21.13 -11.93 -34.36
N ALA C 654 -20.64 -13.12 -34.04
CA ALA C 654 -21.31 -14.39 -34.28
C ALA C 654 -21.89 -14.52 -35.71
N GLY C 655 -21.11 -14.13 -36.70
CA GLY C 655 -21.46 -14.22 -38.11
C GLY C 655 -22.23 -13.03 -38.67
N ILE C 656 -22.71 -12.09 -37.86
CA ILE C 656 -23.40 -10.89 -38.34
C ILE C 656 -22.40 -9.78 -38.68
N CYS C 657 -22.62 -9.10 -39.81
CA CYS C 657 -21.92 -7.88 -40.20
C CYS C 657 -22.92 -6.87 -40.76
N ALA C 658 -22.51 -5.60 -40.88
CA ALA C 658 -23.34 -4.53 -41.41
C ALA C 658 -22.62 -3.69 -42.46
N SER C 659 -23.36 -3.03 -43.34
CA SER C 659 -22.83 -2.23 -44.45
C SER C 659 -23.79 -1.12 -44.85
N TYR C 660 -23.29 -0.04 -45.44
CA TYR C 660 -24.13 0.88 -46.21
C TYR C 660 -24.43 0.26 -47.58
N HIS C 661 -25.69 0.16 -47.98
CA HIS C 661 -26.06 -0.71 -49.10
C HIS C 661 -27.29 -0.19 -49.82
N THR C 662 -27.40 -0.38 -51.14
CA THR C 662 -28.52 0.11 -51.96
C THR C 662 -29.72 -0.83 -51.87
N VAL C 663 -30.28 -0.96 -50.67
CA VAL C 663 -31.18 -2.06 -50.29
C VAL C 663 -32.47 -2.15 -51.12
N SER C 664 -33.02 -1.02 -51.60
CA SER C 664 -34.23 -1.03 -52.42
C SER C 664 -34.34 0.20 -53.31
N LEU C 665 -34.18 0.00 -54.61
CA LEU C 665 -34.33 1.05 -55.62
C LEU C 665 -35.75 1.64 -55.65
N LEU C 666 -36.75 0.89 -55.16
CA LEU C 666 -38.15 1.34 -55.14
C LEU C 666 -38.37 2.54 -54.20
N ARG C 667 -37.45 2.77 -53.24
CA ARG C 667 -37.44 3.97 -52.38
C ARG C 667 -36.98 5.23 -53.10
N SER C 668 -36.24 5.08 -54.20
CA SER C 668 -35.62 6.14 -55.02
C SER C 668 -34.62 7.05 -54.27
N THR C 669 -35.07 7.86 -53.31
CA THR C 669 -34.20 8.76 -52.52
C THR C 669 -33.47 7.99 -51.42
N SER C 670 -34.21 7.35 -50.50
CA SER C 670 -33.67 6.51 -49.42
C SER C 670 -33.34 5.08 -49.90
N GLN C 671 -32.93 4.93 -51.16
CA GLN C 671 -32.54 3.64 -51.74
C GLN C 671 -31.28 3.05 -51.09
N LYS C 672 -30.49 3.85 -50.38
CA LYS C 672 -29.40 3.39 -49.51
C LYS C 672 -29.76 3.46 -48.04
N SER C 673 -29.35 2.48 -47.26
CA SER C 673 -29.47 2.45 -45.80
C SER C 673 -28.41 1.54 -45.19
N ILE C 674 -28.24 1.59 -43.86
CA ILE C 674 -27.44 0.60 -43.16
C ILE C 674 -28.23 -0.70 -43.10
N VAL C 675 -27.64 -1.80 -43.58
CA VAL C 675 -28.21 -3.15 -43.51
C VAL C 675 -27.29 -4.06 -42.72
N ALA C 676 -27.84 -5.09 -42.07
CA ALA C 676 -27.08 -6.13 -41.40
C ALA C 676 -27.48 -7.52 -41.91
N TYR C 677 -26.51 -8.41 -42.03
CA TYR C 677 -26.65 -9.69 -42.74
C TYR C 677 -25.70 -10.73 -42.14
N THR C 678 -25.96 -12.01 -42.36
CA THR C 678 -24.97 -13.06 -42.03
C THR C 678 -23.88 -13.05 -43.09
N MET C 679 -22.61 -12.98 -42.71
CA MET C 679 -21.52 -12.86 -43.66
C MET C 679 -21.32 -14.11 -44.52
N SER C 680 -20.65 -13.96 -45.67
CA SER C 680 -20.30 -15.06 -46.57
C SER C 680 -18.83 -15.43 -46.46
N LEU C 681 -18.53 -16.72 -46.30
CA LEU C 681 -17.18 -17.22 -46.04
C LEU C 681 -16.25 -17.16 -47.26
N GLY C 682 -16.81 -17.11 -48.47
CA GLY C 682 -16.05 -17.16 -49.72
C GLY C 682 -16.92 -17.60 -50.89
N ALA C 683 -16.39 -17.47 -52.10
CA ALA C 683 -17.07 -17.88 -53.31
C ALA C 683 -17.31 -19.40 -53.34
N ASP C 684 -18.54 -19.81 -53.62
CA ASP C 684 -18.90 -21.23 -53.78
C ASP C 684 -18.17 -21.86 -54.98
N SER C 685 -17.72 -23.11 -54.86
CA SER C 685 -17.05 -23.82 -55.94
C SER C 685 -17.16 -25.33 -55.80
N SER C 686 -17.09 -26.06 -56.90
CA SER C 686 -16.95 -27.53 -56.91
C SER C 686 -15.78 -27.95 -57.79
N ILE C 687 -15.09 -29.02 -57.39
CA ILE C 687 -14.00 -29.62 -58.15
C ILE C 687 -14.53 -30.92 -58.73
N ALA C 688 -14.45 -31.09 -60.04
CA ALA C 688 -14.85 -32.30 -60.73
C ALA C 688 -13.81 -33.41 -60.50
N TYR C 689 -13.78 -33.99 -59.30
CA TYR C 689 -12.84 -35.07 -58.99
C TYR C 689 -13.10 -36.27 -59.90
N SER C 690 -12.04 -36.87 -60.43
CA SER C 690 -12.17 -37.98 -61.36
C SER C 690 -10.93 -38.86 -61.39
N ASN C 691 -11.14 -40.12 -61.04
CA ASN C 691 -10.34 -41.31 -61.28
C ASN C 691 -9.30 -41.20 -62.42
N ASN C 692 -9.70 -40.79 -63.63
CA ASN C 692 -8.82 -40.77 -64.82
C ASN C 692 -8.23 -39.41 -65.19
N THR C 693 -8.60 -38.31 -64.53
CA THR C 693 -8.51 -36.98 -65.15
C THR C 693 -7.55 -36.04 -64.44
N ILE C 694 -6.70 -35.33 -65.17
CA ILE C 694 -5.81 -34.29 -64.64
C ILE C 694 -5.95 -32.99 -65.43
N ALA C 695 -6.02 -31.85 -64.75
CA ALA C 695 -6.03 -30.55 -65.41
C ALA C 695 -4.64 -29.91 -65.36
N ILE C 696 -4.14 -29.39 -66.48
CA ILE C 696 -2.77 -28.84 -66.60
C ILE C 696 -2.80 -27.42 -67.17
N PRO C 697 -2.11 -26.44 -66.57
CA PRO C 697 -2.02 -25.07 -67.07
C PRO C 697 -1.45 -25.00 -68.47
N THR C 698 -2.03 -24.21 -69.37
CA THR C 698 -1.43 -23.96 -70.70
C THR C 698 -0.81 -22.59 -70.83
N ASN C 699 -1.03 -21.69 -69.87
CA ASN C 699 -0.50 -20.34 -69.86
C ASN C 699 -0.18 -19.92 -68.44
N PHE C 700 0.44 -18.77 -68.26
CA PHE C 700 0.82 -18.23 -66.96
C PHE C 700 0.76 -16.72 -66.97
N SER C 701 0.73 -16.13 -65.79
CA SER C 701 0.94 -14.70 -65.62
C SER C 701 2.03 -14.47 -64.61
N ILE C 702 2.98 -13.57 -64.92
CA ILE C 702 3.79 -12.97 -63.88
C ILE C 702 2.91 -12.06 -63.04
N SER C 703 3.20 -11.92 -61.76
CA SER C 703 2.44 -11.10 -60.82
C SER C 703 3.38 -10.37 -59.88
N ILE C 704 3.02 -9.17 -59.44
CA ILE C 704 3.75 -8.43 -58.41
C ILE C 704 2.82 -8.24 -57.23
N THR C 705 3.17 -8.75 -56.05
CA THR C 705 2.32 -8.62 -54.86
C THR C 705 3.06 -7.83 -53.79
N THR C 706 2.55 -6.67 -53.43
CA THR C 706 3.13 -5.80 -52.41
C THR C 706 2.93 -6.35 -51.02
N GLU C 707 3.95 -6.26 -50.16
CA GLU C 707 3.83 -6.58 -48.73
C GLU C 707 4.50 -5.50 -47.89
N VAL C 708 3.82 -5.02 -46.85
CA VAL C 708 4.25 -3.85 -46.06
C VAL C 708 4.54 -4.25 -44.62
N MET C 709 5.70 -3.91 -44.08
CA MET C 709 6.11 -4.34 -42.75
C MET C 709 6.71 -3.22 -41.90
N PRO C 710 6.27 -3.01 -40.66
CA PRO C 710 6.91 -2.06 -39.75
C PRO C 710 8.19 -2.65 -39.19
N VAL C 711 9.18 -1.78 -38.91
CA VAL C 711 10.52 -2.19 -38.46
C VAL C 711 10.99 -1.41 -37.24
N SER C 712 10.58 -0.16 -37.05
CA SER C 712 11.03 0.65 -35.92
C SER C 712 9.98 1.66 -35.44
N MET C 713 10.01 1.99 -34.15
CA MET C 713 9.18 3.05 -33.54
C MET C 713 9.91 4.39 -33.53
N ALA C 714 9.22 5.46 -33.12
CA ALA C 714 9.87 6.69 -32.70
C ALA C 714 10.69 6.49 -31.41
N LYS C 715 11.97 6.88 -31.43
CA LYS C 715 12.85 6.84 -30.25
C LYS C 715 12.43 7.93 -29.27
N THR C 716 12.02 7.59 -28.06
CA THR C 716 11.45 8.54 -27.09
C THR C 716 12.27 8.63 -25.82
N SER C 717 12.28 9.78 -25.15
CA SER C 717 12.77 9.88 -23.77
C SER C 717 11.97 10.92 -23.00
N VAL C 718 11.88 10.77 -21.67
CA VAL C 718 11.18 11.71 -20.80
C VAL C 718 12.08 12.13 -19.66
N ASP C 719 12.23 13.42 -19.42
CA ASP C 719 12.86 13.94 -18.20
C ASP C 719 11.85 13.84 -17.06
N CYS C 720 11.88 12.75 -16.29
CA CYS C 720 10.85 12.47 -15.29
C CYS C 720 10.77 13.59 -14.23
N ASN C 721 11.88 14.21 -13.86
CA ASN C 721 11.88 15.35 -12.94
C ASN C 721 11.11 16.54 -13.53
N MET C 722 11.29 16.83 -14.82
CA MET C 722 10.53 17.86 -15.51
C MET C 722 9.05 17.49 -15.61
N TYR C 723 8.75 16.26 -16.00
CA TYR C 723 7.36 15.81 -16.15
C TYR C 723 6.61 15.88 -14.83
N ILE C 724 7.17 15.34 -13.76
CA ILE C 724 6.51 15.25 -12.46
C ILE C 724 6.44 16.62 -11.79
N CYS C 725 7.56 17.35 -11.71
CA CYS C 725 7.68 18.51 -10.83
C CYS C 725 7.76 19.90 -11.49
N GLY C 726 7.95 20.01 -12.80
CA GLY C 726 7.91 21.32 -13.47
C GLY C 726 8.84 22.39 -12.86
N ASP C 727 10.03 21.99 -12.42
CA ASP C 727 11.02 22.83 -11.73
C ASP C 727 10.59 23.40 -10.36
N SER C 728 9.50 22.94 -9.74
CA SER C 728 9.24 23.23 -8.32
C SER C 728 10.23 22.48 -7.42
N THR C 729 11.05 23.21 -6.67
CA THR C 729 12.15 22.59 -5.88
C THR C 729 11.63 21.62 -4.82
N GLU C 730 10.53 21.97 -4.14
CA GLU C 730 10.00 21.11 -3.08
C GLU C 730 9.40 19.82 -3.61
N CYS C 731 8.75 19.87 -4.79
CA CYS C 731 8.34 18.64 -5.45
C CYS C 731 9.57 17.77 -5.75
N ALA C 732 10.63 18.37 -6.29
CA ALA C 732 11.86 17.64 -6.57
C ALA C 732 12.58 17.14 -5.30
N ASN C 733 12.32 17.71 -4.12
CA ASN C 733 12.72 17.12 -2.84
C ASN C 733 11.87 15.89 -2.51
N LEU C 734 10.54 16.03 -2.48
CA LEU C 734 9.63 14.96 -2.11
C LEU C 734 9.80 13.71 -2.99
N LEU C 735 10.10 13.90 -4.26
CA LEU C 735 10.32 12.84 -5.24
C LEU C 735 11.45 11.87 -4.84
N LEU C 736 12.48 12.34 -4.13
CA LEU C 736 13.64 11.52 -3.74
C LEU C 736 13.27 10.36 -2.82
N GLN C 737 12.24 10.54 -1.99
CA GLN C 737 11.80 9.56 -1.00
C GLN C 737 11.37 8.21 -1.62
N TYR C 738 10.91 8.23 -2.88
CA TYR C 738 10.44 7.04 -3.61
C TYR C 738 11.60 6.19 -4.17
N GLY C 739 12.85 6.64 -4.04
CA GLY C 739 14.03 5.90 -4.47
C GLY C 739 14.22 5.88 -5.98
N SER C 740 14.50 4.70 -6.53
CA SER C 740 15.15 4.53 -7.83
C SER C 740 14.27 4.71 -9.06
N PHE C 741 12.96 4.95 -8.94
CA PHE C 741 12.05 4.90 -10.09
C PHE C 741 12.49 5.83 -11.23
N CYS C 742 12.96 7.04 -10.98
CA CYS C 742 13.43 7.92 -12.06
C CYS C 742 14.67 7.40 -12.81
N THR C 743 15.66 6.81 -12.14
CA THR C 743 16.78 6.15 -12.84
C THR C 743 16.26 4.98 -13.68
N GLN C 744 15.36 4.18 -13.12
CA GLN C 744 14.81 3.02 -13.82
C GLN C 744 14.04 3.41 -15.07
N LEU C 745 13.19 4.43 -15.01
CA LEU C 745 12.36 4.87 -16.14
C LEU C 745 13.23 5.42 -17.28
N ASN C 746 14.24 6.24 -16.98
CA ASN C 746 15.17 6.69 -18.03
C ASN C 746 16.01 5.56 -18.62
N ARG C 747 16.36 4.53 -17.84
CA ARG C 747 17.06 3.34 -18.37
C ARG C 747 16.16 2.50 -19.26
N ALA C 748 14.92 2.24 -18.85
CA ALA C 748 13.99 1.43 -19.64
C ALA C 748 13.71 2.04 -21.02
N LEU C 749 13.45 3.35 -21.09
CA LEU C 749 13.27 4.05 -22.36
C LEU C 749 14.57 4.07 -23.19
N SER C 750 15.74 4.18 -22.56
CA SER C 750 17.02 4.10 -23.29
C SER C 750 17.23 2.74 -23.95
N GLY C 751 16.81 1.65 -23.31
CA GLY C 751 16.90 0.30 -23.90
C GLY C 751 16.05 0.17 -25.16
N ILE C 752 14.78 0.57 -25.08
CA ILE C 752 13.87 0.60 -26.23
C ILE C 752 14.42 1.48 -27.35
N ALA C 753 14.91 2.67 -27.02
CA ALA C 753 15.39 3.64 -27.99
C ALA C 753 16.60 3.10 -28.75
N ALA C 754 17.59 2.55 -28.06
CA ALA C 754 18.80 2.01 -28.69
C ALA C 754 18.49 0.84 -29.62
N GLU C 755 17.46 0.05 -29.33
CA GLU C 755 17.07 -1.07 -30.17
C GLU C 755 16.46 -0.66 -31.52
N GLN C 756 15.87 0.53 -31.65
CA GLN C 756 15.25 0.90 -32.93
C GLN C 756 16.29 1.02 -34.05
N ASP C 757 17.49 1.43 -33.71
CA ASP C 757 18.63 1.42 -34.62
C ASP C 757 19.08 -0.01 -34.93
N ARG C 758 19.10 -0.91 -33.94
CA ARG C 758 19.39 -2.33 -34.17
C ARG C 758 18.42 -2.96 -35.16
N ASN C 759 17.11 -2.78 -34.98
CA ASN C 759 16.11 -3.31 -35.91
C ASN C 759 16.35 -2.81 -37.32
N THR C 760 16.52 -1.50 -37.47
CA THR C 760 16.67 -0.87 -38.79
C THR C 760 17.93 -1.37 -39.49
N ARG C 761 19.01 -1.55 -38.74
CA ARG C 761 20.29 -2.06 -39.27
C ARG C 761 20.21 -3.51 -39.69
N GLU C 762 19.64 -4.40 -38.89
CA GLU C 762 19.54 -5.83 -39.26
C GLU C 762 18.60 -6.10 -40.42
N VAL C 763 17.58 -5.27 -40.64
CA VAL C 763 16.76 -5.36 -41.85
C VAL C 763 17.53 -4.92 -43.08
N PHE C 764 18.06 -3.69 -43.12
CA PHE C 764 18.60 -3.14 -44.36
C PHE C 764 20.08 -3.42 -44.60
N ALA C 765 20.92 -3.43 -43.57
CA ALA C 765 22.38 -3.46 -43.73
C ALA C 765 22.94 -4.87 -43.99
N GLN C 766 22.21 -5.71 -44.74
CA GLN C 766 22.64 -7.06 -45.07
C GLN C 766 23.64 -7.12 -46.24
N VAL C 767 23.74 -6.06 -47.06
CA VAL C 767 24.62 -6.02 -48.22
C VAL C 767 26.09 -5.86 -47.83
N LYS C 768 26.98 -6.65 -48.45
CA LYS C 768 28.42 -6.67 -48.13
C LYS C 768 29.15 -5.41 -48.57
N GLN C 769 28.81 -4.90 -49.75
CA GLN C 769 29.42 -3.76 -50.43
C GLN C 769 28.32 -2.89 -51.02
N MET C 770 28.56 -1.59 -51.16
CA MET C 770 27.56 -0.66 -51.68
C MET C 770 27.62 -0.63 -53.20
N TYR C 771 27.01 -1.61 -53.87
CA TYR C 771 27.03 -1.66 -55.34
C TYR C 771 26.46 -0.39 -55.96
N LYS C 772 27.27 0.24 -56.81
CA LYS C 772 26.87 1.40 -57.62
C LYS C 772 25.68 1.04 -58.51
N THR C 773 24.67 1.90 -58.59
CA THR C 773 23.50 1.69 -59.45
C THR C 773 23.90 1.82 -60.94
N PRO C 774 23.46 0.91 -61.83
CA PRO C 774 23.85 0.94 -63.23
C PRO C 774 23.29 2.14 -63.98
N THR C 775 23.91 2.51 -65.10
CA THR C 775 23.45 3.59 -65.98
C THR C 775 22.24 3.16 -66.80
N LEU C 776 22.32 2.00 -67.44
CA LEU C 776 21.24 1.40 -68.22
C LEU C 776 20.19 0.76 -67.29
N LYS C 777 19.07 1.42 -67.05
CA LYS C 777 18.02 0.99 -66.11
C LYS C 777 17.11 -0.13 -66.65
N TYR C 778 17.59 -0.94 -67.59
CA TYR C 778 16.75 -1.75 -68.47
C TYR C 778 17.50 -2.98 -68.97
N PHE C 779 17.13 -4.19 -68.52
CA PHE C 779 17.88 -5.43 -68.79
C PHE C 779 17.02 -6.43 -69.55
N GLY C 780 17.42 -6.84 -70.74
CA GLY C 780 16.69 -7.86 -71.53
C GLY C 780 15.20 -7.59 -71.74
N GLY C 781 14.77 -6.33 -71.75
CA GLY C 781 13.36 -5.93 -71.84
C GLY C 781 12.67 -5.59 -70.50
N PHE C 782 13.24 -5.95 -69.36
CA PHE C 782 12.72 -5.63 -68.04
C PHE C 782 13.11 -4.19 -67.64
N ASN C 783 12.15 -3.30 -67.41
CA ASN C 783 12.38 -1.88 -67.11
C ASN C 783 12.39 -1.62 -65.60
N PHE C 784 13.58 -1.53 -65.01
CA PHE C 784 13.76 -1.32 -63.56
C PHE C 784 13.65 0.15 -63.14
N SER C 785 13.44 1.09 -64.06
CA SER C 785 13.67 2.51 -63.77
C SER C 785 12.72 3.14 -62.74
N GLN C 786 11.61 2.49 -62.36
CA GLN C 786 10.78 2.96 -61.24
C GLN C 786 11.33 2.61 -59.86
N ILE C 787 12.13 1.55 -59.74
CA ILE C 787 12.56 0.98 -58.45
C ILE C 787 14.03 1.26 -58.10
N LEU C 788 14.86 1.66 -59.06
CA LEU C 788 16.16 2.27 -58.81
C LEU C 788 16.04 3.79 -58.63
N PRO C 789 16.97 4.45 -57.93
CA PRO C 789 17.10 5.91 -57.94
C PRO C 789 17.26 6.49 -59.34
N ASP C 790 16.77 7.72 -59.55
CA ASP C 790 17.00 8.48 -60.78
C ASP C 790 17.88 9.71 -60.49
N PRO C 791 19.07 9.86 -61.10
CA PRO C 791 19.94 11.00 -60.84
C PRO C 791 19.40 12.34 -61.36
N LEU C 792 18.50 12.32 -62.35
CA LEU C 792 17.91 13.54 -62.92
C LEU C 792 16.69 14.04 -62.14
N LYS C 793 16.16 13.24 -61.21
CA LYS C 793 15.01 13.58 -60.36
C LYS C 793 15.37 13.37 -58.87
N PRO C 794 16.22 14.23 -58.28
CA PRO C 794 16.55 14.17 -56.87
C PRO C 794 15.31 14.41 -55.99
N THR C 795 15.26 13.96 -54.74
CA THR C 795 16.30 13.23 -53.96
C THR C 795 16.57 11.80 -54.44
N LYS C 796 17.63 11.17 -53.92
CA LYS C 796 18.19 9.87 -54.30
C LYS C 796 17.37 8.65 -53.86
N ARG C 797 16.03 8.77 -53.81
CA ARG C 797 15.08 7.66 -53.62
C ARG C 797 14.57 7.15 -54.96
N SER C 798 14.07 5.92 -55.05
CA SER C 798 13.39 5.46 -56.26
C SER C 798 12.09 6.23 -56.49
N PHE C 799 11.50 6.12 -57.67
CA PHE C 799 10.20 6.76 -57.91
C PHE C 799 9.11 6.17 -57.00
N ILE C 800 9.06 4.85 -56.86
CA ILE C 800 8.09 4.21 -55.96
C ILE C 800 8.36 4.56 -54.49
N GLU C 801 9.62 4.69 -54.05
CA GLU C 801 9.89 5.14 -52.69
C GLU C 801 9.36 6.56 -52.42
N ASP C 802 9.30 7.45 -53.41
CA ASP C 802 8.63 8.74 -53.22
C ASP C 802 7.13 8.64 -53.08
N LEU C 803 6.44 7.67 -53.71
CA LEU C 803 5.02 7.45 -53.42
C LEU C 803 4.86 6.98 -51.97
N LEU C 804 5.66 6.02 -51.54
CA LEU C 804 5.59 5.45 -50.19
C LEU C 804 5.84 6.52 -49.13
N PHE C 805 6.87 7.35 -49.29
CA PHE C 805 7.17 8.42 -48.33
C PHE C 805 6.11 9.53 -48.28
N ASN C 806 5.24 9.67 -49.29
CA ASN C 806 4.14 10.64 -49.25
C ASN C 806 2.88 10.11 -48.57
N LYS C 807 2.58 8.80 -48.67
CA LYS C 807 1.32 8.25 -48.15
C LYS C 807 1.28 8.11 -46.63
N VAL C 808 2.37 7.78 -45.96
CA VAL C 808 2.41 7.74 -44.48
C VAL C 808 2.53 9.15 -43.91
N THR C 809 1.92 9.41 -42.76
CA THR C 809 1.80 10.77 -42.19
C THR C 809 2.36 10.86 -40.77
N LEU C 810 2.83 12.03 -40.35
CA LEU C 810 3.33 12.26 -38.98
C LEU C 810 2.20 12.39 -37.94
N ALA C 811 2.58 12.51 -36.66
CA ALA C 811 1.68 12.38 -35.51
C ALA C 811 0.54 13.40 -35.48
N ASP C 812 0.82 14.66 -35.82
CA ASP C 812 -0.12 15.78 -35.69
C ASP C 812 -1.31 15.70 -36.67
N ALA C 813 -1.04 15.43 -37.94
CA ALA C 813 -2.01 15.61 -39.03
C ALA C 813 -1.65 14.78 -40.28
N GLY C 814 -2.64 14.61 -41.16
CA GLY C 814 -2.58 13.67 -42.28
C GLY C 814 -3.05 12.28 -41.85
N PHE C 815 -3.96 11.65 -42.60
CA PHE C 815 -4.59 10.36 -42.27
C PHE C 815 -5.07 9.63 -43.55
N MET C 816 -5.30 8.32 -43.48
CA MET C 816 -5.77 7.50 -44.62
C MET C 816 -7.30 7.39 -44.69
N LYS C 817 -7.87 7.39 -45.90
CA LYS C 817 -9.32 7.42 -46.19
C LYS C 817 -9.70 6.42 -47.29
N GLN C 818 -10.80 5.69 -47.12
CA GLN C 818 -11.25 4.64 -48.06
C GLN C 818 -11.84 5.18 -49.38
N TYR C 819 -12.42 6.38 -49.37
CA TYR C 819 -13.24 6.93 -50.48
C TYR C 819 -12.43 7.52 -51.65
N GLY C 820 -11.09 7.43 -51.61
CA GLY C 820 -10.16 8.13 -52.51
C GLY C 820 -9.73 9.52 -52.01
N GLU C 821 -10.36 10.01 -50.93
CA GLU C 821 -10.12 11.31 -50.26
C GLU C 821 -8.79 11.39 -49.46
N CYS C 822 -7.70 10.80 -49.97
CA CYS C 822 -6.39 10.74 -49.31
C CYS C 822 -5.81 12.15 -49.00
N LEU C 823 -5.33 12.37 -47.78
CA LEU C 823 -4.76 13.64 -47.32
C LEU C 823 -3.21 13.72 -47.44
N GLY C 824 -2.49 12.59 -47.32
CA GLY C 824 -1.03 12.55 -47.30
C GLY C 824 -0.39 13.16 -46.05
N ASP C 825 0.94 13.26 -46.03
CA ASP C 825 1.70 13.78 -44.88
C ASP C 825 1.58 15.32 -44.72
N ILE C 826 1.76 15.84 -43.50
CA ILE C 826 1.52 17.26 -43.13
C ILE C 826 2.64 17.87 -42.26
N ASN C 827 2.93 17.30 -41.09
CA ASN C 827 3.80 17.91 -40.05
C ASN C 827 5.31 17.55 -40.24
N ALA C 828 6.18 17.91 -39.30
CA ALA C 828 7.62 17.59 -39.31
C ALA C 828 8.17 17.39 -37.88
N ARG C 829 9.27 16.64 -37.72
CA ARG C 829 9.81 16.20 -36.41
C ARG C 829 10.18 17.34 -35.45
N ASP C 830 10.55 18.51 -35.99
CA ASP C 830 10.79 19.75 -35.22
C ASP C 830 9.57 20.69 -35.11
N LEU C 831 8.49 20.47 -35.87
CA LEU C 831 7.24 21.25 -35.79
C LEU C 831 6.26 20.73 -34.72
N ILE C 832 6.24 19.40 -34.51
CA ILE C 832 5.55 18.67 -33.43
C ILE C 832 4.02 18.84 -33.35
N CYS C 833 3.41 18.06 -32.46
CA CYS C 833 2.14 18.35 -31.78
C CYS C 833 2.29 18.36 -30.25
N ALA C 834 2.97 17.37 -29.65
CA ALA C 834 3.21 17.29 -28.20
C ALA C 834 4.61 16.76 -27.79
N GLN C 835 5.49 16.50 -28.75
CA GLN C 835 6.67 15.65 -28.57
C GLN C 835 7.85 16.26 -27.79
N LYS C 836 8.06 17.59 -27.76
CA LYS C 836 9.36 18.17 -27.32
C LYS C 836 9.36 19.13 -26.11
N PHE C 837 8.22 19.62 -25.61
CA PHE C 837 8.20 20.72 -24.61
C PHE C 837 7.30 20.51 -23.37
N ASN C 838 6.83 19.29 -23.13
CA ASN C 838 6.10 18.88 -21.90
C ASN C 838 6.97 18.16 -20.86
N GLY C 839 8.29 18.07 -21.08
CA GLY C 839 9.21 17.12 -20.43
C GLY C 839 9.51 15.88 -21.29
N LEU C 840 8.63 15.59 -22.25
CA LEU C 840 8.81 14.60 -23.31
C LEU C 840 9.80 15.09 -24.36
N THR C 841 10.44 14.16 -25.07
CA THR C 841 11.34 14.41 -26.20
C THR C 841 11.27 13.25 -27.21
N VAL C 842 11.61 13.50 -28.47
CA VAL C 842 11.77 12.44 -29.48
C VAL C 842 13.12 12.60 -30.18
N LEU C 843 13.82 11.50 -30.41
CA LEU C 843 15.23 11.48 -30.85
C LEU C 843 15.35 11.05 -32.31
N PRO C 844 16.39 11.46 -33.05
CA PRO C 844 16.61 11.01 -34.41
C PRO C 844 17.06 9.54 -34.46
N PRO C 845 16.75 8.81 -35.53
CA PRO C 845 17.37 7.51 -35.79
C PRO C 845 18.86 7.68 -36.10
N LEU C 846 19.66 6.62 -35.95
CA LEU C 846 21.08 6.67 -36.33
C LEU C 846 21.25 6.79 -37.84
N LEU C 847 20.51 6.01 -38.63
CA LEU C 847 20.51 6.05 -40.08
C LEU C 847 19.43 7.02 -40.59
N THR C 848 19.80 8.04 -41.36
CA THR C 848 18.82 8.93 -42.00
C THR C 848 18.11 8.23 -43.16
N ASP C 849 16.97 8.75 -43.59
CA ASP C 849 16.24 8.15 -44.73
C ASP C 849 17.04 8.17 -46.03
N ASP C 850 17.97 9.11 -46.19
CA ASP C 850 18.94 9.10 -47.29
C ASP C 850 19.84 7.86 -47.23
N MET C 851 20.33 7.49 -46.05
CA MET C 851 21.13 6.29 -45.87
C MET C 851 20.31 5.01 -46.10
N ILE C 852 19.08 4.93 -45.61
CA ILE C 852 18.21 3.79 -45.89
C ILE C 852 18.00 3.61 -47.39
N ALA C 853 17.68 4.67 -48.11
CA ALA C 853 17.50 4.59 -49.55
C ALA C 853 18.79 4.23 -50.30
N ALA C 854 19.97 4.46 -49.74
CA ALA C 854 21.21 3.93 -50.32
C ALA C 854 21.29 2.41 -50.17
N TYR C 855 20.85 1.84 -49.04
CA TYR C 855 20.82 0.38 -48.90
C TYR C 855 19.81 -0.28 -49.83
N THR C 856 18.58 0.21 -49.97
CA THR C 856 17.64 -0.41 -50.92
C THR C 856 18.13 -0.30 -52.37
N ALA C 857 18.72 0.81 -52.77
CA ALA C 857 19.33 0.93 -54.10
C ALA C 857 20.53 -0.01 -54.30
N ALA C 858 21.32 -0.29 -53.26
CA ALA C 858 22.37 -1.29 -53.32
C ALA C 858 21.80 -2.70 -53.49
N LEU C 859 20.77 -3.07 -52.73
CA LEU C 859 20.15 -4.40 -52.84
C LEU C 859 19.47 -4.61 -54.20
N VAL C 860 18.71 -3.65 -54.69
CA VAL C 860 18.03 -3.78 -55.99
C VAL C 860 19.05 -3.87 -57.12
N SER C 861 20.07 -3.04 -57.16
CA SER C 861 21.07 -3.12 -58.25
C SER C 861 21.99 -4.35 -58.14
N GLY C 862 22.25 -4.87 -56.94
CA GLY C 862 22.86 -6.18 -56.78
C GLY C 862 21.97 -7.28 -57.38
N THR C 863 20.68 -7.27 -57.06
CA THR C 863 19.70 -8.25 -57.56
C THR C 863 19.55 -8.21 -59.07
N ALA C 864 19.62 -7.03 -59.67
CA ALA C 864 19.55 -6.84 -61.11
C ALA C 864 20.78 -7.32 -61.88
N THR C 865 21.94 -7.45 -61.23
CA THR C 865 23.22 -7.71 -61.92
C THR C 865 23.87 -9.03 -61.54
N ALA C 866 23.59 -9.58 -60.35
CA ALA C 866 24.32 -10.72 -59.80
C ALA C 866 23.46 -11.77 -59.08
N GLY C 867 22.14 -11.65 -59.10
CA GLY C 867 21.21 -12.65 -58.57
C GLY C 867 21.42 -13.01 -57.10
N TRP C 868 21.24 -14.28 -56.73
CA TRP C 868 21.47 -14.79 -55.36
C TRP C 868 22.95 -14.75 -54.93
N THR C 869 23.90 -14.62 -55.86
CA THR C 869 25.31 -14.89 -55.58
C THR C 869 25.89 -13.99 -54.49
N PHE C 870 25.47 -12.72 -54.40
CA PHE C 870 26.01 -11.79 -53.42
C PHE C 870 25.58 -12.05 -51.97
N GLY C 871 24.54 -12.89 -51.76
CA GLY C 871 24.20 -13.39 -50.44
C GLY C 871 25.13 -14.50 -49.98
N ALA C 872 25.54 -15.38 -50.90
CA ALA C 872 26.41 -16.51 -50.62
C ALA C 872 27.90 -16.15 -50.57
N GLY C 873 28.43 -15.53 -51.63
CA GLY C 873 29.85 -15.27 -51.83
C GLY C 873 30.12 -13.82 -52.21
N ALA C 874 30.98 -13.57 -53.19
CA ALA C 874 31.05 -12.29 -53.87
C ALA C 874 29.89 -12.17 -54.89
N ALA C 875 29.52 -10.96 -55.30
CA ALA C 875 28.64 -10.77 -56.44
C ALA C 875 29.31 -11.25 -57.75
N LEU C 876 28.62 -12.07 -58.53
CA LEU C 876 29.07 -12.56 -59.84
C LEU C 876 28.15 -12.02 -60.93
N GLN C 877 28.66 -11.31 -61.94
CA GLN C 877 27.78 -10.81 -63.00
C GLN C 877 27.17 -11.96 -63.79
N ILE C 878 25.90 -11.81 -64.18
CA ILE C 878 25.17 -12.72 -65.06
C ILE C 878 24.16 -11.93 -65.91
N PRO C 879 23.95 -12.21 -67.20
CA PRO C 879 22.97 -11.50 -68.00
C PRO C 879 21.56 -11.73 -67.47
N PHE C 880 20.73 -10.71 -67.37
CA PHE C 880 19.48 -10.83 -66.61
C PHE C 880 18.51 -11.86 -67.17
N ALA C 881 18.44 -12.04 -68.49
CA ALA C 881 17.63 -13.10 -69.07
C ALA C 881 18.08 -14.49 -68.60
N MET C 882 19.38 -14.74 -68.42
CA MET C 882 19.85 -16.03 -67.90
C MET C 882 19.51 -16.19 -66.43
N GLN C 883 19.59 -15.13 -65.63
CA GLN C 883 19.14 -15.20 -64.24
C GLN C 883 17.66 -15.56 -64.16
N MET C 884 16.80 -14.97 -64.97
CA MET C 884 15.40 -15.39 -64.99
C MET C 884 15.22 -16.82 -65.49
N ALA C 885 15.96 -17.26 -66.50
CA ALA C 885 15.89 -18.65 -66.93
C ALA C 885 16.20 -19.63 -65.80
N TYR C 886 17.18 -19.35 -64.95
CA TYR C 886 17.49 -20.20 -63.81
C TYR C 886 16.49 -20.07 -62.66
N ARG C 887 15.86 -18.91 -62.46
CA ARG C 887 14.73 -18.80 -61.51
C ARG C 887 13.48 -19.54 -62.00
N PHE C 888 13.22 -19.59 -63.30
CA PHE C 888 12.19 -20.47 -63.88
C PHE C 888 12.54 -21.94 -63.65
N ASN C 889 13.79 -22.33 -63.91
CA ASN C 889 14.22 -23.70 -63.66
C ASN C 889 14.02 -24.11 -62.20
N GLY C 890 14.20 -23.19 -61.25
CA GLY C 890 13.98 -23.42 -59.83
C GLY C 890 12.54 -23.74 -59.43
N ILE C 891 11.54 -23.20 -60.14
CA ILE C 891 10.11 -23.49 -59.90
C ILE C 891 9.61 -24.69 -60.70
N GLY C 892 10.49 -25.45 -61.36
CA GLY C 892 10.10 -26.63 -62.13
C GLY C 892 9.47 -26.33 -63.48
N VAL C 893 9.74 -25.15 -64.07
CA VAL C 893 9.38 -24.84 -65.46
C VAL C 893 10.67 -24.81 -66.29
N THR C 894 10.74 -25.60 -67.35
CA THR C 894 12.00 -25.80 -68.09
C THR C 894 12.45 -24.52 -68.79
N GLN C 895 13.76 -24.22 -68.78
CA GLN C 895 14.32 -22.93 -69.22
C GLN C 895 13.81 -22.45 -70.57
N ASN C 896 13.60 -23.34 -71.52
CA ASN C 896 13.17 -22.99 -72.86
C ASN C 896 11.82 -22.25 -72.86
N VAL C 897 10.95 -22.47 -71.87
CA VAL C 897 9.69 -21.73 -71.71
C VAL C 897 9.93 -20.25 -71.49
N LEU C 898 11.03 -19.85 -70.85
CA LEU C 898 11.39 -18.43 -70.76
C LEU C 898 11.94 -17.92 -72.08
N TYR C 899 12.98 -18.54 -72.64
CA TYR C 899 13.61 -18.02 -73.84
C TYR C 899 12.67 -17.97 -75.04
N GLU C 900 11.72 -18.90 -75.13
CA GLU C 900 10.69 -18.86 -76.16
C GLU C 900 9.62 -17.78 -75.96
N ASN C 901 9.47 -17.21 -74.76
CA ASN C 901 8.37 -16.28 -74.43
C ASN C 901 8.85 -14.95 -73.84
N GLN C 902 10.14 -14.60 -73.96
CA GLN C 902 10.74 -13.47 -73.25
C GLN C 902 10.01 -12.15 -73.46
N LYS C 903 9.45 -11.89 -74.66
CA LYS C 903 8.64 -10.68 -74.91
C LYS C 903 7.37 -10.64 -74.07
N GLN C 904 6.60 -11.72 -74.00
CA GLN C 904 5.41 -11.77 -73.14
C GLN C 904 5.79 -11.51 -71.68
N ILE C 905 6.87 -12.14 -71.21
CA ILE C 905 7.29 -12.07 -69.82
C ILE C 905 7.74 -10.64 -69.47
N ALA C 906 8.58 -10.03 -70.30
CA ALA C 906 9.01 -8.65 -70.10
C ALA C 906 7.82 -7.69 -70.08
N ASN C 907 6.88 -7.84 -71.03
CA ASN C 907 5.68 -7.01 -71.06
C ASN C 907 4.83 -7.16 -69.81
N GLN C 908 4.59 -8.39 -69.33
CA GLN C 908 3.83 -8.61 -68.10
C GLN C 908 4.54 -8.03 -66.89
N PHE C 909 5.86 -8.15 -66.79
CA PHE C 909 6.61 -7.56 -65.69
C PHE C 909 6.49 -6.03 -65.69
N ASN C 910 6.80 -5.38 -66.82
CA ASN C 910 6.73 -3.92 -66.94
C ASN C 910 5.32 -3.40 -66.66
N LYS C 911 4.30 -4.10 -67.14
CA LYS C 911 2.90 -3.74 -66.94
C LYS C 911 2.48 -3.89 -65.47
N ALA C 912 2.86 -4.97 -64.81
CA ALA C 912 2.57 -5.13 -63.38
C ALA C 912 3.27 -4.08 -62.52
N ILE C 913 4.54 -3.75 -62.76
CA ILE C 913 5.23 -2.65 -62.09
C ILE C 913 4.49 -1.32 -62.26
N SER C 914 3.93 -1.05 -63.44
CA SER C 914 3.13 0.15 -63.66
C SER C 914 1.83 0.14 -62.86
N GLN C 915 1.16 -1.00 -62.74
CA GLN C 915 -0.03 -1.12 -61.89
C GLN C 915 0.26 -0.89 -60.40
N ILE C 916 1.46 -1.19 -59.90
CA ILE C 916 1.81 -0.86 -58.52
C ILE C 916 1.84 0.66 -58.31
N GLN C 917 2.35 1.43 -59.27
CA GLN C 917 2.31 2.89 -59.19
C GLN C 917 0.89 3.43 -59.17
N GLU C 918 0.02 2.89 -60.02
CA GLU C 918 -1.39 3.26 -60.04
C GLU C 918 -2.04 3.00 -58.67
N SER C 919 -1.83 1.83 -58.08
CA SER C 919 -2.37 1.49 -56.77
C SER C 919 -1.84 2.43 -55.67
N LEU C 920 -0.53 2.63 -55.61
CA LEU C 920 0.10 3.53 -54.63
C LEU C 920 -0.29 5.00 -54.84
N THR C 921 -0.60 5.43 -56.06
CA THR C 921 -1.13 6.77 -56.32
C THR C 921 -2.57 6.89 -55.81
N THR C 922 -3.37 5.85 -55.99
CA THR C 922 -4.83 5.87 -55.73
C THR C 922 -5.19 5.90 -54.25
N THR C 923 -4.47 5.21 -53.36
CA THR C 923 -4.84 5.16 -51.93
C THR C 923 -3.67 5.00 -50.95
N SER C 924 -3.83 5.57 -49.75
CA SER C 924 -2.98 5.35 -48.57
C SER C 924 -3.42 4.17 -47.70
N THR C 925 -4.61 3.59 -47.89
CA THR C 925 -5.09 2.44 -47.09
C THR C 925 -4.25 1.17 -47.28
N ALA C 926 -3.39 1.12 -48.30
CA ALA C 926 -2.38 0.08 -48.47
C ALA C 926 -1.30 0.09 -47.37
N LEU C 927 -0.96 1.27 -46.82
CA LEU C 927 0.11 1.46 -45.84
C LEU C 927 -0.42 1.54 -44.40
N GLY C 928 -1.60 0.99 -44.14
CA GLY C 928 -2.24 1.03 -42.82
C GLY C 928 -1.37 0.50 -41.70
N LYS C 929 -0.61 -0.58 -41.94
CA LYS C 929 0.32 -1.14 -40.96
C LYS C 929 1.39 -0.17 -40.50
N LEU C 930 1.93 0.69 -41.37
CA LEU C 930 2.91 1.70 -40.98
C LEU C 930 2.24 2.88 -40.28
N GLN C 931 1.11 3.33 -40.81
CA GLN C 931 0.36 4.45 -40.23
C GLN C 931 -0.05 4.15 -38.79
N ASP C 932 -0.41 2.91 -38.48
CA ASP C 932 -0.75 2.51 -37.13
C ASP C 932 0.40 2.63 -36.13
N VAL C 933 1.66 2.42 -36.54
CA VAL C 933 2.83 2.59 -35.65
C VAL C 933 2.94 4.04 -35.19
N VAL C 934 2.61 4.99 -36.07
CA VAL C 934 2.55 6.41 -35.71
C VAL C 934 1.36 6.66 -34.80
N ASN C 935 0.16 6.21 -35.18
CA ASN C 935 -1.05 6.51 -34.41
C ASN C 935 -0.99 5.97 -32.99
N GLN C 936 -0.53 4.74 -32.76
CA GLN C 936 -0.42 4.21 -31.41
C GLN C 936 0.56 5.02 -30.55
N ASN C 937 1.71 5.41 -31.09
CA ASN C 937 2.67 6.22 -30.32
C ASN C 937 2.11 7.62 -30.02
N ALA C 938 1.44 8.27 -30.97
CA ALA C 938 0.84 9.57 -30.71
C ALA C 938 -0.22 9.52 -29.60
N GLN C 939 -1.09 8.51 -29.58
CA GLN C 939 -2.06 8.36 -28.50
C GLN C 939 -1.42 8.08 -27.15
N ALA C 940 -0.29 7.38 -27.09
CA ALA C 940 0.42 7.14 -25.85
C ALA C 940 0.99 8.45 -25.29
N LEU C 941 1.68 9.26 -26.10
CA LEU C 941 2.17 10.57 -25.65
C LEU C 941 1.02 11.49 -25.23
N ASN C 942 -0.05 11.59 -26.03
CA ASN C 942 -1.17 12.46 -25.68
C ASN C 942 -1.87 12.03 -24.40
N THR C 943 -2.00 10.73 -24.15
CA THR C 943 -2.50 10.23 -22.86
C THR C 943 -1.58 10.65 -21.72
N LEU C 944 -0.27 10.43 -21.86
CA LEU C 944 0.68 10.78 -20.82
C LEU C 944 0.67 12.28 -20.52
N VAL C 945 0.46 13.14 -21.52
CA VAL C 945 0.33 14.58 -21.30
C VAL C 945 -0.99 14.95 -20.64
N LYS C 946 -2.13 14.40 -21.07
CA LYS C 946 -3.42 14.67 -20.42
C LYS C 946 -3.41 14.33 -18.94
N GLN C 947 -2.72 13.28 -18.55
CA GLN C 947 -2.59 12.89 -17.15
C GLN C 947 -1.92 13.95 -16.28
N LEU C 948 -1.20 14.93 -16.83
CA LEU C 948 -0.71 16.07 -16.04
C LEU C 948 -1.84 16.97 -15.53
N SER C 949 -2.97 17.01 -16.24
CA SER C 949 -4.16 17.75 -15.82
C SER C 949 -5.03 17.00 -14.81
N SER C 950 -4.86 15.69 -14.67
CA SER C 950 -5.61 14.88 -13.68
C SER C 950 -5.33 15.36 -12.27
N ASN C 951 -6.37 15.33 -11.42
CA ASN C 951 -6.33 15.87 -10.07
C ASN C 951 -5.77 14.89 -9.02
N PHE C 952 -5.96 13.58 -9.20
CA PHE C 952 -5.48 12.52 -8.29
C PHE C 952 -5.89 12.66 -6.80
N GLY C 953 -6.92 13.46 -6.50
CA GLY C 953 -7.38 13.70 -5.12
C GLY C 953 -6.62 14.79 -4.37
N ALA C 954 -5.84 15.64 -5.06
CA ALA C 954 -5.27 16.85 -4.46
C ALA C 954 -6.27 18.03 -4.50
N ILE C 955 -6.03 19.10 -3.74
CA ILE C 955 -6.88 20.31 -3.82
C ILE C 955 -6.83 21.03 -5.17
N SER C 956 -5.76 20.83 -5.96
CA SER C 956 -5.59 21.38 -7.31
C SER C 956 -4.63 20.49 -8.10
N SER C 957 -4.71 20.52 -9.43
CA SER C 957 -3.76 19.86 -10.33
C SER C 957 -2.49 20.69 -10.60
N VAL C 958 -2.37 21.92 -10.06
CA VAL C 958 -1.19 22.79 -10.22
C VAL C 958 -0.45 22.98 -8.91
N LEU C 959 0.86 22.67 -8.88
CA LEU C 959 1.68 22.77 -7.67
C LEU C 959 1.67 24.17 -7.05
N ASN C 960 1.74 25.21 -7.88
CA ASN C 960 1.78 26.60 -7.42
C ASN C 960 0.50 27.02 -6.70
N ASP C 961 -0.66 26.43 -7.00
CA ASP C 961 -1.85 26.63 -6.18
C ASP C 961 -1.63 26.07 -4.77
N ILE C 962 -1.20 24.81 -4.69
CA ILE C 962 -1.00 24.13 -3.40
C ILE C 962 0.01 24.91 -2.56
N LEU C 963 1.16 25.26 -3.15
CA LEU C 963 2.23 25.96 -2.45
C LEU C 963 1.87 27.39 -2.04
N SER C 964 1.03 28.10 -2.80
CA SER C 964 0.62 29.45 -2.42
C SER C 964 -0.50 29.45 -1.39
N ARG C 965 -1.50 28.58 -1.55
CA ARG C 965 -2.71 28.58 -0.71
C ARG C 965 -2.51 27.91 0.65
N LEU C 966 -1.61 26.94 0.76
CA LEU C 966 -1.44 26.12 1.96
C LEU C 966 -0.05 26.24 2.59
N ASP C 967 0.05 25.97 3.88
CA ASP C 967 1.33 25.93 4.60
C ASP C 967 2.06 24.59 4.40
N PRO C 968 3.40 24.53 4.52
CA PRO C 968 4.16 23.35 4.11
C PRO C 968 3.70 22.01 4.69
N PRO C 969 3.31 21.89 5.97
CA PRO C 969 2.81 20.62 6.51
C PRO C 969 1.54 20.11 5.82
N GLU C 970 0.71 21.03 5.29
CA GLU C 970 -0.46 20.71 4.48
C GLU C 970 -0.04 20.42 3.04
N ALA C 971 0.79 21.31 2.47
CA ALA C 971 1.19 21.24 1.07
C ALA C 971 1.99 19.99 0.73
N GLU C 972 2.84 19.47 1.62
CA GLU C 972 3.52 18.21 1.38
C GLU C 972 2.52 17.06 1.21
N VAL C 973 1.56 16.92 2.12
CA VAL C 973 0.53 15.86 2.04
C VAL C 973 -0.30 15.97 0.77
N GLN C 974 -0.56 17.19 0.30
CA GLN C 974 -1.27 17.42 -0.95
C GLN C 974 -0.41 17.14 -2.19
N ILE C 975 0.84 17.59 -2.23
CA ILE C 975 1.75 17.38 -3.36
C ILE C 975 2.11 15.91 -3.51
N ASP C 976 2.25 15.18 -2.42
CA ASP C 976 2.52 13.74 -2.44
C ASP C 976 1.47 12.97 -3.25
N ARG C 977 0.21 13.41 -3.25
CA ARG C 977 -0.84 12.81 -4.09
C ARG C 977 -0.54 13.01 -5.57
N LEU C 978 -0.22 14.23 -5.98
CA LEU C 978 0.15 14.51 -7.37
C LEU C 978 1.42 13.75 -7.78
N ILE C 979 2.45 13.71 -6.94
CA ILE C 979 3.65 12.95 -7.25
C ILE C 979 3.31 11.48 -7.42
N THR C 980 2.56 10.89 -6.50
CA THR C 980 2.19 9.48 -6.58
C THR C 980 1.38 9.17 -7.84
N GLY C 981 0.39 10.00 -8.17
CA GLY C 981 -0.41 9.85 -9.39
C GLY C 981 0.41 10.00 -10.67
N ARG C 982 1.19 11.08 -10.82
CA ARG C 982 2.04 11.31 -11.99
C ARG C 982 3.08 10.21 -12.17
N LEU C 983 3.72 9.77 -11.10
CA LEU C 983 4.73 8.73 -11.15
C LEU C 983 4.14 7.36 -11.53
N GLN C 984 2.96 7.00 -11.02
CA GLN C 984 2.24 5.82 -11.50
C GLN C 984 1.83 5.94 -12.97
N SER C 985 1.52 7.15 -13.44
CA SER C 985 1.19 7.37 -14.84
C SER C 985 2.40 7.14 -15.76
N LEU C 986 3.61 7.52 -15.35
CA LEU C 986 4.84 7.18 -16.08
C LEU C 986 5.10 5.68 -16.08
N GLN C 987 5.05 5.01 -14.93
CA GLN C 987 5.27 3.56 -14.86
C GLN C 987 4.31 2.79 -15.76
N THR C 988 3.09 3.29 -15.91
CA THR C 988 2.11 2.70 -16.84
C THR C 988 2.55 2.90 -18.27
N TYR C 989 2.89 4.12 -18.68
CA TYR C 989 3.37 4.42 -20.03
C TYR C 989 4.58 3.59 -20.44
N VAL C 990 5.60 3.49 -19.60
CA VAL C 990 6.80 2.72 -19.95
C VAL C 990 6.49 1.24 -20.07
N THR C 991 5.57 0.70 -19.28
CA THR C 991 5.10 -0.68 -19.43
C THR C 991 4.40 -0.90 -20.76
N GLN C 992 3.57 0.05 -21.22
CA GLN C 992 2.99 -0.03 -22.56
C GLN C 992 4.07 -0.03 -23.64
N GLN C 993 5.04 0.89 -23.56
CA GLN C 993 6.10 0.97 -24.56
C GLN C 993 6.97 -0.28 -24.60
N LEU C 994 7.30 -0.92 -23.49
CA LEU C 994 8.05 -2.18 -23.50
C LEU C 994 7.31 -3.27 -24.27
N ILE C 995 6.02 -3.43 -24.04
CA ILE C 995 5.23 -4.44 -24.73
C ILE C 995 5.15 -4.12 -26.24
N ARG C 996 4.91 -2.86 -26.59
CA ARG C 996 4.88 -2.42 -27.98
C ARG C 996 6.22 -2.59 -28.68
N ALA C 997 7.34 -2.36 -28.01
CA ALA C 997 8.66 -2.62 -28.58
C ALA C 997 8.87 -4.10 -28.90
N ALA C 998 8.44 -5.03 -28.03
CA ALA C 998 8.57 -6.46 -28.31
C ALA C 998 7.75 -6.89 -29.53
N GLU C 999 6.54 -6.34 -29.69
CA GLU C 999 5.72 -6.55 -30.88
C GLU C 999 6.41 -6.05 -32.16
N ILE C 1000 7.03 -4.87 -32.14
CA ILE C 1000 7.77 -4.36 -33.29
C ILE C 1000 9.05 -5.15 -33.54
N ARG C 1001 9.77 -5.61 -32.52
CA ARG C 1001 10.92 -6.51 -32.68
C ARG C 1001 10.54 -7.78 -33.41
N ALA C 1002 9.42 -8.39 -33.06
CA ALA C 1002 8.95 -9.58 -33.77
C ALA C 1002 8.73 -9.32 -35.26
N SER C 1003 8.20 -8.15 -35.62
CA SER C 1003 8.08 -7.72 -37.00
C SER C 1003 9.42 -7.45 -37.68
N ALA C 1004 10.36 -6.79 -37.00
CA ALA C 1004 11.69 -6.54 -37.58
C ALA C 1004 12.46 -7.84 -37.82
N ASN C 1005 12.40 -8.84 -36.93
CA ASN C 1005 13.04 -10.13 -37.15
C ASN C 1005 12.45 -10.88 -38.35
N LEU C 1006 11.12 -10.89 -38.50
CA LEU C 1006 10.49 -11.46 -39.67
C LEU C 1006 10.87 -10.70 -40.94
N ALA C 1007 10.88 -9.38 -40.94
CA ALA C 1007 11.31 -8.58 -42.08
C ALA C 1007 12.79 -8.84 -42.44
N ALA C 1008 13.67 -8.94 -41.45
CA ALA C 1008 15.07 -9.29 -41.66
C ALA C 1008 15.23 -10.67 -42.30
N THR C 1009 14.35 -11.60 -41.96
CA THR C 1009 14.29 -12.93 -42.57
C THR C 1009 13.77 -12.86 -44.01
N LYS C 1010 12.72 -12.10 -44.29
CA LYS C 1010 12.25 -11.92 -45.67
C LYS C 1010 13.30 -11.27 -46.55
N MET C 1011 14.10 -10.35 -46.02
CA MET C 1011 15.23 -9.79 -46.75
C MET C 1011 16.18 -10.90 -47.20
N SER C 1012 16.66 -11.73 -46.27
CA SER C 1012 17.65 -12.75 -46.61
C SER C 1012 17.09 -13.89 -47.46
N GLU C 1013 15.81 -14.24 -47.31
CA GLU C 1013 15.22 -15.36 -48.04
C GLU C 1013 14.59 -14.97 -49.37
N CYS C 1014 13.83 -13.88 -49.45
CA CYS C 1014 13.13 -13.48 -50.66
C CYS C 1014 13.99 -12.64 -51.60
N VAL C 1015 14.86 -11.77 -51.10
CA VAL C 1015 15.67 -10.87 -51.95
C VAL C 1015 16.98 -11.53 -52.34
N LEU C 1016 17.75 -12.02 -51.37
CA LEU C 1016 19.07 -12.63 -51.57
C LEU C 1016 19.00 -14.07 -52.10
N GLY C 1017 17.83 -14.59 -52.46
CA GLY C 1017 17.64 -16.00 -52.84
C GLY C 1017 16.33 -16.25 -53.58
N GLN C 1018 15.81 -17.47 -53.49
CA GLN C 1018 14.52 -17.87 -54.06
C GLN C 1018 13.85 -18.89 -53.14
N SER C 1019 13.36 -18.46 -51.99
CA SER C 1019 12.84 -19.40 -50.99
C SER C 1019 11.62 -20.16 -51.52
N LYS C 1020 11.65 -21.49 -51.40
CA LYS C 1020 10.59 -22.40 -51.87
C LYS C 1020 9.44 -22.60 -50.86
N ARG C 1021 9.46 -21.89 -49.74
CA ARG C 1021 8.43 -21.93 -48.71
C ARG C 1021 7.14 -21.33 -49.24
N VAL C 1022 6.04 -22.07 -49.22
CA VAL C 1022 4.76 -21.62 -49.81
C VAL C 1022 4.21 -20.38 -49.11
N ASP C 1023 3.74 -19.41 -49.89
CA ASP C 1023 3.16 -18.14 -49.44
C ASP C 1023 4.05 -17.32 -48.49
N PHE C 1024 5.34 -17.62 -48.37
CA PHE C 1024 6.26 -16.79 -47.61
C PHE C 1024 6.62 -15.51 -48.36
N CYS C 1025 7.14 -15.62 -49.59
CA CYS C 1025 7.38 -14.50 -50.47
C CYS C 1025 6.23 -14.40 -51.48
N GLY C 1026 5.39 -13.37 -51.38
CA GLY C 1026 4.21 -13.20 -52.24
C GLY C 1026 3.24 -14.38 -52.19
N LYS C 1027 2.49 -14.59 -53.27
CA LYS C 1027 1.62 -15.75 -53.51
C LYS C 1027 1.78 -16.26 -54.93
N GLY C 1028 1.64 -17.55 -55.16
CA GLY C 1028 2.10 -18.21 -56.39
C GLY C 1028 3.53 -18.75 -56.23
N TYR C 1029 4.11 -19.28 -57.30
CA TYR C 1029 5.48 -19.77 -57.28
C TYR C 1029 6.44 -18.59 -57.28
N HIS C 1030 7.40 -18.54 -56.35
CA HIS C 1030 8.23 -17.36 -56.15
C HIS C 1030 9.37 -17.28 -57.15
N LEU C 1031 9.57 -16.11 -57.78
CA LEU C 1031 10.70 -15.87 -58.67
C LEU C 1031 11.79 -15.03 -58.01
N MET C 1032 11.51 -13.80 -57.59
CA MET C 1032 12.45 -12.90 -56.90
C MET C 1032 11.70 -11.79 -56.18
N SER C 1033 12.35 -11.02 -55.33
CA SER C 1033 11.67 -9.91 -54.64
C SER C 1033 12.56 -8.68 -54.54
N PHE C 1034 11.99 -7.48 -54.66
CA PHE C 1034 12.71 -6.22 -54.53
C PHE C 1034 12.28 -5.47 -53.28
N PRO C 1035 13.16 -5.06 -52.38
CA PRO C 1035 12.80 -4.23 -51.26
C PRO C 1035 12.76 -2.77 -51.68
N GLN C 1036 11.84 -1.99 -51.13
CA GLN C 1036 11.76 -0.55 -51.26
C GLN C 1036 11.53 0.05 -49.87
N ALA C 1037 12.18 1.17 -49.55
CA ALA C 1037 12.11 1.77 -48.24
C ALA C 1037 10.77 2.48 -48.00
N ALA C 1038 10.38 2.63 -46.74
CA ALA C 1038 9.22 3.42 -46.32
C ALA C 1038 9.48 3.95 -44.91
N PRO C 1039 8.81 5.02 -44.46
CA PRO C 1039 9.04 5.57 -43.13
C PRO C 1039 8.65 4.55 -42.06
N HIS C 1040 9.51 4.34 -41.06
CA HIS C 1040 9.35 3.32 -40.01
C HIS C 1040 9.26 1.86 -40.49
N GLY C 1041 9.55 1.53 -41.76
CA GLY C 1041 9.30 0.18 -42.25
C GLY C 1041 9.97 -0.17 -43.58
N VAL C 1042 9.59 -1.32 -44.14
CA VAL C 1042 10.06 -1.82 -45.43
C VAL C 1042 8.89 -2.35 -46.22
N VAL C 1043 8.97 -2.26 -47.55
CA VAL C 1043 7.94 -2.76 -48.46
C VAL C 1043 8.60 -3.69 -49.45
N PHE C 1044 8.06 -4.90 -49.62
CA PHE C 1044 8.57 -5.85 -50.58
C PHE C 1044 7.69 -5.89 -51.81
N LEU C 1045 8.29 -5.91 -52.99
CA LEU C 1045 7.61 -6.16 -54.25
C LEU C 1045 7.92 -7.59 -54.69
N HIS C 1046 7.18 -8.57 -54.20
CA HIS C 1046 7.44 -9.97 -54.54
C HIS C 1046 6.99 -10.28 -55.96
N VAL C 1047 7.86 -10.84 -56.79
CA VAL C 1047 7.57 -11.25 -58.17
C VAL C 1047 7.27 -12.74 -58.17
N THR C 1048 6.12 -13.14 -58.70
CA THR C 1048 5.70 -14.54 -58.66
C THR C 1048 5.09 -14.99 -59.97
N TYR C 1049 5.18 -16.27 -60.26
CA TYR C 1049 4.57 -16.93 -61.40
C TYR C 1049 3.23 -17.50 -60.93
N VAL C 1050 2.15 -17.24 -61.66
CA VAL C 1050 0.81 -17.73 -61.35
C VAL C 1050 0.27 -18.46 -62.58
N PRO C 1051 0.10 -19.78 -62.57
CA PRO C 1051 -0.37 -20.52 -63.74
C PRO C 1051 -1.86 -20.30 -64.01
N SER C 1052 -2.30 -20.45 -65.25
CA SER C 1052 -3.67 -20.17 -65.68
C SER C 1052 -4.06 -20.90 -66.97
N GLN C 1053 -5.33 -20.81 -67.36
CA GLN C 1053 -5.88 -21.38 -68.59
C GLN C 1053 -5.61 -22.89 -68.70
N GLU C 1054 -6.06 -23.66 -67.72
CA GLU C 1054 -5.85 -25.11 -67.72
C GLU C 1054 -6.67 -25.87 -68.77
N ARG C 1055 -6.03 -26.82 -69.45
CA ARG C 1055 -6.71 -27.89 -70.18
C ARG C 1055 -7.06 -29.01 -69.22
N ASN C 1056 -7.87 -29.96 -69.68
CA ASN C 1056 -8.54 -30.96 -68.87
C ASN C 1056 -8.40 -32.35 -69.52
N PHE C 1057 -7.33 -33.09 -69.18
CA PHE C 1057 -6.86 -34.28 -69.92
C PHE C 1057 -7.13 -35.60 -69.21
N THR C 1058 -7.23 -36.68 -69.98
CA THR C 1058 -7.10 -38.05 -69.46
C THR C 1058 -5.65 -38.38 -69.14
N THR C 1059 -5.40 -39.16 -68.08
CA THR C 1059 -4.07 -39.59 -67.65
C THR C 1059 -4.04 -41.04 -67.17
N ALA C 1060 -2.86 -41.62 -67.07
CA ALA C 1060 -2.60 -42.96 -66.53
C ALA C 1060 -1.30 -42.92 -65.72
N PRO C 1061 -1.18 -43.69 -64.62
CA PRO C 1061 -0.05 -43.53 -63.70
C PRO C 1061 1.28 -44.07 -64.27
N ALA C 1062 1.21 -45.03 -65.18
CA ALA C 1062 2.34 -45.66 -65.85
C ALA C 1062 1.88 -46.17 -67.22
N ILE C 1063 2.79 -46.55 -68.12
CA ILE C 1063 2.40 -47.30 -69.33
C ILE C 1063 3.13 -48.63 -69.43
N CYS C 1064 2.41 -49.65 -69.83
CA CYS C 1064 2.94 -50.98 -70.09
C CYS C 1064 3.25 -51.10 -71.58
N HIS C 1065 4.53 -51.06 -71.93
CA HIS C 1065 5.00 -51.50 -73.23
C HIS C 1065 5.37 -52.98 -73.15
N GLU C 1066 6.50 -53.43 -73.71
CA GLU C 1066 6.86 -54.85 -73.82
C GLU C 1066 7.01 -55.57 -72.46
N GLY C 1067 5.91 -56.07 -71.90
CA GLY C 1067 5.88 -56.82 -70.64
C GLY C 1067 6.20 -56.03 -69.37
N LYS C 1068 6.71 -54.79 -69.49
CA LYS C 1068 7.27 -54.02 -68.38
C LYS C 1068 6.69 -52.60 -68.29
N ALA C 1069 6.59 -52.08 -67.08
CA ALA C 1069 5.99 -50.79 -66.81
C ALA C 1069 7.03 -49.68 -66.91
N TYR C 1070 6.76 -48.67 -67.72
CA TYR C 1070 7.54 -47.46 -67.83
C TYR C 1070 6.83 -46.33 -67.11
N PHE C 1071 7.57 -45.56 -66.32
CA PHE C 1071 7.08 -44.45 -65.52
C PHE C 1071 7.74 -43.15 -66.00
N PRO C 1072 7.08 -41.98 -65.94
CA PRO C 1072 7.69 -40.75 -66.38
C PRO C 1072 8.81 -40.35 -65.42
N ARG C 1073 9.98 -39.90 -65.92
CA ARG C 1073 11.07 -39.45 -65.03
C ARG C 1073 10.64 -38.25 -64.19
N GLU C 1074 10.07 -37.26 -64.86
CA GLU C 1074 9.48 -36.07 -64.27
C GLU C 1074 8.36 -35.55 -65.18
N GLY C 1075 7.35 -34.90 -64.63
CA GLY C 1075 6.10 -34.67 -65.36
C GLY C 1075 5.20 -35.90 -65.40
N VAL C 1076 4.19 -35.87 -66.26
CA VAL C 1076 2.98 -36.72 -66.19
C VAL C 1076 2.62 -37.26 -67.57
N PHE C 1077 2.09 -38.48 -67.68
CA PHE C 1077 1.51 -38.98 -68.94
C PHE C 1077 0.13 -38.38 -69.18
N VAL C 1078 -0.14 -37.87 -70.37
CA VAL C 1078 -1.44 -37.32 -70.75
C VAL C 1078 -1.85 -37.81 -72.12
N PHE C 1079 -3.16 -37.95 -72.32
CA PHE C 1079 -3.71 -38.35 -73.60
C PHE C 1079 -4.35 -37.15 -74.27
N ASN C 1080 -3.91 -36.85 -75.49
CA ASN C 1080 -4.20 -35.61 -76.23
C ASN C 1080 -5.53 -35.69 -77.00
N GLY C 1081 -6.43 -36.60 -76.66
CA GLY C 1081 -7.56 -36.99 -77.53
C GLY C 1081 -7.18 -37.88 -78.72
N THR C 1082 -5.88 -37.96 -79.06
CA THR C 1082 -5.34 -38.73 -80.19
C THR C 1082 -4.23 -39.70 -79.79
N SER C 1083 -3.28 -39.24 -78.97
CA SER C 1083 -2.03 -39.93 -78.64
C SER C 1083 -1.58 -39.65 -77.23
N TRP C 1084 -0.82 -40.55 -76.63
CA TRP C 1084 -0.18 -40.33 -75.34
C TRP C 1084 1.10 -39.51 -75.48
N PHE C 1085 1.32 -38.59 -74.55
CA PHE C 1085 2.52 -37.78 -74.43
C PHE C 1085 2.94 -37.64 -72.97
N ILE C 1086 4.14 -37.13 -72.75
CA ILE C 1086 4.62 -36.73 -71.42
C ILE C 1086 4.77 -35.21 -71.37
N THR C 1087 4.45 -34.58 -70.24
CA THR C 1087 4.57 -33.11 -70.06
C THR C 1087 4.95 -32.75 -68.63
N GLN C 1088 5.73 -31.69 -68.43
CA GLN C 1088 5.87 -31.04 -67.12
C GLN C 1088 4.49 -30.55 -66.66
N ARG C 1089 4.20 -30.55 -65.35
CA ARG C 1089 2.83 -30.32 -64.86
C ARG C 1089 2.46 -28.87 -64.55
N ASN C 1090 3.42 -27.93 -64.59
CA ASN C 1090 3.17 -26.50 -64.37
C ASN C 1090 3.05 -25.65 -65.64
N PHE C 1091 3.30 -26.23 -66.81
CA PHE C 1091 3.09 -25.58 -68.10
C PHE C 1091 3.02 -26.64 -69.19
N PHE C 1092 1.87 -26.80 -69.84
CA PHE C 1092 1.66 -27.82 -70.85
C PHE C 1092 2.67 -27.74 -72.00
N SER C 1093 3.39 -28.81 -72.26
CA SER C 1093 4.32 -28.93 -73.39
C SER C 1093 4.52 -30.40 -73.71
N PRO C 1094 3.68 -30.99 -74.56
CA PRO C 1094 3.68 -32.43 -74.81
C PRO C 1094 4.92 -32.82 -75.59
N GLN C 1095 5.58 -33.89 -75.15
CA GLN C 1095 6.75 -34.45 -75.82
C GLN C 1095 6.60 -35.97 -75.94
N ILE C 1096 7.37 -36.55 -76.86
CA ILE C 1096 7.23 -37.96 -77.22
C ILE C 1096 7.69 -38.85 -76.08
N ILE C 1097 7.00 -39.98 -75.87
CA ILE C 1097 7.33 -40.92 -74.81
C ILE C 1097 8.49 -41.79 -75.29
N THR C 1098 9.62 -41.76 -74.60
CA THR C 1098 10.86 -42.41 -75.04
C THR C 1098 11.51 -43.23 -73.92
N THR C 1099 12.46 -44.07 -74.31
CA THR C 1099 13.40 -44.72 -73.40
C THR C 1099 14.21 -43.76 -72.52
N ASP C 1100 14.21 -42.46 -72.81
CA ASP C 1100 15.15 -41.50 -72.20
C ASP C 1100 14.46 -40.60 -71.18
N ASN C 1101 13.22 -40.17 -71.44
CA ASN C 1101 12.39 -39.42 -70.49
C ASN C 1101 11.48 -40.33 -69.62
N THR C 1102 11.56 -41.64 -69.76
CA THR C 1102 10.86 -42.60 -68.89
C THR C 1102 11.81 -43.66 -68.36
N PHE C 1103 11.52 -44.21 -67.18
CA PHE C 1103 12.34 -45.25 -66.55
C PHE C 1103 11.51 -46.51 -66.28
N VAL C 1104 12.15 -47.67 -66.33
CA VAL C 1104 11.49 -48.97 -66.17
C VAL C 1104 11.41 -49.40 -64.71
N SER C 1105 10.35 -50.09 -64.32
CA SER C 1105 10.35 -50.95 -63.13
C SER C 1105 9.43 -52.15 -63.31
N GLY C 1106 9.78 -53.28 -62.69
CA GLY C 1106 8.91 -54.43 -62.54
C GLY C 1106 8.35 -54.98 -63.86
N ASN C 1107 7.08 -55.36 -63.83
CA ASN C 1107 6.33 -55.96 -64.93
C ASN C 1107 4.92 -55.36 -65.04
N CYS C 1108 4.25 -55.63 -66.14
CA CYS C 1108 2.97 -55.02 -66.53
C CYS C 1108 1.81 -55.26 -65.53
N ASP C 1109 1.91 -56.23 -64.60
CA ASP C 1109 0.77 -56.68 -63.80
C ASP C 1109 0.42 -55.81 -62.58
N VAL C 1110 1.40 -55.20 -61.92
CA VAL C 1110 1.21 -54.74 -60.52
C VAL C 1110 0.40 -53.44 -60.42
N VAL C 1111 0.71 -52.44 -61.25
CA VAL C 1111 0.17 -51.08 -61.13
C VAL C 1111 -1.33 -51.05 -61.40
N ILE C 1112 -2.11 -50.41 -60.52
CA ILE C 1112 -3.56 -50.26 -60.68
C ILE C 1112 -3.86 -49.20 -61.75
N GLY C 1113 -4.62 -49.54 -62.78
CA GLY C 1113 -5.05 -48.59 -63.80
C GLY C 1113 -3.94 -48.18 -64.80
N ILE C 1114 -2.88 -48.96 -64.92
CA ILE C 1114 -1.91 -48.87 -66.03
C ILE C 1114 -2.60 -49.01 -67.38
N ILE C 1115 -2.03 -48.40 -68.43
CA ILE C 1115 -2.53 -48.49 -69.81
C ILE C 1115 -1.44 -49.03 -70.72
N ASN C 1116 -1.85 -49.62 -71.84
CA ASN C 1116 -0.97 -50.38 -72.71
C ASN C 1116 -0.76 -49.64 -74.04
N ASN C 1117 0.50 -49.30 -74.33
CA ASN C 1117 0.88 -48.41 -75.42
C ASN C 1117 2.38 -48.59 -75.80
N THR C 1118 2.84 -47.96 -76.87
CA THR C 1118 4.23 -47.99 -77.36
C THR C 1118 5.13 -47.01 -76.60
N VAL C 1119 6.37 -47.40 -76.29
CA VAL C 1119 7.46 -46.45 -75.96
C VAL C 1119 8.44 -46.37 -77.13
N TYR C 1120 8.75 -45.17 -77.58
CA TYR C 1120 9.70 -44.98 -78.68
C TYR C 1120 11.14 -45.25 -78.26
N ASP C 1121 11.88 -46.01 -79.07
CA ASP C 1121 13.32 -46.18 -78.96
C ASP C 1121 14.05 -45.32 -80.01
N PRO C 1122 14.90 -44.36 -79.62
CA PRO C 1122 15.68 -43.57 -80.55
C PRO C 1122 16.81 -44.34 -81.25
N LEU C 1123 17.29 -45.43 -80.66
CA LEU C 1123 18.51 -46.10 -81.11
C LEU C 1123 18.29 -46.91 -82.38
N GLN C 1124 17.28 -47.77 -82.43
CA GLN C 1124 17.16 -48.71 -83.56
C GLN C 1124 16.98 -48.05 -84.94
N PRO C 1125 16.26 -46.91 -85.10
CA PRO C 1125 16.24 -46.17 -86.36
C PRO C 1125 17.63 -45.72 -86.85
N GLU C 1126 18.61 -45.56 -85.96
CA GLU C 1126 20.00 -45.28 -86.33
C GLU C 1126 20.75 -46.57 -86.67
N LEU C 1127 20.57 -47.63 -85.90
CA LEU C 1127 21.16 -48.94 -86.19
C LEU C 1127 20.61 -49.58 -87.48
N ASP C 1128 19.45 -49.11 -87.96
CA ASP C 1128 18.88 -49.42 -89.29
C ASP C 1128 19.63 -48.78 -90.47
N SER C 1129 20.69 -47.98 -90.24
CA SER C 1129 21.56 -47.42 -91.30
C SER C 1129 22.41 -48.50 -92.00
N GLN D 1 -8.21 -2.55 55.68
CA GLN D 1 -7.01 -2.10 54.96
C GLN D 1 -5.92 -3.17 54.96
N VAL D 2 -5.09 -3.27 56.00
CA VAL D 2 -4.12 -4.36 56.15
C VAL D 2 -4.76 -5.69 56.56
N GLN D 3 -4.01 -6.79 56.47
CA GLN D 3 -4.34 -8.09 57.06
C GLN D 3 -4.20 -8.08 58.60
N LEU D 4 -4.90 -7.17 59.27
CA LEU D 4 -4.59 -6.69 60.62
C LEU D 4 -4.73 -7.75 61.71
N VAL D 5 -3.66 -7.95 62.48
CA VAL D 5 -3.64 -8.74 63.71
C VAL D 5 -2.55 -8.25 64.66
N GLN D 6 -2.74 -8.45 65.96
CA GLN D 6 -1.78 -8.10 67.00
C GLN D 6 -1.82 -9.09 68.16
N SER D 7 -0.66 -9.32 68.77
CA SER D 7 -0.45 -10.28 69.85
C SER D 7 0.86 -10.02 70.60
N GLY D 8 1.29 -10.96 71.43
CA GLY D 8 2.58 -10.91 72.12
C GLY D 8 2.58 -10.05 73.38
N ALA D 9 1.48 -10.05 74.14
CA ALA D 9 1.41 -9.42 75.46
C ALA D 9 2.45 -9.99 76.41
N GLU D 10 3.29 -9.13 77.00
CA GLU D 10 4.38 -9.54 77.89
C GLU D 10 4.70 -8.47 78.94
N VAL D 11 5.25 -8.91 80.08
CA VAL D 11 5.83 -8.03 81.09
C VAL D 11 7.25 -7.60 80.69
N LYS D 12 7.50 -6.29 80.62
CA LYS D 12 8.82 -5.72 80.30
C LYS D 12 9.58 -5.38 81.59
N LYS D 13 10.65 -6.11 81.90
CA LYS D 13 11.42 -5.93 83.14
C LYS D 13 12.22 -4.63 83.13
N PRO D 14 12.35 -3.91 84.27
CA PRO D 14 13.04 -2.63 84.35
C PRO D 14 14.45 -2.63 83.75
N GLY D 15 14.64 -1.91 82.65
CA GLY D 15 15.90 -1.77 81.91
C GLY D 15 16.18 -2.85 80.84
N ALA D 16 15.39 -3.92 80.77
CA ALA D 16 15.59 -5.04 79.84
C ALA D 16 15.05 -4.78 78.41
N SER D 17 15.11 -5.78 77.55
CA SER D 17 14.52 -5.76 76.21
C SER D 17 12.98 -5.95 76.22
N VAL D 18 12.31 -5.51 75.15
CA VAL D 18 10.86 -5.66 74.96
C VAL D 18 10.51 -6.21 73.56
N GLN D 19 9.47 -7.05 73.47
CA GLN D 19 9.07 -7.74 72.24
C GLN D 19 7.55 -7.88 72.06
N VAL D 20 7.11 -8.09 70.81
CA VAL D 20 5.71 -8.11 70.38
C VAL D 20 5.55 -8.74 68.99
N SER D 21 4.32 -9.04 68.56
CA SER D 21 4.03 -9.61 67.23
C SER D 21 2.74 -9.06 66.60
N CYS D 22 2.73 -8.94 65.27
CA CYS D 22 1.65 -8.36 64.47
C CYS D 22 1.56 -9.01 63.07
N GLN D 23 0.45 -8.78 62.38
CA GLN D 23 0.27 -9.05 60.94
C GLN D 23 -0.35 -7.85 60.20
N ALA D 24 0.06 -7.62 58.94
CA ALA D 24 -0.32 -6.46 58.14
C ALA D 24 -0.26 -6.72 56.62
N SER D 25 -0.77 -5.79 55.80
CA SER D 25 -0.76 -5.87 54.33
C SER D 25 -1.02 -4.52 53.64
N ALA D 26 -0.73 -4.44 52.34
CA ALA D 26 -1.11 -3.35 51.44
C ALA D 26 -0.75 -1.93 51.95
N ASN D 27 -1.57 -0.93 51.65
CA ASN D 27 -1.28 0.50 51.87
C ASN D 27 -0.92 0.83 53.32
N THR D 28 -1.55 0.17 54.29
CA THR D 28 -1.44 0.43 55.73
C THR D 28 -0.05 0.19 56.35
N PHE D 29 0.89 -0.41 55.61
CA PHE D 29 2.28 -0.64 56.03
C PHE D 29 3.32 -0.32 54.94
N THR D 30 2.93 0.43 53.91
CA THR D 30 3.72 0.60 52.68
C THR D 30 3.50 1.93 51.94
N ASN D 31 2.26 2.39 51.81
CA ASN D 31 1.95 3.73 51.31
C ASN D 31 1.89 4.73 52.47
N HIS D 32 0.94 4.50 53.39
CA HIS D 32 0.90 5.12 54.71
C HIS D 32 1.81 4.37 55.70
N TYR D 33 2.50 5.09 56.59
CA TYR D 33 3.32 4.48 57.63
C TYR D 33 2.46 3.92 58.76
N ILE D 34 2.65 2.65 59.10
CA ILE D 34 2.02 2.04 60.26
C ILE D 34 2.49 2.69 61.56
N HIS D 35 1.68 2.63 62.62
CA HIS D 35 2.05 3.15 63.93
C HIS D 35 2.42 2.03 64.90
N TRP D 36 3.56 2.16 65.59
CA TRP D 36 3.85 1.31 66.74
C TRP D 36 2.94 1.69 67.90
N VAL D 37 2.21 0.73 68.48
CA VAL D 37 1.36 1.00 69.63
C VAL D 37 2.21 1.38 70.84
N ARG D 38 2.12 2.64 71.28
CA ARG D 38 3.07 3.28 72.19
C ARG D 38 2.36 4.10 73.29
N GLN D 39 1.28 3.54 73.85
CA GLN D 39 0.63 4.00 75.07
C GLN D 39 0.06 2.80 75.84
N ALA D 40 -0.11 2.93 77.16
CA ALA D 40 -0.52 1.83 78.02
C ALA D 40 -1.93 1.29 77.65
N PRO D 41 -2.18 -0.03 77.80
CA PRO D 41 -3.47 -0.65 77.49
C PRO D 41 -4.63 -0.23 78.40
N GLY D 42 -4.40 0.62 79.42
CA GLY D 42 -5.44 1.39 80.11
C GLY D 42 -6.05 2.54 79.27
N GLN D 43 -5.54 2.74 78.06
CA GLN D 43 -5.94 3.72 77.06
C GLN D 43 -5.76 3.15 75.64
N GLY D 44 -6.08 3.94 74.60
CA GLY D 44 -5.68 3.66 73.21
C GLY D 44 -4.15 3.71 73.04
N LEU D 45 -3.61 2.81 72.23
CA LEU D 45 -2.16 2.67 72.03
C LEU D 45 -1.58 3.75 71.09
N GLU D 46 -1.38 4.97 71.61
CA GLU D 46 -0.96 6.14 70.83
C GLU D 46 0.31 5.94 69.99
N TRP D 47 0.34 6.51 68.78
CA TRP D 47 1.41 6.31 67.79
C TRP D 47 2.68 7.12 68.06
N MET D 48 3.30 6.96 69.24
CA MET D 48 4.55 7.64 69.59
C MET D 48 5.76 7.12 68.78
N GLY D 49 5.66 5.90 68.24
CA GLY D 49 6.53 5.36 67.20
C GLY D 49 5.79 5.18 65.87
N ILE D 50 6.49 5.43 64.75
CA ILE D 50 5.98 5.41 63.37
C ILE D 50 6.93 4.57 62.52
N ILE D 51 6.39 3.66 61.69
CA ILE D 51 7.18 2.61 61.02
C ILE D 51 6.64 2.27 59.63
N TYR D 52 7.52 1.78 58.75
CA TYR D 52 7.16 1.16 57.47
C TYR D 52 7.70 -0.28 57.44
N PRO D 53 6.89 -1.30 57.77
CA PRO D 53 7.34 -2.70 57.78
C PRO D 53 7.85 -3.20 56.43
N THR D 54 7.35 -2.66 55.32
CA THR D 54 7.78 -2.96 53.95
C THR D 54 9.04 -2.19 53.50
N GLY D 55 9.78 -1.55 54.40
CA GLY D 55 10.99 -0.78 54.05
C GLY D 55 12.00 -0.49 55.17
N GLY D 56 11.62 -0.61 56.44
CA GLY D 56 12.50 -0.34 57.59
C GLY D 56 12.68 1.15 57.92
N ASN D 57 12.00 2.04 57.21
CA ASN D 57 11.94 3.47 57.50
C ASN D 57 11.11 3.71 58.78
N THR D 58 11.60 4.52 59.72
CA THR D 58 10.92 4.74 61.03
C THR D 58 11.17 6.14 61.61
N ILE D 59 10.25 6.63 62.47
CA ILE D 59 10.32 7.90 63.21
C ILE D 59 9.75 7.67 64.62
N TYR D 60 10.28 8.32 65.67
CA TYR D 60 9.81 8.12 67.05
C TYR D 60 9.99 9.35 67.94
N ALA D 61 9.18 9.46 68.99
CA ALA D 61 9.53 10.21 70.21
C ALA D 61 10.68 9.51 70.95
N GLN D 62 11.57 10.24 71.63
CA GLN D 62 12.89 9.70 72.04
C GLN D 62 12.88 8.69 73.19
N GLY D 63 11.80 8.58 73.97
CA GLY D 63 11.59 7.40 74.82
C GLY D 63 11.28 6.16 73.99
N PHE D 64 10.29 6.27 73.09
CA PHE D 64 9.79 5.18 72.24
C PHE D 64 10.78 4.73 71.16
N GLN D 65 11.71 5.61 70.76
CA GLN D 65 12.88 5.31 69.92
C GLN D 65 13.69 4.09 70.43
N GLY D 66 13.66 3.83 71.74
CA GLY D 66 14.19 2.61 72.36
C GLY D 66 13.11 1.70 72.96
N ARG D 67 12.25 2.23 73.83
CA ARG D 67 11.29 1.44 74.62
C ARG D 67 10.21 0.70 73.81
N VAL D 68 9.91 1.17 72.59
CA VAL D 68 9.06 0.49 71.59
C VAL D 68 9.75 0.57 70.22
N THR D 69 11.05 0.26 70.18
CA THR D 69 11.76 0.04 68.92
C THR D 69 11.19 -1.20 68.20
N MET D 70 11.07 -1.15 66.87
CA MET D 70 10.38 -2.16 66.06
C MET D 70 11.25 -2.67 64.90
N THR D 71 10.97 -3.89 64.42
CA THR D 71 11.61 -4.49 63.25
C THR D 71 10.58 -5.16 62.33
N ARG D 72 10.91 -5.32 61.04
CA ARG D 72 10.06 -6.01 60.08
C ARG D 72 10.04 -7.52 60.30
N ASP D 73 8.94 -8.05 60.86
CA ASP D 73 8.63 -9.48 60.89
C ASP D 73 8.05 -9.89 59.54
N THR D 74 8.94 -10.11 58.55
CA THR D 74 8.60 -10.23 57.14
C THR D 74 7.58 -11.34 56.81
N SER D 75 7.56 -12.43 57.59
CA SER D 75 6.59 -13.51 57.44
C SER D 75 5.13 -13.11 57.73
N LEU D 76 4.89 -12.03 58.48
CA LEU D 76 3.58 -11.44 58.74
C LEU D 76 3.32 -10.14 57.96
N ASN D 77 4.26 -9.71 57.10
CA ASN D 77 4.31 -8.40 56.44
C ASN D 77 4.22 -7.19 57.39
N THR D 78 4.58 -7.39 58.67
CA THR D 78 4.21 -6.51 59.78
C THR D 78 5.31 -6.40 60.85
N ILE D 79 5.14 -5.46 61.77
CA ILE D 79 6.11 -5.22 62.84
C ILE D 79 6.18 -6.34 63.87
N TYR D 80 7.38 -6.60 64.36
CA TYR D 80 7.64 -7.29 65.63
C TYR D 80 8.52 -6.40 66.49
N LEU D 81 8.24 -6.33 67.80
CA LEU D 81 9.00 -5.45 68.69
C LEU D 81 10.42 -5.97 68.96
N GLU D 82 11.36 -5.04 69.10
CA GLU D 82 12.77 -5.26 69.39
C GLU D 82 13.33 -4.10 70.22
N LEU D 83 12.61 -3.75 71.28
CA LEU D 83 12.84 -2.59 72.13
C LEU D 83 13.86 -2.83 73.25
N SER D 84 14.27 -1.76 73.92
CA SER D 84 15.22 -1.77 75.03
C SER D 84 14.97 -0.66 76.05
N SER D 85 15.56 -0.78 77.25
CA SER D 85 15.26 0.08 78.41
C SER D 85 13.79 -0.02 78.85
N LEU D 86 13.29 -1.25 78.99
CA LEU D 86 11.89 -1.54 79.34
C LEU D 86 11.43 -0.89 80.66
N ARG D 87 10.18 -0.41 80.67
CA ARG D 87 9.56 0.37 81.75
C ARG D 87 8.06 0.60 81.47
N SER D 88 7.43 1.58 82.11
CA SER D 88 6.03 1.95 81.86
C SER D 88 5.73 2.35 80.40
N GLU D 89 6.70 2.91 79.67
CA GLU D 89 6.60 3.19 78.23
C GLU D 89 6.60 1.91 77.37
N ASP D 90 7.48 0.96 77.67
CA ASP D 90 7.52 -0.37 77.05
C ASP D 90 6.30 -1.24 77.40
N THR D 91 5.63 -0.95 78.51
CA THR D 91 4.33 -1.49 78.90
C THR D 91 3.14 -1.04 78.01
N ALA D 92 3.41 -0.40 76.87
CA ALA D 92 2.41 -0.06 75.88
C ALA D 92 1.67 -1.29 75.30
N VAL D 93 0.44 -1.11 74.83
CA VAL D 93 -0.37 -2.19 74.26
C VAL D 93 0.33 -2.89 73.08
N TYR D 94 0.29 -4.22 73.04
CA TYR D 94 0.97 -5.03 72.01
C TYR D 94 0.22 -4.99 70.67
N TYR D 95 0.49 -3.95 69.87
CA TYR D 95 -0.27 -3.63 68.67
C TYR D 95 0.54 -2.91 67.60
N CYS D 96 0.05 -2.99 66.37
CA CYS D 96 0.54 -2.25 65.21
C CYS D 96 -0.66 -1.64 64.46
N ALA D 97 -0.64 -0.34 64.20
CA ALA D 97 -1.75 0.34 63.53
C ALA D 97 -1.57 0.27 62.01
N ARG D 98 -2.50 -0.35 61.29
CA ARG D 98 -2.54 -0.29 59.84
C ARG D 98 -2.97 1.12 59.41
N ASP D 99 -2.07 1.89 58.83
CA ASP D 99 -2.19 3.35 58.67
C ASP D 99 -3.44 3.83 57.92
N VAL D 100 -3.78 5.11 58.05
CA VAL D 100 -4.95 5.74 57.44
C VAL D 100 -4.98 5.59 55.92
N ARG D 101 -6.18 5.61 55.33
CA ARG D 101 -6.40 5.35 53.90
C ARG D 101 -5.55 6.24 52.98
N VAL D 102 -5.04 5.68 51.89
CA VAL D 102 -4.04 6.32 51.04
C VAL D 102 -4.52 7.68 50.50
N ASP D 103 -3.69 8.71 50.68
CA ASP D 103 -4.06 10.10 50.41
C ASP D 103 -4.18 10.46 48.93
N ASP D 104 -3.72 9.59 48.03
CA ASP D 104 -3.69 9.79 46.59
C ASP D 104 -3.50 8.47 45.83
N SER D 105 -3.59 8.51 44.49
CA SER D 105 -2.96 7.53 43.60
C SER D 105 -1.43 7.66 43.58
N TRP D 106 -0.83 7.71 44.77
CA TRP D 106 0.61 7.85 45.02
C TRP D 106 1.38 6.55 44.72
N SER D 107 2.69 6.55 45.00
CA SER D 107 3.58 5.38 44.91
C SER D 107 4.74 5.52 45.89
N GLY D 108 5.29 4.39 46.35
CA GLY D 108 6.32 4.35 47.39
C GLY D 108 5.79 4.72 48.78
N TYR D 109 6.70 5.02 49.71
CA TYR D 109 6.42 5.39 51.10
C TYR D 109 5.79 6.79 51.23
N ASP D 110 4.65 7.03 50.58
CA ASP D 110 4.16 8.36 50.24
C ASP D 110 3.49 9.19 51.34
N LEU D 111 3.49 8.73 52.60
CA LEU D 111 2.69 9.31 53.69
C LEU D 111 3.11 10.68 54.25
N LEU D 112 3.63 11.59 53.41
CA LEU D 112 3.71 13.02 53.75
C LEU D 112 2.34 13.65 54.10
N SER D 113 1.25 12.95 53.81
CA SER D 113 -0.13 13.23 54.23
C SER D 113 -0.85 11.90 54.52
N GLY D 114 -1.91 11.94 55.34
CA GLY D 114 -2.52 10.73 55.92
C GLY D 114 -1.78 10.25 57.18
N GLY D 115 -2.54 9.88 58.22
CA GLY D 115 -2.00 9.59 59.56
C GLY D 115 -1.57 8.14 59.81
N THR D 116 -0.80 7.92 60.88
CA THR D 116 -0.49 6.58 61.40
C THR D 116 -1.61 5.99 62.27
N TYR D 117 -2.52 6.82 62.78
CA TYR D 117 -3.78 6.36 63.37
C TYR D 117 -4.54 5.45 62.39
N PHE D 118 -5.13 4.37 62.91
CA PHE D 118 -5.49 3.20 62.11
C PHE D 118 -6.65 3.44 61.14
N ASP D 119 -6.48 3.01 59.89
CA ASP D 119 -7.59 2.60 59.03
C ASP D 119 -8.03 1.16 59.32
N TYR D 120 -7.10 0.29 59.73
CA TYR D 120 -7.36 -1.06 60.25
C TYR D 120 -6.62 -1.29 61.57
N TRP D 121 -7.30 -1.87 62.56
CA TRP D 121 -6.75 -2.14 63.89
C TRP D 121 -6.68 -3.64 64.18
N GLY D 122 -5.51 -4.13 64.59
CA GLY D 122 -5.26 -5.56 64.86
C GLY D 122 -5.81 -6.08 66.20
N GLN D 123 -6.73 -5.37 66.84
CA GLN D 123 -7.26 -5.61 68.19
C GLN D 123 -6.28 -5.47 69.37
N GLY D 124 -4.97 -5.45 69.11
CA GLY D 124 -3.93 -5.19 70.11
C GLY D 124 -3.75 -6.30 71.17
N THR D 125 -3.11 -5.95 72.28
CA THR D 125 -2.83 -6.85 73.41
C THR D 125 -2.40 -6.07 74.67
N LEU D 126 -2.38 -6.74 75.82
CA LEU D 126 -1.89 -6.16 77.08
C LEU D 126 -0.37 -5.96 77.12
N VAL D 127 0.10 -5.23 78.15
CA VAL D 127 1.50 -5.15 78.57
C VAL D 127 1.61 -4.48 79.95
N THR D 128 2.76 -4.61 80.61
CA THR D 128 3.04 -3.99 81.92
C THR D 128 4.54 -3.98 82.26
N VAL D 129 4.95 -3.19 83.25
CA VAL D 129 6.28 -3.25 83.84
C VAL D 129 6.44 -4.52 84.69
N SER D 130 7.48 -5.33 84.44
CA SER D 130 7.71 -6.63 85.09
C SER D 130 8.41 -6.56 86.46
N SER D 131 8.28 -5.45 87.19
CA SER D 131 8.95 -5.23 88.48
C SER D 131 8.42 -6.11 89.63
N ALA D 132 7.15 -6.55 89.58
CA ALA D 132 6.55 -7.39 90.61
C ALA D 132 7.18 -8.80 90.66
N SER D 133 7.29 -9.37 91.86
CA SER D 133 7.87 -10.71 92.06
C SER D 133 7.07 -11.82 91.37
N THR D 134 7.75 -12.74 90.68
CA THR D 134 7.15 -13.88 89.97
C THR D 134 6.70 -14.99 90.93
N LYS D 135 5.58 -14.74 91.62
CA LYS D 135 5.01 -15.61 92.66
C LYS D 135 3.50 -15.40 92.79
N GLY D 136 2.89 -15.92 93.87
CA GLY D 136 1.49 -15.69 94.24
C GLY D 136 0.66 -16.85 94.80
N PRO D 137 1.20 -18.01 95.23
CA PRO D 137 0.34 -19.05 95.80
C PRO D 137 -0.19 -18.66 97.20
N SER D 138 0.37 -17.61 97.82
CA SER D 138 -0.03 -17.10 99.11
C SER D 138 -1.46 -16.55 99.14
N VAL D 139 -2.12 -16.73 100.29
CA VAL D 139 -3.53 -16.43 100.50
C VAL D 139 -3.79 -16.04 101.96
N PHE D 140 -4.79 -15.19 102.20
CA PHE D 140 -4.96 -14.51 103.49
C PHE D 140 -6.42 -14.42 103.95
N PRO D 141 -6.87 -15.28 104.89
CA PRO D 141 -8.24 -15.37 105.42
C PRO D 141 -8.75 -14.14 106.20
N LEU D 142 -9.04 -13.06 105.49
CA LEU D 142 -9.73 -11.87 105.99
C LEU D 142 -10.55 -11.23 104.88
N ALA D 143 -11.57 -10.45 105.25
CA ALA D 143 -12.51 -9.70 104.38
C ALA D 143 -13.54 -8.98 105.29
N PRO D 144 -14.50 -8.18 104.77
CA PRO D 144 -15.47 -7.49 105.60
C PRO D 144 -16.36 -8.45 106.39
N SER D 145 -16.18 -8.48 107.72
CA SER D 145 -16.99 -9.27 108.65
C SER D 145 -18.44 -8.77 108.75
N SER D 146 -19.31 -9.50 109.45
CA SER D 146 -20.75 -9.24 109.50
C SER D 146 -21.13 -7.80 109.86
N LYS D 147 -20.51 -7.22 110.89
CA LYS D 147 -20.73 -5.84 111.29
C LYS D 147 -20.23 -4.83 110.24
N SER D 148 -19.00 -5.03 109.74
CA SER D 148 -18.36 -4.18 108.73
C SER D 148 -18.97 -4.24 107.32
N THR D 149 -19.68 -5.33 106.98
CA THR D 149 -20.41 -5.49 105.72
C THR D 149 -21.84 -4.92 105.76
N SER D 150 -22.54 -5.06 106.89
CA SER D 150 -23.79 -4.35 107.22
C SER D 150 -24.89 -4.33 106.15
N GLY D 151 -25.52 -5.48 105.88
CA GLY D 151 -26.71 -5.55 105.02
C GLY D 151 -26.40 -5.45 103.52
N GLY D 152 -27.14 -4.63 102.77
CA GLY D 152 -27.04 -4.58 101.30
C GLY D 152 -25.69 -4.10 100.75
N THR D 153 -24.88 -3.42 101.56
CA THR D 153 -23.50 -3.08 101.24
C THR D 153 -22.51 -4.26 101.32
N ALA D 154 -22.90 -5.39 101.90
CA ALA D 154 -22.02 -6.51 102.23
C ALA D 154 -21.37 -7.22 101.02
N ALA D 155 -20.28 -7.95 101.28
CA ALA D 155 -19.49 -8.60 100.25
C ALA D 155 -18.82 -9.91 100.72
N LEU D 156 -18.52 -10.80 99.77
CA LEU D 156 -17.71 -12.01 99.93
C LEU D 156 -16.35 -11.84 99.23
N GLY D 157 -15.24 -12.16 99.90
CA GLY D 157 -13.90 -11.90 99.39
C GLY D 157 -12.79 -12.49 100.27
N CYS D 158 -11.53 -12.34 99.83
CA CYS D 158 -10.35 -12.77 100.57
C CYS D 158 -9.10 -11.97 100.17
N LEU D 159 -8.06 -11.91 101.02
CA LEU D 159 -6.80 -11.26 100.68
C LEU D 159 -5.87 -12.14 99.83
N VAL D 160 -5.46 -11.66 98.65
CA VAL D 160 -4.31 -12.18 97.92
C VAL D 160 -2.98 -11.82 98.61
N LYS D 161 -1.88 -12.51 98.31
CA LYS D 161 -0.53 -12.10 98.71
C LYS D 161 0.58 -12.56 97.75
N ASP D 162 1.69 -11.81 97.71
CA ASP D 162 2.91 -12.12 96.96
C ASP D 162 2.75 -12.35 95.43
N TYR D 163 1.66 -11.88 94.81
CA TYR D 163 1.34 -12.16 93.41
C TYR D 163 2.17 -11.39 92.37
N PHE D 164 2.57 -12.03 91.28
CA PHE D 164 3.12 -11.34 90.10
C PHE D 164 2.06 -10.50 89.36
N PRO D 165 0.97 -11.09 88.83
CA PRO D 165 -0.18 -10.34 88.34
C PRO D 165 -1.06 -9.82 89.49
N GLU D 166 -1.77 -8.72 89.25
CA GLU D 166 -2.83 -8.24 90.14
C GLU D 166 -4.11 -9.10 90.09
N PRO D 167 -4.63 -9.50 88.92
CA PRO D 167 -5.71 -10.49 88.81
C PRO D 167 -5.33 -11.85 89.40
N VAL D 168 -6.21 -12.44 90.20
CA VAL D 168 -5.98 -13.69 90.93
C VAL D 168 -6.92 -14.83 90.49
N THR D 169 -6.38 -16.04 90.34
CA THR D 169 -7.15 -17.25 90.00
C THR D 169 -8.22 -17.62 91.04
N VAL D 170 -8.08 -17.17 92.28
CA VAL D 170 -9.07 -17.37 93.34
C VAL D 170 -10.31 -16.46 93.24
N SER D 171 -10.21 -15.33 92.53
CA SER D 171 -11.29 -14.35 92.32
C SER D 171 -11.95 -13.77 93.59
N TRP D 172 -11.27 -13.82 94.74
CA TRP D 172 -11.70 -13.35 96.07
C TRP D 172 -12.96 -14.02 96.66
N ASN D 173 -14.14 -13.90 96.04
CA ASN D 173 -15.35 -14.58 96.48
C ASN D 173 -15.37 -16.04 95.98
N SER D 174 -15.87 -16.97 96.82
CA SER D 174 -16.01 -18.40 96.48
C SER D 174 -17.23 -18.73 95.60
N GLY D 175 -17.77 -17.74 94.87
CA GLY D 175 -18.95 -17.88 94.01
C GLY D 175 -20.31 -17.91 94.73
N ALA D 176 -20.34 -17.67 96.05
CA ALA D 176 -21.56 -17.78 96.87
C ALA D 176 -22.65 -16.73 96.54
N LEU D 177 -22.27 -15.56 96.00
CA LEU D 177 -23.18 -14.51 95.54
C LEU D 177 -22.49 -13.53 94.57
N THR D 178 -23.26 -12.73 93.85
CA THR D 178 -22.75 -11.84 92.79
C THR D 178 -23.65 -10.62 92.51
N SER D 179 -24.04 -9.88 93.56
CA SER D 179 -24.85 -8.66 93.42
C SER D 179 -24.10 -7.47 92.77
N GLY D 180 -22.76 -7.52 92.76
CA GLY D 180 -21.88 -6.54 92.10
C GLY D 180 -20.43 -7.03 92.11
N VAL D 181 -19.73 -6.88 90.98
CA VAL D 181 -18.43 -7.50 90.70
C VAL D 181 -17.20 -6.92 91.42
N HIS D 182 -17.37 -6.36 92.62
CA HIS D 182 -16.35 -5.60 93.36
C HIS D 182 -15.11 -6.38 93.84
N THR D 183 -15.04 -7.69 93.60
CA THR D 183 -13.84 -8.52 93.78
C THR D 183 -12.76 -8.26 92.70
N PHE D 184 -12.39 -7.00 92.52
CA PHE D 184 -11.42 -6.52 91.53
C PHE D 184 -9.95 -6.89 91.87
N PRO D 185 -8.98 -6.60 90.99
CA PRO D 185 -7.59 -7.01 91.12
C PRO D 185 -6.89 -6.58 92.43
N ALA D 186 -5.87 -7.34 92.81
CA ALA D 186 -4.92 -6.97 93.86
C ALA D 186 -4.10 -5.71 93.48
N VAL D 187 -3.45 -5.10 94.48
CA VAL D 187 -2.54 -3.97 94.33
C VAL D 187 -1.15 -4.31 94.88
N LEU D 188 -0.07 -3.73 94.35
CA LEU D 188 1.29 -4.03 94.81
C LEU D 188 1.50 -3.61 96.27
N GLN D 189 1.63 -4.59 97.17
CA GLN D 189 1.89 -4.40 98.58
C GLN D 189 3.39 -4.30 98.90
N SER D 190 3.72 -4.09 100.17
CA SER D 190 5.10 -3.97 100.66
C SER D 190 5.98 -5.22 100.44
N SER D 191 5.39 -6.37 100.12
CA SER D 191 6.09 -7.59 99.69
C SER D 191 6.68 -7.54 98.25
N GLY D 192 6.55 -6.42 97.53
CA GLY D 192 7.02 -6.29 96.14
C GLY D 192 6.17 -7.06 95.13
N LEU D 193 4.92 -7.35 95.48
CA LEU D 193 3.98 -8.14 94.70
C LEU D 193 2.53 -7.88 95.15
N TYR D 194 1.57 -8.30 94.34
CA TYR D 194 0.15 -8.04 94.53
C TYR D 194 -0.44 -8.68 95.80
N SER D 195 -1.20 -7.89 96.55
CA SER D 195 -2.06 -8.30 97.66
C SER D 195 -3.37 -7.50 97.64
N LEU D 196 -4.44 -7.99 98.28
CA LEU D 196 -5.80 -7.51 98.01
C LEU D 196 -6.70 -7.35 99.24
N SER D 197 -7.76 -6.56 99.08
CA SER D 197 -8.82 -6.32 100.06
C SER D 197 -10.22 -6.16 99.43
N SER D 198 -10.38 -6.57 98.17
CA SER D 198 -11.64 -6.53 97.41
C SER D 198 -12.59 -7.71 97.72
N VAL D 199 -13.87 -7.53 97.45
CA VAL D 199 -14.92 -8.53 97.64
C VAL D 199 -16.16 -8.21 96.80
N VAL D 200 -16.79 -9.23 96.20
CA VAL D 200 -18.01 -9.08 95.38
C VAL D 200 -19.28 -9.08 96.24
N THR D 201 -20.33 -8.35 95.85
CA THR D 201 -21.50 -8.13 96.69
C THR D 201 -22.27 -9.42 97.04
N VAL D 202 -22.45 -9.70 98.34
CA VAL D 202 -23.00 -10.95 98.88
C VAL D 202 -23.41 -10.82 100.36
N PRO D 203 -24.23 -11.72 100.93
CA PRO D 203 -24.67 -11.68 102.33
C PRO D 203 -23.51 -11.70 103.35
N SER D 204 -23.61 -10.87 104.39
CA SER D 204 -22.62 -10.74 105.47
C SER D 204 -22.88 -11.59 106.72
N SER D 205 -24.05 -12.23 106.83
CA SER D 205 -24.55 -12.80 108.09
C SER D 205 -23.66 -13.86 108.74
N SER D 206 -22.83 -14.56 107.96
CA SER D 206 -21.84 -15.53 108.43
C SER D 206 -20.62 -15.58 107.52
N LEU D 207 -19.48 -16.07 108.06
CA LEU D 207 -18.27 -16.30 107.27
C LEU D 207 -18.49 -17.29 106.11
N GLY D 208 -19.40 -18.26 106.28
CA GLY D 208 -19.80 -19.21 105.24
C GLY D 208 -20.70 -18.61 104.14
N THR D 209 -21.59 -17.67 104.49
CA THR D 209 -22.44 -16.94 103.53
C THR D 209 -21.63 -15.97 102.64
N GLN D 210 -20.61 -15.34 103.20
CA GLN D 210 -19.63 -14.52 102.48
C GLN D 210 -18.36 -15.30 102.07
N THR D 211 -18.51 -16.60 101.77
CA THR D 211 -17.40 -17.52 101.50
C THR D 211 -16.41 -17.06 100.41
N TYR D 212 -15.16 -17.47 100.53
CA TYR D 212 -14.03 -16.84 99.85
C TYR D 212 -13.01 -17.83 99.26
N ILE D 213 -12.19 -17.35 98.33
CA ILE D 213 -11.00 -18.03 97.80
C ILE D 213 -9.82 -17.04 97.69
N CYS D 214 -8.62 -17.47 98.07
CA CYS D 214 -7.61 -16.55 98.61
C CYS D 214 -6.27 -16.49 97.86
N ASN D 215 -5.90 -17.50 97.07
CA ASN D 215 -4.61 -17.51 96.37
C ASN D 215 -4.47 -16.37 95.33
N VAL D 216 -3.37 -15.62 95.38
CA VAL D 216 -3.20 -14.38 94.62
C VAL D 216 -2.79 -14.54 93.16
N ASN D 217 -2.15 -15.64 92.80
CA ASN D 217 -1.49 -15.82 91.50
C ASN D 217 -2.44 -16.18 90.34
N HIS D 218 -1.89 -16.16 89.13
CA HIS D 218 -2.49 -16.65 87.90
C HIS D 218 -1.40 -17.30 87.03
N LYS D 219 -1.67 -17.61 85.76
CA LYS D 219 -0.65 -18.11 84.83
C LYS D 219 0.62 -17.23 84.74
N PRO D 220 0.52 -15.88 84.68
CA PRO D 220 1.67 -14.97 84.72
C PRO D 220 2.46 -14.95 86.05
N SER D 221 1.95 -15.61 87.09
CA SER D 221 2.62 -15.77 88.39
C SER D 221 3.36 -17.12 88.56
N ASN D 222 3.13 -18.09 87.68
CA ASN D 222 3.60 -19.48 87.81
C ASN D 222 3.17 -20.19 89.12
N THR D 223 2.07 -19.74 89.73
CA THR D 223 1.64 -20.15 91.07
C THR D 223 0.12 -20.07 91.31
N LYS D 224 -0.69 -20.05 90.26
CA LYS D 224 -2.14 -19.86 90.33
C LYS D 224 -2.86 -20.91 91.18
N VAL D 225 -3.85 -20.48 91.97
CA VAL D 225 -4.62 -21.31 92.90
C VAL D 225 -5.93 -20.64 93.35
N ASP D 226 -6.81 -21.39 94.02
CA ASP D 226 -8.14 -20.93 94.48
C ASP D 226 -8.54 -21.43 95.89
N LYS D 227 -7.56 -21.69 96.76
CA LYS D 227 -7.77 -22.22 98.11
C LYS D 227 -8.73 -21.39 98.97
N LYS D 228 -9.70 -22.05 99.61
CA LYS D 228 -10.87 -21.41 100.22
C LYS D 228 -10.67 -20.90 101.66
N VAL D 229 -11.39 -19.84 102.03
CA VAL D 229 -11.45 -19.26 103.39
C VAL D 229 -12.67 -18.33 103.54
N GLU D 230 -12.66 -17.40 104.50
CA GLU D 230 -13.80 -16.52 104.76
C GLU D 230 -13.45 -15.20 105.50
N PRO D 231 -14.36 -14.21 105.50
CA PRO D 231 -14.35 -13.07 106.43
C PRO D 231 -14.55 -13.48 107.91
N LYS D 232 -14.49 -12.49 108.81
CA LYS D 232 -14.96 -12.61 110.20
C LYS D 232 -14.36 -13.79 110.97
N ASP E 1 2.02 18.10 70.69
CA ASP E 1 2.43 17.21 69.56
C ASP E 1 1.21 16.83 68.70
N ILE E 2 1.44 16.35 67.48
CA ILE E 2 0.37 15.96 66.52
C ILE E 2 -0.22 14.56 66.75
N VAL E 3 0.34 13.81 67.69
CA VAL E 3 -0.42 12.79 68.43
C VAL E 3 -1.43 13.52 69.31
N MET E 4 -2.63 13.78 68.76
CA MET E 4 -3.64 14.65 69.37
C MET E 4 -4.19 14.04 70.66
N THR E 5 -4.28 14.81 71.74
CA THR E 5 -4.58 14.32 73.09
C THR E 5 -5.96 14.77 73.60
N GLN E 6 -6.73 13.81 74.10
CA GLN E 6 -7.92 14.05 74.92
C GLN E 6 -7.58 14.94 76.13
N SER E 7 -8.52 15.80 76.53
CA SER E 7 -8.46 16.56 77.79
C SER E 7 -9.03 15.81 79.01
N PRO E 8 -10.14 15.02 78.93
CA PRO E 8 -10.82 14.54 80.14
C PRO E 8 -10.23 13.27 80.80
N ASP E 9 -9.51 12.44 80.05
CA ASP E 9 -9.08 11.06 80.39
C ASP E 9 -10.20 10.05 80.70
N SER E 10 -11.35 10.46 81.25
CA SER E 10 -12.60 9.68 81.26
C SER E 10 -13.85 10.58 81.25
N LEU E 11 -14.93 10.10 80.64
CA LEU E 11 -16.15 10.88 80.37
C LEU E 11 -17.07 11.02 81.61
N ALA E 12 -18.14 11.82 81.53
CA ALA E 12 -18.94 12.22 82.70
C ALA E 12 -20.46 12.42 82.47
N VAL E 13 -21.05 11.84 81.43
CA VAL E 13 -22.48 11.97 81.12
C VAL E 13 -23.41 11.25 82.12
N SER E 14 -24.61 11.81 82.36
CA SER E 14 -25.72 11.09 82.97
C SER E 14 -26.39 10.11 81.99
N LEU E 15 -27.36 9.31 82.44
CA LEU E 15 -28.10 8.38 81.58
C LEU E 15 -28.84 9.13 80.45
N GLY E 16 -28.37 8.96 79.21
CA GLY E 16 -28.85 9.69 78.03
C GLY E 16 -28.40 11.16 77.92
N GLU E 17 -27.65 11.69 78.88
CA GLU E 17 -27.21 13.09 78.92
C GLU E 17 -26.06 13.40 77.95
N ARG E 18 -26.02 14.64 77.44
CA ARG E 18 -25.14 15.08 76.36
C ARG E 18 -23.79 15.69 76.84
N ALA E 19 -22.96 14.90 77.51
CA ALA E 19 -21.57 15.29 77.78
C ALA E 19 -20.71 15.40 76.50
N THR E 20 -19.45 15.83 76.62
CA THR E 20 -18.53 16.05 75.48
C THR E 20 -17.15 15.43 75.65
N ILE E 21 -16.55 14.96 74.55
CA ILE E 21 -15.13 14.57 74.49
C ILE E 21 -14.30 15.81 74.14
N ASN E 22 -13.75 16.48 75.15
CA ASN E 22 -12.88 17.64 74.94
C ASN E 22 -11.47 17.18 74.52
N CYS E 23 -10.81 17.88 73.60
CA CYS E 23 -9.53 17.45 73.04
C CYS E 23 -8.67 18.61 72.50
N ARG E 24 -7.37 18.37 72.35
CA ARG E 24 -6.40 19.33 71.82
C ARG E 24 -5.34 18.68 70.90
N SER E 25 -4.79 19.47 69.98
CA SER E 25 -3.90 19.04 68.90
C SER E 25 -2.69 19.99 68.74
N SER E 26 -1.87 19.75 67.71
CA SER E 26 -0.64 20.50 67.44
C SER E 26 -0.89 21.90 66.82
N GLN E 27 -0.66 22.06 65.52
CA GLN E 27 -0.71 23.35 64.81
C GLN E 27 -1.18 23.18 63.36
N SER E 28 -1.81 24.21 62.79
CA SER E 28 -2.34 24.24 61.40
C SER E 28 -3.10 22.99 60.97
N VAL E 29 -3.99 22.51 61.82
CA VAL E 29 -4.85 21.32 61.59
C VAL E 29 -5.90 21.57 60.50
N LEU E 30 -6.37 22.81 60.35
CA LEU E 30 -7.30 23.28 59.30
C LEU E 30 -6.56 23.79 58.05
N TYR E 31 -5.69 22.94 57.50
CA TYR E 31 -4.58 23.32 56.63
C TYR E 31 -4.98 23.85 55.23
N SER E 32 -4.24 24.85 54.75
CA SER E 32 -4.55 25.66 53.55
C SER E 32 -4.65 24.90 52.22
N SER E 33 -4.01 23.75 52.09
CA SER E 33 -4.07 22.90 50.88
C SER E 33 -5.18 21.85 50.89
N ASN E 34 -5.74 21.52 52.06
CA ASN E 34 -6.61 20.36 52.25
C ASN E 34 -8.01 20.74 52.77
N ASN E 35 -8.10 21.79 53.60
CA ASN E 35 -9.31 22.58 53.91
C ASN E 35 -10.44 21.86 54.68
N GLU E 36 -10.55 20.53 54.58
CA GLU E 36 -11.48 19.69 55.34
C GLU E 36 -11.05 19.42 56.79
N ASN E 37 -9.88 19.93 57.21
CA ASN E 37 -9.15 19.74 58.47
C ASN E 37 -8.80 18.27 58.85
N TYR E 38 -7.60 18.06 59.37
CA TYR E 38 -7.06 16.71 59.58
C TYR E 38 -7.49 16.01 60.88
N LEU E 39 -8.06 16.71 61.87
CA LEU E 39 -8.52 16.04 63.08
C LEU E 39 -9.77 15.18 62.80
N ALA E 40 -9.76 13.97 63.33
CA ALA E 40 -10.82 12.98 63.20
C ALA E 40 -10.97 12.23 64.52
N TRP E 41 -12.19 11.89 64.94
CA TRP E 41 -12.38 11.21 66.23
C TRP E 41 -12.03 9.73 66.17
N TYR E 42 -11.12 9.29 67.04
CA TYR E 42 -10.94 7.90 67.46
C TYR E 42 -12.12 7.48 68.37
N GLN E 43 -12.63 6.24 68.27
CA GLN E 43 -13.88 5.80 68.91
C GLN E 43 -13.85 4.30 69.34
N GLN E 44 -12.75 3.78 69.90
CA GLN E 44 -12.56 2.34 70.10
C GLN E 44 -11.82 1.94 71.40
N LYS E 45 -11.98 0.69 71.83
CA LYS E 45 -11.58 0.21 73.15
C LYS E 45 -10.08 0.36 73.51
N PRO E 46 -9.73 0.48 74.80
CA PRO E 46 -8.34 0.47 75.28
C PRO E 46 -7.55 -0.77 74.84
N GLY E 47 -6.24 -0.63 74.68
CA GLY E 47 -5.34 -1.68 74.19
C GLY E 47 -5.29 -1.83 72.66
N GLN E 48 -6.31 -1.40 71.92
CA GLN E 48 -6.25 -1.30 70.45
C GLN E 48 -5.33 -0.15 70.01
N PRO E 49 -4.76 -0.21 68.79
CA PRO E 49 -4.28 1.00 68.12
C PRO E 49 -5.45 1.96 67.80
N PRO E 50 -5.31 3.28 68.01
CA PRO E 50 -6.40 4.24 67.83
C PRO E 50 -6.79 4.36 66.36
N LYS E 51 -8.02 3.98 66.05
CA LYS E 51 -8.58 3.90 64.68
C LYS E 51 -9.56 5.05 64.39
N LEU E 52 -9.41 5.68 63.22
CA LEU E 52 -10.14 6.90 62.84
C LEU E 52 -11.59 6.58 62.43
N LEU E 53 -12.57 7.11 63.18
CA LEU E 53 -14.00 6.78 63.09
C LEU E 53 -14.91 8.02 63.06
N ILE E 54 -14.36 9.21 62.81
CA ILE E 54 -15.13 10.44 62.54
C ILE E 54 -14.30 11.44 61.73
N TYR E 55 -14.08 11.13 60.46
CA TYR E 55 -13.27 11.91 59.52
C TYR E 55 -13.65 13.40 59.48
N TRP E 56 -12.65 14.29 59.47
CA TRP E 56 -12.81 15.74 59.46
C TRP E 56 -13.59 16.38 60.63
N ALA E 57 -13.93 15.63 61.69
CA ALA E 57 -14.49 16.15 62.95
C ALA E 57 -15.67 17.14 62.79
N SER E 58 -16.76 16.65 62.22
CA SER E 58 -18.08 17.31 62.23
C SER E 58 -19.20 16.40 62.78
N THR E 59 -19.07 15.08 62.57
CA THR E 59 -19.98 14.04 63.02
C THR E 59 -19.26 12.67 63.04
N ARG E 60 -19.86 11.66 63.67
CA ARG E 60 -19.33 10.29 63.59
C ARG E 60 -19.39 9.72 62.17
N GLU E 61 -18.33 9.02 61.77
CA GLU E 61 -18.27 8.25 60.54
C GLU E 61 -18.89 6.85 60.73
N SER E 62 -18.82 6.01 59.69
CA SER E 62 -19.33 4.63 59.74
C SER E 62 -18.61 3.79 60.81
N GLY E 63 -19.38 3.05 61.62
CA GLY E 63 -18.88 2.22 62.73
C GLY E 63 -18.59 2.96 64.04
N ILE E 64 -18.69 4.30 64.08
CA ILE E 64 -18.66 5.07 65.33
C ILE E 64 -20.00 5.00 66.08
N PRO E 65 -20.06 5.27 67.41
CA PRO E 65 -21.31 5.20 68.19
C PRO E 65 -22.35 6.31 67.92
N ASP E 66 -22.07 7.26 67.01
CA ASP E 66 -22.88 8.45 66.67
C ASP E 66 -23.04 9.50 67.78
N ARG E 67 -23.30 9.08 69.02
CA ARG E 67 -23.27 9.92 70.23
C ARG E 67 -21.84 10.28 70.73
N PHE E 68 -20.78 9.82 70.05
CA PHE E 68 -19.39 9.86 70.52
C PHE E 68 -18.45 10.82 69.76
N SER E 69 -18.97 11.60 68.81
CA SER E 69 -18.20 12.48 67.92
C SER E 69 -18.91 13.81 67.67
N GLY E 70 -18.20 14.80 67.12
CA GLY E 70 -18.78 16.12 66.84
C GLY E 70 -17.75 17.17 66.42
N SER E 71 -18.03 18.42 66.77
CA SER E 71 -17.28 19.61 66.32
C SER E 71 -15.79 19.60 66.70
N GLY E 72 -14.94 19.56 65.67
CA GLY E 72 -13.54 19.97 65.73
C GLY E 72 -13.36 21.47 65.44
N SER E 73 -12.23 22.03 65.87
CA SER E 73 -11.96 23.47 65.87
C SER E 73 -10.45 23.76 65.83
N GLY E 74 -9.78 23.32 64.77
CA GLY E 74 -8.34 23.56 64.54
C GLY E 74 -7.46 22.86 65.57
N THR E 75 -6.74 23.63 66.40
CA THR E 75 -5.89 23.12 67.50
C THR E 75 -6.67 22.49 68.66
N ASP E 76 -8.00 22.54 68.64
CA ASP E 76 -8.89 22.12 69.71
C ASP E 76 -10.09 21.36 69.15
N PHE E 77 -10.79 20.57 69.96
CA PHE E 77 -12.04 19.93 69.58
C PHE E 77 -12.94 19.63 70.78
N THR E 78 -14.24 19.45 70.53
CA THR E 78 -15.22 19.06 71.53
C THR E 78 -16.33 18.21 70.88
N LEU E 79 -16.11 16.91 70.79
CA LEU E 79 -17.09 15.96 70.27
C LEU E 79 -18.26 15.78 71.23
N THR E 80 -19.42 15.33 70.74
CA THR E 80 -20.44 14.76 71.63
C THR E 80 -19.91 13.50 72.35
N ILE E 81 -20.43 13.20 73.53
CA ILE E 81 -20.04 12.07 74.38
C ILE E 81 -21.24 11.54 75.17
N SER E 82 -22.39 11.41 74.50
CA SER E 82 -23.69 11.18 75.12
C SER E 82 -23.79 9.83 75.85
N ARG E 83 -24.36 9.83 77.06
CA ARG E 83 -24.59 8.65 77.90
C ARG E 83 -23.33 7.78 78.17
N LEU E 84 -22.15 8.39 78.26
CA LEU E 84 -20.81 7.79 78.14
C LEU E 84 -20.38 6.71 79.15
N GLN E 85 -21.26 6.24 80.04
CA GLN E 85 -21.14 4.91 80.67
C GLN E 85 -21.30 3.76 79.65
N ALA E 86 -22.03 4.00 78.56
CA ALA E 86 -22.25 3.13 77.41
C ALA E 86 -22.14 3.97 76.11
N GLU E 87 -22.41 3.37 74.95
CA GLU E 87 -22.42 4.04 73.63
C GLU E 87 -21.12 4.80 73.29
N ASP E 88 -21.05 6.11 73.59
CA ASP E 88 -19.83 6.92 73.54
C ASP E 88 -18.71 6.44 74.49
N VAL E 89 -19.00 5.47 75.36
CA VAL E 89 -18.04 4.77 76.21
C VAL E 89 -16.93 4.01 75.46
N ALA E 90 -17.08 3.75 74.16
CA ALA E 90 -15.99 3.23 73.33
C ALA E 90 -14.86 4.29 73.23
N VAL E 91 -13.70 4.01 73.84
CA VAL E 91 -12.73 5.04 74.23
C VAL E 91 -12.29 5.97 73.09
N TYR E 92 -12.30 7.28 73.32
CA TYR E 92 -12.30 8.22 72.21
C TYR E 92 -11.55 9.53 72.48
N TYR E 93 -10.99 10.10 71.42
CA TYR E 93 -10.26 11.36 71.40
C TYR E 93 -10.20 11.89 69.98
N CYS E 94 -9.86 13.16 69.80
CA CYS E 94 -9.45 13.64 68.49
C CYS E 94 -8.09 13.02 68.13
N GLN E 95 -7.86 12.76 66.84
CA GLN E 95 -6.68 12.10 66.31
C GLN E 95 -6.36 12.64 64.92
N GLN E 96 -5.09 12.66 64.53
CA GLN E 96 -4.71 13.23 63.26
C GLN E 96 -4.77 12.21 62.10
N TYR E 97 -5.41 12.60 60.99
CA TYR E 97 -5.16 12.08 59.64
C TYR E 97 -4.13 12.93 58.87
N TYR E 98 -3.22 13.57 59.60
CA TYR E 98 -2.43 14.74 59.22
C TYR E 98 -1.25 14.43 58.27
N SER E 99 -0.30 13.61 58.71
CA SER E 99 0.84 13.07 57.93
C SER E 99 1.52 11.96 58.74
N LEU E 100 2.70 11.46 58.34
CA LEU E 100 3.52 10.47 59.08
C LEU E 100 3.33 10.46 60.63
N PRO E 101 3.53 11.57 61.37
CA PRO E 101 3.41 11.61 62.84
C PRO E 101 1.98 11.61 63.42
N ARG E 102 0.93 11.66 62.59
CA ARG E 102 -0.45 11.85 63.05
C ARG E 102 -1.02 10.66 63.82
N THR E 103 -1.64 10.92 64.98
CA THR E 103 -2.26 9.89 65.83
C THR E 103 -3.29 10.47 66.79
N PHE E 104 -4.06 9.60 67.46
CA PHE E 104 -4.73 9.90 68.72
C PHE E 104 -3.86 9.49 69.92
N GLY E 105 -4.00 10.21 71.04
CA GLY E 105 -3.40 9.87 72.33
C GLY E 105 -4.15 8.75 73.06
N GLN E 106 -4.12 8.78 74.40
CA GLN E 106 -4.72 7.76 75.25
C GLN E 106 -6.25 7.62 75.09
N GLY E 107 -6.96 8.67 74.68
CA GLY E 107 -8.43 8.68 74.57
C GLY E 107 -9.13 8.71 75.92
N THR E 108 -10.28 9.38 75.99
CA THR E 108 -11.16 9.36 77.14
C THR E 108 -11.83 7.99 77.31
N LYS E 109 -11.63 7.36 78.46
CA LYS E 109 -12.28 6.10 78.82
C LYS E 109 -13.78 6.26 79.16
N VAL E 110 -14.52 5.16 79.11
CA VAL E 110 -15.93 5.12 79.49
C VAL E 110 -16.16 5.52 80.95
N GLU E 111 -17.06 6.47 81.19
CA GLU E 111 -17.47 6.89 82.53
C GLU E 111 -18.73 7.77 82.52
N ILE E 112 -19.43 7.87 83.65
CA ILE E 112 -20.73 8.52 83.77
C ILE E 112 -21.00 9.09 85.17
N LYS E 113 -21.94 10.03 85.27
CA LYS E 113 -22.46 10.51 86.56
C LYS E 113 -23.19 9.40 87.32
N ARG E 114 -23.04 9.33 88.65
CA ARG E 114 -23.41 8.14 89.41
C ARG E 114 -23.91 8.42 90.84
N THR E 115 -24.67 7.48 91.39
CA THR E 115 -25.04 7.43 92.80
C THR E 115 -23.82 7.21 93.72
N VAL E 116 -23.94 7.58 95.00
CA VAL E 116 -22.83 7.61 95.95
C VAL E 116 -23.24 7.26 97.40
N ALA E 117 -24.19 6.34 97.56
CA ALA E 117 -24.75 5.91 98.84
C ALA E 117 -23.70 5.38 99.84
N ALA E 118 -23.93 5.57 101.14
CA ALA E 118 -22.98 5.28 102.20
C ALA E 118 -22.59 3.78 102.31
N PRO E 119 -21.28 3.45 102.44
CA PRO E 119 -20.81 2.10 102.76
C PRO E 119 -21.08 1.70 104.23
N SER E 120 -20.85 0.43 104.57
CA SER E 120 -20.93 -0.07 105.94
C SER E 120 -19.69 0.27 106.80
N VAL E 121 -19.85 0.28 108.13
CA VAL E 121 -18.79 0.61 109.08
C VAL E 121 -19.10 0.06 110.49
N PHE E 122 -18.32 -0.93 110.93
CA PHE E 122 -18.43 -1.61 112.24
C PHE E 122 -17.26 -2.61 112.41
N ILE E 123 -17.35 -3.57 113.35
CA ILE E 123 -16.31 -4.59 113.53
C ILE E 123 -16.03 -5.40 112.27
N PHE E 124 -14.75 -5.56 111.91
CA PHE E 124 -14.32 -6.15 110.64
C PHE E 124 -13.14 -7.15 110.75
N PRO E 125 -13.19 -8.16 111.63
CA PRO E 125 -12.02 -8.95 111.96
C PRO E 125 -11.71 -10.03 110.89
N PRO E 126 -10.50 -10.58 110.88
CA PRO E 126 -10.17 -11.75 110.07
C PRO E 126 -10.95 -13.03 110.44
N SER E 127 -10.83 -14.06 109.62
CA SER E 127 -11.18 -15.45 109.97
C SER E 127 -10.26 -16.02 111.06
N ASP E 128 -10.44 -17.29 111.42
CA ASP E 128 -9.59 -17.98 112.41
C ASP E 128 -8.10 -18.05 112.01
N GLU E 129 -7.78 -17.98 110.71
CA GLU E 129 -6.43 -17.88 110.18
C GLU E 129 -5.85 -16.44 110.16
N GLN E 130 -6.23 -15.60 111.13
CA GLN E 130 -5.85 -14.19 111.22
C GLN E 130 -4.34 -13.94 111.22
N LEU E 131 -3.54 -14.88 111.73
CA LEU E 131 -2.07 -14.83 111.75
C LEU E 131 -1.41 -14.78 110.36
N LYS E 132 -2.18 -14.92 109.27
CA LYS E 132 -1.72 -14.67 107.90
C LYS E 132 -2.77 -13.93 107.03
N SER E 133 -3.69 -13.18 107.63
CA SER E 133 -4.88 -12.62 106.97
C SER E 133 -4.64 -11.46 105.98
N GLY E 134 -3.44 -10.89 105.92
CA GLY E 134 -3.04 -9.94 104.87
C GLY E 134 -3.88 -8.67 104.75
N THR E 135 -3.90 -8.11 103.53
CA THR E 135 -4.48 -6.79 103.23
C THR E 135 -6.00 -6.69 103.37
N ALA E 136 -6.71 -7.81 103.47
CA ALA E 136 -8.16 -7.85 103.69
C ALA E 136 -8.57 -7.82 105.18
N SER E 137 -7.63 -7.79 106.12
CA SER E 137 -7.91 -7.55 107.54
C SER E 137 -8.49 -6.13 107.76
N VAL E 138 -9.38 -5.95 108.74
CA VAL E 138 -10.04 -4.67 109.02
C VAL E 138 -10.76 -4.07 107.80
N VAL E 139 -11.76 -4.79 107.28
CA VAL E 139 -12.33 -4.56 105.95
C VAL E 139 -13.78 -4.07 105.92
N CYS E 140 -14.11 -3.27 104.91
CA CYS E 140 -15.39 -2.60 104.70
C CYS E 140 -15.99 -2.91 103.31
N LEU E 141 -17.30 -2.76 103.15
CA LEU E 141 -18.01 -3.00 101.89
C LEU E 141 -19.09 -1.95 101.58
N LEU E 142 -19.40 -1.77 100.29
CA LEU E 142 -20.35 -0.78 99.77
C LEU E 142 -21.12 -1.29 98.54
N ASN E 143 -22.34 -0.78 98.33
CA ASN E 143 -23.19 -1.06 97.18
C ASN E 143 -24.15 0.09 96.87
N ASN E 144 -24.65 0.16 95.63
CA ASN E 144 -25.38 1.32 95.09
C ASN E 144 -24.60 2.66 95.14
N PHE E 145 -23.26 2.60 95.09
CA PHE E 145 -22.37 3.76 95.09
C PHE E 145 -21.16 3.56 94.15
N TYR E 146 -20.84 4.56 93.32
CA TYR E 146 -19.85 4.48 92.24
C TYR E 146 -18.45 4.01 92.66
N PRO E 147 -17.59 3.49 91.74
CA PRO E 147 -16.28 2.93 92.10
C PRO E 147 -15.32 3.94 92.75
N ARG E 148 -15.38 5.20 92.30
CA ARG E 148 -14.70 6.36 92.88
C ARG E 148 -15.51 7.09 93.98
N GLU E 149 -16.71 6.60 94.30
CA GLU E 149 -17.68 7.21 95.20
C GLU E 149 -17.86 6.49 96.55
N ALA E 150 -17.14 5.40 96.84
CA ALA E 150 -17.13 4.73 98.15
C ALA E 150 -15.71 4.22 98.52
N LYS E 151 -15.32 4.38 99.80
CA LYS E 151 -13.96 4.12 100.28
C LYS E 151 -13.92 3.70 101.76
N VAL E 152 -12.79 3.12 102.20
CA VAL E 152 -12.64 2.48 103.51
C VAL E 152 -11.33 2.84 104.24
N GLN E 153 -11.32 2.67 105.56
CA GLN E 153 -10.20 2.94 106.45
C GLN E 153 -9.26 1.75 106.66
N TRP E 154 -8.00 2.04 107.02
CA TRP E 154 -7.01 1.06 107.47
C TRP E 154 -7.12 0.75 108.97
N LYS E 155 -8.33 0.41 109.43
CA LYS E 155 -8.70 0.29 110.85
C LYS E 155 -8.21 -0.98 111.57
N VAL E 156 -7.08 -1.56 111.14
CA VAL E 156 -6.46 -2.73 111.76
C VAL E 156 -6.13 -2.48 113.24
N ASP E 157 -6.41 -3.47 114.11
CA ASP E 157 -6.27 -3.34 115.57
C ASP E 157 -6.95 -2.08 116.18
N ASN E 158 -8.05 -1.63 115.57
CA ASN E 158 -8.77 -0.39 115.90
C ASN E 158 -7.98 0.93 115.75
N ALA E 159 -6.94 0.97 114.89
CA ALA E 159 -6.16 2.18 114.62
C ALA E 159 -6.92 3.32 113.90
N LEU E 160 -8.08 3.02 113.29
CA LEU E 160 -9.03 3.99 112.70
C LEU E 160 -8.46 4.97 111.65
N GLN E 161 -7.54 4.51 110.79
CA GLN E 161 -6.94 5.29 109.69
C GLN E 161 -7.93 5.55 108.54
N SER E 162 -8.79 6.55 108.69
CA SER E 162 -9.87 6.92 107.76
C SER E 162 -9.41 7.09 106.29
N GLY E 163 -10.11 6.47 105.35
CA GLY E 163 -9.82 6.53 103.90
C GLY E 163 -8.54 5.83 103.43
N ASN E 164 -7.74 5.24 104.33
CA ASN E 164 -6.42 4.67 104.03
C ASN E 164 -6.38 3.19 103.64
N SER E 165 -7.52 2.52 103.46
CA SER E 165 -7.56 1.11 103.05
C SER E 165 -7.15 0.88 101.59
N GLN E 166 -6.53 -0.27 101.30
CA GLN E 166 -6.38 -0.78 99.94
C GLN E 166 -7.73 -1.33 99.45
N GLU E 167 -8.11 -1.08 98.20
CA GLU E 167 -9.51 -1.23 97.75
C GLU E 167 -9.67 -1.63 96.28
N SER E 168 -10.85 -2.16 95.96
CA SER E 168 -11.28 -2.48 94.60
C SER E 168 -12.81 -2.35 94.44
N VAL E 169 -13.27 -2.19 93.20
CA VAL E 169 -14.67 -1.85 92.89
C VAL E 169 -15.09 -2.27 91.48
N THR E 170 -16.41 -2.27 91.23
CA THR E 170 -17.02 -2.66 89.95
C THR E 170 -18.27 -1.85 89.60
N GLU E 171 -18.66 -1.89 88.33
CA GLU E 171 -19.78 -1.14 87.74
C GLU E 171 -21.17 -1.42 88.37
N GLN E 172 -22.17 -0.64 87.95
CA GLN E 172 -23.46 -0.47 88.62
C GLN E 172 -24.17 -1.76 89.09
N ASP E 173 -24.21 -1.97 90.41
CA ASP E 173 -25.12 -2.90 91.09
C ASP E 173 -26.53 -2.32 91.27
N SER E 174 -26.66 -0.99 91.23
CA SER E 174 -27.90 -0.23 91.13
C SER E 174 -27.89 0.67 89.89
N LYS E 175 -29.05 0.84 89.24
CA LYS E 175 -29.14 1.32 87.85
C LYS E 175 -28.66 2.76 87.59
N ASP E 176 -28.58 3.60 88.62
CA ASP E 176 -28.11 4.99 88.53
C ASP E 176 -26.58 5.14 88.50
N SER E 177 -25.89 4.29 87.72
CA SER E 177 -24.43 4.11 87.74
C SER E 177 -23.87 3.77 89.14
N THR E 178 -24.71 3.21 90.03
CA THR E 178 -24.44 2.98 91.44
C THR E 178 -23.70 1.65 91.66
N TYR E 179 -22.37 1.71 91.70
CA TYR E 179 -21.45 0.57 91.78
C TYR E 179 -21.46 -0.21 93.11
N SER E 180 -20.53 -1.17 93.23
CA SER E 180 -20.18 -1.84 94.47
C SER E 180 -18.66 -1.88 94.68
N LEU E 181 -18.21 -1.91 95.94
CA LEU E 181 -16.78 -1.83 96.28
C LEU E 181 -16.44 -2.48 97.64
N SER E 182 -15.16 -2.80 97.85
CA SER E 182 -14.64 -3.27 99.13
C SER E 182 -13.19 -2.83 99.35
N SER E 183 -12.79 -2.66 100.62
CA SER E 183 -11.43 -2.23 101.00
C SER E 183 -11.05 -2.61 102.43
N THR E 184 -9.75 -2.64 102.75
CA THR E 184 -9.24 -3.05 104.06
C THR E 184 -7.81 -2.57 104.35
N LEU E 185 -7.35 -2.69 105.59
CA LEU E 185 -6.02 -2.27 106.02
C LEU E 185 -4.88 -3.05 105.33
N THR E 186 -4.19 -2.39 104.39
CA THR E 186 -3.18 -3.01 103.54
C THR E 186 -1.93 -3.46 104.31
N LEU E 187 -1.57 -4.73 104.17
CA LEU E 187 -0.39 -5.34 104.79
C LEU E 187 -0.01 -6.66 104.11
N SER E 188 1.24 -7.10 104.29
CA SER E 188 1.66 -8.48 104.01
C SER E 188 0.93 -9.48 104.93
N LYS E 189 0.89 -10.75 104.54
CA LYS E 189 0.06 -11.79 105.19
C LYS E 189 0.13 -11.79 106.72
N ALA E 190 1.33 -11.91 107.30
CA ALA E 190 1.56 -11.99 108.74
C ALA E 190 1.21 -10.71 109.53
N ASP E 191 1.19 -9.54 108.89
CA ASP E 191 0.84 -8.27 109.54
C ASP E 191 -0.63 -8.20 110.00
N TYR E 192 -1.50 -9.05 109.44
CA TYR E 192 -2.88 -9.21 109.93
C TYR E 192 -2.98 -9.81 111.33
N GLU E 193 -1.92 -10.44 111.85
CA GLU E 193 -1.88 -11.00 113.21
C GLU E 193 -1.94 -9.91 114.30
N LYS E 194 -1.18 -8.81 114.15
CA LYS E 194 -1.30 -7.62 114.99
C LYS E 194 -2.58 -6.83 114.70
N HIS E 195 -2.99 -6.76 113.43
CA HIS E 195 -4.22 -6.12 112.97
C HIS E 195 -5.53 -6.83 113.40
N LYS E 196 -5.46 -8.03 113.97
CA LYS E 196 -6.59 -8.96 114.13
C LYS E 196 -7.76 -8.46 114.99
N VAL E 197 -7.53 -7.52 115.92
CA VAL E 197 -8.59 -6.77 116.62
C VAL E 197 -9.28 -5.72 115.71
N TYR E 198 -9.63 -6.12 114.49
CA TYR E 198 -9.85 -5.23 113.37
C TYR E 198 -11.19 -4.47 113.42
N ALA E 199 -11.10 -3.15 113.25
CA ALA E 199 -12.24 -2.29 112.99
C ALA E 199 -12.44 -2.07 111.48
N CYS E 200 -13.61 -1.54 111.11
CA CYS E 200 -13.86 -0.94 109.80
C CYS E 200 -14.57 0.40 109.97
N GLU E 201 -14.12 1.40 109.22
CA GLU E 201 -14.75 2.69 109.04
C GLU E 201 -14.76 3.05 107.56
N VAL E 202 -15.84 3.64 107.05
CA VAL E 202 -16.00 3.90 105.61
C VAL E 202 -16.83 5.14 105.30
N THR E 203 -16.63 5.71 104.11
CA THR E 203 -17.21 6.96 103.65
C THR E 203 -17.49 6.94 102.14
N HIS E 204 -18.30 7.88 101.65
CA HIS E 204 -18.74 7.92 100.25
C HIS E 204 -19.07 9.34 99.78
N GLN E 205 -19.15 9.55 98.47
CA GLN E 205 -19.40 10.86 97.85
C GLN E 205 -20.76 11.48 98.23
N GLY E 206 -21.74 10.65 98.58
CA GLY E 206 -23.05 11.03 99.13
C GLY E 206 -23.26 10.60 100.59
N LEU E 207 -22.18 10.42 101.35
CA LEU E 207 -22.16 9.80 102.68
C LEU E 207 -21.37 10.61 103.71
N SER E 208 -21.53 10.26 104.98
CA SER E 208 -20.74 10.82 106.09
C SER E 208 -19.27 10.35 106.07
N SER E 209 -18.43 11.00 106.89
CA SER E 209 -17.03 10.62 107.08
C SER E 209 -16.84 9.28 107.83
N PRO E 210 -15.65 8.65 107.76
CA PRO E 210 -15.40 7.34 108.37
C PRO E 210 -15.55 7.33 109.89
N VAL E 211 -16.29 6.35 110.42
CA VAL E 211 -16.43 6.04 111.85
C VAL E 211 -16.62 4.53 112.04
N THR E 212 -16.28 3.97 113.19
CA THR E 212 -15.98 2.53 113.31
C THR E 212 -16.33 1.86 114.64
N LYS E 213 -16.32 0.53 114.62
CA LYS E 213 -16.34 -0.38 115.77
C LYS E 213 -15.38 -1.55 115.51
N SER E 214 -14.99 -2.33 116.53
CA SER E 214 -13.94 -3.36 116.43
C SER E 214 -14.25 -4.65 117.20
N PHE E 215 -13.59 -5.74 116.84
CA PHE E 215 -13.68 -7.05 117.50
C PHE E 215 -12.46 -7.94 117.19
N ASN E 216 -12.25 -9.02 117.95
CA ASN E 216 -11.15 -9.97 117.75
C ASN E 216 -11.32 -10.89 116.54
N ARG E 217 -10.21 -11.39 116.01
CA ARG E 217 -10.16 -12.33 114.88
C ARG E 217 -10.85 -13.68 115.15
N GLY E 218 -11.35 -14.33 114.09
CA GLY E 218 -12.19 -15.53 114.19
C GLY E 218 -13.63 -15.23 114.63
N GLU E 219 -14.08 -13.98 114.51
CA GLU E 219 -15.40 -13.50 114.92
C GLU E 219 -15.89 -12.35 114.04
N CYS E 220 -17.18 -12.03 114.11
CA CYS E 220 -17.80 -10.92 113.37
C CYS E 220 -17.26 -9.54 113.77
#